data_7LB5
#
_entry.id   7LB5
#
_cell.length_a   1.00
_cell.length_b   1.00
_cell.length_c   1.00
_cell.angle_alpha   90.00
_cell.angle_beta   90.00
_cell.angle_gamma   90.00
#
_symmetry.space_group_name_H-M   'P 1'
#
_entity_poly.entity_id   1
_entity_poly.type   'polypeptide(L)'
_entity_poly.pdbx_seq_one_letter_code
;MDYKDHDGDYKDHDIDYKDDDDKLAGGGGSGGGGSADQAMTDQDQGAVTLYSGTAITDAKKNHPFSVKVGLAQVLRGGAI
VEVSSVNQAKLAESAGACSVIVSDPVRSRGGVRRMPDPVLIKEVKRAVSVPVMARARVGHFVEAQILESLAVDYIDESEI
ISVADDDHFINKHNFRSPFICGCRDTGEALRRIREGAAMIRIQGDLTATGNIAETVKNVRSLMGEVRVLNNMDDDEVFTF
AKKISAPYDLVAQTKQMGRVPVVQFASGGITTPADAALMMQLGCDGVFVGSEVFDGPDPFKKLRSIVQAVQHYNDPHVLA
EMSSGLENAMESLNVRGDRIQDFGQGSV
;
_entity_poly.pdbx_strand_id   A,B,C,D,E,F,G,H,I,J,K,L
#
# COMPACT_ATOMS: atom_id res chain seq x y z
N PRO A 64 37.70 7.33 -41.74
CA PRO A 64 36.74 8.43 -41.73
C PRO A 64 35.30 7.94 -41.76
N PHE A 65 34.38 8.73 -41.19
CA PHE A 65 32.97 8.34 -41.16
C PHE A 65 32.30 8.55 -42.51
N SER A 66 32.75 9.52 -43.29
CA SER A 66 32.13 9.80 -44.58
C SER A 66 32.28 8.63 -45.53
N VAL A 67 33.49 8.07 -45.62
CA VAL A 67 33.70 6.95 -46.53
C VAL A 67 32.96 5.70 -46.03
N LYS A 68 32.81 5.55 -44.72
CA LYS A 68 32.06 4.41 -44.21
C LYS A 68 30.58 4.52 -44.53
N VAL A 69 30.03 5.74 -44.41
CA VAL A 69 28.64 5.94 -44.82
C VAL A 69 28.49 5.73 -46.33
N GLY A 70 29.50 6.12 -47.10
CA GLY A 70 29.46 5.88 -48.53
C GLY A 70 29.44 4.40 -48.89
N LEU A 71 30.28 3.61 -48.21
CA LEU A 71 30.26 2.16 -48.43
C LEU A 71 28.96 1.55 -47.94
N ALA A 72 28.35 2.11 -46.90
CA ALA A 72 27.15 1.52 -46.34
C ALA A 72 25.91 1.84 -47.17
N GLN A 73 25.90 2.98 -47.85
CA GLN A 73 24.70 3.42 -48.57
C GLN A 73 24.55 2.80 -49.95
N VAL A 74 25.29 1.71 -50.25
CA VAL A 74 25.04 0.98 -51.48
C VAL A 74 23.94 -0.06 -51.31
N LEU A 75 23.50 -0.29 -50.07
CA LEU A 75 22.44 -1.25 -49.79
C LEU A 75 21.05 -0.64 -49.86
N ARG A 76 20.95 0.63 -50.25
CA ARG A 76 19.65 1.30 -50.28
C ARG A 76 18.72 0.62 -51.27
N GLY A 77 17.49 0.34 -50.83
CA GLY A 77 16.50 -0.28 -51.68
C GLY A 77 16.73 -1.76 -51.94
N GLY A 78 17.11 -2.51 -50.90
CA GLY A 78 17.32 -3.93 -51.05
C GLY A 78 16.96 -4.66 -49.77
N ALA A 79 16.99 -5.99 -49.87
CA ALA A 79 16.68 -6.87 -48.74
C ALA A 79 17.93 -7.63 -48.32
N ILE A 80 18.21 -7.60 -47.02
CA ILE A 80 19.38 -8.27 -46.45
C ILE A 80 18.89 -9.58 -45.85
N VAL A 81 19.35 -10.69 -46.40
CA VAL A 81 18.80 -12.00 -46.06
C VAL A 81 19.73 -12.70 -45.07
N GLU A 82 19.14 -13.29 -44.03
CA GLU A 82 19.92 -14.03 -43.03
C GLU A 82 20.10 -15.46 -43.52
N VAL A 83 21.33 -15.80 -43.89
CA VAL A 83 21.65 -17.14 -44.37
C VAL A 83 22.42 -17.87 -43.30
N SER A 84 22.49 -19.19 -43.45
CA SER A 84 23.13 -20.05 -42.46
C SER A 84 24.09 -21.07 -43.04
N SER A 85 24.24 -21.13 -44.37
CA SER A 85 25.13 -22.09 -45.00
C SER A 85 25.45 -21.59 -46.39
N VAL A 86 26.31 -22.34 -47.09
CA VAL A 86 26.69 -21.97 -48.45
C VAL A 86 25.51 -22.07 -49.39
N ASN A 87 24.66 -23.09 -49.20
CA ASN A 87 23.51 -23.28 -50.08
C ASN A 87 22.48 -22.17 -49.89
N GLN A 88 22.17 -21.82 -48.65
CA GLN A 88 21.23 -20.73 -48.40
C GLN A 88 21.80 -19.40 -48.87
N ALA A 89 23.11 -19.23 -48.76
CA ALA A 89 23.74 -18.00 -49.27
C ALA A 89 23.61 -17.92 -50.78
N LYS A 90 23.87 -19.02 -51.49
CA LYS A 90 23.70 -19.02 -52.94
C LYS A 90 22.25 -18.79 -53.32
N LEU A 91 21.31 -19.32 -52.55
CA LEU A 91 19.90 -19.12 -52.82
C LEU A 91 19.52 -17.66 -52.66
N ALA A 92 19.98 -17.02 -51.57
CA ALA A 92 19.65 -15.63 -51.34
C ALA A 92 20.34 -14.72 -52.34
N GLU A 93 21.50 -15.14 -52.88
CA GLU A 93 22.14 -14.36 -53.93
C GLU A 93 21.39 -14.48 -55.24
N SER A 94 20.94 -15.70 -55.58
CA SER A 94 20.20 -15.90 -56.82
C SER A 94 18.83 -15.25 -56.76
N ALA A 95 18.26 -15.11 -55.56
CA ALA A 95 16.97 -14.42 -55.44
C ALA A 95 17.10 -12.94 -55.76
N GLY A 96 18.24 -12.33 -55.40
CA GLY A 96 18.48 -10.94 -55.69
C GLY A 96 18.67 -10.08 -54.46
N ALA A 97 19.12 -10.69 -53.38
CA ALA A 97 19.34 -9.94 -52.15
C ALA A 97 20.54 -9.00 -52.30
N CYS A 98 20.48 -7.88 -51.60
CA CYS A 98 21.59 -6.93 -51.64
C CYS A 98 22.77 -7.38 -50.80
N SER A 99 22.52 -8.16 -49.76
CA SER A 99 23.60 -8.68 -48.91
C SER A 99 23.06 -9.83 -48.09
N VAL A 100 23.98 -10.65 -47.58
CA VAL A 100 23.63 -11.82 -46.80
C VAL A 100 24.32 -11.72 -45.45
N ILE A 101 23.55 -11.77 -44.37
CA ILE A 101 24.07 -11.74 -43.01
C ILE A 101 24.14 -13.17 -42.49
N VAL A 102 25.27 -13.53 -41.90
CA VAL A 102 25.61 -14.92 -41.64
C VAL A 102 25.23 -15.30 -40.21
N SER A 103 24.57 -16.44 -40.06
CA SER A 103 24.31 -17.05 -38.77
C SER A 103 24.81 -18.49 -38.82
N ASP A 104 25.68 -18.87 -37.89
CA ASP A 104 26.39 -20.15 -38.03
C ASP A 104 25.48 -21.38 -37.89
N PRO A 105 24.54 -21.45 -36.96
CA PRO A 105 23.87 -22.73 -36.70
C PRO A 105 22.73 -22.98 -37.68
N VAL A 106 22.39 -24.26 -37.81
CA VAL A 106 21.16 -24.62 -38.52
C VAL A 106 19.96 -24.41 -37.62
N ARG A 107 20.12 -24.63 -36.32
CA ARG A 107 19.06 -24.43 -35.34
C ARG A 107 19.69 -23.90 -34.07
N SER A 108 18.91 -23.14 -33.31
CA SER A 108 19.31 -22.62 -32.00
C SER A 108 18.49 -23.37 -30.94
N ARG A 109 19.15 -24.27 -30.22
CA ARG A 109 18.47 -25.13 -29.25
C ARG A 109 18.42 -24.43 -27.89
N GLY A 110 17.83 -23.24 -27.90
CA GLY A 110 17.62 -22.49 -26.68
C GLY A 110 18.88 -22.18 -25.90
N GLY A 111 20.01 -22.04 -26.58
CA GLY A 111 21.28 -21.75 -25.94
C GLY A 111 21.72 -20.32 -26.10
N VAL A 112 23.00 -20.09 -25.85
CA VAL A 112 23.61 -18.78 -26.02
C VAL A 112 24.24 -18.71 -27.40
N ARG A 113 23.87 -17.69 -28.17
CA ARG A 113 24.39 -17.49 -29.51
C ARG A 113 25.51 -16.46 -29.47
N ARG A 114 26.37 -16.50 -30.49
CA ARG A 114 27.53 -15.62 -30.57
C ARG A 114 27.95 -15.48 -32.02
N MET A 115 29.12 -14.89 -32.23
CA MET A 115 29.61 -14.65 -33.58
C MET A 115 29.76 -15.97 -34.33
N PRO A 116 29.42 -16.01 -35.62
CA PRO A 116 29.54 -17.26 -36.39
C PRO A 116 30.99 -17.71 -36.50
N ASP A 117 31.16 -19.00 -36.76
CA ASP A 117 32.48 -19.60 -36.83
C ASP A 117 33.18 -19.13 -38.11
N PRO A 118 34.46 -18.74 -38.03
CA PRO A 118 35.09 -18.05 -39.16
C PRO A 118 35.14 -18.82 -40.46
N VAL A 119 35.24 -20.15 -40.42
CA VAL A 119 35.35 -20.88 -41.68
C VAL A 119 34.03 -20.83 -42.44
N LEU A 120 32.90 -20.75 -41.73
CA LEU A 120 31.62 -20.59 -42.40
C LEU A 120 31.54 -19.22 -43.09
N ILE A 121 32.06 -18.18 -42.43
CA ILE A 121 32.07 -16.86 -43.04
C ILE A 121 32.96 -16.85 -44.26
N LYS A 122 34.12 -17.52 -44.18
CA LYS A 122 35.02 -17.58 -45.34
C LYS A 122 34.36 -18.33 -46.49
N GLU A 123 33.68 -19.43 -46.21
CA GLU A 123 32.99 -20.18 -47.26
C GLU A 123 31.89 -19.34 -47.91
N VAL A 124 31.07 -18.68 -47.09
CA VAL A 124 29.99 -17.86 -47.64
C VAL A 124 30.55 -16.71 -48.46
N LYS A 125 31.65 -16.10 -47.99
CA LYS A 125 32.24 -14.98 -48.71
C LYS A 125 32.87 -15.44 -50.02
N ARG A 126 33.39 -16.67 -50.06
CA ARG A 126 33.94 -17.19 -51.30
C ARG A 126 32.85 -17.61 -52.28
N ALA A 127 31.68 -18.02 -51.76
CA ALA A 127 30.62 -18.50 -52.63
C ALA A 127 29.89 -17.35 -53.32
N VAL A 128 29.28 -16.47 -52.55
CA VAL A 128 28.47 -15.40 -53.12
C VAL A 128 29.35 -14.17 -53.37
N SER A 129 28.89 -13.32 -54.29
CA SER A 129 29.58 -12.08 -54.61
C SER A 129 28.93 -10.85 -53.98
N VAL A 130 27.72 -11.00 -53.42
CA VAL A 130 27.05 -9.90 -52.73
C VAL A 130 27.78 -9.66 -51.41
N PRO A 131 27.63 -8.48 -50.80
CA PRO A 131 28.26 -8.25 -49.49
C PRO A 131 27.83 -9.28 -48.46
N VAL A 132 28.78 -9.67 -47.62
CA VAL A 132 28.58 -10.66 -46.56
C VAL A 132 28.75 -9.97 -45.23
N MET A 133 27.67 -9.83 -44.48
CA MET A 133 27.70 -9.27 -43.15
C MET A 133 28.11 -10.35 -42.15
N ALA A 134 28.16 -9.95 -40.88
CA ALA A 134 28.45 -10.86 -39.79
C ALA A 134 27.95 -10.23 -38.51
N ARG A 135 27.64 -11.07 -37.53
CA ARG A 135 27.04 -10.61 -36.28
C ARG A 135 28.06 -10.67 -35.16
N ALA A 136 28.08 -9.62 -34.34
CA ALA A 136 28.91 -9.54 -33.16
C ALA A 136 28.04 -9.16 -31.98
N ARG A 137 28.31 -9.78 -30.84
CA ARG A 137 27.53 -9.48 -29.64
C ARG A 137 27.76 -8.03 -29.24
N VAL A 138 26.68 -7.37 -28.81
CA VAL A 138 26.75 -5.96 -28.45
C VAL A 138 27.67 -5.79 -27.24
N GLY A 139 28.66 -4.92 -27.38
CA GLY A 139 29.65 -4.71 -26.35
C GLY A 139 30.88 -5.58 -26.46
N HIS A 140 30.89 -6.54 -27.39
CA HIS A 140 32.01 -7.47 -27.57
C HIS A 140 32.87 -6.94 -28.71
N PHE A 141 33.91 -6.18 -28.37
CA PHE A 141 34.75 -5.59 -29.40
C PHE A 141 35.79 -6.57 -29.95
N VAL A 142 36.09 -7.65 -29.23
CA VAL A 142 37.05 -8.63 -29.73
C VAL A 142 36.44 -9.43 -30.88
N GLU A 143 35.15 -9.76 -30.78
CA GLU A 143 34.47 -10.39 -31.91
C GLU A 143 34.45 -9.46 -33.12
N ALA A 144 34.30 -8.16 -32.88
CA ALA A 144 34.35 -7.20 -33.97
C ALA A 144 35.74 -7.14 -34.58
N GLN A 145 36.78 -7.23 -33.76
CA GLN A 145 38.14 -7.27 -34.29
C GLN A 145 38.38 -8.51 -35.13
N ILE A 146 37.89 -9.66 -34.66
CA ILE A 146 38.03 -10.90 -35.41
C ILE A 146 37.30 -10.81 -36.74
N LEU A 147 36.10 -10.22 -36.73
CA LEU A 147 35.34 -10.07 -37.97
C LEU A 147 36.02 -9.12 -38.94
N GLU A 148 36.55 -7.99 -38.43
CA GLU A 148 37.28 -7.07 -39.28
C GLU A 148 38.53 -7.71 -39.86
N SER A 149 39.16 -8.63 -39.12
CA SER A 149 40.30 -9.35 -39.65
C SER A 149 39.92 -10.25 -40.82
N LEU A 150 38.72 -10.83 -40.77
CA LEU A 150 38.24 -11.68 -41.86
C LEU A 150 37.78 -10.89 -43.07
N ALA A 151 37.86 -9.55 -43.01
CA ALA A 151 37.52 -8.69 -44.14
C ALA A 151 36.06 -8.83 -44.56
N VAL A 152 35.18 -8.95 -43.57
CA VAL A 152 33.75 -8.90 -43.86
C VAL A 152 33.37 -7.49 -44.29
N ASP A 153 32.36 -7.40 -45.16
CA ASP A 153 32.01 -6.10 -45.73
C ASP A 153 31.32 -5.22 -44.70
N TYR A 154 30.47 -5.80 -43.85
CA TYR A 154 29.77 -5.05 -42.82
C TYR A 154 29.70 -5.89 -41.56
N ILE A 155 29.79 -5.23 -40.41
CA ILE A 155 29.70 -5.89 -39.12
C ILE A 155 28.44 -5.43 -38.42
N ASP A 156 27.64 -6.37 -37.94
CA ASP A 156 26.35 -6.07 -37.32
C ASP A 156 26.48 -6.23 -35.82
N GLU A 157 26.47 -5.11 -35.09
CA GLU A 157 26.51 -5.16 -33.63
C GLU A 157 25.11 -5.53 -33.14
N SER A 158 24.84 -6.83 -33.17
CA SER A 158 23.47 -7.31 -33.06
C SER A 158 23.07 -7.56 -31.62
N GLU A 159 21.80 -7.26 -31.31
CA GLU A 159 21.24 -7.49 -29.99
C GLU A 159 20.27 -8.67 -29.96
N ILE A 160 19.97 -9.27 -31.11
CA ILE A 160 19.18 -10.49 -31.09
C ILE A 160 20.03 -11.65 -30.61
N ILE A 161 21.34 -11.59 -30.87
CA ILE A 161 22.29 -12.51 -30.26
C ILE A 161 22.52 -12.08 -28.82
N SER A 162 22.82 -13.05 -27.95
CA SER A 162 23.01 -12.80 -26.53
C SER A 162 23.93 -11.61 -26.30
N VAL A 163 23.56 -10.77 -25.34
CA VAL A 163 24.29 -9.53 -25.08
C VAL A 163 25.57 -9.84 -24.32
N ALA A 164 26.69 -9.28 -24.78
CA ALA A 164 27.94 -9.41 -24.05
C ALA A 164 28.06 -8.37 -22.96
N ASP A 165 28.01 -7.09 -23.33
CA ASP A 165 28.12 -5.99 -22.37
C ASP A 165 26.80 -5.25 -22.32
N ASP A 166 26.13 -5.32 -21.17
CA ASP A 166 24.81 -4.71 -21.04
C ASP A 166 24.91 -3.19 -20.97
N ASP A 167 25.97 -2.67 -20.33
CA ASP A 167 26.06 -1.23 -20.10
C ASP A 167 26.64 -0.51 -21.30
N HIS A 168 27.81 -0.93 -21.78
CA HIS A 168 28.52 -0.23 -22.83
C HIS A 168 28.39 -0.95 -24.16
N PHE A 169 28.76 -0.24 -25.22
CA PHE A 169 28.73 -0.73 -26.58
C PHE A 169 30.14 -0.75 -27.15
N ILE A 170 30.24 -1.03 -28.45
CA ILE A 170 31.53 -1.06 -29.11
C ILE A 170 31.89 0.35 -29.58
N ASN A 171 33.12 0.78 -29.30
CA ASN A 171 33.62 2.05 -29.81
C ASN A 171 33.96 1.85 -31.28
N LYS A 172 32.95 2.03 -32.12
CA LYS A 172 33.03 1.69 -33.54
C LYS A 172 33.89 2.65 -34.33
N HIS A 173 34.60 3.58 -33.69
CA HIS A 173 35.50 4.46 -34.40
C HIS A 173 36.88 3.86 -34.60
N ASN A 174 37.23 2.83 -33.83
CA ASN A 174 38.53 2.19 -33.94
C ASN A 174 38.60 1.18 -35.08
N PHE A 175 37.47 0.83 -35.68
CA PHE A 175 37.42 -0.20 -36.71
C PHE A 175 37.36 0.40 -38.10
N ARG A 176 37.75 -0.41 -39.09
CA ARG A 176 37.77 0.02 -40.47
C ARG A 176 36.52 -0.42 -41.24
N SER A 177 35.79 -1.40 -40.72
CA SER A 177 34.62 -1.90 -41.41
C SER A 177 33.36 -1.18 -40.94
N PRO A 178 32.40 -0.94 -41.85
CA PRO A 178 31.16 -0.28 -41.45
C PRO A 178 30.35 -1.14 -40.51
N PHE A 179 29.62 -0.47 -39.62
CA PHE A 179 28.83 -1.12 -38.58
C PHE A 179 27.34 -0.87 -38.79
N ILE A 180 26.55 -1.86 -38.42
CA ILE A 180 25.09 -1.77 -38.42
C ILE A 180 24.63 -1.96 -36.98
N CYS A 181 23.92 -0.97 -36.46
CA CYS A 181 23.47 -0.97 -35.08
C CYS A 181 21.96 -0.93 -35.03
N GLY A 182 21.39 -1.62 -34.03
CA GLY A 182 19.95 -1.62 -33.88
C GLY A 182 19.47 -0.48 -33.01
N CYS A 183 18.24 -0.07 -33.27
CA CYS A 183 17.64 1.01 -32.47
C CYS A 183 16.18 0.70 -32.24
N ARG A 184 15.57 1.49 -31.35
CA ARG A 184 14.14 1.43 -31.11
C ARG A 184 13.48 2.80 -31.04
N ASP A 185 14.27 3.88 -31.10
CA ASP A 185 13.76 5.24 -31.15
C ASP A 185 14.86 6.14 -31.69
N THR A 186 14.58 7.44 -31.76
CA THR A 186 15.57 8.37 -32.31
C THR A 186 16.74 8.56 -31.36
N GLY A 187 16.51 8.44 -30.05
CA GLY A 187 17.60 8.56 -29.10
C GLY A 187 18.66 7.49 -29.32
N GLU A 188 18.24 6.23 -29.39
CA GLU A 188 19.19 5.15 -29.61
C GLU A 188 19.85 5.27 -30.98
N ALA A 189 19.10 5.66 -32.00
CA ALA A 189 19.67 5.82 -33.33
C ALA A 189 20.78 6.86 -33.32
N LEU A 190 20.52 8.02 -32.70
CA LEU A 190 21.52 9.07 -32.67
C LEU A 190 22.71 8.70 -31.81
N ARG A 191 22.47 7.98 -30.70
CA ARG A 191 23.59 7.52 -29.88
C ARG A 191 24.47 6.54 -30.65
N ARG A 192 23.86 5.64 -31.42
CA ARG A 192 24.65 4.68 -32.19
C ARG A 192 25.41 5.37 -33.31
N ILE A 193 24.79 6.37 -33.96
CA ILE A 193 25.50 7.12 -34.99
C ILE A 193 26.66 7.90 -34.38
N ARG A 194 26.50 8.38 -33.14
CA ARG A 194 27.58 9.08 -32.47
C ARG A 194 28.72 8.11 -32.12
N GLU A 195 28.38 6.90 -31.71
CA GLU A 195 29.42 5.92 -31.41
C GLU A 195 30.18 5.50 -32.66
N GLY A 196 29.55 5.58 -33.82
CA GLY A 196 30.24 5.31 -35.07
C GLY A 196 29.52 4.37 -36.01
N ALA A 197 28.27 4.06 -35.72
CA ALA A 197 27.50 3.14 -36.56
C ALA A 197 27.23 3.78 -37.92
N ALA A 198 27.70 3.13 -38.99
CA ALA A 198 27.50 3.64 -40.33
C ALA A 198 26.15 3.24 -40.92
N MET A 199 25.34 2.47 -40.20
CA MET A 199 24.02 2.08 -40.68
C MET A 199 23.17 1.69 -39.49
N ILE A 200 21.88 2.03 -39.54
CA ILE A 200 20.97 1.83 -38.43
C ILE A 200 19.81 0.95 -38.89
N ARG A 201 19.43 -0.01 -38.06
CA ARG A 201 18.25 -0.83 -38.32
C ARG A 201 17.25 -0.65 -37.19
N ILE A 202 16.03 -0.29 -37.55
CA ILE A 202 14.94 -0.14 -36.58
C ILE A 202 14.42 -1.54 -36.25
N GLN A 203 14.51 -1.91 -34.98
CA GLN A 203 14.28 -3.28 -34.54
C GLN A 203 12.89 -3.43 -33.94
N GLY A 204 12.26 -4.57 -34.20
CA GLY A 204 10.98 -4.89 -33.62
C GLY A 204 11.09 -5.90 -32.49
N ASP A 205 10.81 -7.17 -32.79
CA ASP A 205 10.85 -8.24 -31.79
C ASP A 205 11.34 -9.52 -32.48
N LEU A 206 12.56 -9.94 -32.13
CA LEU A 206 13.09 -11.20 -32.63
C LEU A 206 12.98 -12.28 -31.57
N THR A 207 13.13 -13.53 -32.02
CA THR A 207 13.14 -14.72 -31.18
C THR A 207 11.81 -14.87 -30.43
N ALA A 208 10.80 -14.10 -30.82
CA ALA A 208 9.50 -14.17 -30.16
C ALA A 208 8.41 -14.72 -31.08
N THR A 209 8.21 -14.11 -32.24
CA THR A 209 7.17 -14.52 -33.18
C THR A 209 7.50 -13.93 -34.54
N GLY A 210 6.54 -14.02 -35.47
CA GLY A 210 6.70 -13.43 -36.78
C GLY A 210 5.78 -12.24 -36.98
N ASN A 211 5.46 -11.56 -35.88
CA ASN A 211 4.56 -10.42 -35.94
C ASN A 211 5.31 -9.16 -36.34
N ILE A 212 4.59 -8.22 -36.95
CA ILE A 212 5.16 -6.99 -37.46
C ILE A 212 4.77 -5.78 -36.61
N ALA A 213 4.11 -5.99 -35.46
CA ALA A 213 3.57 -4.87 -34.70
C ALA A 213 4.67 -4.00 -34.12
N GLU A 214 5.64 -4.61 -33.42
CA GLU A 214 6.68 -3.82 -32.77
C GLU A 214 7.56 -3.11 -33.80
N THR A 215 7.81 -3.76 -34.94
CA THR A 215 8.66 -3.15 -35.96
C THR A 215 8.01 -1.90 -36.54
N VAL A 216 6.74 -1.99 -36.92
CA VAL A 216 6.06 -0.82 -37.48
C VAL A 216 5.87 0.24 -36.41
N LYS A 217 5.65 -0.17 -35.15
CA LYS A 217 5.54 0.81 -34.07
C LYS A 217 6.83 1.60 -33.92
N ASN A 218 7.98 0.90 -33.92
CA ASN A 218 9.25 1.59 -33.76
C ASN A 218 9.58 2.46 -34.97
N VAL A 219 9.27 1.98 -36.18
CA VAL A 219 9.52 2.76 -37.38
C VAL A 219 8.69 4.04 -37.36
N ARG A 220 7.40 3.92 -37.00
CA ARG A 220 6.55 5.09 -36.90
C ARG A 220 7.06 6.05 -35.84
N SER A 221 7.50 5.52 -34.69
CA SER A 221 8.02 6.39 -33.63
C SER A 221 9.24 7.17 -34.11
N LEU A 222 10.18 6.48 -34.78
CA LEU A 222 11.39 7.15 -35.22
C LEU A 222 11.09 8.19 -36.28
N MET A 223 10.28 7.84 -37.28
CA MET A 223 9.95 8.81 -38.33
C MET A 223 9.16 9.98 -37.77
N GLY A 224 8.30 9.75 -36.78
CA GLY A 224 7.56 10.83 -36.18
C GLY A 224 8.44 11.77 -35.38
N GLU A 225 9.38 11.21 -34.62
CA GLU A 225 10.32 12.06 -33.89
C GLU A 225 11.18 12.87 -34.85
N VAL A 226 11.57 12.29 -35.97
CA VAL A 226 12.38 13.03 -36.93
C VAL A 226 11.56 14.14 -37.59
N ARG A 227 10.29 13.86 -37.90
CA ARG A 227 9.43 14.90 -38.46
C ARG A 227 9.16 16.01 -37.46
N VAL A 228 9.03 15.68 -36.18
CA VAL A 228 8.87 16.71 -35.15
C VAL A 228 10.12 17.56 -35.05
N LEU A 229 11.29 16.92 -35.09
CA LEU A 229 12.56 17.65 -35.07
C LEU A 229 12.68 18.60 -36.25
N ASN A 230 12.29 18.13 -37.44
CA ASN A 230 12.50 18.91 -38.66
C ASN A 230 11.78 20.26 -38.63
N ASN A 231 10.73 20.40 -37.82
CA ASN A 231 9.96 21.62 -37.75
C ASN A 231 10.03 22.33 -36.41
N MET A 232 10.81 21.81 -35.46
CA MET A 232 10.86 22.36 -34.12
C MET A 232 11.48 23.76 -34.13
N ASP A 233 11.14 24.54 -33.10
CA ASP A 233 11.75 25.84 -32.89
C ASP A 233 13.21 25.66 -32.48
N ASP A 234 14.05 26.61 -32.89
CA ASP A 234 15.49 26.47 -32.66
C ASP A 234 15.83 26.54 -31.18
N ASP A 235 14.99 27.23 -30.40
CA ASP A 235 15.23 27.32 -28.96
C ASP A 235 14.92 26.02 -28.23
N GLU A 236 14.10 25.16 -28.82
CA GLU A 236 13.65 23.94 -28.15
C GLU A 236 14.48 22.72 -28.51
N VAL A 237 15.42 22.85 -29.44
CA VAL A 237 16.19 21.69 -29.90
C VAL A 237 17.07 21.16 -28.76
N PHE A 238 17.55 22.05 -27.89
CA PHE A 238 18.39 21.64 -26.78
C PHE A 238 17.59 20.80 -25.77
N THR A 239 16.41 21.29 -25.40
CA THR A 239 15.56 20.54 -24.47
C THR A 239 15.11 19.23 -25.10
N PHE A 240 14.88 19.22 -26.42
CA PHE A 240 14.52 17.98 -27.09
C PHE A 240 15.65 16.97 -27.04
N ALA A 241 16.87 17.41 -27.35
CA ALA A 241 18.03 16.52 -27.30
C ALA A 241 18.26 15.99 -25.89
N LYS A 242 17.99 16.82 -24.88
CA LYS A 242 18.08 16.33 -23.51
C LYS A 242 16.99 15.31 -23.22
N LYS A 243 15.78 15.53 -23.75
CA LYS A 243 14.68 14.63 -23.50
C LYS A 243 14.90 13.26 -24.11
N ILE A 244 15.42 13.19 -25.34
CA ILE A 244 15.71 11.92 -25.98
C ILE A 244 17.13 11.45 -25.69
N SER A 245 17.91 12.21 -24.92
CA SER A 245 19.28 11.86 -24.53
C SER A 245 20.12 11.50 -25.75
N ALA A 246 20.26 12.47 -26.65
CA ALA A 246 21.04 12.33 -27.86
C ALA A 246 22.06 13.45 -27.97
N PRO A 247 23.19 13.21 -28.63
CA PRO A 247 24.16 14.28 -28.84
C PRO A 247 23.56 15.41 -29.67
N TYR A 248 23.83 16.64 -29.25
CA TYR A 248 23.15 17.78 -29.86
C TYR A 248 23.58 18.01 -31.31
N ASP A 249 24.83 17.72 -31.65
CA ASP A 249 25.28 17.93 -33.03
C ASP A 249 24.51 17.02 -33.98
N LEU A 250 24.29 15.76 -33.60
CA LEU A 250 23.53 14.86 -34.44
C LEU A 250 22.05 15.27 -34.48
N VAL A 251 21.52 15.83 -33.40
CA VAL A 251 20.15 16.31 -33.40
C VAL A 251 20.01 17.47 -34.38
N ALA A 252 20.97 18.38 -34.38
CA ALA A 252 20.94 19.49 -35.32
C ALA A 252 21.14 19.00 -36.76
N GLN A 253 21.95 17.97 -36.96
CA GLN A 253 22.11 17.41 -38.30
C GLN A 253 20.82 16.77 -38.79
N THR A 254 20.12 16.05 -37.91
CA THR A 254 18.84 15.47 -38.29
C THR A 254 17.80 16.56 -38.55
N LYS A 255 17.88 17.68 -37.83
CA LYS A 255 16.96 18.77 -38.06
C LYS A 255 17.23 19.45 -39.40
N GLN A 256 18.50 19.61 -39.76
CA GLN A 256 18.84 20.29 -41.00
C GLN A 256 18.69 19.37 -42.21
N MET A 257 18.73 18.06 -42.00
CA MET A 257 18.70 17.11 -43.10
C MET A 257 17.33 16.51 -43.36
N GLY A 258 16.49 16.38 -42.33
CA GLY A 258 15.20 15.75 -42.49
C GLY A 258 15.18 14.26 -42.21
N ARG A 259 16.35 13.61 -42.22
CA ARG A 259 16.47 12.21 -41.83
C ARG A 259 17.75 12.08 -41.01
N VAL A 260 17.89 10.95 -40.33
CA VAL A 260 19.16 10.71 -39.63
C VAL A 260 20.25 10.51 -40.66
N PRO A 261 21.48 10.96 -40.41
CA PRO A 261 22.50 10.94 -41.48
C PRO A 261 23.12 9.57 -41.71
N VAL A 262 22.31 8.52 -41.75
CA VAL A 262 22.73 7.17 -42.05
C VAL A 262 21.64 6.48 -42.86
N VAL A 263 21.87 5.22 -43.18
CA VAL A 263 20.89 4.41 -43.91
C VAL A 263 20.06 3.63 -42.91
N GLN A 264 18.74 3.72 -43.04
CA GLN A 264 17.80 3.11 -42.12
C GLN A 264 17.19 1.87 -42.75
N PHE A 265 17.40 0.72 -42.13
CA PHE A 265 16.72 -0.51 -42.50
C PHE A 265 15.69 -0.86 -41.44
N ALA A 266 14.83 -1.84 -41.75
CA ALA A 266 13.85 -2.33 -40.80
C ALA A 266 14.16 -3.79 -40.48
N SER A 267 13.73 -4.23 -39.30
CA SER A 267 13.95 -5.63 -38.94
C SER A 267 12.84 -6.09 -38.00
N GLY A 268 12.55 -7.39 -38.06
CA GLY A 268 11.64 -8.01 -37.13
C GLY A 268 10.25 -8.27 -37.68
N GLY A 269 9.99 -9.52 -38.07
CA GLY A 269 8.66 -9.94 -38.47
C GLY A 269 8.35 -9.83 -39.95
N ILE A 270 9.27 -9.32 -40.77
CA ILE A 270 9.00 -9.20 -42.20
C ILE A 270 9.01 -10.58 -42.82
N THR A 271 7.82 -11.06 -43.21
CA THR A 271 7.68 -12.37 -43.83
C THR A 271 7.10 -12.33 -45.24
N THR A 272 6.01 -11.61 -45.44
CA THR A 272 5.33 -11.53 -46.72
C THR A 272 5.79 -10.29 -47.49
N PRO A 273 5.57 -10.26 -48.80
CA PRO A 273 5.91 -9.04 -49.56
C PRO A 273 5.18 -7.81 -49.08
N ALA A 274 3.96 -7.98 -48.55
CA ALA A 274 3.21 -6.84 -48.06
C ALA A 274 3.93 -6.16 -46.89
N ASP A 275 4.56 -6.96 -46.02
CA ASP A 275 5.26 -6.38 -44.88
C ASP A 275 6.48 -5.58 -45.32
N ALA A 276 7.24 -6.10 -46.29
CA ALA A 276 8.39 -5.38 -46.78
C ALA A 276 7.98 -4.11 -47.51
N ALA A 277 6.91 -4.16 -48.30
CA ALA A 277 6.41 -2.95 -48.95
C ALA A 277 5.91 -1.94 -47.93
N LEU A 278 5.30 -2.40 -46.84
CA LEU A 278 4.88 -1.49 -45.79
C LEU A 278 6.07 -0.83 -45.12
N MET A 279 7.11 -1.60 -44.82
CA MET A 279 8.31 -1.04 -44.21
C MET A 279 8.97 -0.03 -45.14
N MET A 280 8.94 -0.29 -46.46
CA MET A 280 9.54 0.64 -47.40
C MET A 280 8.65 1.83 -47.70
N GLN A 281 7.36 1.74 -47.40
CA GLN A 281 6.47 2.88 -47.59
C GLN A 281 6.42 3.80 -46.39
N LEU A 282 6.87 3.34 -45.22
CA LEU A 282 6.97 4.20 -44.05
C LEU A 282 8.20 5.08 -44.07
N GLY A 283 9.10 4.90 -45.02
CA GLY A 283 10.29 5.72 -45.14
C GLY A 283 11.61 4.99 -44.99
N CYS A 284 11.60 3.69 -44.67
CA CYS A 284 12.85 2.96 -44.51
C CYS A 284 13.54 2.78 -45.87
N ASP A 285 14.76 2.25 -45.81
CA ASP A 285 15.56 2.05 -47.01
C ASP A 285 15.75 0.58 -47.36
N GLY A 286 15.32 -0.34 -46.52
CA GLY A 286 15.47 -1.76 -46.80
C GLY A 286 14.92 -2.57 -45.66
N VAL A 287 14.94 -3.89 -45.84
CA VAL A 287 14.40 -4.82 -44.86
C VAL A 287 15.43 -5.88 -44.52
N PHE A 288 15.29 -6.46 -43.33
CA PHE A 288 16.11 -7.57 -42.86
C PHE A 288 15.22 -8.80 -42.84
N VAL A 289 15.42 -9.69 -43.81
CA VAL A 289 14.62 -10.90 -43.91
C VAL A 289 15.32 -12.02 -43.18
N GLY A 290 14.75 -12.46 -42.06
CA GLY A 290 15.36 -13.46 -41.21
C GLY A 290 15.37 -14.83 -41.86
N SER A 291 15.88 -15.80 -41.11
CA SER A 291 16.04 -17.16 -41.59
C SER A 291 14.75 -17.98 -41.54
N GLU A 292 13.64 -17.37 -41.13
CA GLU A 292 12.38 -18.08 -41.08
C GLU A 292 11.75 -18.29 -42.45
N VAL A 293 12.41 -17.82 -43.51
CA VAL A 293 11.87 -18.03 -44.86
C VAL A 293 12.39 -19.32 -45.47
N PHE A 294 13.57 -19.79 -45.03
CA PHE A 294 14.17 -20.97 -45.62
C PHE A 294 13.56 -22.27 -45.10
N ASP A 295 12.71 -22.21 -44.09
CA ASP A 295 12.02 -23.39 -43.58
C ASP A 295 10.60 -23.51 -44.11
N GLY A 296 10.26 -22.79 -45.17
CA GLY A 296 8.97 -22.94 -45.81
C GLY A 296 9.02 -23.95 -46.94
N PRO A 297 7.92 -24.08 -47.68
CA PRO A 297 7.88 -25.07 -48.77
C PRO A 297 8.79 -24.69 -49.93
N ASP A 298 8.82 -23.42 -50.29
CA ASP A 298 9.66 -22.92 -51.38
C ASP A 298 10.32 -21.62 -50.95
N PRO A 299 11.57 -21.63 -50.51
CA PRO A 299 12.21 -20.40 -50.04
C PRO A 299 12.53 -19.44 -51.17
N PHE A 300 12.85 -19.97 -52.34
CA PHE A 300 13.25 -19.11 -53.46
C PHE A 300 12.10 -18.21 -53.90
N LYS A 301 10.88 -18.73 -53.97
CA LYS A 301 9.75 -17.92 -54.38
C LYS A 301 9.48 -16.81 -53.37
N LYS A 302 9.52 -17.14 -52.08
CA LYS A 302 9.32 -16.13 -51.04
C LYS A 302 10.40 -15.05 -51.11
N LEU A 303 11.66 -15.45 -51.28
CA LEU A 303 12.74 -14.48 -51.34
C LEU A 303 12.61 -13.56 -52.55
N ARG A 304 12.31 -14.15 -53.72
CA ARG A 304 12.14 -13.34 -54.92
C ARG A 304 10.97 -12.38 -54.77
N SER A 305 9.88 -12.84 -54.16
CA SER A 305 8.72 -11.96 -53.98
C SER A 305 9.05 -10.82 -53.04
N ILE A 306 9.79 -11.10 -51.95
CA ILE A 306 10.18 -10.05 -51.03
C ILE A 306 11.08 -9.03 -51.71
N VAL A 307 12.04 -9.51 -52.51
CA VAL A 307 12.96 -8.60 -53.19
C VAL A 307 12.21 -7.72 -54.18
N GLN A 308 11.31 -8.34 -54.97
CA GLN A 308 10.54 -7.55 -55.94
C GLN A 308 9.58 -6.60 -55.24
N ALA A 309 9.12 -6.94 -54.03
CA ALA A 309 8.28 -6.03 -53.28
C ALA A 309 9.07 -4.83 -52.80
N VAL A 310 10.30 -5.06 -52.31
CA VAL A 310 11.14 -3.95 -51.89
C VAL A 310 11.47 -3.05 -53.07
N GLN A 311 11.69 -3.66 -54.25
CA GLN A 311 12.04 -2.86 -55.43
C GLN A 311 10.86 -2.06 -55.95
N HIS A 312 9.65 -2.63 -55.86
CA HIS A 312 8.47 -1.98 -56.42
C HIS A 312 7.40 -1.71 -55.35
N TYR A 313 7.81 -1.14 -54.22
CA TYR A 313 6.90 -0.94 -53.10
C TYR A 313 5.74 -0.02 -53.42
N ASN A 314 5.75 0.69 -54.54
CA ASN A 314 4.69 1.62 -54.89
C ASN A 314 3.65 1.04 -55.84
N ASP A 315 3.97 -0.07 -56.52
CA ASP A 315 3.06 -0.64 -57.50
C ASP A 315 2.22 -1.71 -56.85
N PRO A 316 0.89 -1.56 -56.77
CA PRO A 316 0.07 -2.60 -56.12
C PRO A 316 -0.11 -3.83 -56.97
N HIS A 317 -0.06 -3.71 -58.30
CA HIS A 317 -0.22 -4.88 -59.15
C HIS A 317 0.96 -5.84 -59.03
N VAL A 318 2.18 -5.30 -59.04
CA VAL A 318 3.35 -6.14 -58.81
C VAL A 318 3.28 -6.80 -57.44
N LEU A 319 2.81 -6.06 -56.44
CA LEU A 319 2.70 -6.62 -55.09
C LEU A 319 1.69 -7.77 -55.06
N ALA A 320 0.56 -7.61 -55.74
CA ALA A 320 -0.44 -8.67 -55.79
C ALA A 320 0.07 -9.86 -56.58
N GLU A 321 0.94 -9.64 -57.57
CA GLU A 321 1.50 -10.75 -58.33
C GLU A 321 2.52 -11.53 -57.50
N MET A 322 3.36 -10.82 -56.73
CA MET A 322 4.34 -11.49 -55.89
C MET A 322 3.69 -12.18 -54.70
N SER A 323 2.50 -11.75 -54.29
CA SER A 323 1.83 -12.33 -53.14
C SER A 323 0.93 -13.49 -53.55
N PRO B 64 54.33 -15.09 5.50
CA PRO B 64 54.24 -13.69 5.06
C PRO B 64 53.37 -13.54 3.82
N PHE B 65 52.74 -12.37 3.66
CA PHE B 65 51.89 -12.12 2.52
C PHE B 65 52.68 -11.85 1.24
N SER B 66 53.88 -11.26 1.38
CA SER B 66 54.68 -10.94 0.21
C SER B 66 55.10 -12.21 -0.54
N VAL B 67 55.57 -13.22 0.17
CA VAL B 67 55.98 -14.45 -0.50
C VAL B 67 54.78 -15.18 -1.09
N LYS B 68 53.61 -15.06 -0.46
CA LYS B 68 52.42 -15.71 -1.01
C LYS B 68 51.98 -15.03 -2.29
N VAL B 69 52.05 -13.70 -2.34
CA VAL B 69 51.75 -12.98 -3.58
C VAL B 69 52.80 -13.34 -4.65
N GLY B 70 54.05 -13.51 -4.24
CA GLY B 70 55.08 -13.92 -5.19
C GLY B 70 54.81 -15.29 -5.80
N LEU B 71 54.41 -16.25 -4.97
CA LEU B 71 54.05 -17.57 -5.49
C LEU B 71 52.79 -17.51 -6.34
N ALA B 72 51.87 -16.60 -6.02
CA ALA B 72 50.62 -16.54 -6.77
C ALA B 72 50.77 -15.85 -8.12
N GLN B 73 51.72 -14.92 -8.24
CA GLN B 73 51.85 -14.15 -9.47
C GLN B 73 52.64 -14.84 -10.55
N VAL B 74 52.84 -16.15 -10.46
CA VAL B 74 53.44 -16.88 -11.58
C VAL B 74 52.38 -17.32 -12.58
N LEU B 75 51.09 -17.19 -12.23
CA LEU B 75 50.00 -17.56 -13.12
C LEU B 75 49.60 -16.43 -14.06
N ARG B 76 50.30 -15.30 -14.04
CA ARG B 76 49.92 -14.17 -14.88
C ARG B 76 50.00 -14.54 -16.35
N GLY B 77 48.94 -14.21 -17.08
CA GLY B 77 48.90 -14.47 -18.51
C GLY B 77 48.68 -15.92 -18.87
N GLY B 78 47.78 -16.61 -18.16
CA GLY B 78 47.49 -18.00 -18.46
C GLY B 78 46.04 -18.32 -18.16
N ALA B 79 45.64 -19.54 -18.52
CA ALA B 79 44.30 -20.03 -18.33
C ALA B 79 44.30 -21.17 -17.32
N ILE B 80 43.44 -21.07 -16.31
CA ILE B 80 43.32 -22.07 -15.26
C ILE B 80 42.14 -22.95 -15.63
N VAL B 81 42.40 -24.23 -15.89
CA VAL B 81 41.38 -25.13 -16.44
C VAL B 81 40.81 -25.99 -15.32
N GLU B 82 39.48 -26.13 -15.31
CA GLU B 82 38.82 -26.97 -14.32
C GLU B 82 38.78 -28.41 -14.82
N VAL B 83 39.56 -29.28 -14.21
CA VAL B 83 39.62 -30.67 -14.60
C VAL B 83 38.89 -31.51 -13.55
N SER B 84 38.57 -32.74 -13.93
CA SER B 84 37.80 -33.63 -13.08
C SER B 84 38.36 -35.04 -12.97
N SER B 85 39.46 -35.34 -13.65
CA SER B 85 40.06 -36.66 -13.61
C SER B 85 41.50 -36.56 -14.07
N VAL B 86 42.21 -37.69 -14.03
CA VAL B 86 43.61 -37.71 -14.45
C VAL B 86 43.72 -37.45 -15.94
N ASN B 87 42.79 -37.98 -16.73
CA ASN B 87 42.84 -37.79 -18.17
C ASN B 87 42.58 -36.34 -18.56
N GLN B 88 41.57 -35.71 -17.96
CA GLN B 88 41.29 -34.31 -18.25
C GLN B 88 42.42 -33.42 -17.75
N ALA B 89 43.05 -33.80 -16.64
CA ALA B 89 44.20 -33.05 -16.16
C ALA B 89 45.37 -33.13 -17.14
N LYS B 90 45.66 -34.32 -17.64
CA LYS B 90 46.73 -34.46 -18.64
C LYS B 90 46.39 -33.70 -19.91
N LEU B 91 45.11 -33.69 -20.29
CA LEU B 91 44.70 -32.94 -21.48
C LEU B 91 44.91 -31.45 -21.29
N ALA B 92 44.51 -30.92 -20.14
CA ALA B 92 44.66 -29.49 -19.87
C ALA B 92 46.14 -29.12 -19.72
N GLU B 93 46.97 -30.06 -19.27
CA GLU B 93 48.40 -29.78 -19.20
C GLU B 93 49.02 -29.77 -20.60
N SER B 94 48.62 -30.72 -21.45
CA SER B 94 49.17 -30.77 -22.81
C SER B 94 48.67 -29.60 -23.64
N ALA B 95 47.49 -29.06 -23.33
CA ALA B 95 47.01 -27.89 -24.05
C ALA B 95 47.86 -26.66 -23.75
N GLY B 96 48.35 -26.54 -22.52
CA GLY B 96 49.21 -25.44 -22.16
C GLY B 96 48.64 -24.57 -21.05
N ALA B 97 47.78 -25.14 -20.22
CA ALA B 97 47.20 -24.39 -19.12
C ALA B 97 48.25 -24.08 -18.06
N CYS B 98 48.08 -22.93 -17.40
CA CYS B 98 49.00 -22.55 -16.34
C CYS B 98 48.76 -23.34 -15.06
N SER B 99 47.54 -23.78 -14.82
CA SER B 99 47.22 -24.57 -13.64
C SER B 99 45.88 -25.26 -13.85
N VAL B 100 45.65 -26.30 -13.05
CA VAL B 100 44.43 -27.10 -13.17
C VAL B 100 43.75 -27.09 -11.80
N ILE B 101 42.49 -26.66 -11.77
CA ILE B 101 41.70 -26.66 -10.55
C ILE B 101 40.81 -27.90 -10.56
N VAL B 102 40.77 -28.61 -9.44
CA VAL B 102 40.23 -29.96 -9.39
C VAL B 102 38.78 -29.93 -8.92
N SER B 103 37.91 -30.66 -9.62
CA SER B 103 36.54 -30.91 -9.20
C SER B 103 36.32 -32.41 -9.24
N ASP B 104 35.88 -32.98 -8.11
CA ASP B 104 35.87 -34.44 -8.00
C ASP B 104 34.88 -35.14 -8.91
N PRO B 105 33.64 -34.67 -9.10
CA PRO B 105 32.66 -35.51 -9.78
C PRO B 105 32.77 -35.40 -11.29
N VAL B 106 32.23 -36.42 -11.96
CA VAL B 106 32.06 -36.34 -13.41
C VAL B 106 30.83 -35.51 -13.74
N ARG B 107 29.80 -35.58 -12.89
CA ARG B 107 28.57 -34.83 -13.06
C ARG B 107 28.07 -34.42 -11.68
N SER B 108 27.35 -33.31 -11.63
CA SER B 108 26.71 -32.83 -10.41
C SER B 108 25.21 -33.00 -10.60
N ARG B 109 24.63 -33.97 -9.89
CA ARG B 109 23.21 -34.32 -10.06
C ARG B 109 22.38 -33.48 -9.12
N GLY B 110 22.52 -32.16 -9.25
CA GLY B 110 21.72 -31.22 -8.48
C GLY B 110 21.84 -31.36 -6.98
N GLY B 111 22.99 -31.81 -6.49
CA GLY B 111 23.22 -32.00 -5.07
C GLY B 111 24.08 -30.90 -4.47
N VAL B 112 24.60 -31.21 -3.28
CA VAL B 112 25.51 -30.31 -2.58
C VAL B 112 26.95 -30.72 -2.91
N ARG B 113 27.73 -29.76 -3.38
CA ARG B 113 29.13 -30.00 -3.73
C ARG B 113 30.02 -29.53 -2.60
N ARG B 114 31.24 -30.08 -2.58
CA ARG B 114 32.18 -29.78 -1.51
C ARG B 114 33.60 -30.05 -2.01
N MET B 115 34.56 -30.03 -1.09
CA MET B 115 35.96 -30.22 -1.45
C MET B 115 36.14 -31.58 -2.14
N PRO B 116 36.98 -31.65 -3.18
CA PRO B 116 37.19 -32.94 -3.86
C PRO B 116 37.83 -33.97 -2.95
N ASP B 117 37.67 -35.23 -3.32
CA ASP B 117 38.17 -36.32 -2.50
C ASP B 117 39.69 -36.39 -2.62
N PRO B 118 40.39 -36.56 -1.49
CA PRO B 118 41.86 -36.37 -1.50
C PRO B 118 42.63 -37.27 -2.44
N VAL B 119 42.17 -38.50 -2.70
CA VAL B 119 42.95 -39.38 -3.55
C VAL B 119 42.92 -38.89 -4.99
N LEU B 120 41.83 -38.25 -5.40
CA LEU B 120 41.78 -37.67 -6.73
C LEU B 120 42.77 -36.51 -6.85
N ILE B 121 42.88 -35.69 -5.81
CA ILE B 121 43.85 -34.60 -5.82
C ILE B 121 45.26 -35.15 -5.86
N LYS B 122 45.53 -36.22 -5.11
CA LYS B 122 46.86 -36.82 -5.13
C LYS B 122 47.19 -37.38 -6.51
N GLU B 123 46.21 -38.04 -7.15
CA GLU B 123 46.44 -38.58 -8.49
C GLU B 123 46.70 -37.46 -9.49
N VAL B 124 45.90 -36.40 -9.45
CA VAL B 124 46.07 -35.29 -10.39
C VAL B 124 47.43 -34.62 -10.16
N LYS B 125 47.81 -34.46 -8.89
CA LYS B 125 49.08 -33.82 -8.58
C LYS B 125 50.27 -34.67 -9.00
N ARG B 126 50.11 -36.00 -8.95
CA ARG B 126 51.18 -36.88 -9.41
C ARG B 126 51.25 -36.94 -10.93
N ALA B 127 50.12 -36.74 -11.61
CA ALA B 127 50.10 -36.86 -13.06
C ALA B 127 50.70 -35.63 -13.73
N VAL B 128 50.10 -34.46 -13.50
CA VAL B 128 50.53 -33.24 -14.17
C VAL B 128 51.61 -32.55 -13.35
N SER B 129 52.41 -31.73 -14.03
CA SER B 129 53.45 -30.95 -13.36
C SER B 129 53.08 -29.49 -13.17
N VAL B 130 52.00 -29.03 -13.79
CA VAL B 130 51.51 -27.67 -13.61
C VAL B 130 50.91 -27.56 -12.21
N PRO B 131 50.77 -26.36 -11.65
CA PRO B 131 50.14 -26.23 -10.33
C PRO B 131 48.74 -26.81 -10.31
N VAL B 132 48.41 -27.45 -9.18
CA VAL B 132 47.12 -28.09 -8.97
C VAL B 132 46.40 -27.35 -7.85
N MET B 133 45.32 -26.66 -8.21
CA MET B 133 44.50 -25.98 -7.23
C MET B 133 43.52 -26.98 -6.60
N ALA B 134 42.69 -26.46 -5.70
CA ALA B 134 41.64 -27.24 -5.07
C ALA B 134 40.61 -26.27 -4.52
N ARG B 135 39.38 -26.76 -4.39
CA ARG B 135 38.27 -25.91 -3.98
C ARG B 135 37.86 -26.23 -2.56
N ALA B 136 37.60 -25.18 -1.78
CA ALA B 136 37.11 -25.29 -0.42
C ALA B 136 35.89 -24.40 -0.28
N ARG B 137 34.89 -24.92 0.44
CA ARG B 137 33.68 -24.15 0.65
C ARG B 137 33.99 -22.88 1.43
N VAL B 138 33.35 -21.78 1.04
CA VAL B 138 33.61 -20.49 1.66
C VAL B 138 33.17 -20.55 3.12
N GLY B 139 34.09 -20.20 4.03
CA GLY B 139 33.84 -20.29 5.46
C GLY B 139 34.23 -21.60 6.10
N HIS B 140 34.62 -22.60 5.30
CA HIS B 140 34.99 -23.92 5.80
C HIS B 140 36.51 -23.97 5.90
N PHE B 141 37.03 -23.68 7.09
CA PHE B 141 38.47 -23.65 7.27
C PHE B 141 39.07 -25.04 7.49
N VAL B 142 38.26 -26.03 7.85
CA VAL B 142 38.78 -27.38 8.03
C VAL B 142 39.10 -28.02 6.69
N GLU B 143 38.26 -27.76 5.68
CA GLU B 143 38.58 -28.20 4.33
C GLU B 143 39.86 -27.53 3.83
N ALA B 144 40.06 -26.26 4.20
CA ALA B 144 41.31 -25.59 3.82
C ALA B 144 42.50 -26.19 4.54
N GLN B 145 42.33 -26.61 5.80
CA GLN B 145 43.41 -27.28 6.51
C GLN B 145 43.75 -28.61 5.85
N ILE B 146 42.72 -29.37 5.47
CA ILE B 146 42.94 -30.66 4.80
C ILE B 146 43.65 -30.45 3.48
N LEU B 147 43.27 -29.42 2.73
CA LEU B 147 43.91 -29.15 1.45
C LEU B 147 45.36 -28.73 1.65
N GLU B 148 45.63 -27.87 2.64
CA GLU B 148 47.00 -27.46 2.92
C GLU B 148 47.84 -28.65 3.36
N SER B 149 47.24 -29.62 4.04
CA SER B 149 47.97 -30.82 4.41
C SER B 149 48.37 -31.65 3.19
N LEU B 150 47.53 -31.66 2.15
CA LEU B 150 47.84 -32.36 0.91
C LEU B 150 48.86 -31.64 0.05
N ALA B 151 49.34 -30.47 0.49
CA ALA B 151 50.37 -29.72 -0.21
C ALA B 151 49.92 -29.29 -1.61
N VAL B 152 48.65 -28.89 -1.72
CA VAL B 152 48.19 -28.29 -2.97
C VAL B 152 48.86 -26.94 -3.14
N ASP B 153 49.07 -26.56 -4.41
CA ASP B 153 49.81 -25.32 -4.68
C ASP B 153 48.98 -24.09 -4.36
N TYR B 154 47.68 -24.13 -4.65
CA TYR B 154 46.78 -23.03 -4.38
C TYR B 154 45.45 -23.57 -3.89
N ILE B 155 44.82 -22.84 -2.98
CA ILE B 155 43.52 -23.21 -2.43
C ILE B 155 42.51 -22.16 -2.87
N ASP B 156 41.39 -22.61 -3.43
CA ASP B 156 40.38 -21.71 -3.96
C ASP B 156 39.19 -21.69 -3.01
N GLU B 157 39.02 -20.58 -2.28
CA GLU B 157 37.86 -20.42 -1.40
C GLU B 157 36.64 -20.09 -2.26
N SER B 158 36.06 -21.16 -2.82
CA SER B 158 35.13 -21.00 -3.92
C SER B 158 33.70 -20.84 -3.43
N GLU B 159 32.94 -19.99 -4.13
CA GLU B 159 31.54 -19.77 -3.83
C GLU B 159 30.61 -20.41 -4.85
N ILE B 160 31.14 -20.99 -5.93
CA ILE B 160 30.30 -21.77 -6.83
C ILE B 160 29.92 -23.09 -6.19
N ILE B 161 30.80 -23.62 -5.34
CA ILE B 161 30.46 -24.75 -4.50
C ILE B 161 29.59 -24.26 -3.35
N SER B 162 28.71 -25.13 -2.85
CA SER B 162 27.77 -24.77 -1.80
C SER B 162 28.47 -24.07 -0.65
N VAL B 163 27.83 -23.00 -0.14
CA VAL B 163 28.44 -22.17 0.89
C VAL B 163 28.37 -22.87 2.23
N ALA B 164 29.48 -22.90 2.95
CA ALA B 164 29.49 -23.45 4.31
C ALA B 164 29.06 -22.40 5.32
N ASP B 165 29.78 -21.29 5.40
CA ASP B 165 29.49 -20.21 6.33
C ASP B 165 29.05 -18.98 5.55
N ASP B 166 27.78 -18.60 5.71
CA ASP B 166 27.25 -17.47 4.94
C ASP B 166 27.80 -16.14 5.45
N ASP B 167 27.99 -16.04 6.77
CA ASP B 167 28.37 -14.75 7.35
C ASP B 167 29.88 -14.51 7.25
N HIS B 168 30.68 -15.45 7.75
CA HIS B 168 32.12 -15.28 7.86
C HIS B 168 32.85 -16.06 6.78
N PHE B 169 34.12 -15.73 6.61
CA PHE B 169 35.00 -16.37 5.63
C PHE B 169 36.15 -17.05 6.36
N ILE B 170 37.11 -17.54 5.60
CA ILE B 170 38.28 -18.20 6.18
C ILE B 170 39.33 -17.15 6.53
N ASN B 171 39.87 -17.25 7.74
CA ASN B 171 40.98 -16.39 8.16
C ASN B 171 42.25 -16.92 7.48
N LYS B 172 42.46 -16.45 6.25
CA LYS B 172 43.50 -16.99 5.38
C LYS B 172 44.91 -16.61 5.82
N HIS B 173 45.07 -15.98 6.97
CA HIS B 173 46.41 -15.66 7.46
C HIS B 173 47.04 -16.82 8.23
N ASN B 174 46.23 -17.77 8.69
CA ASN B 174 46.74 -18.91 9.45
C ASN B 174 47.31 -20.02 8.56
N PHE B 175 47.10 -19.94 7.25
CA PHE B 175 47.50 -21.00 6.34
C PHE B 175 48.79 -20.63 5.62
N ARG B 176 49.47 -21.66 5.12
CA ARG B 176 50.73 -21.49 4.41
C ARG B 176 50.56 -21.47 2.90
N SER B 177 49.43 -21.96 2.40
CA SER B 177 49.21 -22.02 0.96
C SER B 177 48.48 -20.78 0.48
N PRO B 178 48.80 -20.31 -0.73
CA PRO B 178 48.11 -19.12 -1.27
C PRO B 178 46.64 -19.42 -1.54
N PHE B 179 45.83 -18.38 -1.40
CA PHE B 179 44.39 -18.49 -1.54
C PHE B 179 43.90 -17.67 -2.73
N ILE B 180 42.85 -18.18 -3.38
CA ILE B 180 42.16 -17.50 -4.45
C ILE B 180 40.74 -17.26 -4.00
N CYS B 181 40.33 -15.99 -3.97
CA CYS B 181 39.01 -15.60 -3.49
C CYS B 181 38.22 -14.93 -4.60
N GLY B 182 36.91 -15.16 -4.61
CA GLY B 182 36.08 -14.55 -5.61
C GLY B 182 35.56 -13.19 -5.17
N CYS B 183 35.29 -12.34 -6.15
CA CYS B 183 34.76 -11.02 -5.85
C CYS B 183 33.74 -10.63 -6.91
N ARG B 184 33.02 -9.55 -6.64
CA ARG B 184 32.09 -8.97 -7.59
C ARG B 184 32.21 -7.46 -7.68
N ASP B 185 33.04 -6.83 -6.85
CA ASP B 185 33.30 -5.40 -6.91
C ASP B 185 34.60 -5.13 -6.16
N THR B 186 35.00 -3.86 -6.09
CA THR B 186 36.25 -3.52 -5.42
C THR B 186 36.15 -3.70 -3.91
N GLY B 187 34.96 -3.51 -3.35
CA GLY B 187 34.80 -3.74 -1.91
C GLY B 187 35.11 -5.16 -1.51
N GLU B 188 34.51 -6.14 -2.20
CA GLU B 188 34.77 -7.54 -1.90
C GLU B 188 36.21 -7.90 -2.18
N ALA B 189 36.78 -7.38 -3.26
CA ALA B 189 38.18 -7.66 -3.57
C ALA B 189 39.10 -7.20 -2.46
N LEU B 190 38.90 -5.96 -1.98
CA LEU B 190 39.76 -5.44 -0.93
C LEU B 190 39.52 -6.15 0.39
N ARG B 191 38.28 -6.52 0.68
CA ARG B 191 38.02 -7.29 1.90
C ARG B 191 38.70 -8.64 1.86
N ARG B 192 38.69 -9.31 0.71
CA ARG B 192 39.35 -10.61 0.60
C ARG B 192 40.86 -10.46 0.68
N ILE B 193 41.41 -9.41 0.09
CA ILE B 193 42.86 -9.19 0.20
C ILE B 193 43.23 -8.89 1.65
N ARG B 194 42.35 -8.21 2.38
CA ARG B 194 42.61 -7.95 3.79
C ARG B 194 42.55 -9.23 4.61
N GLU B 195 41.61 -10.12 4.29
CA GLU B 195 41.55 -11.39 5.01
C GLU B 195 42.76 -12.26 4.73
N GLY B 196 43.40 -12.09 3.57
CA GLY B 196 44.63 -12.81 3.28
C GLY B 196 44.68 -13.48 1.93
N ALA B 197 43.71 -13.20 1.07
CA ALA B 197 43.66 -13.82 -0.25
C ALA B 197 44.83 -13.33 -1.10
N ALA B 198 45.67 -14.26 -1.54
CA ALA B 198 46.81 -13.93 -2.37
C ALA B 198 46.47 -13.80 -3.85
N MET B 199 45.22 -14.05 -4.23
CA MET B 199 44.80 -13.91 -5.62
C MET B 199 43.29 -13.74 -5.66
N ILE B 200 42.82 -12.90 -6.59
CA ILE B 200 41.42 -12.53 -6.67
C ILE B 200 40.89 -12.90 -8.04
N ARG B 201 39.70 -13.48 -8.09
CA ARG B 201 39.02 -13.76 -9.35
C ARG B 201 37.69 -13.02 -9.39
N ILE B 202 37.50 -12.23 -10.44
CA ILE B 202 36.25 -11.51 -10.65
C ILE B 202 35.22 -12.49 -11.21
N GLN B 203 34.14 -12.68 -10.48
CA GLN B 203 33.18 -13.75 -10.75
C GLN B 203 31.96 -13.20 -11.48
N GLY B 204 31.44 -14.01 -12.41
CA GLY B 204 30.23 -13.68 -13.12
C GLY B 204 29.03 -14.46 -12.63
N ASP B 205 28.67 -15.52 -13.34
CA ASP B 205 27.51 -16.35 -13.00
C ASP B 205 27.84 -17.81 -13.35
N LEU B 206 28.02 -18.64 -12.34
CA LEU B 206 28.23 -20.06 -12.56
C LEU B 206 26.95 -20.84 -12.28
N THR B 207 26.93 -22.09 -12.77
CA THR B 207 25.84 -23.04 -12.56
C THR B 207 24.54 -22.50 -13.16
N ALA B 208 24.61 -21.45 -13.97
CA ALA B 208 23.43 -20.87 -14.58
C ALA B 208 23.40 -21.04 -16.10
N THR B 209 24.45 -20.58 -16.79
CA THR B 209 24.52 -20.64 -18.24
C THR B 209 25.97 -20.46 -18.65
N GLY B 210 26.20 -20.27 -19.94
CA GLY B 210 27.52 -19.99 -20.46
C GLY B 210 27.65 -18.57 -20.97
N ASN B 211 26.87 -17.66 -20.40
CA ASN B 211 26.87 -16.28 -20.82
C ASN B 211 28.02 -15.52 -20.15
N ILE B 212 28.49 -14.46 -20.82
CA ILE B 212 29.61 -13.66 -20.38
C ILE B 212 29.18 -12.31 -19.85
N ALA B 213 27.88 -12.05 -19.72
CA ALA B 213 27.41 -10.71 -19.39
C ALA B 213 27.80 -10.31 -17.98
N GLU B 214 27.52 -11.16 -16.99
CA GLU B 214 27.81 -10.79 -15.61
C GLU B 214 29.30 -10.67 -15.37
N THR B 215 30.10 -11.52 -16.02
CA THR B 215 31.55 -11.47 -15.83
C THR B 215 32.13 -10.17 -16.34
N VAL B 216 31.77 -9.77 -17.56
CA VAL B 216 32.30 -8.53 -18.11
C VAL B 216 31.74 -7.34 -17.34
N LYS B 217 30.50 -7.43 -16.86
CA LYS B 217 29.94 -6.35 -16.05
C LYS B 217 30.74 -6.17 -14.77
N ASN B 218 31.05 -7.26 -14.08
CA ASN B 218 31.82 -7.16 -12.83
C ASN B 218 33.25 -6.70 -13.10
N VAL B 219 33.87 -7.18 -14.17
CA VAL B 219 35.23 -6.74 -14.50
C VAL B 219 35.25 -5.25 -14.79
N ARG B 220 34.29 -4.77 -15.58
CA ARG B 220 34.21 -3.34 -15.86
C ARG B 220 33.97 -2.54 -14.59
N SER B 221 33.10 -3.03 -13.71
CA SER B 221 32.83 -2.33 -12.46
C SER B 221 34.09 -2.21 -11.61
N LEU B 222 34.83 -3.30 -11.48
CA LEU B 222 36.03 -3.29 -10.66
C LEU B 222 37.10 -2.37 -11.24
N MET B 223 37.35 -2.49 -12.55
CA MET B 223 38.37 -1.64 -13.17
C MET B 223 37.95 -0.18 -13.13
N GLY B 224 36.66 0.11 -13.26
CA GLY B 224 36.21 1.48 -13.18
C GLY B 224 36.35 2.06 -11.79
N GLU B 225 36.03 1.28 -10.76
CA GLU B 225 36.22 1.75 -9.40
C GLU B 225 37.69 1.99 -9.11
N VAL B 226 38.57 1.14 -9.63
CA VAL B 226 39.99 1.33 -9.39
C VAL B 226 40.51 2.56 -10.13
N ARG B 227 40.00 2.81 -11.34
CA ARG B 227 40.40 4.01 -12.08
C ARG B 227 39.88 5.27 -11.40
N VAL B 228 38.69 5.21 -10.80
CA VAL B 228 38.17 6.34 -10.05
C VAL B 228 39.02 6.60 -8.83
N LEU B 229 39.41 5.52 -8.12
CA LEU B 229 40.27 5.67 -6.96
C LEU B 229 41.61 6.29 -7.33
N ASN B 230 42.19 5.86 -8.45
CA ASN B 230 43.53 6.31 -8.82
C ASN B 230 43.64 7.80 -9.00
N ASN B 231 42.52 8.49 -9.27
CA ASN B 231 42.53 9.93 -9.51
C ASN B 231 41.76 10.73 -8.47
N MET B 232 41.21 10.06 -7.45
CA MET B 232 40.38 10.74 -6.46
C MET B 232 41.19 11.73 -5.64
N ASP B 233 40.50 12.71 -5.09
CA ASP B 233 41.11 13.65 -4.15
C ASP B 233 41.44 12.94 -2.84
N ASP B 234 42.52 13.38 -2.20
CA ASP B 234 43.01 12.69 -1.02
C ASP B 234 42.03 12.83 0.15
N ASP B 235 41.24 13.90 0.15
CA ASP B 235 40.27 14.10 1.22
C ASP B 235 39.07 13.17 1.08
N GLU B 236 38.81 12.65 -0.11
CA GLU B 236 37.63 11.85 -0.36
C GLU B 236 37.87 10.35 -0.27
N VAL B 237 39.13 9.93 -0.09
CA VAL B 237 39.45 8.51 -0.06
C VAL B 237 38.80 7.83 1.14
N PHE B 238 38.68 8.56 2.25
CA PHE B 238 38.07 7.99 3.45
C PHE B 238 36.58 7.73 3.23
N THR B 239 35.87 8.71 2.69
CA THR B 239 34.45 8.52 2.40
C THR B 239 34.24 7.45 1.34
N PHE B 240 35.16 7.35 0.38
CA PHE B 240 35.07 6.30 -0.62
C PHE B 240 35.23 4.92 0.00
N ALA B 241 36.24 4.75 0.86
CA ALA B 241 36.46 3.48 1.54
C ALA B 241 35.27 3.12 2.41
N LYS B 242 34.64 4.12 3.03
CA LYS B 242 33.42 3.84 3.79
C LYS B 242 32.28 3.43 2.87
N LYS B 243 32.19 4.04 1.70
CA LYS B 243 31.10 3.74 0.77
C LYS B 243 31.20 2.32 0.22
N ILE B 244 32.41 1.88 -0.13
CA ILE B 244 32.61 0.52 -0.61
C ILE B 244 32.90 -0.45 0.51
N SER B 245 32.96 0.01 1.76
CA SER B 245 33.22 -0.81 2.94
C SER B 245 34.47 -1.67 2.75
N ALA B 246 35.59 -0.99 2.59
CA ALA B 246 36.90 -1.62 2.41
C ALA B 246 37.88 -1.05 3.42
N PRO B 247 38.88 -1.84 3.81
CA PRO B 247 39.92 -1.31 4.71
C PRO B 247 40.67 -0.17 4.04
N TYR B 248 40.92 0.88 4.82
CA TYR B 248 41.49 2.09 4.23
C TYR B 248 42.91 1.90 3.75
N ASP B 249 43.70 1.07 4.43
CA ASP B 249 45.08 0.88 4.00
C ASP B 249 45.14 0.25 2.60
N LEU B 250 44.27 -0.73 2.35
CA LEU B 250 44.23 -1.34 1.02
C LEU B 250 43.67 -0.37 -0.01
N VAL B 251 42.76 0.51 0.38
CA VAL B 251 42.25 1.52 -0.55
C VAL B 251 43.37 2.48 -0.94
N ALA B 252 44.18 2.89 0.04
CA ALA B 252 45.31 3.76 -0.26
C ALA B 252 46.36 3.04 -1.10
N GLN B 253 46.55 1.74 -0.86
CA GLN B 253 47.49 0.97 -1.68
C GLN B 253 47.01 0.88 -3.12
N THR B 254 45.71 0.64 -3.32
CA THR B 254 45.15 0.61 -4.66
C THR B 254 45.24 1.98 -5.33
N LYS B 255 45.11 3.05 -4.55
CA LYS B 255 45.23 4.39 -5.11
C LYS B 255 46.66 4.70 -5.53
N GLN B 256 47.63 4.25 -4.74
CA GLN B 256 49.03 4.54 -5.04
C GLN B 256 49.58 3.61 -6.12
N MET B 257 48.96 2.43 -6.30
CA MET B 257 49.48 1.43 -7.22
C MET B 257 48.78 1.43 -8.58
N GLY B 258 47.51 1.82 -8.63
CA GLY B 258 46.76 1.77 -9.87
C GLY B 258 46.00 0.48 -10.10
N ARG B 259 46.35 -0.59 -9.39
CA ARG B 259 45.61 -1.84 -9.42
C ARG B 259 45.54 -2.37 -8.00
N VAL B 260 44.67 -3.34 -7.77
CA VAL B 260 44.66 -3.99 -6.46
C VAL B 260 45.96 -4.77 -6.29
N PRO B 261 46.52 -4.85 -5.10
CA PRO B 261 47.86 -5.44 -4.97
C PRO B 261 47.86 -6.96 -4.98
N VAL B 262 47.10 -7.57 -5.90
CA VAL B 262 47.07 -9.02 -6.10
C VAL B 262 46.92 -9.29 -7.60
N VAL B 263 46.84 -10.56 -7.94
CA VAL B 263 46.64 -10.99 -9.33
C VAL B 263 45.15 -11.18 -9.56
N GLN B 264 44.63 -10.57 -10.62
CA GLN B 264 43.21 -10.59 -10.95
C GLN B 264 42.97 -11.54 -12.10
N PHE B 265 42.16 -12.57 -11.88
CA PHE B 265 41.68 -13.44 -12.93
C PHE B 265 40.20 -13.17 -13.17
N ALA B 266 39.66 -13.73 -14.25
CA ALA B 266 38.25 -13.62 -14.57
C ALA B 266 37.62 -15.00 -14.52
N SER B 267 36.33 -15.06 -14.25
CA SER B 267 35.64 -16.35 -14.23
C SER B 267 34.19 -16.17 -14.62
N GLY B 268 33.62 -17.21 -15.23
CA GLY B 268 32.21 -17.25 -15.52
C GLY B 268 31.85 -16.99 -16.97
N GLY B 269 31.58 -18.05 -17.72
CA GLY B 269 31.10 -17.93 -19.07
C GLY B 269 32.14 -17.92 -20.17
N ILE B 270 33.43 -17.96 -19.83
CA ILE B 270 34.47 -17.94 -20.85
C ILE B 270 34.46 -19.28 -21.59
N THR B 271 34.02 -19.27 -22.83
CA THR B 271 33.95 -20.48 -23.66
C THR B 271 34.79 -20.40 -24.92
N THR B 272 34.67 -19.33 -25.69
CA THR B 272 35.38 -19.15 -26.94
C THR B 272 36.65 -18.35 -26.74
N PRO B 273 37.59 -18.43 -27.67
CA PRO B 273 38.80 -17.58 -27.55
C PRO B 273 38.49 -16.10 -27.51
N ALA B 274 37.42 -15.67 -28.16
CA ALA B 274 37.06 -14.26 -28.14
C ALA B 274 36.74 -13.79 -26.73
N ASP B 275 36.08 -14.64 -25.93
CA ASP B 275 35.74 -14.24 -24.57
C ASP B 275 36.98 -14.11 -23.70
N ALA B 276 37.93 -15.03 -23.84
CA ALA B 276 39.16 -14.94 -23.06
C ALA B 276 39.98 -13.73 -23.48
N ALA B 277 40.05 -13.45 -24.78
CA ALA B 277 40.75 -12.25 -25.24
C ALA B 277 40.07 -10.98 -24.75
N LEU B 278 38.74 -10.98 -24.68
CA LEU B 278 38.02 -9.83 -24.14
C LEU B 278 38.32 -9.64 -22.66
N MET B 279 38.33 -10.73 -21.89
CA MET B 279 38.65 -10.63 -20.48
C MET B 279 40.08 -10.15 -20.26
N MET B 280 41.00 -10.55 -21.14
CA MET B 280 42.38 -10.11 -21.00
C MET B 280 42.61 -8.71 -21.55
N GLN B 281 41.69 -8.20 -22.37
CA GLN B 281 41.82 -6.84 -22.87
C GLN B 281 41.17 -5.81 -21.96
N LEU B 282 40.32 -6.25 -21.03
CA LEU B 282 39.74 -5.36 -20.04
C LEU B 282 40.69 -5.08 -18.89
N GLY B 283 41.82 -5.77 -18.81
CA GLY B 283 42.81 -5.54 -17.78
C GLY B 283 43.07 -6.72 -16.87
N CYS B 284 42.35 -7.84 -17.02
CA CYS B 284 42.58 -8.99 -16.18
C CYS B 284 43.94 -9.64 -16.50
N ASP B 285 44.30 -10.62 -15.67
CA ASP B 285 45.57 -11.32 -15.83
C ASP B 285 45.42 -12.77 -16.28
N GLY B 286 44.21 -13.28 -16.35
CA GLY B 286 44.00 -14.66 -16.76
C GLY B 286 42.52 -15.00 -16.71
N VAL B 287 42.20 -16.21 -17.15
CA VAL B 287 40.82 -16.68 -17.21
C VAL B 287 40.70 -18.01 -16.50
N PHE B 288 39.49 -18.29 -16.05
CA PHE B 288 39.12 -19.56 -15.42
C PHE B 288 38.21 -20.30 -16.42
N VAL B 289 38.75 -21.31 -17.06
CA VAL B 289 38.00 -22.07 -18.06
C VAL B 289 37.36 -23.28 -17.37
N GLY B 290 36.04 -23.25 -17.24
CA GLY B 290 35.32 -24.28 -16.54
C GLY B 290 35.35 -25.62 -17.27
N SER B 291 34.64 -26.59 -16.68
CA SER B 291 34.63 -27.95 -17.21
C SER B 291 33.65 -28.13 -18.36
N GLU B 292 32.98 -27.06 -18.80
CA GLU B 292 32.06 -27.16 -19.92
C GLU B 292 32.77 -27.29 -21.26
N VAL B 293 34.10 -27.30 -21.28
CA VAL B 293 34.82 -27.46 -22.55
C VAL B 293 35.09 -28.93 -22.84
N PHE B 294 35.16 -29.77 -21.82
CA PHE B 294 35.49 -31.17 -22.02
C PHE B 294 34.32 -32.00 -22.51
N ASP B 295 33.11 -31.44 -22.53
CA ASP B 295 31.95 -32.14 -23.06
C ASP B 295 31.61 -31.73 -24.48
N GLY B 296 32.54 -31.09 -25.19
CA GLY B 296 32.37 -30.78 -26.59
C GLY B 296 32.91 -31.87 -27.48
N PRO B 297 32.90 -31.63 -28.80
CA PRO B 297 33.39 -32.65 -29.73
C PRO B 297 34.88 -32.87 -29.64
N ASP B 298 35.65 -31.79 -29.49
CA ASP B 298 37.11 -31.87 -29.38
C ASP B 298 37.56 -30.91 -28.29
N PRO B 299 37.83 -31.38 -27.08
CA PRO B 299 38.22 -30.48 -25.99
C PRO B 299 39.62 -29.91 -26.17
N PHE B 300 40.52 -30.69 -26.76
CA PHE B 300 41.90 -30.24 -26.92
C PHE B 300 41.99 -29.02 -27.81
N LYS B 301 41.26 -28.99 -28.91
CA LYS B 301 41.31 -27.84 -29.81
C LYS B 301 40.78 -26.59 -29.13
N LYS B 302 39.67 -26.71 -28.41
CA LYS B 302 39.12 -25.58 -27.68
C LYS B 302 40.09 -25.08 -26.63
N LEU B 303 40.72 -25.98 -25.87
CA LEU B 303 41.64 -25.57 -24.83
C LEU B 303 42.86 -24.87 -25.43
N ARG B 304 43.42 -25.44 -26.49
CA ARG B 304 44.58 -24.82 -27.13
C ARG B 304 44.22 -23.45 -27.69
N SER B 305 43.04 -23.31 -28.26
CA SER B 305 42.63 -22.02 -28.81
C SER B 305 42.46 -20.99 -27.70
N ILE B 306 41.87 -21.40 -26.57
CA ILE B 306 41.72 -20.48 -25.45
C ILE B 306 43.07 -20.05 -24.90
N VAL B 307 44.00 -21.00 -24.79
CA VAL B 307 45.33 -20.66 -24.25
C VAL B 307 46.05 -19.71 -25.19
N GLN B 308 46.02 -20.00 -26.50
CA GLN B 308 46.67 -19.11 -27.46
C GLN B 308 45.99 -17.75 -27.52
N ALA B 309 44.68 -17.70 -27.25
CA ALA B 309 43.99 -16.41 -27.19
C ALA B 309 44.44 -15.60 -25.99
N VAL B 310 44.58 -16.25 -24.83
CA VAL B 310 45.07 -15.55 -23.65
C VAL B 310 46.49 -15.06 -23.88
N GLN B 311 47.31 -15.86 -24.57
CA GLN B 311 48.70 -15.46 -24.80
C GLN B 311 48.81 -14.32 -25.80
N HIS B 312 47.94 -14.31 -26.81
CA HIS B 312 48.03 -13.31 -27.89
C HIS B 312 46.75 -12.48 -27.98
N TYR B 313 46.27 -11.97 -26.85
CA TYR B 313 45.00 -11.25 -26.82
C TYR B 313 45.01 -9.97 -27.65
N ASN B 314 46.16 -9.52 -28.12
CA ASN B 314 46.24 -8.29 -28.91
C ASN B 314 46.26 -8.51 -30.41
N ASP B 315 46.55 -9.73 -30.86
CA ASP B 315 46.68 -10.00 -32.28
C ASP B 315 45.35 -10.52 -32.82
N PRO B 316 44.68 -9.81 -33.73
CA PRO B 316 43.40 -10.30 -34.24
C PRO B 316 43.53 -11.47 -35.21
N HIS B 317 44.65 -11.57 -35.93
CA HIS B 317 44.82 -12.67 -36.86
C HIS B 317 44.96 -14.00 -36.13
N VAL B 318 45.77 -14.04 -35.07
CA VAL B 318 45.88 -15.25 -34.26
C VAL B 318 44.52 -15.62 -33.67
N LEU B 319 43.75 -14.61 -33.24
CA LEU B 319 42.44 -14.87 -32.68
C LEU B 319 41.50 -15.47 -33.71
N ALA B 320 41.53 -14.94 -34.94
CA ALA B 320 40.69 -15.50 -36.00
C ALA B 320 41.13 -16.89 -36.39
N GLU B 321 42.43 -17.20 -36.26
CA GLU B 321 42.91 -18.54 -36.58
C GLU B 321 42.48 -19.54 -35.51
N MET B 322 42.55 -19.14 -34.24
CA MET B 322 42.13 -20.04 -33.16
C MET B 322 40.62 -20.21 -33.11
N SER B 323 39.86 -19.26 -33.66
CA SER B 323 38.40 -19.34 -33.63
C SER B 323 37.87 -20.06 -34.87
N PRO C 64 17.56 -35.34 40.56
CA PRO C 64 18.36 -34.10 40.59
C PRO C 64 18.95 -33.78 39.22
N PHE C 65 19.18 -32.49 38.95
CA PHE C 65 19.74 -32.07 37.68
C PHE C 65 21.23 -32.33 37.59
N SER C 66 21.93 -32.29 38.73
CA SER C 66 23.38 -32.50 38.72
C SER C 66 23.73 -33.91 38.25
N VAL C 67 23.04 -34.92 38.78
CA VAL C 67 23.36 -36.29 38.38
C VAL C 67 22.95 -36.53 36.94
N LYS C 68 21.91 -35.85 36.45
CA LYS C 68 21.52 -36.02 35.06
C LYS C 68 22.55 -35.41 34.12
N VAL C 69 23.09 -34.24 34.49
CA VAL C 69 24.17 -33.66 33.70
C VAL C 69 25.40 -34.55 33.76
N GLY C 70 25.65 -35.18 34.92
CA GLY C 70 26.78 -36.10 35.02
C GLY C 70 26.64 -37.30 34.11
N LEU C 71 25.44 -37.89 34.06
CA LEU C 71 25.20 -39.00 33.14
C LEU C 71 25.26 -38.55 31.69
N ALA C 72 24.88 -37.30 31.41
CA ALA C 72 24.84 -36.84 30.03
C ALA C 72 26.24 -36.48 29.51
N GLN C 73 27.14 -36.05 30.39
CA GLN C 73 28.44 -35.57 29.96
C GLN C 73 29.46 -36.68 29.73
N VAL C 74 29.02 -37.93 29.61
CA VAL C 74 29.94 -38.99 29.20
C VAL C 74 30.03 -39.10 27.68
N LEU C 75 29.18 -38.39 26.95
CA LEU C 75 29.18 -38.40 25.50
C LEU C 75 30.12 -37.35 24.92
N ARG C 76 30.86 -36.62 25.75
CA ARG C 76 31.73 -35.57 25.25
C ARG C 76 32.81 -36.13 24.33
N GLY C 77 32.97 -35.50 23.18
CA GLY C 77 33.98 -35.92 22.22
C GLY C 77 33.64 -37.20 21.47
N GLY C 78 32.39 -37.34 21.03
CA GLY C 78 31.97 -38.51 20.29
C GLY C 78 30.90 -38.15 19.28
N ALA C 79 30.56 -39.15 18.45
CA ALA C 79 29.54 -39.00 17.42
C ALA C 79 28.35 -39.88 17.73
N ILE C 80 27.16 -39.29 17.71
CA ILE C 80 25.92 -40.00 17.99
C ILE C 80 25.29 -40.35 16.65
N VAL C 81 25.18 -41.64 16.36
CA VAL C 81 24.79 -42.10 15.04
C VAL C 81 23.32 -42.49 15.05
N GLU C 82 22.58 -42.07 14.02
CA GLU C 82 21.17 -42.41 13.89
C GLU C 82 21.04 -43.76 13.18
N VAL C 83 20.64 -44.78 13.94
CA VAL C 83 20.48 -46.12 13.39
C VAL C 83 19.00 -46.41 13.24
N SER C 84 18.69 -47.44 12.45
CA SER C 84 17.31 -47.80 12.16
C SER C 84 17.02 -49.29 12.30
N SER C 85 18.00 -50.11 12.65
CA SER C 85 17.80 -51.54 12.78
C SER C 85 18.92 -52.11 13.63
N VAL C 86 18.84 -53.41 13.90
CA VAL C 86 19.87 -54.07 14.71
C VAL C 86 21.20 -54.09 13.97
N ASN C 87 21.16 -54.28 12.65
CA ASN C 87 22.39 -54.35 11.88
C ASN C 87 23.08 -52.99 11.82
N GLN C 88 22.32 -51.93 11.57
CA GLN C 88 22.92 -50.60 11.55
C GLN C 88 23.40 -50.18 12.92
N ALA C 89 22.71 -50.63 13.98
CA ALA C 89 23.18 -50.36 15.32
C ALA C 89 24.50 -51.05 15.61
N LYS C 90 24.62 -52.33 15.22
CA LYS C 90 25.88 -53.03 15.40
C LYS C 90 27.00 -52.39 14.57
N LEU C 91 26.66 -51.90 13.38
CA LEU C 91 27.65 -51.24 12.55
C LEU C 91 28.15 -49.94 13.20
N ALA C 92 27.21 -49.14 13.72
CA ALA C 92 27.59 -47.89 14.36
C ALA C 92 28.34 -48.13 15.67
N GLU C 93 28.08 -49.26 16.34
CA GLU C 93 28.84 -49.59 17.53
C GLU C 93 30.25 -50.03 17.16
N SER C 94 30.39 -50.84 16.11
CA SER C 94 31.71 -51.30 15.70
C SER C 94 32.54 -50.17 15.12
N ALA C 95 31.90 -49.15 14.55
CA ALA C 95 32.64 -47.99 14.04
C ALA C 95 33.26 -47.20 15.18
N GLY C 96 32.58 -47.13 16.33
CA GLY C 96 33.12 -46.43 17.48
C GLY C 96 32.27 -45.27 17.93
N ALA C 97 30.98 -45.30 17.63
CA ALA C 97 30.09 -44.23 18.03
C ALA C 97 29.89 -44.23 19.54
N CYS C 98 29.69 -43.04 20.10
CA CYS C 98 29.45 -42.94 21.54
C CYS C 98 28.05 -43.35 21.93
N SER C 99 27.07 -43.21 21.02
CA SER C 99 25.71 -43.63 21.28
C SER C 99 24.96 -43.72 19.96
N VAL C 100 23.85 -44.45 20.00
CA VAL C 100 23.04 -44.68 18.81
C VAL C 100 21.62 -44.20 19.11
N ILE C 101 21.12 -43.29 18.29
CA ILE C 101 19.75 -42.79 18.41
C ILE C 101 18.88 -43.53 17.41
N VAL C 102 17.73 -44.00 17.88
CA VAL C 102 16.93 -44.99 17.15
C VAL C 102 15.85 -44.29 16.34
N SER C 103 15.71 -44.69 15.08
CA SER C 103 14.60 -44.29 14.22
C SER C 103 13.98 -45.56 13.64
N ASP C 104 12.67 -45.73 13.83
CA ASP C 104 12.06 -47.02 13.54
C ASP C 104 12.03 -47.37 12.04
N PRO C 105 11.72 -46.46 11.12
CA PRO C 105 11.47 -46.90 9.75
C PRO C 105 12.76 -47.07 8.96
N VAL C 106 12.65 -47.86 7.89
CA VAL C 106 13.73 -47.91 6.91
C VAL C 106 13.67 -46.71 5.99
N ARG C 107 12.46 -46.24 5.71
CA ARG C 107 12.24 -45.07 4.87
C ARG C 107 11.05 -44.30 5.42
N SER C 108 11.04 -43.00 5.17
CA SER C 108 9.93 -42.12 5.54
C SER C 108 9.26 -41.68 4.25
N ARG C 109 8.07 -42.22 3.99
CA ARG C 109 7.37 -41.98 2.73
C ARG C 109 6.50 -40.73 2.86
N GLY C 110 7.14 -39.62 3.22
CA GLY C 110 6.47 -38.34 3.32
C GLY C 110 5.30 -38.31 4.27
N GLY C 111 5.33 -39.12 5.33
CA GLY C 111 4.26 -39.18 6.30
C GLY C 111 4.60 -38.47 7.60
N VAL C 112 3.82 -38.78 8.62
CA VAL C 112 4.05 -38.26 9.96
C VAL C 112 4.88 -39.26 10.75
N ARG C 113 6.00 -38.80 11.30
CA ARG C 113 6.88 -39.63 12.09
C ARG C 113 6.60 -39.42 13.58
N ARG C 114 7.00 -40.41 14.37
CA ARG C 114 6.74 -40.38 15.81
C ARG C 114 7.75 -41.28 16.51
N MET C 115 7.52 -41.54 17.79
CA MET C 115 8.44 -42.34 18.59
C MET C 115 8.59 -43.73 17.98
N PRO C 116 9.80 -44.29 17.97
CA PRO C 116 10.00 -45.63 17.40
C PRO C 116 9.24 -46.69 18.17
N ASP C 117 8.98 -47.81 17.49
CA ASP C 117 8.21 -48.88 18.08
C ASP C 117 9.05 -49.59 19.16
N PRO C 118 8.45 -49.88 20.32
CA PRO C 118 9.26 -50.31 21.48
C PRO C 118 10.08 -51.58 21.26
N VAL C 119 9.60 -52.52 20.45
CA VAL C 119 10.36 -53.76 20.31
C VAL C 119 11.66 -53.51 19.55
N LEU C 120 11.66 -52.54 18.63
CA LEU C 120 12.89 -52.18 17.95
C LEU C 120 13.89 -51.57 18.93
N ILE C 121 13.41 -50.74 19.85
CA ILE C 121 14.29 -50.15 20.85
C ILE C 121 14.85 -51.23 21.77
N LYS C 122 14.00 -52.20 22.14
CA LYS C 122 14.48 -53.29 22.99
C LYS C 122 15.53 -54.13 22.27
N GLU C 123 15.31 -54.42 20.98
CA GLU C 123 16.29 -55.18 20.22
C GLU C 123 17.61 -54.42 20.10
N VAL C 124 17.55 -53.13 19.77
CA VAL C 124 18.78 -52.34 19.63
C VAL C 124 19.51 -52.26 20.97
N LYS C 125 18.76 -52.09 22.06
CA LYS C 125 19.38 -52.00 23.38
C LYS C 125 19.99 -53.32 23.81
N ARG C 126 19.42 -54.44 23.38
CA ARG C 126 20.00 -55.74 23.69
C ARG C 126 21.21 -56.03 22.83
N ALA C 127 21.25 -55.49 21.60
CA ALA C 127 22.35 -55.79 20.69
C ALA C 127 23.62 -55.03 21.06
N VAL C 128 23.55 -53.70 21.04
CA VAL C 128 24.73 -52.87 21.27
C VAL C 128 24.86 -52.58 22.76
N SER C 129 26.09 -52.27 23.18
CA SER C 129 26.37 -51.91 24.55
C SER C 129 26.54 -50.40 24.76
N VAL C 130 26.65 -49.64 23.69
CA VAL C 130 26.74 -48.18 23.78
C VAL C 130 25.38 -47.64 24.19
N PRO C 131 25.29 -46.42 24.73
CA PRO C 131 23.98 -45.86 25.07
C PRO C 131 23.05 -45.80 23.87
N VAL C 132 21.77 -46.08 24.13
CA VAL C 132 20.73 -46.09 23.12
C VAL C 132 19.75 -44.97 23.43
N MET C 133 19.73 -43.97 22.56
CA MET C 133 18.78 -42.87 22.69
C MET C 133 17.44 -43.27 22.08
N ALA C 134 16.51 -42.33 22.10
CA ALA C 134 15.21 -42.51 21.49
C ALA C 134 14.59 -41.13 21.29
N ARG C 135 13.71 -41.05 20.31
CA ARG C 135 13.12 -39.77 19.93
C ARG C 135 11.68 -39.68 20.40
N ALA C 136 11.32 -38.53 20.93
CA ALA C 136 9.95 -38.23 21.35
C ALA C 136 9.54 -36.91 20.72
N ARG C 137 8.29 -36.85 20.26
CA ARG C 137 7.79 -35.63 19.67
C ARG C 137 7.79 -34.51 20.69
N VAL C 138 8.16 -33.30 20.25
CA VAL C 138 8.25 -32.17 21.16
C VAL C 138 6.86 -31.83 21.68
N GLY C 139 6.73 -31.78 23.00
CA GLY C 139 5.46 -31.54 23.65
C GLY C 139 4.68 -32.80 24.00
N HIS C 140 5.15 -33.96 23.57
CA HIS C 140 4.47 -35.24 23.80
C HIS C 140 5.14 -35.89 25.00
N PHE C 141 4.56 -35.68 26.18
CA PHE C 141 5.16 -36.24 27.40
C PHE C 141 4.80 -37.70 27.62
N VAL C 142 3.74 -38.20 26.97
CA VAL C 142 3.39 -39.60 27.14
C VAL C 142 4.38 -40.50 26.41
N GLU C 143 4.85 -40.06 25.23
CA GLU C 143 5.91 -40.79 24.56
C GLU C 143 7.18 -40.78 25.41
N ALA C 144 7.46 -39.67 26.09
CA ALA C 144 8.61 -39.63 26.99
C ALA C 144 8.43 -40.57 28.17
N GLN C 145 7.21 -40.69 28.69
CA GLN C 145 6.95 -41.64 29.77
C GLN C 145 7.16 -43.07 29.28
N ILE C 146 6.68 -43.38 28.08
CA ILE C 146 6.85 -44.73 27.53
C ILE C 146 8.34 -45.03 27.33
N LEU C 147 9.10 -44.04 26.85
CA LEU C 147 10.53 -44.25 26.64
C LEU C 147 11.25 -44.44 27.97
N GLU C 148 10.91 -43.63 28.98
CA GLU C 148 11.52 -43.80 30.29
C GLU C 148 11.17 -45.15 30.90
N SER C 149 9.99 -45.68 30.60
CA SER C 149 9.64 -47.02 31.08
C SER C 149 10.52 -48.09 30.43
N LEU C 150 10.90 -47.90 29.17
CA LEU C 150 11.78 -48.84 28.48
C LEU C 150 13.23 -48.74 28.93
N ALA C 151 13.54 -47.82 29.85
CA ALA C 151 14.88 -47.67 30.42
C ALA C 151 15.91 -47.29 29.35
N VAL C 152 15.50 -46.42 28.41
CA VAL C 152 16.47 -45.87 27.46
C VAL C 152 17.42 -44.95 28.21
N ASP C 153 18.66 -44.88 27.72
CA ASP C 153 19.68 -44.11 28.42
C ASP C 153 19.45 -42.61 28.30
N TYR C 154 19.00 -42.16 27.13
CA TYR C 154 18.74 -40.75 26.90
C TYR C 154 17.49 -40.62 26.04
N ILE C 155 16.71 -39.57 26.29
CA ILE C 155 15.50 -39.30 25.53
C ILE C 155 15.71 -37.99 24.78
N ASP C 156 15.42 -38.01 23.48
CA ASP C 156 15.66 -36.86 22.62
C ASP C 156 14.32 -36.21 22.30
N GLU C 157 14.05 -35.04 22.88
CA GLU C 157 12.83 -34.30 22.57
C GLU C 157 13.01 -33.63 21.21
N SER C 158 12.79 -34.42 20.16
CA SER C 158 13.24 -34.05 18.84
C SER C 158 12.19 -33.23 18.08
N GLU C 159 12.66 -32.26 17.31
CA GLU C 159 11.80 -31.43 16.47
C GLU C 159 11.90 -31.78 14.99
N ILE C 160 12.82 -32.68 14.61
CA ILE C 160 12.84 -33.14 13.23
C ILE C 160 11.68 -34.10 12.99
N ILE C 161 11.26 -34.81 14.03
CA ILE C 161 10.01 -35.57 13.99
C ILE C 161 8.84 -34.60 14.14
N SER C 162 7.71 -34.96 13.54
CA SER C 162 6.53 -34.09 13.55
C SER C 162 6.23 -33.58 14.96
N VAL C 163 5.88 -32.31 15.05
CA VAL C 163 5.67 -31.66 16.34
C VAL C 163 4.32 -32.07 16.90
N ALA C 164 4.32 -32.45 18.18
CA ALA C 164 3.06 -32.75 18.85
C ALA C 164 2.41 -31.49 19.41
N ASP C 165 3.11 -30.78 20.29
CA ASP C 165 2.59 -29.55 20.89
C ASP C 165 3.43 -28.38 20.40
N ASP C 166 2.81 -27.49 19.63
CA ASP C 166 3.55 -26.37 19.06
C ASP C 166 3.88 -25.32 20.12
N ASP C 167 2.99 -25.12 21.08
CA ASP C 167 3.17 -24.04 22.04
C ASP C 167 4.09 -24.46 23.20
N HIS C 168 3.77 -25.57 23.86
CA HIS C 168 4.47 -25.99 25.06
C HIS C 168 5.41 -27.14 24.77
N PHE C 169 6.30 -27.40 25.71
CA PHE C 169 7.29 -28.47 25.63
C PHE C 169 7.04 -29.46 26.77
N ILE C 170 7.97 -30.40 26.93
CA ILE C 170 7.85 -31.40 27.98
C ILE C 170 8.48 -30.84 29.26
N ASN C 171 7.76 -30.98 30.38
CA ASN C 171 8.30 -30.61 31.69
C ASN C 171 9.28 -31.70 32.10
N LYS C 172 10.52 -31.55 31.64
CA LYS C 172 11.53 -32.58 31.78
C LYS C 172 12.04 -32.77 33.20
N HIS C 173 11.43 -32.10 34.19
CA HIS C 173 11.83 -32.30 35.58
C HIS C 173 11.13 -33.49 36.22
N ASN C 174 10.02 -33.96 35.64
CA ASN C 174 9.27 -35.08 36.18
C ASN C 174 9.87 -36.43 35.81
N PHE C 175 10.82 -36.47 34.88
CA PHE C 175 11.37 -37.71 34.38
C PHE C 175 12.72 -38.02 35.02
N ARG C 176 13.09 -39.29 34.97
CA ARG C 176 14.34 -39.75 35.55
C ARG C 176 15.45 -39.89 34.51
N SER C 177 15.11 -39.92 33.23
CA SER C 177 16.10 -40.09 32.19
C SER C 177 16.57 -38.74 31.67
N PRO C 178 17.84 -38.62 31.30
CA PRO C 178 18.33 -37.36 30.76
C PRO C 178 17.71 -37.05 29.40
N PHE C 179 17.55 -35.76 29.13
CA PHE C 179 16.91 -35.28 27.93
C PHE C 179 17.89 -34.50 27.05
N ILE C 180 17.70 -34.63 25.75
CA ILE C 180 18.44 -33.87 24.75
C ILE C 180 17.44 -33.00 24.00
N CYS C 181 17.67 -31.69 24.03
CA CYS C 181 16.76 -30.74 23.42
C CYS C 181 17.48 -29.96 22.33
N GLY C 182 16.75 -29.63 21.27
CA GLY C 182 17.34 -28.88 20.18
C GLY C 182 17.21 -27.38 20.40
N CYS C 183 18.15 -26.63 19.83
CA CYS C 183 18.12 -25.19 19.95
C CYS C 183 18.57 -24.57 18.63
N ARG C 184 18.37 -23.26 18.52
CA ARG C 184 18.87 -22.48 17.40
C ARG C 184 19.54 -21.18 17.82
N ASP C 185 19.53 -20.85 19.10
CA ASP C 185 20.21 -19.68 19.64
C ASP C 185 20.37 -19.88 21.13
N THR C 186 20.96 -18.88 21.80
CA THR C 186 21.18 -19.00 23.24
C THR C 186 19.88 -18.90 24.02
N GLY C 187 18.91 -18.17 23.50
CA GLY C 187 17.62 -18.09 24.19
C GLY C 187 16.95 -19.45 24.30
N GLU C 188 16.84 -20.17 23.18
CA GLU C 188 16.24 -21.50 23.20
C GLU C 188 17.06 -22.47 24.04
N ALA C 189 18.38 -22.38 23.95
CA ALA C 189 19.23 -23.27 24.76
C ALA C 189 18.98 -23.07 26.24
N LEU C 190 18.94 -21.80 26.69
CA LEU C 190 18.74 -21.54 28.11
C LEU C 190 17.32 -21.89 28.53
N ARG C 191 16.32 -21.68 27.66
CA ARG C 191 14.97 -22.08 28.00
C ARG C 191 14.87 -23.59 28.16
N ARG C 192 15.54 -24.35 27.29
CA ARG C 192 15.49 -25.81 27.39
C ARG C 192 16.23 -26.29 28.63
N ILE C 193 17.35 -25.65 28.97
CA ILE C 193 18.06 -26.04 30.18
C ILE C 193 17.22 -25.72 31.41
N ARG C 194 16.44 -24.64 31.35
CA ARG C 194 15.55 -24.31 32.46
C ARG C 194 14.42 -25.31 32.58
N GLU C 195 13.89 -25.77 31.45
CA GLU C 195 12.84 -26.79 31.50
C GLU C 195 13.36 -28.11 32.04
N GLY C 196 14.65 -28.39 31.87
CA GLY C 196 15.23 -29.58 32.45
C GLY C 196 16.09 -30.40 31.50
N ALA C 197 16.39 -29.87 30.33
CA ALA C 197 17.18 -30.59 29.34
C ALA C 197 18.61 -30.76 29.84
N ALA C 198 19.05 -32.01 29.98
CA ALA C 198 20.40 -32.29 30.44
C ALA C 198 21.43 -32.24 29.33
N MET C 199 21.02 -32.00 28.08
CA MET C 199 21.96 -31.91 26.98
C MET C 199 21.29 -31.12 25.85
N ILE C 200 22.08 -30.32 25.15
CA ILE C 200 21.56 -29.42 24.12
C ILE C 200 22.26 -29.72 22.81
N ARG C 201 21.49 -29.76 21.72
CA ARG C 201 22.04 -29.91 20.38
C ARG C 201 21.67 -28.70 19.54
N ILE C 202 22.68 -28.05 18.96
CA ILE C 202 22.48 -26.92 18.07
C ILE C 202 22.05 -27.46 16.71
N GLN C 203 20.86 -27.08 16.27
CA GLN C 203 20.22 -27.68 15.12
C GLN C 203 20.37 -26.79 13.88
N GLY C 204 20.56 -27.43 12.74
CA GLY C 204 20.63 -26.73 11.47
C GLY C 204 19.36 -26.87 10.66
N ASP C 205 19.36 -27.78 9.68
CA ASP C 205 18.22 -28.01 8.80
C ASP C 205 18.15 -29.49 8.46
N LEU C 206 17.15 -30.18 9.00
CA LEU C 206 16.91 -31.58 8.66
C LEU C 206 15.77 -31.71 7.65
N THR C 207 15.70 -32.88 7.03
CA THR C 207 14.66 -33.26 6.09
C THR C 207 14.67 -32.33 4.88
N ALA C 208 15.71 -31.52 4.72
CA ALA C 208 15.81 -30.60 3.60
C ALA C 208 16.93 -30.96 2.63
N THR C 209 18.16 -31.07 3.13
CA THR C 209 19.32 -31.36 2.30
C THR C 209 20.44 -31.85 3.20
N GLY C 210 21.64 -31.97 2.64
CA GLY C 210 22.82 -32.34 3.40
C GLY C 210 23.78 -31.18 3.56
N ASN C 211 23.26 -29.96 3.55
CA ASN C 211 24.09 -28.77 3.66
C ASN C 211 24.41 -28.47 5.11
N ILE C 212 25.54 -27.81 5.33
CA ILE C 212 26.04 -27.50 6.66
C ILE C 212 25.89 -26.02 7.00
N ALA C 213 25.23 -25.24 6.15
CA ALA C 213 25.21 -23.79 6.34
C ALA C 213 24.44 -23.38 7.59
N GLU C 214 23.22 -23.90 7.74
CA GLU C 214 22.40 -23.49 8.88
C GLU C 214 23.00 -23.96 10.19
N THR C 215 23.61 -25.15 10.20
CA THR C 215 24.21 -25.68 11.41
C THR C 215 25.36 -24.82 11.89
N VAL C 216 26.29 -24.48 10.98
CA VAL C 216 27.42 -23.66 11.37
C VAL C 216 26.96 -22.25 11.71
N LYS C 217 25.93 -21.75 11.03
CA LYS C 217 25.39 -20.44 11.36
C LYS C 217 24.85 -20.42 12.79
N ASN C 218 24.08 -21.44 13.17
CA ASN C 218 23.51 -21.48 14.51
C ASN C 218 24.60 -21.70 15.56
N VAL C 219 25.59 -22.54 15.27
CA VAL C 219 26.69 -22.76 16.21
C VAL C 219 27.45 -21.47 16.44
N ARG C 220 27.77 -20.75 15.36
CA ARG C 220 28.46 -19.47 15.49
C ARG C 220 27.62 -18.48 16.27
N SER C 221 26.31 -18.42 16.00
CA SER C 221 25.44 -17.51 16.73
C SER C 221 25.45 -17.80 18.23
N LEU C 222 25.33 -19.07 18.59
CA LEU C 222 25.28 -19.43 20.00
C LEU C 222 26.61 -19.13 20.69
N MET C 223 27.73 -19.54 20.08
CA MET C 223 29.03 -19.28 20.68
C MET C 223 29.31 -17.78 20.77
N GLY C 224 28.86 -17.01 19.78
CA GLY C 224 29.06 -15.57 19.84
C GLY C 224 28.24 -14.91 20.93
N GLU C 225 26.99 -15.34 21.09
CA GLU C 225 26.18 -14.80 22.18
C GLU C 225 26.77 -15.15 23.53
N VAL C 226 27.32 -16.37 23.67
CA VAL C 226 27.92 -16.75 24.94
C VAL C 226 29.19 -15.95 25.20
N ARG C 227 29.99 -15.69 24.16
CA ARG C 227 31.18 -14.88 24.33
C ARG C 227 30.84 -13.44 24.66
N VAL C 228 29.76 -12.91 24.09
CA VAL C 228 29.30 -11.57 24.43
C VAL C 228 28.84 -11.52 25.88
N LEU C 229 28.11 -12.55 26.32
CA LEU C 229 27.68 -12.62 27.72
C LEU C 229 28.86 -12.66 28.67
N ASN C 230 29.89 -13.44 28.34
CA ASN C 230 31.01 -13.66 29.24
C ASN C 230 31.74 -12.37 29.60
N ASN C 231 31.64 -11.33 28.76
CA ASN C 231 32.34 -10.08 28.99
C ASN C 231 31.41 -8.89 29.23
N MET C 232 30.10 -9.11 29.26
CA MET C 232 29.15 -8.03 29.38
C MET C 232 29.25 -7.36 30.75
N ASP C 233 28.82 -6.09 30.80
CA ASP C 233 28.72 -5.38 32.07
C ASP C 233 27.60 -5.97 32.92
N ASP C 234 27.80 -5.93 34.23
CA ASP C 234 26.86 -6.58 35.15
C ASP C 234 25.50 -5.90 35.12
N ASP C 235 25.47 -4.60 34.81
CA ASP C 235 24.22 -3.87 34.77
C ASP C 235 23.40 -4.22 33.53
N GLU C 236 24.03 -4.76 32.49
CA GLU C 236 23.34 -5.02 31.22
C GLU C 236 22.86 -6.46 31.09
N VAL C 237 23.19 -7.33 32.05
CA VAL C 237 22.83 -8.74 31.95
C VAL C 237 21.32 -8.90 32.00
N PHE C 238 20.65 -8.05 32.76
CA PHE C 238 19.20 -8.14 32.86
C PHE C 238 18.53 -7.79 31.54
N THR C 239 18.94 -6.69 30.93
CA THR C 239 18.39 -6.31 29.63
C THR C 239 18.73 -7.34 28.56
N PHE C 240 19.92 -7.95 28.66
CA PHE C 240 20.29 -9.00 27.72
C PHE C 240 19.39 -10.22 27.87
N ALA C 241 19.16 -10.66 29.11
CA ALA C 241 18.29 -11.80 29.36
C ALA C 241 16.87 -11.51 28.89
N LYS C 242 16.42 -10.27 29.02
CA LYS C 242 15.12 -9.91 28.49
C LYS C 242 15.12 -9.94 26.96
N LYS C 243 16.22 -9.51 26.35
CA LYS C 243 16.30 -9.46 24.89
C LYS C 243 16.28 -10.85 24.28
N ILE C 244 17.01 -11.80 24.87
CA ILE C 244 17.00 -13.18 24.39
C ILE C 244 15.92 -14.02 25.04
N SER C 245 15.13 -13.44 25.94
CA SER C 245 14.03 -14.14 26.63
C SER C 245 14.51 -15.45 27.26
N ALA C 246 15.45 -15.31 28.19
CA ALA C 246 16.01 -16.44 28.90
C ALA C 246 15.91 -16.21 30.40
N PRO C 247 15.82 -17.27 31.20
CA PRO C 247 15.83 -17.10 32.65
C PRO C 247 17.14 -16.47 33.12
N TYR C 248 17.02 -15.52 34.05
CA TYR C 248 18.20 -14.75 34.42
C TYR C 248 19.23 -15.57 35.17
N ASP C 249 18.80 -16.55 35.97
CA ASP C 249 19.76 -17.36 36.71
C ASP C 249 20.66 -18.14 35.76
N LEU C 250 20.09 -18.70 34.69
CA LEU C 250 20.89 -19.42 33.72
C LEU C 250 21.78 -18.47 32.92
N VAL C 251 21.32 -17.24 32.68
CA VAL C 251 22.15 -16.26 32.00
C VAL C 251 23.36 -15.91 32.87
N ALA C 252 23.15 -15.73 34.16
CA ALA C 252 24.26 -15.46 35.07
C ALA C 252 25.19 -16.66 35.18
N GLN C 253 24.63 -17.88 35.13
CA GLN C 253 25.48 -19.06 35.16
C GLN C 253 26.34 -19.17 33.91
N THR C 254 25.76 -18.86 32.74
CA THR C 254 26.54 -18.85 31.51
C THR C 254 27.59 -17.75 31.52
N LYS C 255 27.28 -16.62 32.17
CA LYS C 255 28.26 -15.54 32.26
C LYS C 255 29.42 -15.93 33.18
N GLN C 256 29.12 -16.61 34.28
CA GLN C 256 30.17 -16.98 35.23
C GLN C 256 30.96 -18.20 34.77
N MET C 257 30.38 -19.01 33.89
CA MET C 257 31.01 -20.26 33.48
C MET C 257 31.72 -20.16 32.14
N GLY C 258 31.27 -19.29 31.23
CA GLY C 258 31.85 -19.21 29.91
C GLY C 258 31.20 -20.09 28.86
N ARG C 259 30.43 -21.09 29.28
CA ARG C 259 29.64 -21.91 28.38
C ARG C 259 28.30 -22.17 29.05
N VAL C 260 27.34 -22.65 28.27
CA VAL C 260 26.06 -23.04 28.89
C VAL C 260 26.31 -24.26 29.77
N PRO C 261 25.62 -24.39 30.90
CA PRO C 261 25.99 -25.46 31.84
C PRO C 261 25.45 -26.83 31.44
N VAL C 262 25.58 -27.19 30.17
CA VAL C 262 25.22 -28.51 29.66
C VAL C 262 26.22 -28.90 28.57
N VAL C 263 26.00 -30.06 27.97
CA VAL C 263 26.83 -30.55 26.88
C VAL C 263 26.20 -30.15 25.56
N GLN C 264 27.00 -29.53 24.70
CA GLN C 264 26.53 -29.01 23.42
C GLN C 264 26.99 -29.93 22.30
N PHE C 265 26.04 -30.49 21.56
CA PHE C 265 26.31 -31.23 20.34
C PHE C 265 25.86 -30.39 19.14
N ALA C 266 26.25 -30.83 17.95
CA ALA C 266 25.82 -30.20 16.72
C ALA C 266 24.97 -31.19 15.91
N SER C 267 24.10 -30.65 15.07
CA SER C 267 23.28 -31.53 14.23
C SER C 267 22.93 -30.83 12.94
N GLY C 268 22.73 -31.62 11.89
CA GLY C 268 22.25 -31.11 10.62
C GLY C 268 23.30 -30.93 9.56
N GLY C 269 23.39 -31.89 8.63
CA GLY C 269 24.25 -31.76 7.48
C GLY C 269 25.64 -32.34 7.62
N ILE C 270 26.01 -32.86 8.80
CA ILE C 270 27.34 -33.42 8.97
C ILE C 270 27.45 -34.72 8.19
N THR C 271 28.21 -34.71 7.10
CA THR C 271 28.39 -35.87 6.26
C THR C 271 29.84 -36.33 6.16
N THR C 272 30.76 -35.42 5.88
CA THR C 272 32.16 -35.74 5.71
C THR C 272 32.93 -35.51 7.00
N PRO C 273 34.12 -36.11 7.14
CA PRO C 273 34.93 -35.83 8.34
C PRO C 273 35.26 -34.36 8.52
N ALA C 274 35.40 -33.62 7.42
CA ALA C 274 35.70 -32.20 7.51
C ALA C 274 34.59 -31.45 8.24
N ASP C 275 33.34 -31.82 8.01
CA ASP C 275 32.22 -31.14 8.66
C ASP C 275 32.21 -31.41 10.16
N ALA C 276 32.47 -32.65 10.56
CA ALA C 276 32.51 -32.97 11.99
C ALA C 276 33.68 -32.27 12.67
N ALA C 277 34.84 -32.24 12.01
CA ALA C 277 35.98 -31.52 12.58
C ALA C 277 35.70 -30.02 12.67
N LEU C 278 34.97 -29.46 11.70
CA LEU C 278 34.60 -28.05 11.78
C LEU C 278 33.65 -27.79 12.94
N MET C 279 32.66 -28.67 13.12
CA MET C 279 31.73 -28.52 14.24
C MET C 279 32.46 -28.64 15.58
N MET C 280 33.47 -29.51 15.65
CA MET C 280 34.21 -29.66 16.89
C MET C 280 35.26 -28.57 17.09
N GLN C 281 35.63 -27.86 16.03
CA GLN C 281 36.57 -26.75 16.17
C GLN C 281 35.88 -25.44 16.49
N LEU C 282 34.57 -25.34 16.28
CA LEU C 282 33.81 -24.16 16.68
C LEU C 282 33.47 -24.14 18.15
N GLY C 283 33.75 -25.21 18.88
CA GLY C 283 33.51 -25.27 20.31
C GLY C 283 32.51 -26.32 20.76
N CYS C 284 31.88 -27.05 19.83
CA CYS C 284 30.91 -28.06 20.22
C CYS C 284 31.61 -29.24 20.88
N ASP C 285 30.80 -30.16 21.41
CA ASP C 285 31.31 -31.33 22.10
C ASP C 285 31.08 -32.64 21.36
N GLY C 286 30.33 -32.61 20.26
CA GLY C 286 30.07 -33.82 19.49
C GLY C 286 29.17 -33.50 18.32
N VAL C 287 28.92 -34.52 17.51
CA VAL C 287 28.12 -34.39 16.31
C VAL C 287 27.02 -35.44 16.29
N PHE C 288 25.94 -35.12 15.57
CA PHE C 288 24.82 -36.03 15.34
C PHE C 288 24.89 -36.45 13.87
N VAL C 289 25.31 -37.69 13.63
CA VAL C 289 25.44 -38.20 12.28
C VAL C 289 24.15 -38.91 11.90
N GLY C 290 23.40 -38.33 10.97
CA GLY C 290 22.12 -38.87 10.59
C GLY C 290 22.23 -40.18 9.83
N SER C 291 21.07 -40.67 9.41
CA SER C 291 21.00 -41.97 8.73
C SER C 291 21.35 -41.88 7.25
N GLU C 292 21.75 -40.71 6.75
CA GLU C 292 22.12 -40.58 5.35
C GLU C 292 23.49 -41.18 5.06
N VAL C 293 24.18 -41.74 6.05
CA VAL C 293 25.48 -42.36 5.80
C VAL C 293 25.33 -43.84 5.46
N PHE C 294 24.25 -44.47 5.91
CA PHE C 294 24.09 -45.90 5.69
C PHE C 294 23.58 -46.23 4.29
N ASP C 295 23.20 -45.23 3.50
CA ASP C 295 22.78 -45.45 2.13
C ASP C 295 23.88 -45.15 1.12
N GLY C 296 25.14 -45.06 1.56
CA GLY C 296 26.25 -44.89 0.68
C GLY C 296 26.85 -46.23 0.28
N PRO C 297 27.96 -46.20 -0.46
CA PRO C 297 28.58 -47.46 -0.91
C PRO C 297 29.19 -48.26 0.23
N ASP C 298 29.84 -47.58 1.16
CA ASP C 298 30.45 -48.24 2.32
C ASP C 298 30.17 -47.40 3.57
N PRO C 299 29.18 -47.77 4.37
CA PRO C 299 28.84 -46.96 5.55
C PRO C 299 29.87 -47.05 6.65
N PHE C 300 30.52 -48.22 6.78
CA PHE C 300 31.50 -48.41 7.85
C PHE C 300 32.68 -47.47 7.71
N LYS C 301 33.19 -47.30 6.49
CA LYS C 301 34.34 -46.41 6.29
C LYS C 301 33.97 -44.98 6.62
N LYS C 302 32.80 -44.53 6.16
CA LYS C 302 32.35 -43.17 6.48
C LYS C 302 32.19 -42.97 7.97
N LEU C 303 31.59 -43.94 8.66
CA LEU C 303 31.38 -43.80 10.10
C LEU C 303 32.71 -43.77 10.84
N ARG C 304 33.63 -44.66 10.48
CA ARG C 304 34.93 -44.67 11.14
C ARG C 304 35.68 -43.37 10.89
N SER C 305 35.59 -42.83 9.67
CA SER C 305 36.27 -41.58 9.37
C SER C 305 35.68 -40.43 10.16
N ILE C 306 34.34 -40.39 10.30
CA ILE C 306 33.71 -39.34 11.08
C ILE C 306 34.11 -39.44 12.55
N VAL C 307 34.15 -40.66 13.09
CA VAL C 307 34.52 -40.83 14.49
C VAL C 307 35.96 -40.40 14.72
N GLN C 308 36.87 -40.83 13.84
CA GLN C 308 38.27 -40.44 13.98
C GLN C 308 38.46 -38.94 13.77
N ALA C 309 37.60 -38.32 12.97
CA ALA C 309 37.67 -36.87 12.80
C ALA C 309 37.24 -36.15 14.07
N VAL C 310 36.16 -36.63 14.70
CA VAL C 310 35.73 -36.03 15.96
C VAL C 310 36.79 -36.22 17.03
N GLN C 311 37.46 -37.37 17.03
CA GLN C 311 38.48 -37.62 18.05
C GLN C 311 39.73 -36.78 17.82
N HIS C 312 40.10 -36.55 16.56
CA HIS C 312 41.34 -35.85 16.24
C HIS C 312 41.07 -34.59 15.42
N TYR C 313 40.12 -33.76 15.87
CA TYR C 313 39.72 -32.59 15.10
C TYR C 313 40.82 -31.56 14.93
N ASN C 314 41.94 -31.70 15.65
CA ASN C 314 43.03 -30.73 15.56
C ASN C 314 44.15 -31.16 14.61
N ASP C 315 44.22 -32.45 14.26
CA ASP C 315 45.31 -32.93 13.42
C ASP C 315 44.87 -32.93 11.96
N PRO C 316 45.51 -32.14 11.09
CA PRO C 316 45.09 -32.12 9.69
C PRO C 316 45.51 -33.36 8.91
N HIS C 317 46.60 -34.01 9.31
CA HIS C 317 47.04 -35.21 8.59
C HIS C 317 46.06 -36.37 8.80
N VAL C 318 45.62 -36.58 10.04
CA VAL C 318 44.61 -37.60 10.29
C VAL C 318 43.32 -37.29 9.53
N LEU C 319 42.96 -36.00 9.46
CA LEU C 319 41.75 -35.62 8.73
C LEU C 319 41.89 -35.91 7.25
N ALA C 320 43.06 -35.63 6.67
CA ALA C 320 43.27 -35.92 5.26
C ALA C 320 43.32 -37.42 5.00
N GLU C 321 43.75 -38.22 5.99
CA GLU C 321 43.76 -39.65 5.82
C GLU C 321 42.36 -40.24 5.88
N MET C 322 41.53 -39.73 6.80
CA MET C 322 40.15 -40.20 6.89
C MET C 322 39.29 -39.73 5.72
N SER C 323 39.68 -38.64 5.06
CA SER C 323 38.90 -38.11 3.95
C SER C 323 39.34 -38.71 2.62
N PRO D 64 -35.70 -33.42 28.53
CA PRO D 64 -34.89 -32.65 29.47
C PRO D 64 -33.40 -32.80 29.19
N PHE D 65 -32.62 -31.78 29.54
CA PHE D 65 -31.18 -31.81 29.31
C PHE D 65 -30.46 -32.68 30.32
N SER D 66 -30.99 -32.78 31.54
CA SER D 66 -30.33 -33.58 32.58
C SER D 66 -30.29 -35.06 32.20
N VAL D 67 -31.42 -35.60 31.73
CA VAL D 67 -31.43 -37.01 31.37
C VAL D 67 -30.58 -37.26 30.13
N LYS D 68 -30.48 -36.28 29.23
CA LYS D 68 -29.64 -36.47 28.04
C LYS D 68 -28.16 -36.47 28.43
N VAL D 69 -27.76 -35.60 29.36
CA VAL D 69 -26.39 -35.65 29.87
C VAL D 69 -26.13 -36.96 30.60
N GLY D 70 -27.14 -37.46 31.32
CA GLY D 70 -26.99 -38.75 31.99
C GLY D 70 -26.77 -39.89 31.02
N LEU D 71 -27.54 -39.92 29.93
CA LEU D 71 -27.33 -40.94 28.91
C LEU D 71 -26.00 -40.77 28.20
N ALA D 72 -25.52 -39.53 28.08
CA ALA D 72 -24.29 -39.29 27.35
C ALA D 72 -23.06 -39.62 28.18
N GLN D 73 -23.15 -39.49 29.51
CA GLN D 73 -21.97 -39.67 30.35
C GLN D 73 -21.68 -41.12 30.70
N VAL D 74 -22.26 -42.08 29.96
CA VAL D 74 -21.85 -43.48 30.14
C VAL D 74 -20.64 -43.81 29.27
N LEU D 75 -20.25 -42.92 28.37
CA LEU D 75 -19.10 -43.13 27.50
C LEU D 75 -17.80 -42.67 28.14
N ARG D 76 -17.82 -42.21 29.39
CA ARG D 76 -16.62 -41.69 30.02
C ARG D 76 -15.55 -42.78 30.14
N GLY D 77 -14.34 -42.44 29.73
CA GLY D 77 -13.24 -43.38 29.81
C GLY D 77 -13.26 -44.48 28.78
N GLY D 78 -13.60 -44.15 27.52
CA GLY D 78 -13.63 -45.12 26.46
C GLY D 78 -13.25 -44.50 25.14
N ALA D 79 -13.12 -45.36 24.13
CA ALA D 79 -12.76 -44.94 22.78
C ALA D 79 -13.92 -45.19 21.84
N ILE D 80 -14.29 -44.17 21.07
CA ILE D 80 -15.38 -44.24 20.11
C ILE D 80 -14.77 -44.48 18.74
N VAL D 81 -15.06 -45.64 18.15
CA VAL D 81 -14.37 -46.07 16.93
C VAL D 81 -15.26 -45.80 15.72
N GLU D 82 -14.67 -45.25 14.66
CA GLU D 82 -15.39 -44.99 13.43
C GLU D 82 -15.39 -46.23 12.56
N VAL D 83 -16.54 -46.87 12.44
CA VAL D 83 -16.66 -48.09 11.64
C VAL D 83 -17.40 -47.75 10.35
N SER D 84 -17.30 -48.66 9.38
CA SER D 84 -17.88 -48.44 8.07
C SER D 84 -18.67 -49.63 7.54
N SER D 85 -18.75 -50.73 8.28
CA SER D 85 -19.47 -51.92 7.84
C SER D 85 -19.77 -52.78 9.04
N VAL D 86 -20.49 -53.88 8.80
CA VAL D 86 -20.85 -54.78 9.89
C VAL D 86 -19.60 -55.46 10.46
N ASN D 87 -18.66 -55.80 9.59
CA ASN D 87 -17.45 -56.49 10.03
C ASN D 87 -16.57 -55.56 10.87
N GLN D 88 -16.37 -54.33 10.43
CA GLN D 88 -15.58 -53.38 11.21
C GLN D 88 -16.28 -53.03 12.51
N ALA D 89 -17.62 -52.99 12.50
CA ALA D 89 -18.36 -52.75 13.73
C ALA D 89 -18.16 -53.90 14.72
N LYS D 90 -18.25 -55.14 14.26
CA LYS D 90 -18.00 -56.28 15.14
C LYS D 90 -16.58 -56.28 15.65
N LEU D 91 -15.62 -55.87 14.81
CA LEU D 91 -14.22 -55.80 15.23
C LEU D 91 -14.04 -54.76 16.32
N ALA D 92 -14.62 -53.57 16.14
CA ALA D 92 -14.49 -52.53 17.14
C ALA D 92 -15.23 -52.88 18.43
N GLU D 93 -16.30 -53.68 18.33
CA GLU D 93 -16.97 -54.14 19.54
C GLU D 93 -16.14 -55.17 20.28
N SER D 94 -15.53 -56.10 19.54
CA SER D 94 -14.70 -57.13 20.17
C SER D 94 -13.42 -56.54 20.75
N ALA D 95 -12.94 -55.43 20.18
CA ALA D 95 -11.76 -54.78 20.74
C ALA D 95 -12.06 -54.18 22.11
N GLY D 96 -13.28 -53.67 22.30
CA GLY D 96 -13.66 -53.11 23.58
C GLY D 96 -14.03 -51.64 23.51
N ALA D 97 -14.45 -51.17 22.34
CA ALA D 97 -14.84 -49.78 22.19
C ALA D 97 -16.13 -49.49 22.95
N CYS D 98 -16.25 -48.27 23.44
CA CYS D 98 -17.46 -47.87 24.15
C CYS D 98 -18.62 -47.60 23.20
N SER D 99 -18.33 -47.19 21.96
CA SER D 99 -19.39 -46.95 20.98
C SER D 99 -18.75 -46.91 19.60
N VAL D 100 -19.60 -47.09 18.59
CA VAL D 100 -19.15 -47.12 17.20
C VAL D 100 -19.92 -46.05 16.43
N ILE D 101 -19.20 -45.14 15.80
CA ILE D 101 -19.80 -44.10 14.97
C ILE D 101 -19.72 -44.53 13.52
N VAL D 102 -20.83 -44.41 12.80
CA VAL D 102 -21.01 -45.06 11.51
C VAL D 102 -20.67 -44.09 10.39
N SER D 103 -19.88 -44.57 9.42
CA SER D 103 -19.62 -43.87 8.17
C SER D 103 -19.92 -44.82 7.03
N ASP D 104 -20.79 -44.40 6.10
CA ASP D 104 -21.33 -45.34 5.12
C ASP D 104 -20.29 -45.85 4.13
N PRO D 105 -19.39 -45.04 3.56
CA PRO D 105 -18.60 -45.52 2.44
C PRO D 105 -17.38 -46.31 2.89
N VAL D 106 -16.88 -47.13 1.97
CA VAL D 106 -15.58 -47.77 2.19
C VAL D 106 -14.46 -46.78 1.90
N ARG D 107 -14.67 -45.89 0.93
CA ARG D 107 -13.70 -44.87 0.58
C ARG D 107 -14.46 -43.61 0.20
N SER D 108 -13.82 -42.47 0.40
CA SER D 108 -14.35 -41.17 0.00
C SER D 108 -13.51 -40.66 -1.17
N ARG D 109 -14.08 -40.69 -2.37
CA ARG D 109 -13.36 -40.35 -3.59
C ARG D 109 -13.46 -38.85 -3.84
N GLY D 110 -13.03 -38.07 -2.84
CA GLY D 110 -12.98 -36.63 -2.96
C GLY D 110 -14.31 -35.97 -3.27
N GLY D 111 -15.42 -36.57 -2.82
CA GLY D 111 -16.74 -36.04 -3.07
C GLY D 111 -17.34 -35.37 -1.84
N VAL D 112 -18.65 -35.19 -1.90
CA VAL D 112 -19.40 -34.62 -0.79
C VAL D 112 -19.96 -35.76 0.05
N ARG D 113 -19.67 -35.74 1.34
CA ARG D 113 -20.15 -36.74 2.27
C ARG D 113 -21.39 -36.23 3.00
N ARG D 114 -22.18 -37.18 3.52
CA ARG D 114 -23.42 -36.85 4.19
C ARG D 114 -23.78 -37.98 5.15
N MET D 115 -25.00 -37.93 5.67
CA MET D 115 -25.45 -38.93 6.63
C MET D 115 -25.39 -40.33 6.03
N PRO D 116 -24.98 -41.34 6.79
CA PRO D 116 -24.91 -42.69 6.24
C PRO D 116 -26.28 -43.22 5.84
N ASP D 117 -26.27 -44.22 4.96
CA ASP D 117 -27.51 -44.78 4.45
C ASP D 117 -28.19 -45.60 5.54
N PRO D 118 -29.51 -45.46 5.71
CA PRO D 118 -30.17 -46.02 6.91
C PRO D 118 -30.04 -47.53 7.06
N VAL D 119 -29.97 -48.30 5.97
CA VAL D 119 -29.92 -49.74 6.14
C VAL D 119 -28.58 -50.16 6.73
N LEU D 120 -27.52 -49.42 6.43
CA LEU D 120 -26.23 -49.71 7.05
C LEU D 120 -26.28 -49.44 8.55
N ILE D 121 -26.95 -48.36 8.95
CA ILE D 121 -27.09 -48.08 10.38
C ILE D 121 -27.92 -49.16 11.06
N LYS D 122 -28.98 -49.62 10.40
CA LYS D 122 -29.80 -50.68 10.98
C LYS D 122 -29.00 -51.97 11.13
N GLU D 123 -28.20 -52.31 10.11
CA GLU D 123 -27.38 -53.51 10.20
C GLU D 123 -26.35 -53.40 11.32
N VAL D 124 -25.66 -52.27 11.42
CA VAL D 124 -24.66 -52.09 12.47
C VAL D 124 -25.32 -52.15 13.85
N LYS D 125 -26.50 -51.53 13.98
CA LYS D 125 -27.18 -51.52 15.26
C LYS D 125 -27.69 -52.91 15.64
N ARG D 126 -28.04 -53.73 14.65
CA ARG D 126 -28.45 -55.09 14.94
C ARG D 126 -27.26 -55.98 15.26
N ALA D 127 -26.09 -55.68 14.70
CA ALA D 127 -24.93 -56.53 14.90
C ALA D 127 -24.32 -56.33 16.29
N VAL D 128 -23.85 -55.12 16.57
CA VAL D 128 -23.16 -54.83 17.81
C VAL D 128 -24.16 -54.43 18.89
N SER D 129 -23.76 -54.60 20.14
CA SER D 129 -24.58 -54.20 21.28
C SER D 129 -24.13 -52.91 21.93
N VAL D 130 -22.95 -52.40 21.57
CA VAL D 130 -22.44 -51.13 22.07
C VAL D 130 -23.26 -50.01 21.42
N PRO D 131 -23.30 -48.81 22.00
CA PRO D 131 -24.03 -47.71 21.36
C PRO D 131 -23.53 -47.44 19.95
N VAL D 132 -24.47 -47.11 19.07
CA VAL D 132 -24.20 -46.82 17.67
C VAL D 132 -24.54 -45.36 17.41
N MET D 133 -23.51 -44.57 17.14
CA MET D 133 -23.70 -43.17 16.78
C MET D 133 -24.02 -43.05 15.31
N ALA D 134 -24.19 -41.81 14.85
CA ALA D 134 -24.42 -41.52 13.45
C ALA D 134 -24.07 -40.06 13.22
N ARG D 135 -23.72 -39.73 11.99
CA ARG D 135 -23.25 -38.40 11.65
C ARG D 135 -24.31 -37.66 10.86
N ALA D 136 -24.50 -36.39 11.21
CA ALA D 136 -25.40 -35.50 10.51
C ALA D 136 -24.65 -34.22 10.16
N ARG D 137 -24.90 -33.71 8.96
CA ARG D 137 -24.24 -32.48 8.54
C ARG D 137 -24.66 -31.33 9.45
N VAL D 138 -23.69 -30.47 9.78
CA VAL D 138 -23.96 -29.37 10.69
C VAL D 138 -24.94 -28.41 10.04
N GLY D 139 -26.03 -28.12 10.75
CA GLY D 139 -27.09 -27.29 10.23
C GLY D 139 -28.20 -28.04 9.53
N HIS D 140 -28.05 -29.35 9.31
CA HIS D 140 -29.03 -30.17 8.61
C HIS D 140 -29.88 -30.87 9.67
N PHE D 141 -31.03 -30.27 9.99
CA PHE D 141 -31.88 -30.85 11.03
C PHE D 141 -32.76 -31.98 10.51
N VAL D 142 -32.95 -32.08 9.19
CA VAL D 142 -33.76 -33.17 8.66
C VAL D 142 -33.00 -34.49 8.73
N GLU D 143 -31.69 -34.45 8.49
CA GLU D 143 -30.89 -35.65 8.71
C GLU D 143 -30.91 -36.06 10.18
N ALA D 144 -30.92 -35.09 11.08
CA ALA D 144 -31.03 -35.41 12.51
C ALA D 144 -32.38 -36.01 12.84
N GLN D 145 -33.45 -35.53 12.19
CA GLN D 145 -34.77 -36.13 12.39
C GLN D 145 -34.80 -37.57 11.89
N ILE D 146 -34.20 -37.81 10.73
CA ILE D 146 -34.16 -39.16 10.18
C ILE D 146 -33.36 -40.08 11.09
N LEU D 147 -32.24 -39.59 11.64
CA LEU D 147 -31.44 -40.40 12.55
C LEU D 147 -32.19 -40.69 13.84
N GLU D 148 -32.87 -39.68 14.39
CA GLU D 148 -33.66 -39.90 15.59
C GLU D 148 -34.79 -40.89 15.35
N SER D 149 -35.34 -40.91 14.13
CA SER D 149 -36.36 -41.90 13.80
C SER D 149 -35.80 -43.32 13.80
N LEU D 150 -34.54 -43.49 13.39
CA LEU D 150 -33.90 -44.80 13.39
C LEU D 150 -33.48 -45.24 14.79
N ALA D 151 -33.73 -44.43 15.81
CA ALA D 151 -33.45 -44.77 17.21
C ALA D 151 -31.95 -45.00 17.43
N VAL D 152 -31.11 -44.20 16.80
CA VAL D 152 -29.68 -44.23 17.11
C VAL D 152 -29.47 -43.70 18.52
N ASP D 153 -28.44 -44.22 19.18
CA ASP D 153 -28.21 -43.88 20.58
C ASP D 153 -27.69 -42.44 20.71
N TYR D 154 -26.83 -42.02 19.80
CA TYR D 154 -26.27 -40.67 19.82
C TYR D 154 -26.17 -40.14 18.40
N ILE D 155 -26.40 -38.84 18.23
CA ILE D 155 -26.31 -38.20 16.93
C ILE D 155 -25.15 -37.21 16.97
N ASP D 156 -24.27 -37.29 15.99
CA ASP D 156 -23.06 -36.48 15.94
C ASP D 156 -23.25 -35.38 14.90
N GLU D 157 -23.42 -34.14 15.35
CA GLU D 157 -23.53 -33.00 14.45
C GLU D 157 -22.13 -32.67 13.94
N SER D 158 -21.70 -33.42 12.94
CA SER D 158 -20.29 -33.46 12.58
C SER D 158 -19.94 -32.40 11.55
N GLU D 159 -18.74 -31.83 11.69
CA GLU D 159 -18.22 -30.85 10.75
C GLU D 159 -17.12 -31.40 9.86
N ILE D 160 -16.68 -32.65 10.09
CA ILE D 160 -15.75 -33.26 9.15
C ILE D 160 -16.49 -33.66 7.88
N ILE D 161 -17.78 -33.99 8.00
CA ILE D 161 -18.63 -34.15 6.84
C ILE D 161 -19.00 -32.77 6.30
N SER D 162 -19.22 -32.70 4.99
CA SER D 162 -19.51 -31.42 4.33
C SER D 162 -20.58 -30.65 5.07
N VAL D 163 -20.37 -29.35 5.20
CA VAL D 163 -21.26 -28.49 5.98
C VAL D 163 -22.53 -28.22 5.20
N ALA D 164 -23.69 -28.38 5.85
CA ALA D 164 -24.95 -28.03 5.22
C ALA D 164 -25.26 -26.55 5.39
N ASP D 165 -25.35 -26.07 6.63
CA ASP D 165 -25.65 -24.69 6.93
C ASP D 165 -24.43 -24.05 7.58
N ASP D 166 -23.81 -23.10 6.88
CA ASP D 166 -22.59 -22.48 7.38
C ASP D 166 -22.88 -21.54 8.55
N ASP D 167 -24.02 -20.85 8.50
CA ASP D 167 -24.30 -19.82 9.50
C ASP D 167 -24.90 -20.43 10.77
N HIS D 168 -25.98 -21.19 10.64
CA HIS D 168 -26.72 -21.70 11.78
C HIS D 168 -26.43 -23.17 12.01
N PHE D 169 -26.82 -23.65 13.18
CA PHE D 169 -26.65 -25.03 13.61
C PHE D 169 -28.02 -25.65 13.85
N ILE D 170 -28.02 -26.87 14.39
CA ILE D 170 -29.27 -27.56 14.68
C ILE D 170 -29.76 -27.15 16.07
N ASN D 171 -31.05 -26.82 16.16
CA ASN D 171 -31.68 -26.53 17.44
C ASN D 171 -31.90 -27.86 18.15
N LYS D 172 -30.86 -28.31 18.85
CA LYS D 172 -30.83 -29.64 19.43
C LYS D 172 -31.77 -29.82 20.61
N HIS D 173 -32.61 -28.83 20.92
CA HIS D 173 -33.58 -28.99 22.00
C HIS D 173 -34.85 -29.68 21.54
N ASN D 174 -35.12 -29.71 20.24
CA ASN D 174 -36.33 -30.32 19.72
C ASN D 174 -36.21 -31.84 19.58
N PHE D 175 -35.02 -32.40 19.73
CA PHE D 175 -34.78 -33.81 19.52
C PHE D 175 -34.73 -34.56 20.85
N ARG D 176 -34.96 -35.87 20.77
CA ARG D 176 -34.95 -36.73 21.94
C ARG D 176 -33.63 -37.46 22.13
N SER D 177 -32.80 -37.53 21.08
CA SER D 177 -31.54 -38.25 21.17
C SER D 177 -30.41 -37.29 21.56
N PRO D 178 -29.44 -37.77 22.34
CA PRO D 178 -28.31 -36.92 22.72
C PRO D 178 -27.45 -36.57 21.52
N PHE D 179 -26.85 -35.38 21.57
CA PHE D 179 -26.06 -34.85 20.48
C PHE D 179 -24.60 -34.69 20.90
N ILE D 180 -23.71 -34.89 19.94
CA ILE D 180 -22.28 -34.67 20.11
C ILE D 180 -21.88 -33.57 19.13
N CYS D 181 -21.32 -32.50 19.66
CA CYS D 181 -20.96 -31.34 18.85
C CYS D 181 -19.46 -31.10 18.95
N GLY D 182 -18.87 -30.65 17.85
CA GLY D 182 -17.45 -30.36 17.84
C GLY D 182 -17.16 -28.93 18.27
N CYS D 183 -15.97 -28.75 18.83
CA CYS D 183 -15.56 -27.41 19.25
C CYS D 183 -14.08 -27.23 18.98
N ARG D 184 -13.63 -25.98 19.10
CA ARG D 184 -12.22 -25.65 19.00
C ARG D 184 -11.74 -24.71 20.10
N ASP D 185 -12.64 -24.22 20.95
CA ASP D 185 -12.30 -23.40 22.09
C ASP D 185 -13.48 -23.42 23.06
N THR D 186 -13.35 -22.69 24.17
CA THR D 186 -14.42 -22.69 25.16
C THR D 186 -15.66 -21.95 24.67
N GLY D 187 -15.48 -20.94 23.81
CA GLY D 187 -16.63 -20.26 23.27
C GLY D 187 -17.54 -21.17 22.47
N GLU D 188 -16.96 -21.94 21.54
CA GLU D 188 -17.75 -22.86 20.74
C GLU D 188 -18.36 -23.95 21.62
N ALA D 189 -17.59 -24.45 22.59
CA ALA D 189 -18.11 -25.49 23.48
C ALA D 189 -19.34 -25.00 24.23
N LEU D 190 -19.26 -23.79 24.80
CA LEU D 190 -20.39 -23.26 25.56
C LEU D 190 -21.57 -22.94 24.66
N ARG D 191 -21.30 -22.44 23.44
CA ARG D 191 -22.39 -22.19 22.51
C ARG D 191 -23.11 -23.48 22.13
N ARG D 192 -22.35 -24.56 21.91
CA ARG D 192 -22.97 -25.83 21.57
C ARG D 192 -23.74 -26.41 22.74
N ILE D 193 -23.23 -26.25 23.95
CA ILE D 193 -23.97 -26.72 25.13
C ILE D 193 -25.24 -25.92 25.31
N ARG D 194 -25.20 -24.63 24.96
CA ARG D 194 -26.40 -23.81 25.04
C ARG D 194 -27.42 -24.22 24.00
N GLU D 195 -26.96 -24.57 22.79
CA GLU D 195 -27.89 -25.03 21.76
C GLU D 195 -28.53 -26.36 22.14
N GLY D 196 -27.85 -27.17 22.94
CA GLY D 196 -28.43 -28.41 23.42
C GLY D 196 -27.55 -29.64 23.28
N ALA D 197 -26.28 -29.45 22.94
CA ALA D 197 -25.36 -30.57 22.76
C ALA D 197 -25.10 -31.25 24.10
N ALA D 198 -25.44 -32.53 24.19
CA ALA D 198 -25.22 -33.29 25.41
C ALA D 198 -23.81 -33.83 25.54
N MET D 199 -22.94 -33.61 24.55
CA MET D 199 -21.57 -34.08 24.61
C MET D 199 -20.74 -33.26 23.63
N ILE D 200 -19.50 -32.95 24.02
CA ILE D 200 -18.63 -32.07 23.26
C ILE D 200 -17.36 -32.82 22.92
N ARG D 201 -16.90 -32.68 21.67
CA ARG D 201 -15.62 -33.23 21.26
C ARG D 201 -14.72 -32.11 20.78
N ILE D 202 -13.52 -32.04 21.36
CA ILE D 202 -12.52 -31.06 20.97
C ILE D 202 -11.86 -31.55 19.70
N GLN D 203 -11.97 -30.77 18.64
CA GLN D 203 -11.59 -31.20 17.30
C GLN D 203 -10.22 -30.64 16.91
N GLY D 204 -9.46 -31.45 16.18
CA GLY D 204 -8.17 -31.03 15.67
C GLY D 204 -8.23 -30.73 14.18
N ASP D 205 -7.77 -31.68 13.37
CA ASP D 205 -7.74 -31.53 11.92
C ASP D 205 -8.03 -32.88 11.27
N LEU D 206 -9.20 -32.99 10.64
CA LEU D 206 -9.55 -34.20 9.91
C LEU D 206 -9.38 -33.98 8.41
N THR D 207 -9.33 -35.10 7.68
CA THR D 207 -9.25 -35.12 6.22
C THR D 207 -7.96 -34.46 5.74
N ALA D 208 -7.02 -34.20 6.66
CA ALA D 208 -5.76 -33.56 6.30
C ALA D 208 -4.56 -34.48 6.48
N THR D 209 -4.38 -35.04 7.66
CA THR D 209 -3.25 -35.90 7.97
C THR D 209 -3.57 -36.69 9.24
N GLY D 210 -2.57 -37.37 9.78
CA GLY D 210 -2.71 -38.09 11.02
C GLY D 210 -1.94 -37.43 12.16
N ASN D 211 -1.76 -36.12 12.06
CA ASN D 211 -1.00 -35.39 13.07
C ASN D 211 -1.89 -35.04 14.27
N ILE D 212 -1.25 -34.90 15.42
CA ILE D 212 -1.94 -34.65 16.69
C ILE D 212 -1.76 -33.21 17.16
N ALA D 213 -1.14 -32.34 16.35
CA ALA D 213 -0.77 -31.02 16.82
C ALA D 213 -2.01 -30.16 17.09
N GLU D 214 -2.92 -30.08 16.13
CA GLU D 214 -4.08 -29.21 16.31
C GLU D 214 -4.99 -29.72 17.43
N THR D 215 -5.11 -31.03 17.58
CA THR D 215 -5.96 -31.59 18.61
C THR D 215 -5.44 -31.23 20.00
N VAL D 216 -4.15 -31.46 20.24
CA VAL D 216 -3.59 -31.13 21.56
C VAL D 216 -3.59 -29.63 21.77
N LYS D 217 -3.40 -28.85 20.71
CA LYS D 217 -3.46 -27.39 20.85
C LYS D 217 -4.84 -26.95 21.30
N ASN D 218 -5.89 -27.49 20.68
CA ASN D 218 -7.25 -27.10 21.05
C ASN D 218 -7.61 -27.61 22.44
N VAL D 219 -7.18 -28.82 22.80
CA VAL D 219 -7.46 -29.34 24.13
C VAL D 219 -6.79 -28.47 25.19
N ARG D 220 -5.53 -28.12 24.97
CA ARG D 220 -4.82 -27.24 25.89
C ARG D 220 -5.51 -25.89 25.99
N SER D 221 -5.94 -25.32 24.85
CA SER D 221 -6.62 -24.03 24.87
C SER D 221 -7.90 -24.09 25.71
N LEU D 222 -8.71 -25.14 25.50
CA LEU D 222 -9.97 -25.25 26.21
C LEU D 222 -9.74 -25.45 27.71
N MET D 223 -8.84 -26.36 28.08
CA MET D 223 -8.57 -26.59 29.49
C MET D 223 -7.97 -25.35 30.15
N GLY D 224 -7.14 -24.60 29.43
CA GLY D 224 -6.57 -23.39 29.98
C GLY D 224 -7.60 -22.30 30.18
N GLU D 225 -8.52 -22.14 29.23
CA GLU D 225 -9.59 -21.16 29.40
C GLU D 225 -10.48 -21.55 30.57
N VAL D 226 -10.74 -22.84 30.75
CA VAL D 226 -11.58 -23.26 31.87
C VAL D 226 -10.87 -23.04 33.19
N ARG D 227 -9.55 -23.29 33.24
CA ARG D 227 -8.80 -23.04 34.46
C ARG D 227 -8.71 -21.55 34.78
N VAL D 228 -8.63 -20.71 33.74
CA VAL D 228 -8.65 -19.26 33.96
C VAL D 228 -10.00 -18.82 34.50
N LEU D 229 -11.08 -19.38 33.94
CA LEU D 229 -12.41 -19.07 34.43
C LEU D 229 -12.59 -19.48 35.88
N ASN D 230 -12.09 -20.65 36.25
CA ASN D 230 -12.31 -21.18 37.59
C ASN D 230 -11.78 -20.28 38.69
N ASN D 231 -10.80 -19.43 38.38
CA ASN D 231 -10.18 -18.57 39.38
C ASN D 231 -10.42 -17.08 39.13
N MET D 232 -11.16 -16.72 38.10
CA MET D 232 -11.37 -15.33 37.73
C MET D 232 -12.15 -14.59 38.81
N ASP D 233 -11.97 -13.27 38.84
CA ASP D 233 -12.74 -12.42 39.71
C ASP D 233 -14.19 -12.35 39.22
N ASP D 234 -15.12 -12.22 40.17
CA ASP D 234 -16.54 -12.28 39.84
C ASP D 234 -16.96 -11.10 38.98
N ASP D 235 -16.26 -9.97 39.11
CA ASP D 235 -16.59 -8.80 38.32
C ASP D 235 -16.16 -8.94 36.86
N GLU D 236 -15.21 -9.82 36.58
CA GLU D 236 -14.66 -9.96 35.23
C GLU D 236 -15.30 -11.06 34.42
N VAL D 237 -16.20 -11.85 35.01
CA VAL D 237 -16.80 -12.97 34.31
C VAL D 237 -17.66 -12.48 33.15
N PHE D 238 -18.29 -11.31 33.32
CA PHE D 238 -19.14 -10.78 32.26
C PHE D 238 -18.30 -10.37 31.05
N THR D 239 -17.21 -9.64 31.28
CA THR D 239 -16.34 -9.25 30.18
C THR D 239 -15.69 -10.47 29.54
N PHE D 240 -15.39 -11.50 30.34
CA PHE D 240 -14.84 -12.73 29.79
C PHE D 240 -15.84 -13.42 28.88
N ALA D 241 -17.09 -13.55 29.32
CA ALA D 241 -18.13 -14.17 28.51
C ALA D 241 -18.36 -13.38 27.24
N LYS D 242 -18.25 -12.05 27.31
CA LYS D 242 -18.36 -11.25 26.09
C LYS D 242 -17.16 -11.50 25.17
N LYS D 243 -15.97 -11.65 25.75
CA LYS D 243 -14.78 -11.86 24.95
C LYS D 243 -14.80 -13.18 24.21
N ILE D 244 -15.23 -14.26 24.86
CA ILE D 244 -15.34 -15.55 24.21
C ILE D 244 -16.70 -15.77 23.56
N SER D 245 -17.61 -14.80 23.66
CA SER D 245 -18.95 -14.85 23.05
C SER D 245 -19.67 -16.14 23.45
N ALA D 246 -19.88 -16.29 24.75
CA ALA D 246 -20.57 -17.44 25.31
C ALA D 246 -21.71 -16.98 26.19
N PRO D 247 -22.76 -17.79 26.33
CA PRO D 247 -23.85 -17.43 27.25
C PRO D 247 -23.35 -17.36 28.68
N TYR D 248 -23.79 -16.33 29.40
CA TYR D 248 -23.22 -16.07 30.73
C TYR D 248 -23.59 -17.14 31.72
N ASP D 249 -24.78 -17.73 31.62
CA ASP D 249 -25.17 -18.76 32.59
C ASP D 249 -24.25 -19.97 32.49
N LEU D 250 -23.90 -20.37 31.27
CA LEU D 250 -22.98 -21.49 31.11
C LEU D 250 -21.56 -21.12 31.55
N VAL D 251 -21.17 -19.86 31.38
CA VAL D 251 -19.86 -19.42 31.87
C VAL D 251 -19.82 -19.50 33.39
N ALA D 252 -20.89 -19.07 34.05
CA ALA D 252 -20.94 -19.17 35.50
C ALA D 252 -21.00 -20.62 35.96
N GLN D 253 -21.66 -21.48 35.20
CA GLN D 253 -21.69 -22.91 35.55
C GLN D 253 -20.30 -23.53 35.41
N THR D 254 -19.56 -23.17 34.36
CA THR D 254 -18.21 -23.65 34.20
C THR D 254 -17.29 -23.11 35.29
N LYS D 255 -17.55 -21.88 35.75
CA LYS D 255 -16.76 -21.31 36.82
C LYS D 255 -17.02 -22.01 38.15
N GLN D 256 -18.30 -22.35 38.41
CA GLN D 256 -18.64 -22.98 39.67
C GLN D 256 -18.31 -24.47 39.68
N MET D 257 -18.21 -25.09 38.50
CA MET D 257 -18.01 -26.53 38.41
C MET D 257 -16.56 -26.93 38.17
N GLY D 258 -15.76 -26.09 37.51
CA GLY D 258 -14.40 -26.43 37.18
C GLY D 258 -14.22 -27.09 35.83
N ARG D 259 -15.29 -27.60 35.23
CA ARG D 259 -15.27 -28.13 33.88
C ARG D 259 -16.56 -27.71 33.20
N VAL D 260 -16.59 -27.84 31.88
CA VAL D 260 -17.86 -27.57 31.19
C VAL D 260 -18.88 -28.65 31.58
N PRO D 261 -20.16 -28.33 31.70
CA PRO D 261 -21.10 -29.31 32.26
C PRO D 261 -21.54 -30.38 31.26
N VAL D 262 -20.60 -30.93 30.50
CA VAL D 262 -20.84 -32.02 29.58
C VAL D 262 -19.63 -32.94 29.58
N VAL D 263 -19.68 -33.98 28.75
CA VAL D 263 -18.58 -34.92 28.61
C VAL D 263 -17.71 -34.48 27.43
N GLN D 264 -16.41 -34.38 27.69
CA GLN D 264 -15.44 -33.89 26.70
C GLN D 264 -14.66 -35.06 26.14
N PHE D 265 -14.75 -35.27 24.83
CA PHE D 265 -13.92 -36.21 24.11
C PHE D 265 -12.91 -35.44 23.26
N ALA D 266 -11.92 -36.17 22.73
CA ALA D 266 -10.94 -35.59 21.83
C ALA D 266 -11.09 -36.22 20.46
N SER D 267 -10.67 -35.50 19.42
CA SER D 267 -10.73 -36.06 18.08
C SER D 267 -9.64 -35.45 17.22
N GLY D 268 -9.19 -36.23 16.23
CA GLY D 268 -8.26 -35.74 15.24
C GLY D 268 -6.82 -36.17 15.45
N GLY D 269 -6.39 -37.19 14.71
CA GLY D 269 -5.00 -37.61 14.71
C GLY D 269 -4.62 -38.70 15.69
N ILE D 270 -5.54 -39.15 16.53
CA ILE D 270 -5.22 -40.19 17.50
C ILE D 270 -5.02 -41.50 16.78
N THR D 271 -3.77 -41.96 16.70
CA THR D 271 -3.43 -43.20 16.03
C THR D 271 -2.79 -44.23 16.95
N THR D 272 -1.78 -43.85 17.72
CA THR D 272 -1.05 -44.74 18.59
C THR D 272 -1.61 -44.68 20.01
N PRO D 273 -1.34 -45.69 20.84
CA PRO D 273 -1.78 -45.61 22.23
C PRO D 273 -1.22 -44.41 22.98
N ALA D 274 -0.02 -43.96 22.61
CA ALA D 274 0.56 -42.80 23.27
C ALA D 274 -0.30 -41.56 23.07
N ASP D 275 -0.88 -41.40 21.87
CA ASP D 275 -1.71 -40.23 21.61
C ASP D 275 -3.00 -40.25 22.42
N ALA D 276 -3.63 -41.43 22.53
CA ALA D 276 -4.84 -41.53 23.33
C ALA D 276 -4.54 -41.30 24.82
N ALA D 277 -3.42 -41.84 25.31
CA ALA D 277 -3.05 -41.60 26.70
C ALA D 277 -2.73 -40.12 26.93
N LEU D 278 -2.13 -39.45 25.95
CA LEU D 278 -1.88 -38.03 26.07
C LEU D 278 -3.17 -37.24 26.12
N MET D 279 -4.13 -37.58 25.25
CA MET D 279 -5.42 -36.90 25.26
C MET D 279 -6.16 -37.12 26.58
N MET D 280 -6.02 -38.32 27.16
CA MET D 280 -6.68 -38.60 28.43
C MET D 280 -5.92 -38.04 29.63
N GLN D 281 -4.65 -37.69 29.46
CA GLN D 281 -3.89 -37.07 30.54
C GLN D 281 -4.03 -35.56 30.56
N LEU D 282 -4.48 -34.96 29.47
CA LEU D 282 -4.74 -33.52 29.43
C LEU D 282 -6.07 -33.16 30.07
N GLY D 283 -6.90 -34.14 30.43
CA GLY D 283 -8.16 -33.89 31.09
C GLY D 283 -9.38 -34.35 30.33
N CYS D 284 -9.24 -34.87 29.11
CA CYS D 284 -10.39 -35.31 28.34
C CYS D 284 -10.98 -36.57 28.97
N ASP D 285 -12.13 -36.99 28.42
CA ASP D 285 -12.84 -38.16 28.93
C ASP D 285 -12.83 -39.33 27.96
N GLY D 286 -12.33 -39.15 26.74
CA GLY D 286 -12.29 -40.23 25.77
C GLY D 286 -11.70 -39.73 24.47
N VAL D 287 -11.55 -40.66 23.53
CA VAL D 287 -10.96 -40.36 22.24
C VAL D 287 -11.87 -40.84 21.12
N PHE D 288 -11.72 -40.21 19.96
CA PHE D 288 -12.43 -40.59 18.73
C PHE D 288 -11.39 -41.20 17.79
N VAL D 289 -11.43 -42.52 17.65
CA VAL D 289 -10.48 -43.21 16.80
C VAL D 289 -11.08 -43.38 15.41
N GLY D 290 -10.52 -42.67 14.44
CA GLY D 290 -11.06 -42.65 13.10
C GLY D 290 -10.86 -43.99 12.39
N SER D 291 -11.29 -44.01 11.13
CA SER D 291 -11.25 -45.22 10.32
C SER D 291 -9.88 -45.51 9.72
N GLU D 292 -8.87 -44.69 10.04
CA GLU D 292 -7.54 -44.93 9.52
C GLU D 292 -6.82 -46.08 10.21
N VAL D 293 -7.47 -46.73 11.18
CA VAL D 293 -6.85 -47.86 11.86
C VAL D 293 -7.16 -49.17 11.16
N PHE D 294 -8.30 -49.23 10.44
CA PHE D 294 -8.71 -50.47 9.81
C PHE D 294 -7.98 -50.75 8.51
N ASP D 295 -7.19 -49.80 8.01
CA ASP D 295 -6.39 -50.02 6.81
C ASP D 295 -4.94 -50.35 7.11
N GLY D 296 -4.63 -50.73 8.35
CA GLY D 296 -3.31 -51.18 8.71
C GLY D 296 -3.17 -52.67 8.57
N PRO D 297 -2.02 -53.22 8.98
CA PRO D 297 -1.80 -54.66 8.85
C PRO D 297 -2.69 -55.48 9.78
N ASP D 298 -2.86 -55.02 11.01
CA ASP D 298 -3.70 -55.70 12.00
C ASP D 298 -4.53 -54.67 12.75
N PRO D 299 -5.79 -54.47 12.38
CA PRO D 299 -6.60 -53.43 13.04
C PRO D 299 -6.98 -53.81 14.47
N PHE D 300 -7.17 -55.11 14.73
CA PHE D 300 -7.59 -55.53 16.05
C PHE D 300 -6.54 -55.21 17.11
N LYS D 301 -5.27 -55.44 16.81
CA LYS D 301 -4.22 -55.15 17.79
C LYS D 301 -4.16 -53.66 18.09
N LYS D 302 -4.23 -52.83 17.05
CA LYS D 302 -4.20 -51.38 17.25
C LYS D 302 -5.40 -50.92 18.08
N LEU D 303 -6.59 -51.44 17.78
CA LEU D 303 -7.78 -51.03 18.52
C LEU D 303 -7.70 -51.46 19.98
N ARG D 304 -7.26 -52.70 20.23
CA ARG D 304 -7.13 -53.17 21.61
C ARG D 304 -6.09 -52.35 22.37
N SER D 305 -4.99 -51.99 21.70
CA SER D 305 -3.96 -51.19 22.37
C SER D 305 -4.48 -49.80 22.69
N ILE D 306 -5.24 -49.20 21.77
CA ILE D 306 -5.79 -47.88 22.03
C ILE D 306 -6.79 -47.93 23.20
N VAL D 307 -7.62 -48.96 23.23
CA VAL D 307 -8.62 -49.08 24.30
C VAL D 307 -7.92 -49.27 25.65
N GLN D 308 -6.92 -50.15 25.70
CA GLN D 308 -6.20 -50.38 26.94
C GLN D 308 -5.40 -49.14 27.35
N ALA D 309 -4.97 -48.33 26.38
CA ALA D 309 -4.29 -47.08 26.71
C ALA D 309 -5.24 -46.08 27.33
N VAL D 310 -6.46 -45.97 26.78
CA VAL D 310 -7.46 -45.08 27.36
C VAL D 310 -7.82 -45.54 28.76
N GLN D 311 -7.91 -46.86 28.96
CA GLN D 311 -8.29 -47.37 30.28
C GLN D 311 -7.18 -47.18 31.31
N HIS D 312 -5.92 -47.30 30.89
CA HIS D 312 -4.79 -47.23 31.81
C HIS D 312 -3.84 -46.10 31.46
N TYR D 313 -4.37 -44.90 31.21
CA TYR D 313 -3.55 -43.78 30.75
C TYR D 313 -2.50 -43.35 31.77
N ASN D 314 -2.55 -43.83 33.00
CA ASN D 314 -1.57 -43.44 34.02
C ASN D 314 -0.43 -44.43 34.19
N ASP D 315 -0.57 -45.66 33.70
CA ASP D 315 0.46 -46.67 33.89
C ASP D 315 1.39 -46.68 32.70
N PRO D 316 2.68 -46.38 32.86
CA PRO D 316 3.58 -46.37 31.70
C PRO D 316 3.97 -47.76 31.23
N HIS D 317 3.95 -48.75 32.12
CA HIS D 317 4.32 -50.11 31.70
C HIS D 317 3.26 -50.71 30.78
N VAL D 318 1.98 -50.54 31.14
CA VAL D 318 0.91 -51.00 30.27
C VAL D 318 0.98 -50.28 28.92
N LEU D 319 1.30 -48.98 28.94
CA LEU D 319 1.42 -48.23 27.69
C LEU D 319 2.55 -48.77 26.83
N ALA D 320 3.69 -49.08 27.44
CA ALA D 320 4.80 -49.63 26.68
C ALA D 320 4.50 -51.02 26.17
N GLU D 321 3.66 -51.78 26.88
CA GLU D 321 3.28 -53.11 26.41
C GLU D 321 2.32 -53.02 25.22
N MET D 322 1.37 -52.10 25.29
CA MET D 322 0.43 -51.93 24.17
C MET D 322 1.09 -51.31 22.95
N SER D 323 2.19 -50.59 23.14
CA SER D 323 2.86 -49.93 22.01
C SER D 323 3.92 -50.85 21.41
N PRO E 64 -52.57 -10.97 -18.60
CA PRO E 64 -52.62 -10.48 -17.21
C PRO E 64 -51.70 -11.28 -16.30
N PHE E 65 -51.21 -10.63 -15.23
CA PHE E 65 -50.32 -11.31 -14.29
C PHE E 65 -51.07 -12.24 -13.37
N SER E 66 -52.33 -11.93 -13.06
CA SER E 66 -53.10 -12.77 -12.14
C SER E 66 -53.33 -14.16 -12.71
N VAL E 67 -53.71 -14.25 -13.99
CA VAL E 67 -53.95 -15.56 -14.59
C VAL E 67 -52.64 -16.32 -14.75
N LYS E 68 -51.53 -15.61 -14.96
CA LYS E 68 -50.25 -16.31 -15.08
C LYS E 68 -49.82 -16.88 -13.74
N VAL E 69 -50.03 -16.13 -12.65
CA VAL E 69 -49.76 -16.68 -11.32
C VAL E 69 -50.68 -17.85 -11.03
N GLY E 70 -51.93 -17.77 -11.48
CA GLY E 70 -52.84 -18.89 -11.29
C GLY E 70 -52.39 -20.15 -12.00
N LEU E 71 -51.94 -20.01 -13.25
CA LEU E 71 -51.41 -21.17 -13.97
C LEU E 71 -50.11 -21.67 -13.34
N ALA E 72 -49.32 -20.77 -12.75
CA ALA E 72 -48.05 -21.19 -12.19
C ALA E 72 -48.20 -21.88 -10.84
N GLN E 73 -49.24 -21.53 -10.07
CA GLN E 73 -49.38 -22.06 -8.72
C GLN E 73 -50.02 -23.44 -8.67
N VAL E 74 -50.09 -24.16 -9.79
CA VAL E 74 -50.53 -25.55 -9.74
C VAL E 74 -49.37 -26.49 -9.43
N LEU E 75 -48.14 -25.99 -9.45
CA LEU E 75 -46.96 -26.79 -9.15
C LEU E 75 -46.63 -26.83 -7.66
N ARG E 76 -47.45 -26.23 -6.81
CA ARG E 76 -47.16 -26.17 -5.40
C ARG E 76 -47.11 -27.58 -4.80
N GLY E 77 -46.06 -27.85 -4.03
CA GLY E 77 -45.91 -29.14 -3.39
C GLY E 77 -45.51 -30.26 -4.32
N GLY E 78 -44.58 -30.00 -5.25
CA GLY E 78 -44.12 -31.02 -6.16
C GLY E 78 -42.66 -30.81 -6.51
N ALA E 79 -42.11 -31.79 -7.23
CA ALA E 79 -40.72 -31.76 -7.67
C ALA E 79 -40.65 -31.64 -9.18
N ILE E 80 -39.86 -30.68 -9.66
CA ILE E 80 -39.70 -30.42 -11.08
C ILE E 80 -38.40 -31.10 -11.51
N VAL E 81 -38.50 -32.09 -12.38
CA VAL E 81 -37.36 -32.94 -12.70
C VAL E 81 -36.76 -32.50 -14.03
N GLU E 82 -35.42 -32.42 -14.08
CA GLU E 82 -34.72 -32.05 -15.31
C GLU E 82 -34.48 -33.31 -16.14
N VAL E 83 -35.21 -33.42 -17.26
CA VAL E 83 -35.08 -34.56 -18.13
C VAL E 83 -34.33 -34.15 -19.38
N SER E 84 -33.84 -35.14 -20.13
CA SER E 84 -33.02 -34.89 -21.31
C SER E 84 -33.43 -35.70 -22.52
N SER E 85 -34.45 -36.55 -22.41
CA SER E 85 -34.89 -37.37 -23.54
C SER E 85 -36.32 -37.84 -23.25
N VAL E 86 -36.89 -38.55 -24.23
CA VAL E 86 -38.25 -39.05 -24.07
C VAL E 86 -38.30 -40.10 -22.97
N ASN E 87 -37.27 -40.94 -22.86
CA ASN E 87 -37.28 -41.99 -21.85
C ASN E 87 -37.16 -41.42 -20.44
N GLN E 88 -36.25 -40.45 -20.24
CA GLN E 88 -36.13 -39.83 -18.94
C GLN E 88 -37.37 -39.02 -18.59
N ALA E 89 -38.02 -38.43 -19.59
CA ALA E 89 -39.28 -37.72 -19.36
C ALA E 89 -40.37 -38.69 -18.90
N LYS E 90 -40.49 -39.84 -19.57
CA LYS E 90 -41.48 -40.83 -19.15
C LYS E 90 -41.16 -41.36 -17.76
N LEU E 91 -39.87 -41.51 -17.44
CA LEU E 91 -39.49 -41.98 -16.11
C LEU E 91 -39.87 -40.96 -15.05
N ALA E 92 -39.59 -39.68 -15.29
CA ALA E 92 -39.93 -38.65 -14.32
C ALA E 92 -41.43 -38.46 -14.20
N GLU E 93 -42.19 -38.75 -15.26
CA GLU E 93 -43.64 -38.69 -15.17
C GLU E 93 -44.17 -39.87 -14.35
N SER E 94 -43.63 -41.07 -14.58
CA SER E 94 -44.09 -42.24 -13.84
C SER E 94 -43.68 -42.17 -12.37
N ALA E 95 -42.59 -41.46 -12.06
CA ALA E 95 -42.20 -41.29 -10.66
C ALA E 95 -43.20 -40.42 -9.92
N GLY E 96 -43.77 -39.43 -10.59
CA GLY E 96 -44.77 -38.58 -9.97
C GLY E 96 -44.37 -37.12 -9.90
N ALA E 97 -43.50 -36.69 -10.81
CA ALA E 97 -43.06 -35.31 -10.85
C ALA E 97 -44.20 -34.40 -11.28
N CYS E 98 -44.21 -33.17 -10.76
CA CYS E 98 -45.22 -32.20 -11.15
C CYS E 98 -44.96 -31.62 -12.53
N SER E 99 -43.70 -31.55 -12.96
CA SER E 99 -43.37 -31.04 -14.27
C SER E 99 -41.94 -31.47 -14.62
N VAL E 100 -41.66 -31.42 -15.91
CA VAL E 100 -40.35 -31.83 -16.42
C VAL E 100 -39.74 -30.67 -17.19
N ILE E 101 -38.55 -30.25 -16.80
CA ILE E 101 -37.83 -29.18 -17.49
C ILE E 101 -36.80 -29.83 -18.41
N VAL E 102 -36.75 -29.35 -19.65
CA VAL E 102 -36.07 -30.05 -20.73
C VAL E 102 -34.66 -29.49 -20.90
N SER E 103 -33.68 -30.38 -21.01
CA SER E 103 -32.31 -30.05 -21.38
C SER E 103 -31.91 -30.94 -22.55
N ASP E 104 -31.48 -30.33 -23.65
CA ASP E 104 -31.32 -31.10 -24.89
C ASP E 104 -30.19 -32.13 -24.84
N PRO E 105 -29.01 -31.86 -24.29
CA PRO E 105 -27.90 -32.79 -24.48
C PRO E 105 -27.94 -33.95 -23.50
N VAL E 106 -27.26 -35.03 -23.88
CA VAL E 106 -27.01 -36.11 -22.94
C VAL E 106 -25.86 -35.74 -22.01
N ARG E 107 -24.88 -35.00 -22.52
CA ARG E 107 -23.74 -34.55 -21.74
C ARG E 107 -23.38 -33.15 -22.22
N SER E 108 -22.79 -32.37 -21.32
CA SER E 108 -22.27 -31.04 -21.62
C SER E 108 -20.75 -31.11 -21.56
N ARG E 109 -20.11 -31.06 -22.73
CA ARG E 109 -18.66 -31.25 -22.83
C ARG E 109 -17.97 -29.90 -22.67
N GLY E 110 -18.25 -29.24 -21.55
CA GLY E 110 -17.61 -27.98 -21.21
C GLY E 110 -17.80 -26.88 -22.24
N GLY E 111 -18.92 -26.88 -22.96
CA GLY E 111 -19.20 -25.89 -23.96
C GLY E 111 -20.21 -24.86 -23.51
N VAL E 112 -20.77 -24.15 -24.48
CA VAL E 112 -21.81 -23.16 -24.24
C VAL E 112 -23.16 -23.82 -24.45
N ARG E 113 -24.02 -23.74 -23.46
CA ARG E 113 -25.36 -24.30 -23.51
C ARG E 113 -26.37 -23.23 -23.88
N ARG E 114 -27.52 -23.66 -24.40
CA ARG E 114 -28.54 -22.74 -24.85
C ARG E 114 -29.89 -23.47 -24.84
N MET E 115 -30.90 -22.83 -25.44
CA MET E 115 -32.24 -23.40 -25.45
C MET E 115 -32.24 -24.76 -26.13
N PRO E 116 -33.00 -25.74 -25.62
CA PRO E 116 -33.03 -27.06 -26.24
C PRO E 116 -33.60 -27.02 -27.65
N ASP E 117 -33.26 -28.04 -28.42
CA ASP E 117 -33.69 -28.09 -29.82
C ASP E 117 -35.19 -28.38 -29.88
N PRO E 118 -35.92 -27.68 -30.75
CA PRO E 118 -37.40 -27.73 -30.66
C PRO E 118 -38.01 -29.11 -30.86
N VAL E 119 -37.39 -29.98 -31.68
CA VAL E 119 -38.03 -31.29 -31.90
C VAL E 119 -37.98 -32.13 -30.64
N LEU E 120 -36.93 -31.96 -29.83
CA LEU E 120 -36.88 -32.67 -28.55
C LEU E 120 -37.98 -32.19 -27.62
N ILE E 121 -38.24 -30.89 -27.60
CA ILE E 121 -39.33 -30.35 -26.78
C ILE E 121 -40.67 -30.88 -27.27
N LYS E 122 -40.86 -30.93 -28.59
CA LYS E 122 -42.11 -31.46 -29.13
C LYS E 122 -42.29 -32.93 -28.77
N GLU E 123 -41.21 -33.73 -28.86
CA GLU E 123 -41.30 -35.14 -28.50
C GLU E 123 -41.64 -35.31 -27.02
N VAL E 124 -40.95 -34.55 -26.14
CA VAL E 124 -41.21 -34.67 -24.71
C VAL E 124 -42.64 -34.23 -24.39
N LYS E 125 -43.11 -33.17 -25.05
CA LYS E 125 -44.46 -32.69 -24.80
C LYS E 125 -45.51 -33.66 -25.30
N ARG E 126 -45.20 -34.40 -26.37
CA ARG E 126 -46.15 -35.40 -26.87
C ARG E 126 -46.12 -36.65 -26.00
N ALA E 127 -44.98 -36.96 -25.37
CA ALA E 127 -44.86 -38.18 -24.59
C ALA E 127 -45.57 -38.05 -23.25
N VAL E 128 -45.12 -37.12 -22.41
CA VAL E 128 -45.65 -36.98 -21.06
C VAL E 128 -46.84 -36.03 -21.07
N SER E 129 -47.69 -36.17 -20.05
CA SER E 129 -48.85 -35.31 -19.89
C SER E 129 -48.66 -34.24 -18.81
N VAL E 130 -47.60 -34.35 -18.02
CA VAL E 130 -47.27 -33.33 -17.01
C VAL E 130 -46.77 -32.08 -17.73
N PRO E 131 -46.81 -30.91 -17.10
CA PRO E 131 -46.28 -29.72 -17.76
C PRO E 131 -44.82 -29.88 -18.16
N VAL E 132 -44.48 -29.33 -19.31
CA VAL E 132 -43.14 -29.38 -19.88
C VAL E 132 -42.58 -27.97 -19.92
N MET E 133 -41.56 -27.73 -19.10
CA MET E 133 -40.86 -26.46 -19.10
C MET E 133 -39.82 -26.42 -20.21
N ALA E 134 -39.10 -25.31 -20.28
CA ALA E 134 -38.01 -25.16 -21.23
C ALA E 134 -37.14 -24.02 -20.73
N ARG E 135 -35.87 -24.07 -21.12
CA ARG E 135 -34.87 -23.12 -20.63
C ARG E 135 -34.52 -22.12 -21.71
N ALA E 136 -34.43 -20.86 -21.32
CA ALA E 136 -34.01 -19.78 -22.20
C ALA E 136 -32.90 -19.01 -21.52
N ARG E 137 -31.89 -18.62 -22.29
CA ARG E 137 -30.79 -17.85 -21.73
C ARG E 137 -31.29 -16.52 -21.20
N VAL E 138 -30.75 -16.11 -20.05
CA VAL E 138 -31.20 -14.87 -19.42
C VAL E 138 -30.84 -13.69 -20.31
N GLY E 139 -31.83 -12.87 -20.64
CA GLY E 139 -31.66 -11.76 -21.54
C GLY E 139 -31.93 -12.07 -23.00
N HIS E 140 -32.17 -13.33 -23.34
CA HIS E 140 -32.40 -13.76 -24.71
C HIS E 140 -33.91 -13.88 -24.91
N PHE E 141 -34.53 -12.82 -25.42
CA PHE E 141 -35.97 -12.83 -25.59
C PHE E 141 -36.42 -13.54 -26.85
N VAL E 142 -35.52 -13.75 -27.82
CA VAL E 142 -35.91 -14.46 -29.04
C VAL E 142 -36.06 -15.94 -28.76
N GLU E 143 -35.21 -16.50 -27.90
CA GLU E 143 -35.41 -17.88 -27.46
C GLU E 143 -36.71 -18.02 -26.70
N ALA E 144 -37.08 -17.00 -25.92
CA ALA E 144 -38.37 -17.04 -25.23
C ALA E 144 -39.53 -16.97 -26.20
N GLN E 145 -39.38 -16.18 -27.28
CA GLN E 145 -40.42 -16.14 -28.30
C GLN E 145 -40.56 -17.48 -29.00
N ILE E 146 -39.43 -18.13 -29.31
CA ILE E 146 -39.47 -19.43 -29.95
C ILE E 146 -40.12 -20.46 -29.04
N LEU E 147 -39.82 -20.40 -27.74
CA LEU E 147 -40.42 -21.34 -26.79
C LEU E 147 -41.92 -21.09 -26.65
N GLU E 148 -42.34 -19.83 -26.58
CA GLU E 148 -43.75 -19.51 -26.51
C GLU E 148 -44.48 -19.96 -27.76
N SER E 149 -43.81 -19.93 -28.91
CA SER E 149 -44.43 -20.43 -30.14
C SER E 149 -44.66 -21.93 -30.08
N LEU E 150 -43.76 -22.68 -29.42
CA LEU E 150 -43.92 -24.11 -29.26
C LEU E 150 -44.97 -24.49 -28.23
N ALA E 151 -45.59 -23.50 -27.59
CA ALA E 151 -46.67 -23.73 -26.62
C ALA E 151 -46.19 -24.54 -25.42
N VAL E 152 -44.97 -24.25 -24.96
CA VAL E 152 -44.52 -24.84 -23.70
C VAL E 152 -45.32 -24.25 -22.55
N ASP E 153 -45.51 -25.06 -21.50
CA ASP E 153 -46.36 -24.63 -20.40
C ASP E 153 -45.70 -23.55 -19.56
N TYR E 154 -44.38 -23.66 -19.35
CA TYR E 154 -43.64 -22.69 -18.57
C TYR E 154 -42.27 -22.47 -19.22
N ILE E 155 -41.79 -21.23 -19.16
CA ILE E 155 -40.48 -20.88 -19.71
C ILE E 155 -39.58 -20.49 -18.55
N ASP E 156 -38.39 -21.06 -18.50
CA ASP E 156 -37.45 -20.85 -17.41
C ASP E 156 -36.33 -19.94 -17.90
N GLU E 157 -36.33 -18.70 -17.43
CA GLU E 157 -35.25 -17.76 -17.77
C GLU E 157 -34.02 -18.12 -16.93
N SER E 158 -33.30 -19.12 -17.40
CA SER E 158 -32.33 -19.81 -16.56
C SER E 158 -30.96 -19.16 -16.65
N GLU E 159 -30.27 -19.13 -15.51
CA GLU E 159 -28.91 -18.61 -15.43
C GLU E 159 -27.86 -19.69 -15.28
N ILE E 160 -28.26 -20.95 -15.13
CA ILE E 160 -27.29 -22.03 -15.15
C ILE E 160 -26.81 -22.27 -16.57
N ILE E 161 -27.66 -22.01 -17.56
CA ILE E 161 -27.24 -21.96 -18.95
C ILE E 161 -26.50 -20.65 -19.19
N SER E 162 -25.55 -20.68 -20.12
CA SER E 162 -24.72 -19.51 -20.42
C SER E 162 -25.57 -18.26 -20.59
N VAL E 163 -25.08 -17.15 -20.02
CA VAL E 163 -25.84 -15.91 -20.00
C VAL E 163 -25.76 -15.24 -21.36
N ALA E 164 -26.90 -14.81 -21.88
CA ALA E 164 -26.92 -14.06 -23.12
C ALA E 164 -26.66 -12.58 -22.87
N ASP E 165 -27.52 -11.94 -22.07
CA ASP E 165 -27.40 -10.52 -21.76
C ASP E 165 -27.06 -10.37 -20.29
N ASP E 166 -25.86 -9.87 -20.01
CA ASP E 166 -25.42 -9.76 -18.62
C ASP E 166 -26.14 -8.63 -17.90
N ASP E 167 -26.42 -7.53 -18.60
CA ASP E 167 -26.98 -6.35 -17.95
C ASP E 167 -28.49 -6.45 -17.79
N HIS E 168 -29.20 -6.71 -18.88
CA HIS E 168 -30.65 -6.68 -18.88
C HIS E 168 -31.23 -8.09 -18.91
N PHE E 169 -32.52 -8.18 -18.62
CA PHE E 169 -33.26 -9.43 -18.59
C PHE E 169 -34.36 -9.38 -19.64
N ILE E 170 -35.23 -10.38 -19.62
CA ILE E 170 -36.34 -10.45 -20.57
C ILE E 170 -37.52 -9.67 -20.00
N ASN E 171 -38.12 -8.81 -20.83
CA ASN E 171 -39.34 -8.10 -20.46
C ASN E 171 -40.49 -9.10 -20.55
N LYS E 172 -40.69 -9.83 -19.46
CA LYS E 172 -41.61 -10.95 -19.43
C LYS E 172 -43.08 -10.55 -19.47
N HIS E 173 -43.39 -9.27 -19.66
CA HIS E 173 -44.77 -8.84 -19.78
C HIS E 173 -45.30 -8.98 -21.20
N ASN E 174 -44.42 -9.09 -22.20
CA ASN E 174 -44.84 -9.22 -23.58
C ASN E 174 -45.22 -10.63 -23.97
N PHE E 175 -44.95 -11.61 -23.11
CA PHE E 175 -45.18 -13.02 -23.43
C PHE E 175 -46.47 -13.52 -22.78
N ARG E 176 -46.99 -14.60 -23.33
CA ARG E 176 -48.22 -15.21 -22.84
C ARG E 176 -47.97 -16.39 -21.92
N SER E 177 -46.76 -16.95 -21.94
CA SER E 177 -46.46 -18.11 -21.11
C SER E 177 -45.84 -17.67 -19.79
N PRO E 178 -46.15 -18.39 -18.71
CA PRO E 178 -45.56 -18.05 -17.41
C PRO E 178 -44.06 -18.28 -17.39
N PHE E 179 -43.38 -17.45 -16.61
CA PHE E 179 -41.93 -17.47 -16.52
C PHE E 179 -41.48 -17.87 -15.12
N ILE E 180 -40.35 -18.57 -15.08
CA ILE E 180 -39.68 -18.95 -13.84
C ILE E 180 -38.32 -18.29 -13.85
N CYS E 181 -38.05 -17.47 -12.84
CA CYS E 181 -36.82 -16.71 -12.75
C CYS E 181 -36.05 -17.11 -11.49
N GLY E 182 -34.73 -17.11 -11.59
CA GLY E 182 -33.91 -17.45 -10.45
C GLY E 182 -33.58 -16.23 -9.61
N CYS E 183 -33.35 -16.48 -8.32
CA CYS E 183 -32.99 -15.40 -7.43
C CYS E 183 -31.96 -15.90 -6.42
N ARG E 184 -31.38 -14.96 -5.68
CA ARG E 184 -30.47 -15.27 -4.59
C ARG E 184 -30.76 -14.47 -3.33
N ASP E 185 -31.70 -13.52 -3.38
CA ASP E 185 -32.12 -12.75 -2.21
C ASP E 185 -33.48 -12.15 -2.53
N THR E 186 -34.02 -11.37 -1.58
CA THR E 186 -35.34 -10.79 -1.78
C THR E 186 -35.31 -9.68 -2.83
N GLY E 187 -34.18 -8.98 -2.95
CA GLY E 187 -34.08 -7.95 -3.97
C GLY E 187 -34.25 -8.51 -5.37
N GLU E 188 -33.50 -9.57 -5.69
CA GLU E 188 -33.62 -10.18 -7.01
C GLU E 188 -35.00 -10.78 -7.22
N ALA E 189 -35.55 -11.40 -6.18
CA ALA E 189 -36.89 -11.98 -6.31
C ALA E 189 -37.92 -10.92 -6.65
N LEU E 190 -37.88 -9.79 -5.95
CA LEU E 190 -38.86 -8.74 -6.20
C LEU E 190 -38.61 -8.08 -7.55
N ARG E 191 -37.35 -7.92 -7.96
CA ARG E 191 -37.08 -7.38 -9.28
C ARG E 191 -37.61 -8.28 -10.37
N ARG E 192 -37.45 -9.60 -10.22
CA ARG E 192 -37.95 -10.53 -11.22
C ARG E 192 -39.47 -10.55 -11.24
N ILE E 193 -40.11 -10.46 -10.08
CA ILE E 193 -41.57 -10.39 -10.06
C ILE E 193 -42.05 -9.11 -10.71
N ARG E 194 -41.30 -8.02 -10.55
CA ARG E 194 -41.67 -6.77 -11.20
C ARG E 194 -41.51 -6.86 -12.72
N GLU E 195 -40.46 -7.55 -13.18
CA GLU E 195 -40.28 -7.72 -14.62
C GLU E 195 -41.38 -8.60 -15.22
N GLY E 196 -41.97 -9.49 -14.43
CA GLY E 196 -43.09 -10.28 -14.90
C GLY E 196 -42.99 -11.77 -14.63
N ALA E 197 -42.00 -12.18 -13.82
CA ALA E 197 -41.81 -13.59 -13.52
C ALA E 197 -42.98 -14.11 -12.69
N ALA E 198 -43.68 -15.11 -13.22
CA ALA E 198 -44.82 -15.71 -12.52
C ALA E 198 -44.40 -16.76 -11.51
N MET E 199 -43.11 -17.08 -11.40
CA MET E 199 -42.63 -18.06 -10.44
C MET E 199 -41.16 -17.82 -10.19
N ILE E 200 -40.73 -18.01 -8.94
CA ILE E 200 -39.38 -17.69 -8.52
C ILE E 200 -38.73 -18.95 -7.95
N ARG E 201 -37.48 -19.20 -8.32
CA ARG E 201 -36.71 -20.30 -7.75
C ARG E 201 -35.47 -19.73 -7.06
N ILE E 202 -35.31 -20.09 -5.79
CA ILE E 202 -34.14 -19.69 -5.02
C ILE E 202 -32.98 -20.60 -5.41
N GLN E 203 -31.92 -20.01 -5.94
CA GLN E 203 -30.84 -20.75 -6.56
C GLN E 203 -29.65 -20.87 -5.63
N GLY E 204 -29.00 -22.02 -5.68
CA GLY E 204 -27.79 -22.26 -4.92
C GLY E 204 -26.54 -22.20 -5.78
N ASP E 205 -26.01 -23.36 -6.17
CA ASP E 205 -24.80 -23.45 -6.98
C ASP E 205 -24.94 -24.63 -7.93
N LEU E 206 -25.07 -24.33 -9.22
CA LEU E 206 -25.11 -25.37 -10.24
C LEU E 206 -23.76 -25.47 -10.95
N THR E 207 -23.58 -26.59 -11.65
CA THR E 207 -22.40 -26.86 -12.47
C THR E 207 -21.14 -26.88 -11.62
N ALA E 208 -21.28 -26.91 -10.29
CA ALA E 208 -20.14 -26.91 -9.39
C ALA E 208 -20.01 -28.22 -8.61
N THR E 209 -21.06 -28.62 -7.90
CA THR E 209 -21.04 -29.83 -7.08
C THR E 209 -22.48 -30.21 -6.76
N GLY E 210 -22.66 -31.16 -5.85
CA GLY E 210 -23.97 -31.55 -5.39
C GLY E 210 -24.23 -31.13 -3.97
N ASN E 211 -23.59 -30.05 -3.55
CA ASN E 211 -23.74 -29.57 -2.18
C ASN E 211 -24.99 -28.71 -2.05
N ILE E 212 -25.52 -28.68 -0.83
CA ILE E 212 -26.77 -27.97 -0.52
C ILE E 212 -26.53 -26.70 0.27
N ALA E 213 -25.27 -26.30 0.47
CA ALA E 213 -24.97 -25.19 1.37
C ALA E 213 -25.49 -23.87 0.82
N GLU E 214 -25.17 -23.56 -0.44
CA GLU E 214 -25.57 -22.27 -0.98
C GLU E 214 -27.08 -22.18 -1.12
N THR E 215 -27.74 -23.28 -1.46
CA THR E 215 -29.19 -23.26 -1.62
C THR E 215 -29.89 -22.97 -0.30
N VAL E 216 -29.51 -23.67 0.77
CA VAL E 216 -30.14 -23.43 2.06
C VAL E 216 -29.77 -22.05 2.58
N LYS E 217 -28.55 -21.58 2.30
CA LYS E 217 -28.16 -20.22 2.69
C LYS E 217 -29.05 -19.19 2.04
N ASN E 218 -29.28 -19.32 0.72
CA ASN E 218 -30.12 -18.36 0.01
C ASN E 218 -31.57 -18.44 0.46
N VAL E 219 -32.08 -19.66 0.69
CA VAL E 219 -33.45 -19.82 1.16
C VAL E 219 -33.63 -19.17 2.52
N ARG E 220 -32.69 -19.41 3.43
CA ARG E 220 -32.75 -18.78 4.74
C ARG E 220 -32.68 -17.27 4.63
N SER E 221 -31.80 -16.76 3.77
CA SER E 221 -31.69 -15.31 3.59
C SER E 221 -33.00 -14.71 3.11
N LEU E 222 -33.62 -15.33 2.11
CA LEU E 222 -34.86 -14.80 1.56
C LEU E 222 -35.99 -14.85 2.58
N MET E 223 -36.15 -15.99 3.25
CA MET E 223 -37.21 -16.10 4.25
C MET E 223 -36.98 -15.15 5.41
N GLY E 224 -35.72 -14.94 5.80
CA GLY E 224 -35.44 -14.01 6.87
C GLY E 224 -35.72 -12.57 6.50
N GLU E 225 -35.36 -12.18 5.27
CA GLU E 225 -35.68 -10.84 4.82
C GLU E 225 -37.19 -10.63 4.74
N VAL E 226 -37.94 -11.65 4.33
CA VAL E 226 -39.38 -11.51 4.26
C VAL E 226 -39.99 -11.42 5.65
N ARG E 227 -39.46 -12.19 6.61
CA ARG E 227 -39.95 -12.11 7.98
C ARG E 227 -39.61 -10.76 8.61
N VAL E 228 -38.45 -10.20 8.28
CA VAL E 228 -38.10 -8.86 8.76
C VAL E 228 -39.04 -7.82 8.17
N LEU E 229 -39.34 -7.95 6.88
CA LEU E 229 -40.28 -7.03 6.24
C LEU E 229 -41.67 -7.11 6.89
N ASN E 230 -42.14 -8.32 7.18
CA ASN E 230 -43.49 -8.51 7.67
C ASN E 230 -43.75 -7.77 8.98
N ASN E 231 -42.71 -7.45 9.75
CA ASN E 231 -42.87 -6.80 11.04
C ASN E 231 -42.26 -5.41 11.09
N MET E 232 -41.69 -4.92 10.00
CA MET E 232 -41.00 -3.64 9.98
C MET E 232 -41.96 -2.49 10.23
N ASP E 233 -41.42 -1.39 10.73
CA ASP E 233 -42.18 -0.16 10.88
C ASP E 233 -42.51 0.43 9.51
N ASP E 234 -43.66 1.08 9.42
CA ASP E 234 -44.14 1.57 8.12
C ASP E 234 -43.24 2.68 7.59
N ASP E 235 -42.58 3.42 8.49
CA ASP E 235 -41.70 4.49 8.05
C ASP E 235 -40.40 3.97 7.48
N GLU E 236 -40.02 2.73 7.79
CA GLU E 236 -38.74 2.19 7.37
C GLU E 236 -38.82 1.36 6.10
N VAL E 237 -40.03 1.11 5.59
CA VAL E 237 -40.18 0.25 4.42
C VAL E 237 -39.53 0.89 3.19
N PHE E 238 -39.55 2.22 3.11
CA PHE E 238 -38.94 2.90 1.98
C PHE E 238 -37.43 2.74 1.99
N THR E 239 -36.80 2.97 3.14
CA THR E 239 -35.37 2.79 3.24
C THR E 239 -34.98 1.34 3.03
N PHE E 240 -35.83 0.40 3.47
CA PHE E 240 -35.55 -1.01 3.24
C PHE E 240 -35.60 -1.35 1.76
N ALA E 241 -36.62 -0.87 1.05
CA ALA E 241 -36.74 -1.11 -0.38
C ALA E 241 -35.56 -0.49 -1.14
N LYS E 242 -35.09 0.66 -0.67
CA LYS E 242 -33.89 1.25 -1.27
C LYS E 242 -32.66 0.39 -0.98
N LYS E 243 -32.57 -0.16 0.22
CA LYS E 243 -31.41 -0.97 0.59
C LYS E 243 -31.32 -2.25 -0.21
N ILE E 244 -32.44 -2.94 -0.42
CA ILE E 244 -32.46 -4.14 -1.23
C ILE E 244 -32.70 -3.86 -2.71
N SER E 245 -32.89 -2.59 -3.08
CA SER E 245 -33.11 -2.17 -4.46
C SER E 245 -34.25 -2.97 -5.11
N ALA E 246 -35.43 -2.82 -4.52
CA ALA E 246 -36.63 -3.48 -4.99
C ALA E 246 -37.74 -2.46 -5.20
N PRO E 247 -38.66 -2.72 -6.13
CA PRO E 247 -39.80 -1.81 -6.31
C PRO E 247 -40.64 -1.75 -5.05
N TYR E 248 -41.06 -0.53 -4.68
CA TYR E 248 -41.71 -0.35 -3.39
C TYR E 248 -43.08 -1.01 -3.33
N ASP E 249 -43.81 -1.05 -4.45
CA ASP E 249 -45.14 -1.67 -4.43
C ASP E 249 -45.04 -3.16 -4.11
N LEU E 250 -44.05 -3.84 -4.68
CA LEU E 250 -43.87 -5.25 -4.36
C LEU E 250 -43.37 -5.44 -2.94
N VAL E 251 -42.58 -4.51 -2.42
CA VAL E 251 -42.14 -4.59 -1.03
C VAL E 251 -43.34 -4.47 -0.09
N ALA E 252 -44.25 -3.53 -0.40
CA ALA E 252 -45.45 -3.39 0.41
C ALA E 252 -46.36 -4.60 0.28
N GLN E 253 -46.42 -5.20 -0.90
CA GLN E 253 -47.21 -6.41 -1.08
C GLN E 253 -46.64 -7.56 -0.27
N THR E 254 -45.32 -7.71 -0.27
CA THR E 254 -44.68 -8.75 0.55
C THR E 254 -44.89 -8.48 2.04
N LYS E 255 -44.93 -7.20 2.44
CA LYS E 255 -45.17 -6.87 3.83
C LYS E 255 -46.60 -7.18 4.24
N GLN E 256 -47.55 -6.92 3.36
CA GLN E 256 -48.96 -7.15 3.69
C GLN E 256 -49.34 -8.63 3.56
N MET E 257 -48.58 -9.40 2.77
CA MET E 257 -48.92 -10.78 2.50
C MET E 257 -48.16 -11.78 3.34
N GLY E 258 -46.94 -11.46 3.76
CA GLY E 258 -46.12 -12.39 4.51
C GLY E 258 -45.21 -13.26 3.66
N ARG E 259 -45.46 -13.35 2.36
CA ARG E 259 -44.59 -14.04 1.42
C ARG E 259 -44.55 -13.21 0.15
N VAL E 260 -43.57 -13.50 -0.71
CA VAL E 260 -43.57 -12.83 -2.02
C VAL E 260 -44.77 -13.32 -2.81
N PRO E 261 -45.39 -12.47 -3.62
CA PRO E 261 -46.67 -12.87 -4.26
C PRO E 261 -46.49 -13.78 -5.46
N VAL E 262 -45.63 -14.79 -5.35
CA VAL E 262 -45.42 -15.80 -6.38
C VAL E 262 -45.15 -17.14 -5.68
N VAL E 263 -44.90 -18.16 -6.49
CA VAL E 263 -44.58 -19.49 -5.99
C VAL E 263 -43.07 -19.63 -5.92
N GLN E 264 -42.56 -20.05 -4.77
CA GLN E 264 -41.13 -20.16 -4.50
C GLN E 264 -40.72 -21.63 -4.56
N PHE E 265 -39.82 -21.96 -5.47
CA PHE E 265 -39.18 -23.26 -5.51
C PHE E 265 -37.73 -23.13 -5.06
N ALA E 266 -37.08 -24.26 -4.82
CA ALA E 266 -35.67 -24.28 -4.48
C ALA E 266 -34.89 -25.00 -5.57
N SER E 267 -33.60 -24.67 -5.69
CA SER E 267 -32.79 -25.34 -6.69
C SER E 267 -31.34 -25.39 -6.23
N GLY E 268 -30.63 -26.42 -6.68
CA GLY E 268 -29.20 -26.52 -6.45
C GLY E 268 -28.80 -27.48 -5.35
N GLY E 269 -28.37 -28.68 -5.73
CA GLY E 269 -27.82 -29.63 -4.79
C GLY E 269 -28.80 -30.61 -4.19
N ILE E 270 -30.09 -30.51 -4.50
CA ILE E 270 -31.07 -31.44 -3.93
C ILE E 270 -30.87 -32.82 -4.56
N THR E 271 -30.36 -33.75 -3.77
CA THR E 271 -30.11 -35.12 -4.24
C THR E 271 -30.88 -36.16 -3.46
N THR E 272 -30.84 -36.14 -2.15
CA THR E 272 -31.49 -37.12 -1.30
C THR E 272 -32.86 -36.62 -0.85
N PRO E 273 -33.74 -37.52 -0.40
CA PRO E 273 -35.03 -37.05 0.13
C PRO E 273 -34.90 -36.10 1.30
N ALA E 274 -33.84 -36.25 2.11
CA ALA E 274 -33.65 -35.36 3.24
C ALA E 274 -33.47 -33.92 2.78
N ASP E 275 -32.76 -33.71 1.67
CA ASP E 275 -32.54 -32.35 1.18
C ASP E 275 -33.84 -31.72 0.69
N ALA E 276 -34.67 -32.48 -0.01
CA ALA E 276 -35.95 -31.95 -0.48
C ALA E 276 -36.87 -31.66 0.70
N ALA E 277 -36.90 -32.54 1.70
CA ALA E 277 -37.70 -32.27 2.88
C ALA E 277 -37.20 -31.06 3.64
N LEU E 278 -35.88 -30.85 3.68
CA LEU E 278 -35.33 -29.65 4.31
C LEU E 278 -35.74 -28.40 3.56
N MET E 279 -35.66 -28.43 2.23
CA MET E 279 -36.07 -27.28 1.43
C MET E 279 -37.55 -26.98 1.62
N MET E 280 -38.38 -28.02 1.76
CA MET E 280 -39.81 -27.81 1.95
C MET E 280 -40.16 -27.45 3.39
N GLN E 281 -39.26 -27.70 4.34
CA GLN E 281 -39.50 -27.31 5.73
C GLN E 281 -39.04 -25.89 6.03
N LEU E 282 -38.19 -25.32 5.18
CA LEU E 282 -37.77 -23.93 5.33
C LEU E 282 -38.81 -22.95 4.80
N GLY E 283 -39.86 -23.43 4.15
CA GLY E 283 -40.93 -22.59 3.64
C GLY E 283 -41.10 -22.60 2.14
N CYS E 284 -40.26 -23.29 1.39
CA CYS E 284 -40.40 -23.32 -0.05
C CYS E 284 -41.65 -24.12 -0.46
N ASP E 285 -41.96 -24.09 -1.76
CA ASP E 285 -43.13 -24.76 -2.29
C ASP E 285 -42.79 -25.95 -3.17
N GLY E 286 -41.52 -26.17 -3.47
CA GLY E 286 -41.12 -27.30 -4.31
C GLY E 286 -39.63 -27.29 -4.52
N VAL E 287 -39.15 -28.33 -5.21
CA VAL E 287 -37.73 -28.49 -5.46
C VAL E 287 -37.48 -28.70 -6.95
N PHE E 288 -36.27 -28.37 -7.38
CA PHE E 288 -35.80 -28.59 -8.74
C PHE E 288 -34.76 -29.71 -8.68
N VAL E 289 -35.15 -30.89 -9.13
CA VAL E 289 -34.26 -32.05 -9.11
C VAL E 289 -33.53 -32.14 -10.44
N GLY E 290 -32.23 -31.88 -10.41
CA GLY E 290 -31.43 -31.85 -11.63
C GLY E 290 -31.28 -33.22 -12.25
N SER E 291 -30.51 -33.24 -13.34
CA SER E 291 -30.30 -34.47 -14.11
C SER E 291 -29.24 -35.38 -13.50
N GLU E 292 -28.68 -35.03 -12.34
CA GLU E 292 -27.69 -35.88 -11.71
C GLU E 292 -28.30 -37.10 -11.05
N VAL E 293 -29.62 -37.28 -11.12
CA VAL E 293 -30.24 -38.46 -10.52
C VAL E 293 -30.33 -39.60 -11.53
N PHE E 294 -30.37 -39.28 -12.83
CA PHE E 294 -30.53 -40.31 -13.84
C PHE E 294 -29.24 -41.06 -14.14
N ASP E 295 -28.10 -40.61 -13.61
CA ASP E 295 -26.84 -41.31 -13.79
C ASP E 295 -26.47 -42.17 -12.58
N GLY E 296 -27.43 -42.46 -11.70
CA GLY E 296 -27.21 -43.37 -10.60
C GLY E 296 -27.57 -44.79 -10.97
N PRO E 297 -27.51 -45.70 -9.99
CA PRO E 297 -27.83 -47.11 -10.28
C PRO E 297 -29.30 -47.33 -10.59
N ASP E 298 -30.18 -46.66 -9.86
CA ASP E 298 -31.63 -46.78 -10.07
C ASP E 298 -32.25 -45.40 -9.99
N PRO E 299 -32.53 -44.75 -11.11
CA PRO E 299 -33.08 -43.38 -11.05
C PRO E 299 -34.52 -43.34 -10.59
N PHE E 300 -35.30 -44.38 -10.90
CA PHE E 300 -36.70 -44.39 -10.53
C PHE E 300 -36.89 -44.39 -9.03
N LYS E 301 -36.10 -45.18 -8.29
CA LYS E 301 -36.23 -45.22 -6.85
C LYS E 301 -35.89 -43.86 -6.23
N LYS E 302 -34.81 -43.24 -6.70
CA LYS E 302 -34.43 -41.93 -6.19
C LYS E 302 -35.52 -40.90 -6.47
N LEU E 303 -36.07 -40.90 -7.69
CA LEU E 303 -37.09 -39.93 -8.04
C LEU E 303 -38.35 -40.13 -7.20
N ARG E 304 -38.78 -41.39 -7.04
CA ARG E 304 -39.97 -41.67 -6.23
C ARG E 304 -39.74 -41.26 -4.78
N SER E 305 -38.54 -41.50 -4.25
CA SER E 305 -38.26 -41.13 -2.87
C SER E 305 -38.26 -39.61 -2.71
N ILE E 306 -37.70 -38.89 -3.68
CA ILE E 306 -37.71 -37.42 -3.61
C ILE E 306 -39.14 -36.89 -3.68
N VAL E 307 -39.97 -37.46 -4.55
CA VAL E 307 -41.34 -36.99 -4.68
C VAL E 307 -42.12 -37.25 -3.40
N GLN E 308 -41.98 -38.46 -2.84
CA GLN E 308 -42.66 -38.78 -1.60
C GLN E 308 -42.14 -37.96 -0.43
N ALA E 309 -40.87 -37.55 -0.48
CA ALA E 309 -40.34 -36.67 0.55
C ALA E 309 -40.94 -35.27 0.46
N VAL E 310 -41.07 -34.75 -0.76
CA VAL E 310 -41.70 -33.45 -0.94
C VAL E 310 -43.16 -33.50 -0.51
N GLN E 311 -43.83 -34.62 -0.77
CA GLN E 311 -45.25 -34.73 -0.40
C GLN E 311 -45.43 -34.87 1.10
N HIS E 312 -44.51 -35.56 1.78
CA HIS E 312 -44.65 -35.84 3.21
C HIS E 312 -43.48 -35.28 4.00
N TYR E 313 -43.11 -34.02 3.76
CA TYR E 313 -41.94 -33.43 4.39
C TYR E 313 -42.04 -33.33 5.91
N ASN E 314 -43.22 -33.57 6.48
CA ASN E 314 -43.39 -33.47 7.94
C ASN E 314 -43.30 -34.81 8.65
N ASP E 315 -43.43 -35.93 7.94
CA ASP E 315 -43.44 -37.24 8.56
C ASP E 315 -42.03 -37.81 8.55
N PRO E 316 -41.41 -38.05 9.71
CA PRO E 316 -40.04 -38.60 9.68
C PRO E 316 -39.98 -40.08 9.33
N HIS E 317 -41.05 -40.84 9.61
CA HIS E 317 -41.03 -42.26 9.29
C HIS E 317 -41.07 -42.48 7.78
N VAL E 318 -41.92 -41.75 7.07
CA VAL E 318 -41.93 -41.83 5.62
C VAL E 318 -40.59 -41.42 5.04
N LEU E 319 -39.97 -40.40 5.63
CA LEU E 319 -38.66 -39.94 5.16
C LEU E 319 -37.60 -41.03 5.36
N ALA E 320 -37.63 -41.70 6.51
CA ALA E 320 -36.67 -42.78 6.76
C ALA E 320 -36.93 -43.97 5.85
N GLU E 321 -38.18 -44.18 5.46
CA GLU E 321 -38.49 -45.28 4.55
C GLU E 321 -38.01 -44.98 3.13
N MET E 322 -38.20 -43.73 2.68
CA MET E 322 -37.74 -43.36 1.36
C MET E 322 -36.22 -43.26 1.27
N SER E 323 -35.55 -43.04 2.39
CA SER E 323 -34.10 -42.91 2.40
C SER E 323 -33.42 -44.26 2.59
N PRO F 64 -15.63 9.29 -53.64
CA PRO F 64 -16.57 9.94 -52.71
C PRO F 64 -17.12 8.97 -51.67
N PHE F 65 -17.49 9.50 -50.51
CA PHE F 65 -18.01 8.67 -49.44
C PHE F 65 -19.46 8.27 -49.69
N SER F 66 -20.22 9.12 -50.38
CA SER F 66 -21.63 8.81 -50.63
C SER F 66 -21.79 7.57 -51.50
N VAL F 67 -21.01 7.47 -52.59
CA VAL F 67 -21.13 6.30 -53.45
C VAL F 67 -20.62 5.06 -52.75
N LYS F 68 -19.63 5.19 -51.86
CA LYS F 68 -19.15 4.02 -51.13
C LYS F 68 -20.19 3.53 -50.14
N VAL F 69 -20.89 4.44 -49.46
CA VAL F 69 -22.00 4.03 -48.59
C VAL F 69 -23.10 3.40 -49.42
N GLY F 70 -23.35 3.92 -50.62
CA GLY F 70 -24.35 3.33 -51.49
C GLY F 70 -24.02 1.91 -51.89
N LEU F 71 -22.76 1.66 -52.26
CA LEU F 71 -22.33 0.30 -52.58
C LEU F 71 -22.36 -0.60 -51.36
N ALA F 72 -22.11 -0.03 -50.16
CA ALA F 72 -22.06 -0.86 -48.97
C ALA F 72 -23.44 -1.23 -48.45
N GLN F 73 -24.45 -0.37 -48.70
CA GLN F 73 -25.77 -0.60 -48.12
C GLN F 73 -26.63 -1.56 -48.94
N VAL F 74 -26.04 -2.34 -49.85
CA VAL F 74 -26.80 -3.40 -50.50
C VAL F 74 -26.80 -4.68 -49.68
N LEU F 75 -25.98 -4.74 -48.62
CA LEU F 75 -25.91 -5.91 -47.75
C LEU F 75 -26.93 -5.87 -46.62
N ARG F 76 -27.80 -4.86 -46.59
CA ARG F 76 -28.75 -4.74 -45.50
C ARG F 76 -29.70 -5.94 -45.47
N GLY F 77 -29.86 -6.50 -44.28
CA GLY F 77 -30.76 -7.64 -44.11
C GLY F 77 -30.23 -8.94 -44.65
N GLY F 78 -28.94 -9.23 -44.42
CA GLY F 78 -28.35 -10.46 -44.89
C GLY F 78 -27.27 -10.94 -43.94
N ALA F 79 -26.77 -12.14 -44.21
CA ALA F 79 -25.72 -12.76 -43.41
C ALA F 79 -24.45 -12.89 -44.23
N ILE F 80 -23.34 -12.42 -43.67
CA ILE F 80 -22.04 -12.47 -44.33
C ILE F 80 -21.30 -13.67 -43.77
N VAL F 81 -21.01 -14.65 -44.63
CA VAL F 81 -20.49 -15.93 -44.17
C VAL F 81 -18.99 -15.98 -44.40
N GLU F 82 -18.25 -16.47 -43.40
CA GLU F 82 -16.81 -16.60 -43.50
C GLU F 82 -16.47 -17.94 -44.14
N VAL F 83 -16.00 -17.89 -45.39
CA VAL F 83 -15.65 -19.10 -46.12
C VAL F 83 -14.13 -19.22 -46.18
N SER F 84 -13.66 -20.43 -46.51
CA SER F 84 -12.24 -20.72 -46.53
C SER F 84 -11.77 -21.44 -47.78
N SER F 85 -12.67 -21.77 -48.71
CA SER F 85 -12.30 -22.47 -49.92
C SER F 85 -13.40 -22.27 -50.95
N VAL F 86 -13.18 -22.82 -52.15
CA VAL F 86 -14.16 -22.68 -53.21
C VAL F 86 -15.44 -23.44 -52.87
N ASN F 87 -15.30 -24.60 -52.23
CA ASN F 87 -16.47 -25.40 -51.90
C ASN F 87 -17.32 -24.73 -50.82
N GLN F 88 -16.67 -24.21 -49.77
CA GLN F 88 -17.41 -23.51 -48.73
C GLN F 88 -18.04 -22.23 -49.26
N ALA F 89 -17.35 -21.57 -50.21
CA ALA F 89 -17.92 -20.38 -50.82
C ALA F 89 -19.17 -20.73 -51.63
N LYS F 90 -19.12 -21.80 -52.43
CA LYS F 90 -20.30 -22.22 -53.17
C LYS F 90 -21.43 -22.63 -52.23
N LEU F 91 -21.08 -23.26 -51.10
CA LEU F 91 -22.10 -23.65 -50.13
C LEU F 91 -22.77 -22.42 -49.53
N ALA F 92 -21.98 -21.42 -49.13
CA ALA F 92 -22.55 -20.22 -48.55
C ALA F 92 -23.33 -19.41 -49.58
N GLU F 93 -22.97 -19.52 -50.85
CA GLU F 93 -23.77 -18.85 -51.88
C GLU F 93 -25.09 -19.56 -52.10
N SER F 94 -25.06 -20.90 -52.13
CA SER F 94 -26.30 -21.66 -52.33
C SER F 94 -27.22 -21.55 -51.12
N ALA F 95 -26.67 -21.32 -49.92
CA ALA F 95 -27.51 -21.13 -48.75
C ALA F 95 -28.29 -19.83 -48.84
N GLY F 96 -27.69 -18.79 -49.43
CA GLY F 96 -28.37 -17.52 -49.59
C GLY F 96 -27.71 -16.37 -48.88
N ALA F 97 -26.40 -16.49 -48.65
CA ALA F 97 -25.66 -15.42 -47.99
C ALA F 97 -25.56 -14.19 -48.88
N CYS F 98 -25.54 -13.02 -48.25
CA CYS F 98 -25.40 -11.78 -49.02
C CYS F 98 -23.97 -11.56 -49.50
N SER F 99 -22.98 -12.08 -48.78
CA SER F 99 -21.59 -11.95 -49.18
C SER F 99 -20.76 -12.98 -48.42
N VAL F 100 -19.57 -13.24 -48.96
CA VAL F 100 -18.66 -14.23 -48.38
C VAL F 100 -17.34 -13.55 -48.09
N ILE F 101 -16.90 -13.60 -46.84
CA ILE F 101 -15.62 -13.05 -46.43
C ILE F 101 -14.60 -14.18 -46.37
N VAL F 102 -13.43 -13.95 -46.95
CA VAL F 102 -12.48 -15.01 -47.26
C VAL F 102 -11.44 -15.12 -46.15
N SER F 103 -11.20 -16.35 -45.70
CA SER F 103 -10.09 -16.67 -44.80
C SER F 103 -9.29 -17.80 -45.42
N ASP F 104 -7.97 -17.59 -45.60
CA ASP F 104 -7.20 -18.52 -46.42
C ASP F 104 -7.05 -19.91 -45.80
N PRO F 105 -6.79 -20.08 -44.50
CA PRO F 105 -6.41 -21.41 -44.01
C PRO F 105 -7.62 -22.29 -43.75
N VAL F 106 -7.36 -23.59 -43.73
CA VAL F 106 -8.37 -24.54 -43.26
C VAL F 106 -8.39 -24.55 -41.73
N ARG F 107 -7.23 -24.35 -41.12
CA ARG F 107 -7.11 -24.31 -39.66
C ARG F 107 -6.05 -23.28 -39.31
N SER F 108 -6.19 -22.69 -38.12
CA SER F 108 -5.21 -21.76 -37.58
C SER F 108 -4.52 -22.44 -36.40
N ARG F 109 -3.26 -22.83 -36.61
CA ARG F 109 -2.52 -23.61 -35.62
C ARG F 109 -1.82 -22.66 -34.65
N GLY F 110 -2.61 -21.80 -34.03
CA GLY F 110 -2.10 -20.88 -33.02
C GLY F 110 -1.00 -19.97 -33.49
N GLY F 111 -0.99 -19.60 -34.78
CA GLY F 111 0.01 -18.74 -35.34
C GLY F 111 -0.49 -17.33 -35.57
N VAL F 112 0.26 -16.60 -36.39
CA VAL F 112 -0.10 -15.25 -36.79
C VAL F 112 -0.86 -15.31 -38.11
N ARG F 113 -2.05 -14.73 -38.14
CA ARG F 113 -2.87 -14.69 -39.33
C ARG F 113 -2.70 -13.36 -40.05
N ARG F 114 -3.02 -13.34 -41.34
CA ARG F 114 -2.85 -12.16 -42.16
C ARG F 114 -3.80 -12.25 -43.36
N MET F 115 -3.61 -11.35 -44.31
CA MET F 115 -4.48 -11.30 -45.48
C MET F 115 -4.42 -12.63 -46.24
N PRO F 116 -5.55 -13.11 -46.75
CA PRO F 116 -5.55 -14.38 -47.49
C PRO F 116 -4.71 -14.29 -48.76
N ASP F 117 -4.30 -15.47 -49.23
CA ASP F 117 -3.43 -15.54 -50.40
C ASP F 117 -4.24 -15.20 -51.66
N PRO F 118 -3.68 -14.37 -52.55
CA PRO F 118 -4.50 -13.80 -53.63
C PRO F 118 -5.14 -14.82 -54.56
N VAL F 119 -4.51 -15.97 -54.81
CA VAL F 119 -5.11 -16.90 -55.75
C VAL F 119 -6.37 -17.52 -55.18
N LEU F 120 -6.44 -17.67 -53.84
CA LEU F 120 -7.66 -18.15 -53.23
C LEU F 120 -8.78 -17.13 -53.39
N ILE F 121 -8.46 -15.84 -53.24
CA ILE F 121 -9.46 -14.80 -53.44
C ILE F 121 -9.94 -14.78 -54.88
N LYS F 122 -9.01 -14.94 -55.83
CA LYS F 122 -9.40 -14.97 -57.24
C LYS F 122 -10.30 -16.17 -57.53
N GLU F 123 -9.98 -17.34 -56.98
CA GLU F 123 -10.81 -18.53 -57.18
C GLU F 123 -12.20 -18.32 -56.59
N VAL F 124 -12.27 -17.81 -55.36
CA VAL F 124 -13.58 -17.60 -54.72
C VAL F 124 -14.39 -16.57 -55.51
N LYS F 125 -13.74 -15.51 -55.98
CA LYS F 125 -14.44 -14.48 -56.74
C LYS F 125 -14.91 -15.00 -58.09
N ARG F 126 -14.17 -15.93 -58.68
CA ARG F 126 -14.62 -16.52 -59.95
C ARG F 126 -15.74 -17.53 -59.73
N ALA F 127 -15.77 -18.18 -58.57
CA ALA F 127 -16.76 -19.22 -58.33
C ALA F 127 -18.13 -18.62 -58.02
N VAL F 128 -18.23 -17.85 -56.94
CA VAL F 128 -19.50 -17.31 -56.50
C VAL F 128 -19.76 -15.97 -57.16
N SER F 129 -21.04 -15.59 -57.24
CA SER F 129 -21.44 -14.31 -57.79
C SER F 129 -21.81 -13.29 -56.74
N VAL F 130 -21.94 -13.70 -55.48
CA VAL F 130 -22.22 -12.78 -54.38
C VAL F 130 -20.95 -11.97 -54.11
N PRO F 131 -21.04 -10.81 -53.46
CA PRO F 131 -19.84 -10.05 -53.14
C PRO F 131 -18.85 -10.86 -52.32
N VAL F 132 -17.57 -10.66 -52.61
CA VAL F 132 -16.47 -11.36 -51.95
C VAL F 132 -15.65 -10.34 -51.19
N MET F 133 -15.69 -10.42 -49.86
CA MET F 133 -14.90 -9.56 -49.01
C MET F 133 -13.49 -10.12 -48.87
N ALA F 134 -12.67 -9.44 -48.08
CA ALA F 134 -11.32 -9.89 -47.79
C ALA F 134 -10.87 -9.16 -46.53
N ARG F 135 -9.95 -9.78 -45.82
CA ARG F 135 -9.50 -9.27 -44.54
C ARG F 135 -8.11 -8.67 -44.66
N ALA F 136 -7.91 -7.52 -44.03
CA ALA F 136 -6.63 -6.86 -43.96
C ALA F 136 -6.34 -6.52 -42.51
N ARG F 137 -5.08 -6.70 -42.11
CA ARG F 137 -4.69 -6.39 -40.74
C ARG F 137 -4.88 -4.91 -40.46
N VAL F 138 -5.37 -4.61 -39.26
CA VAL F 138 -5.65 -3.21 -38.91
C VAL F 138 -4.34 -2.43 -38.87
N GLY F 139 -4.30 -1.33 -39.61
CA GLY F 139 -3.10 -0.52 -39.73
C GLY F 139 -2.20 -0.90 -40.89
N HIS F 140 -2.50 -1.99 -41.60
CA HIS F 140 -1.69 -2.47 -42.71
C HIS F 140 -2.34 -1.97 -44.00
N PHE F 141 -1.87 -0.83 -44.50
CA PHE F 141 -2.46 -0.27 -45.70
C PHE F 141 -1.94 -0.91 -46.98
N VAL F 142 -0.80 -1.60 -46.93
CA VAL F 142 -0.29 -2.26 -48.13
C VAL F 142 -1.12 -3.49 -48.47
N GLU F 143 -1.57 -4.22 -47.44
CA GLU F 143 -2.50 -5.31 -47.68
C GLU F 143 -3.81 -4.79 -48.26
N ALA F 144 -4.25 -3.62 -47.81
CA ALA F 144 -5.45 -3.02 -48.38
C ALA F 144 -5.23 -2.61 -49.83
N GLN F 145 -4.04 -2.11 -50.15
CA GLN F 145 -3.73 -1.80 -51.55
C GLN F 145 -3.73 -3.04 -52.42
N ILE F 146 -3.16 -4.13 -51.91
CA ILE F 146 -3.14 -5.39 -52.66
C ILE F 146 -4.55 -5.90 -52.87
N LEU F 147 -5.40 -5.80 -51.84
CA LEU F 147 -6.78 -6.25 -51.98
C LEU F 147 -7.56 -5.39 -52.96
N GLU F 148 -7.37 -4.07 -52.91
CA GLU F 148 -8.03 -3.18 -53.87
C GLU F 148 -7.56 -3.46 -55.29
N SER F 149 -6.31 -3.88 -55.46
CA SER F 149 -5.83 -4.24 -56.79
C SER F 149 -6.53 -5.49 -57.30
N LEU F 150 -6.86 -6.44 -56.43
CA LEU F 150 -7.58 -7.64 -56.82
C LEU F 150 -9.06 -7.39 -57.09
N ALA F 151 -9.52 -6.15 -56.92
CA ALA F 151 -10.91 -5.78 -57.23
C ALA F 151 -11.91 -6.53 -56.34
N VAL F 152 -11.56 -6.71 -55.06
CA VAL F 152 -12.52 -7.25 -54.12
C VAL F 152 -13.62 -6.23 -53.89
N ASP F 153 -14.83 -6.72 -53.61
CA ASP F 153 -15.98 -5.83 -53.49
C ASP F 153 -15.92 -5.02 -52.20
N TYR F 154 -15.46 -5.63 -51.11
CA TYR F 154 -15.35 -4.95 -49.83
C TYR F 154 -14.09 -5.41 -49.13
N ILE F 155 -13.45 -4.50 -48.41
CA ILE F 155 -12.23 -4.80 -47.65
C ILE F 155 -12.55 -4.65 -46.18
N ASP F 156 -12.20 -5.66 -45.39
CA ASP F 156 -12.51 -5.70 -43.97
C ASP F 156 -11.24 -5.42 -43.18
N GLU F 157 -11.16 -4.23 -42.59
CA GLU F 157 -10.02 -3.89 -41.73
C GLU F 157 -10.20 -4.60 -40.39
N SER F 158 -9.82 -5.87 -40.39
CA SER F 158 -10.24 -6.76 -39.31
C SER F 158 -9.24 -6.76 -38.16
N GLU F 159 -9.79 -6.86 -36.94
CA GLU F 159 -8.99 -6.94 -35.73
C GLU F 159 -8.96 -8.34 -35.12
N ILE F 160 -9.73 -9.28 -35.66
CA ILE F 160 -9.62 -10.66 -35.21
C ILE F 160 -8.33 -11.27 -35.75
N ILE F 161 -7.90 -10.82 -36.92
CA ILE F 161 -6.57 -11.15 -37.43
C ILE F 161 -5.54 -10.32 -36.67
N SER F 162 -4.33 -10.87 -36.53
CA SER F 162 -3.27 -10.22 -35.78
C SER F 162 -3.12 -8.75 -36.19
N VAL F 163 -2.93 -7.89 -35.21
CA VAL F 163 -2.87 -6.45 -35.45
C VAL F 163 -1.52 -6.08 -36.04
N ALA F 164 -1.54 -5.29 -37.10
CA ALA F 164 -0.29 -4.78 -37.67
C ALA F 164 0.16 -3.52 -36.95
N ASP F 165 -0.67 -2.48 -36.95
CA ASP F 165 -0.34 -1.21 -36.32
C ASP F 165 -1.28 -1.01 -35.14
N ASP F 166 -0.72 -1.02 -33.93
CA ASP F 166 -1.56 -0.90 -32.73
C ASP F 166 -2.08 0.51 -32.56
N ASP F 167 -1.28 1.51 -32.91
CA ASP F 167 -1.65 2.90 -32.65
C ASP F 167 -2.57 3.46 -33.73
N HIS F 168 -2.16 3.37 -34.98
CA HIS F 168 -2.88 4.00 -36.08
C HIS F 168 -3.65 2.97 -36.89
N PHE F 169 -4.56 3.47 -37.72
CA PHE F 169 -5.40 2.66 -38.59
C PHE F 169 -5.10 3.01 -40.04
N ILE F 170 -5.92 2.47 -40.94
CA ILE F 170 -5.75 2.73 -42.36
C ILE F 170 -6.51 4.01 -42.72
N ASN F 171 -5.85 4.90 -43.46
CA ASN F 171 -6.50 6.10 -43.98
C ASN F 171 -7.36 5.67 -45.16
N LYS F 172 -8.58 5.26 -44.85
CA LYS F 172 -9.47 4.63 -45.81
C LYS F 172 -10.03 5.60 -46.84
N HIS F 173 -9.57 6.85 -46.87
CA HIS F 173 -10.02 7.79 -47.88
C HIS F 173 -9.22 7.68 -49.17
N ASN F 174 -8.03 7.07 -49.13
CA ASN F 174 -7.20 6.94 -50.31
C ASN F 174 -7.60 5.77 -51.19
N PHE F 175 -8.48 4.90 -50.72
CA PHE F 175 -8.85 3.69 -51.44
C PHE F 175 -10.19 3.86 -52.16
N ARG F 176 -10.40 3.02 -53.17
CA ARG F 176 -11.62 3.06 -53.97
C ARG F 176 -12.64 2.03 -53.51
N SER F 177 -12.22 1.02 -52.76
CA SER F 177 -13.13 -0.03 -52.32
C SER F 177 -13.72 0.29 -50.95
N PRO F 178 -14.98 -0.06 -50.72
CA PRO F 178 -15.59 0.19 -49.41
C PRO F 178 -14.92 -0.64 -48.32
N PHE F 179 -14.90 -0.08 -47.12
CA PHE F 179 -14.25 -0.68 -45.98
C PHE F 179 -15.26 -1.03 -44.90
N ILE F 180 -14.98 -2.12 -44.19
CA ILE F 180 -15.75 -2.56 -43.04
C ILE F 180 -14.84 -2.53 -41.83
N CYS F 181 -15.21 -1.76 -40.83
CA CYS F 181 -14.39 -1.57 -39.64
C CYS F 181 -15.13 -2.07 -38.41
N GLY F 182 -14.39 -2.64 -37.47
CA GLY F 182 -14.99 -3.12 -36.24
C GLY F 182 -15.06 -2.05 -35.18
N CYS F 183 -16.05 -2.17 -34.31
CA CYS F 183 -16.19 -1.23 -33.22
C CYS F 183 -16.64 -1.96 -31.96
N ARG F 184 -16.61 -1.25 -30.84
CA ARG F 184 -17.11 -1.75 -29.58
C ARG F 184 -17.96 -0.73 -28.83
N ASP F 185 -18.06 0.50 -29.33
CA ASP F 185 -18.92 1.54 -28.76
C ASP F 185 -19.13 2.59 -29.83
N THR F 186 -19.88 3.65 -29.46
CA THR F 186 -20.17 4.70 -30.44
C THR F 186 -18.94 5.53 -30.76
N GLY F 187 -18.02 5.67 -29.80
CA GLY F 187 -16.79 6.41 -30.07
C GLY F 187 -15.97 5.78 -31.18
N GLU F 188 -15.73 4.47 -31.07
CA GLU F 188 -14.97 3.78 -32.11
C GLU F 188 -15.71 3.78 -33.43
N ALA F 189 -17.03 3.60 -33.40
CA ALA F 189 -17.81 3.62 -34.63
C ALA F 189 -17.67 4.95 -35.35
N LEU F 190 -17.81 6.06 -34.62
CA LEU F 190 -17.72 7.37 -35.23
C LEU F 190 -16.30 7.67 -35.69
N ARG F 191 -15.29 7.22 -34.94
CA ARG F 191 -13.91 7.41 -35.38
C ARG F 191 -13.65 6.66 -36.68
N ARG F 192 -14.17 5.43 -36.79
CA ARG F 192 -13.95 4.66 -38.01
C ARG F 192 -14.70 5.27 -39.18
N ILE F 193 -15.91 5.79 -38.95
CA ILE F 193 -16.64 6.46 -40.03
C ILE F 193 -15.91 7.72 -40.45
N ARG F 194 -15.27 8.41 -39.52
CA ARG F 194 -14.49 9.59 -39.86
C ARG F 194 -13.26 9.22 -40.67
N GLU F 195 -12.61 8.10 -40.33
CA GLU F 195 -11.45 7.67 -41.10
C GLU F 195 -11.83 7.26 -42.51
N GLY F 196 -13.07 6.81 -42.72
CA GLY F 196 -13.55 6.49 -44.05
C GLY F 196 -14.24 5.15 -44.19
N ALA F 197 -14.52 4.49 -43.07
CA ALA F 197 -15.17 3.18 -43.10
C ALA F 197 -16.60 3.31 -43.62
N ALA F 198 -16.89 2.64 -44.73
CA ALA F 198 -18.22 2.68 -45.31
C ALA F 198 -19.19 1.69 -44.67
N MET F 199 -18.73 0.90 -43.71
CA MET F 199 -19.60 -0.05 -43.02
C MET F 199 -18.97 -0.40 -41.68
N ILE F 200 -19.81 -0.58 -40.67
CA ILE F 200 -19.34 -0.80 -39.30
C ILE F 200 -19.93 -2.11 -38.79
N ARG F 201 -19.10 -2.91 -38.13
CA ARG F 201 -19.54 -4.13 -37.48
C ARG F 201 -19.27 -4.05 -35.99
N ILE F 202 -20.31 -4.24 -35.19
CA ILE F 202 -20.20 -4.26 -33.74
C ILE F 202 -19.63 -5.61 -33.33
N GLN F 203 -18.47 -5.60 -32.69
CA GLN F 203 -17.70 -6.80 -32.43
C GLN F 203 -17.88 -7.27 -31.00
N GLY F 204 -17.92 -8.59 -30.83
CA GLY F 204 -18.01 -9.20 -29.52
C GLY F 204 -16.68 -9.78 -29.06
N ASP F 205 -16.52 -11.09 -29.20
CA ASP F 205 -15.30 -11.80 -28.78
C ASP F 205 -15.04 -12.94 -29.76
N LEU F 206 -13.99 -12.79 -30.56
CA LEU F 206 -13.57 -13.86 -31.46
C LEU F 206 -12.37 -14.61 -30.90
N THR F 207 -12.13 -15.79 -31.45
CA THR F 207 -10.99 -16.64 -31.13
C THR F 207 -11.04 -17.06 -29.66
N ALA F 208 -12.17 -16.84 -28.99
CA ALA F 208 -12.30 -17.18 -27.58
C ALA F 208 -13.32 -18.30 -27.36
N THR F 209 -14.55 -18.13 -27.82
CA THR F 209 -15.62 -19.10 -27.62
C THR F 209 -16.73 -18.80 -28.63
N GLY F 210 -17.86 -19.45 -28.45
CA GLY F 210 -19.03 -19.20 -29.28
C GLY F 210 -20.13 -18.51 -28.51
N ASN F 211 -19.76 -17.74 -27.50
CA ASN F 211 -20.73 -17.04 -26.66
C ASN F 211 -21.16 -15.74 -27.31
N ILE F 212 -22.38 -15.31 -26.98
CA ILE F 212 -23.00 -14.13 -27.57
C ILE F 212 -23.05 -12.97 -26.58
N ALA F 213 -22.43 -13.10 -25.41
CA ALA F 213 -22.59 -12.10 -24.36
C ALA F 213 -21.95 -10.78 -24.74
N GLU F 214 -20.69 -10.80 -25.17
CA GLU F 214 -19.99 -9.55 -25.48
C GLU F 214 -20.61 -8.86 -26.68
N THR F 215 -21.08 -9.64 -27.67
CA THR F 215 -21.67 -9.04 -28.86
C THR F 215 -22.95 -8.29 -28.53
N VAL F 216 -23.85 -8.93 -27.77
CA VAL F 216 -25.09 -8.27 -27.42
C VAL F 216 -24.83 -7.11 -26.47
N LYS F 217 -23.83 -7.24 -25.60
CA LYS F 217 -23.47 -6.13 -24.72
C LYS F 217 -23.03 -4.92 -25.53
N ASN F 218 -22.15 -5.13 -26.52
CA ASN F 218 -21.67 -4.02 -27.32
C ASN F 218 -22.78 -3.43 -28.19
N VAL F 219 -23.65 -4.28 -28.75
CA VAL F 219 -24.75 -3.78 -29.56
C VAL F 219 -25.69 -2.92 -28.72
N ARG F 220 -26.02 -3.41 -27.51
CA ARG F 220 -26.86 -2.63 -26.60
C ARG F 220 -26.20 -1.32 -26.23
N SER F 221 -24.89 -1.34 -25.95
CA SER F 221 -24.19 -0.11 -25.60
C SER F 221 -24.24 0.90 -26.73
N LEU F 222 -24.00 0.46 -27.96
CA LEU F 222 -23.99 1.37 -29.10
C LEU F 222 -25.38 1.94 -29.35
N MET F 223 -26.40 1.08 -29.37
CA MET F 223 -27.75 1.56 -29.61
C MET F 223 -28.22 2.49 -28.49
N GLY F 224 -27.81 2.21 -27.25
CA GLY F 224 -28.19 3.08 -26.15
C GLY F 224 -27.52 4.43 -26.23
N GLU F 225 -26.24 4.46 -26.59
CA GLU F 225 -25.56 5.74 -26.76
C GLU F 225 -26.18 6.54 -27.89
N VAL F 226 -26.59 5.87 -28.96
CA VAL F 226 -27.21 6.59 -30.07
C VAL F 226 -28.58 7.12 -29.67
N ARG F 227 -29.34 6.34 -28.90
CA ARG F 227 -30.64 6.82 -28.42
C ARG F 227 -30.48 7.98 -27.45
N VAL F 228 -29.44 7.96 -26.62
CA VAL F 228 -29.17 9.08 -25.72
C VAL F 228 -28.81 10.33 -26.53
N LEU F 229 -27.99 10.16 -27.56
CA LEU F 229 -27.63 11.28 -28.42
C LEU F 229 -28.85 11.86 -29.11
N ASN F 230 -29.75 11.01 -29.59
CA ASN F 230 -30.90 11.48 -30.38
C ASN F 230 -31.79 12.44 -29.60
N ASN F 231 -31.76 12.40 -28.27
CA ASN F 231 -32.62 13.24 -27.45
C ASN F 231 -31.86 14.24 -26.60
N MET F 232 -30.54 14.29 -26.70
CA MET F 232 -29.73 15.15 -25.86
C MET F 232 -29.99 16.62 -26.16
N ASP F 233 -29.72 17.45 -25.15
CA ASP F 233 -29.78 18.89 -25.33
C ASP F 233 -28.66 19.37 -26.24
N ASP F 234 -28.93 20.42 -27.02
CA ASP F 234 -27.97 20.87 -28.03
C ASP F 234 -26.70 21.43 -27.38
N ASP F 235 -26.82 21.94 -26.16
CA ASP F 235 -25.65 22.47 -25.47
C ASP F 235 -24.73 21.38 -24.96
N GLU F 236 -25.23 20.15 -24.80
CA GLU F 236 -24.45 19.07 -24.22
C GLU F 236 -23.79 18.18 -25.25
N VAL F 237 -24.08 18.39 -26.55
CA VAL F 237 -23.53 17.50 -27.58
C VAL F 237 -22.03 17.63 -27.65
N PHE F 238 -21.50 18.83 -27.38
CA PHE F 238 -20.05 19.03 -27.42
C PHE F 238 -19.36 18.26 -26.32
N THR F 239 -19.87 18.37 -25.09
CA THR F 239 -19.29 17.62 -23.98
C THR F 239 -19.45 16.12 -24.19
N PHE F 240 -20.56 15.71 -24.80
CA PHE F 240 -20.75 14.28 -25.10
C PHE F 240 -19.71 13.79 -26.11
N ALA F 241 -19.50 14.55 -27.18
CA ALA F 241 -18.51 14.17 -28.19
C ALA F 241 -17.12 14.13 -27.59
N LYS F 242 -16.83 15.04 -26.65
CA LYS F 242 -15.55 14.98 -25.96
C LYS F 242 -15.45 13.74 -25.08
N LYS F 243 -16.57 13.38 -24.43
CA LYS F 243 -16.56 12.23 -23.52
C LYS F 243 -16.34 10.93 -24.27
N ILE F 244 -16.98 10.75 -25.42
CA ILE F 244 -16.79 9.55 -26.24
C ILE F 244 -15.65 9.70 -27.22
N SER F 245 -14.99 10.86 -27.27
CA SER F 245 -13.85 11.13 -28.15
C SER F 245 -14.21 10.80 -29.61
N ALA F 246 -15.21 11.51 -30.11
CA ALA F 246 -15.68 11.34 -31.48
C ALA F 246 -15.70 12.69 -32.19
N PRO F 247 -15.53 12.70 -33.51
CA PRO F 247 -15.64 13.97 -34.24
C PRO F 247 -17.04 14.56 -34.11
N TYR F 248 -17.10 15.87 -33.90
CA TYR F 248 -18.37 16.50 -33.57
C TYR F 248 -19.34 16.48 -34.75
N ASP F 249 -18.84 16.58 -35.99
CA ASP F 249 -19.74 16.57 -37.13
C ASP F 249 -20.48 15.25 -37.24
N LEU F 250 -19.78 14.15 -37.01
CA LEU F 250 -20.44 12.85 -37.05
C LEU F 250 -21.39 12.66 -35.86
N VAL F 251 -21.06 13.26 -34.71
CA VAL F 251 -21.96 13.20 -33.57
C VAL F 251 -23.25 13.94 -33.88
N ALA F 252 -23.14 15.12 -34.51
CA ALA F 252 -24.33 15.87 -34.90
C ALA F 252 -25.11 15.14 -35.98
N GLN F 253 -24.42 14.44 -36.89
CA GLN F 253 -25.12 13.66 -37.91
C GLN F 253 -25.88 12.50 -37.29
N THR F 254 -25.28 11.81 -36.31
CA THR F 254 -25.97 10.75 -35.61
C THR F 254 -27.15 11.29 -34.80
N LYS F 255 -27.02 12.50 -34.27
CA LYS F 255 -28.12 13.10 -33.52
C LYS F 255 -29.28 13.47 -34.46
N GLN F 256 -28.97 13.98 -35.64
CA GLN F 256 -30.01 14.40 -36.56
C GLN F 256 -30.62 13.21 -37.31
N MET F 257 -29.90 12.09 -37.40
CA MET F 257 -30.35 10.96 -38.18
C MET F 257 -31.00 9.85 -37.35
N GLY F 258 -30.60 9.70 -36.09
CA GLY F 258 -31.10 8.63 -35.26
C GLY F 258 -30.30 7.35 -35.29
N ARG F 259 -29.43 7.19 -36.29
CA ARG F 259 -28.50 6.07 -36.36
C ARG F 259 -27.17 6.61 -36.89
N VAL F 260 -26.12 5.84 -36.74
CA VAL F 260 -24.85 6.25 -37.35
C VAL F 260 -25.00 6.20 -38.87
N PRO F 261 -24.37 7.10 -39.60
CA PRO F 261 -24.65 7.17 -41.05
C PRO F 261 -23.94 6.11 -41.87
N VAL F 262 -23.95 4.86 -41.40
CA VAL F 262 -23.39 3.72 -42.12
C VAL F 262 -24.27 2.51 -41.84
N VAL F 263 -23.89 1.37 -42.40
CA VAL F 263 -24.59 0.11 -42.19
C VAL F 263 -23.94 -0.64 -41.04
N GLN F 264 -24.75 -1.05 -40.07
CA GLN F 264 -24.27 -1.71 -38.86
C GLN F 264 -24.56 -3.21 -38.95
N PHE F 265 -23.50 -4.01 -38.90
CA PHE F 265 -23.61 -5.45 -38.77
C PHE F 265 -23.19 -5.86 -37.36
N ALA F 266 -23.45 -7.12 -37.02
CA ALA F 266 -23.03 -7.68 -35.74
C ALA F 266 -22.03 -8.79 -35.99
N SER F 267 -21.18 -9.05 -35.01
CA SER F 267 -20.22 -10.14 -35.16
C SER F 267 -19.87 -10.72 -33.79
N GLY F 268 -19.53 -11.99 -33.79
CA GLY F 268 -19.03 -12.64 -32.60
C GLY F 268 -20.03 -13.52 -31.88
N GLY F 269 -19.95 -14.83 -32.09
CA GLY F 269 -20.75 -15.78 -31.35
C GLY F 269 -22.07 -16.17 -31.98
N ILE F 270 -22.44 -15.60 -33.12
CA ILE F 270 -23.71 -15.93 -33.76
C ILE F 270 -23.61 -17.34 -34.34
N THR F 271 -24.31 -18.29 -33.71
CA THR F 271 -24.30 -19.68 -34.16
C THR F 271 -25.67 -20.19 -34.54
N THR F 272 -26.68 -20.00 -33.72
CA THR F 272 -28.02 -20.49 -33.95
C THR F 272 -28.88 -19.41 -34.59
N PRO F 273 -30.00 -19.79 -35.21
CA PRO F 273 -30.90 -18.76 -35.77
C PRO F 273 -31.42 -17.79 -34.72
N ALA F 274 -31.58 -18.24 -33.48
CA ALA F 274 -32.05 -17.37 -32.41
C ALA F 274 -31.08 -16.21 -32.18
N ASP F 275 -29.78 -16.48 -32.27
CA ASP F 275 -28.80 -15.42 -32.04
C ASP F 275 -28.84 -14.37 -33.16
N ALA F 276 -28.98 -14.83 -34.41
CA ALA F 276 -29.06 -13.88 -35.52
C ALA F 276 -30.34 -13.07 -35.44
N ALA F 277 -31.46 -13.71 -35.09
CA ALA F 277 -32.71 -12.96 -34.93
C ALA F 277 -32.61 -11.97 -33.77
N LEU F 278 -31.91 -12.33 -32.70
CA LEU F 278 -31.71 -11.39 -31.60
C LEU F 278 -30.87 -10.20 -32.04
N MET F 279 -29.79 -10.45 -32.79
CA MET F 279 -28.96 -9.36 -33.28
C MET F 279 -29.74 -8.45 -34.22
N MET F 280 -30.64 -9.02 -35.01
CA MET F 280 -31.43 -8.22 -35.93
C MET F 280 -32.61 -7.54 -35.25
N GLN F 281 -33.00 -7.99 -34.06
CA GLN F 281 -34.07 -7.34 -33.32
C GLN F 281 -33.56 -6.22 -32.42
N LEU F 282 -32.26 -6.19 -32.14
CA LEU F 282 -31.68 -5.09 -31.39
C LEU F 282 -31.44 -3.85 -32.23
N GLY F 283 -31.62 -3.94 -33.55
CA GLY F 283 -31.45 -2.81 -34.44
C GLY F 283 -30.37 -2.96 -35.48
N CYS F 284 -29.60 -4.04 -35.46
CA CYS F 284 -28.54 -4.21 -36.45
C CYS F 284 -29.14 -4.47 -37.84
N ASP F 285 -28.25 -4.50 -38.84
CA ASP F 285 -28.66 -4.70 -40.21
C ASP F 285 -28.23 -6.04 -40.79
N GLY F 286 -27.43 -6.81 -40.07
CA GLY F 286 -26.99 -8.10 -40.55
C GLY F 286 -26.06 -8.74 -39.54
N VAL F 287 -25.64 -9.97 -39.87
CA VAL F 287 -24.79 -10.74 -38.98
C VAL F 287 -23.57 -11.25 -39.74
N PHE F 288 -22.51 -11.52 -38.99
CA PHE F 288 -21.28 -12.10 -39.50
C PHE F 288 -21.20 -13.53 -38.97
N VAL F 289 -21.46 -14.49 -39.83
CA VAL F 289 -21.44 -15.89 -39.43
C VAL F 289 -20.07 -16.47 -39.70
N GLY F 290 -19.33 -16.78 -38.64
CA GLY F 290 -17.98 -17.25 -38.75
C GLY F 290 -17.89 -18.64 -39.36
N SER F 291 -16.66 -19.14 -39.42
CA SER F 291 -16.38 -20.43 -40.04
C SER F 291 -16.65 -21.60 -39.11
N GLU F 292 -17.16 -21.36 -37.91
CA GLU F 292 -17.47 -22.44 -36.99
C GLU F 292 -18.74 -23.20 -37.37
N VAL F 293 -19.41 -22.81 -38.45
CA VAL F 293 -20.60 -23.53 -38.87
C VAL F 293 -20.26 -24.66 -39.83
N PHE F 294 -19.15 -24.55 -40.56
CA PHE F 294 -18.79 -25.55 -41.55
C PHE F 294 -18.18 -26.80 -40.94
N ASP F 295 -17.87 -26.79 -39.64
CA ASP F 295 -17.34 -27.97 -38.97
C ASP F 295 -18.41 -28.73 -38.20
N GLY F 296 -19.69 -28.46 -38.47
CA GLY F 296 -20.77 -29.21 -37.86
C GLY F 296 -21.18 -30.39 -38.73
N PRO F 297 -22.24 -31.10 -38.33
CA PRO F 297 -22.68 -32.27 -39.10
C PRO F 297 -23.25 -31.90 -40.46
N ASP F 298 -24.03 -30.83 -40.52
CA ASP F 298 -24.63 -30.37 -41.77
C ASP F 298 -24.52 -28.85 -41.84
N PRO F 299 -23.54 -28.31 -42.56
CA PRO F 299 -23.36 -26.85 -42.60
C PRO F 299 -24.45 -26.14 -43.41
N PHE F 300 -24.96 -26.82 -44.44
CA PHE F 300 -25.96 -26.19 -45.29
C PHE F 300 -27.25 -25.89 -44.54
N LYS F 301 -27.70 -26.82 -43.69
CA LYS F 301 -28.93 -26.59 -42.94
C LYS F 301 -28.76 -25.43 -41.96
N LYS F 302 -27.62 -25.39 -41.27
CA LYS F 302 -27.36 -24.29 -40.34
C LYS F 302 -27.32 -22.95 -41.07
N LEU F 303 -26.64 -22.90 -42.21
CA LEU F 303 -26.53 -21.65 -42.96
C LEU F 303 -27.89 -21.19 -43.47
N ARG F 304 -28.69 -22.12 -44.02
CA ARG F 304 -30.01 -21.77 -44.50
C ARG F 304 -30.90 -21.28 -43.36
N SER F 305 -30.80 -21.92 -42.19
CA SER F 305 -31.60 -21.50 -41.05
C SER F 305 -31.20 -20.11 -40.56
N ILE F 306 -29.89 -19.83 -40.55
CA ILE F 306 -29.43 -18.51 -40.13
C ILE F 306 -29.90 -17.44 -41.12
N VAL F 307 -29.83 -17.74 -42.41
CA VAL F 307 -30.25 -16.76 -43.42
C VAL F 307 -31.75 -16.50 -43.31
N GLN F 308 -32.55 -17.57 -43.17
CA GLN F 308 -33.99 -17.38 -43.03
C GLN F 308 -34.35 -16.69 -41.73
N ALA F 309 -33.53 -16.87 -40.69
CA ALA F 309 -33.75 -16.14 -39.43
C ALA F 309 -33.49 -14.66 -39.60
N VAL F 310 -32.40 -14.31 -40.30
CA VAL F 310 -32.12 -12.91 -40.55
C VAL F 310 -33.22 -12.28 -41.40
N GLN F 311 -33.74 -13.04 -42.36
CA GLN F 311 -34.78 -12.50 -43.24
C GLN F 311 -36.10 -12.34 -42.51
N HIS F 312 -36.42 -13.25 -41.59
CA HIS F 312 -37.72 -13.23 -40.91
C HIS F 312 -37.56 -13.11 -39.40
N TYR F 313 -36.73 -12.16 -38.95
CA TYR F 313 -36.43 -12.02 -37.52
C TYR F 313 -37.64 -11.69 -36.67
N ASN F 314 -38.78 -11.32 -37.28
CA ASN F 314 -39.96 -10.96 -36.52
C ASN F 314 -40.96 -12.09 -36.36
N ASP F 315 -40.86 -13.14 -37.17
CA ASP F 315 -41.83 -14.23 -37.14
C ASP F 315 -41.32 -15.33 -36.23
N PRO F 316 -42.00 -15.65 -35.12
CA PRO F 316 -41.49 -16.70 -34.24
C PRO F 316 -41.72 -18.10 -34.78
N HIS F 317 -42.74 -18.30 -35.61
CA HIS F 317 -42.99 -19.64 -36.16
C HIS F 317 -41.89 -20.04 -37.14
N VAL F 318 -41.50 -19.13 -38.03
CA VAL F 318 -40.39 -19.41 -38.94
C VAL F 318 -39.12 -19.68 -38.15
N LEU F 319 -38.90 -18.93 -37.06
CA LEU F 319 -37.72 -19.14 -36.24
C LEU F 319 -37.73 -20.52 -35.61
N ALA F 320 -38.89 -20.94 -35.09
CA ALA F 320 -38.98 -22.27 -34.50
C ALA F 320 -38.83 -23.37 -35.55
N GLU F 321 -39.23 -23.10 -36.79
CA GLU F 321 -39.05 -24.09 -37.84
C GLU F 321 -37.59 -24.22 -38.25
N MET F 322 -36.89 -23.08 -38.35
CA MET F 322 -35.47 -23.13 -38.70
C MET F 322 -34.61 -23.67 -37.57
N SER F 323 -35.09 -23.60 -36.33
CA SER F 323 -34.31 -24.08 -35.18
C SER F 323 -34.60 -25.55 -34.90
N PRO G 64 -22.85 34.15 -39.03
CA PRO G 64 -21.77 33.35 -39.62
C PRO G 64 -20.47 33.46 -38.84
N PHE G 65 -19.64 32.41 -38.90
CA PHE G 65 -18.37 32.41 -38.18
C PHE G 65 -17.32 33.26 -38.89
N SER G 66 -17.39 33.36 -40.22
CA SER G 66 -16.40 34.13 -40.95
C SER G 66 -16.45 35.61 -40.59
N VAL G 67 -17.65 36.18 -40.54
CA VAL G 67 -17.76 37.59 -40.20
C VAL G 67 -17.38 37.83 -38.74
N LYS G 68 -17.63 36.86 -37.87
CA LYS G 68 -17.23 37.04 -36.46
C LYS G 68 -15.72 37.01 -36.33
N VAL G 69 -15.04 36.12 -37.06
CA VAL G 69 -13.58 36.13 -37.05
C VAL G 69 -13.06 37.42 -37.66
N GLY G 70 -13.74 37.95 -38.67
CA GLY G 70 -13.33 39.21 -39.26
C GLY G 70 -13.42 40.37 -38.27
N LEU G 71 -14.53 40.43 -37.52
CA LEU G 71 -14.66 41.45 -36.48
C LEU G 71 -13.66 41.25 -35.35
N ALA G 72 -13.29 40.00 -35.07
CA ALA G 72 -12.39 39.74 -33.96
C ALA G 72 -10.94 40.02 -34.32
N GLN G 73 -10.56 39.89 -35.59
CA GLN G 73 -9.17 40.03 -35.97
C GLN G 73 -8.74 41.48 -36.19
N VAL G 74 -9.50 42.46 -35.71
CA VAL G 74 -9.03 43.83 -35.73
C VAL G 74 -8.19 44.15 -34.51
N LEU G 75 -8.16 43.26 -33.52
CA LEU G 75 -7.37 43.45 -32.31
C LEU G 75 -5.93 42.95 -32.45
N ARG G 76 -5.54 42.47 -33.64
CA ARG G 76 -4.20 41.92 -33.81
C ARG G 76 -3.14 42.99 -33.55
N GLY G 77 -2.14 42.62 -32.75
CA GLY G 77 -1.06 43.54 -32.45
C GLY G 77 -1.42 44.64 -31.48
N GLY G 78 -2.17 44.33 -30.43
CA GLY G 78 -2.55 45.32 -29.44
C GLY G 78 -2.66 44.70 -28.06
N ALA G 79 -2.87 45.56 -27.08
CA ALA G 79 -3.01 45.15 -25.68
C ALA G 79 -4.42 45.44 -25.20
N ILE G 80 -5.06 44.43 -24.61
CA ILE G 80 -6.42 44.54 -24.08
C ILE G 80 -6.30 44.78 -22.59
N VAL G 81 -6.75 45.94 -22.14
CA VAL G 81 -6.53 46.37 -20.76
C VAL G 81 -7.78 46.13 -19.94
N GLU G 82 -7.60 45.59 -18.73
CA GLU G 82 -8.72 45.34 -17.83
C GLU G 82 -8.97 46.60 -17.00
N VAL G 83 -10.09 47.28 -17.29
CA VAL G 83 -10.44 48.49 -16.59
C VAL G 83 -11.59 48.20 -15.63
N SER G 84 -11.81 49.11 -14.69
CA SER G 84 -12.82 48.92 -13.66
C SER G 84 -13.70 50.13 -13.44
N SER G 85 -13.49 51.23 -14.16
CA SER G 85 -14.30 52.43 -13.99
C SER G 85 -14.14 53.29 -15.24
N VAL G 86 -14.87 54.40 -15.26
CA VAL G 86 -14.80 55.31 -16.40
C VAL G 86 -13.42 55.94 -16.50
N ASN G 87 -12.82 56.28 -15.35
CA ASN G 87 -11.51 56.93 -15.36
C ASN G 87 -10.43 55.98 -15.85
N GLN G 88 -10.43 54.73 -15.36
CA GLN G 88 -9.44 53.77 -15.81
C GLN G 88 -9.66 53.41 -17.28
N ALA G 89 -10.92 53.42 -17.72
CA ALA G 89 -11.19 53.18 -19.14
C ALA G 89 -10.63 54.31 -20.00
N LYS G 90 -10.84 55.56 -19.59
CA LYS G 90 -10.28 56.69 -20.34
C LYS G 90 -8.76 56.65 -20.32
N LEU G 91 -8.16 56.22 -19.20
CA LEU G 91 -6.72 56.11 -19.12
C LEU G 91 -6.18 55.05 -20.08
N ALA G 92 -6.83 53.89 -20.11
CA ALA G 92 -6.39 52.82 -21.01
C ALA G 92 -6.63 53.19 -22.47
N GLU G 93 -7.64 54.01 -22.75
CA GLU G 93 -7.84 54.47 -24.11
C GLU G 93 -6.77 55.48 -24.51
N SER G 94 -6.44 56.41 -23.61
CA SER G 94 -5.41 57.40 -23.92
C SER G 94 -4.02 56.78 -24.01
N ALA G 95 -3.80 55.66 -23.31
CA ALA G 95 -2.52 54.98 -23.44
C ALA G 95 -2.34 54.37 -24.82
N GLY G 96 -3.43 53.88 -25.41
CA GLY G 96 -3.37 53.33 -26.75
C GLY G 96 -3.77 51.87 -26.82
N ALA G 97 -4.59 51.42 -25.87
CA ALA G 97 -5.04 50.05 -25.85
C ALA G 97 -6.00 49.78 -27.01
N CYS G 98 -5.97 48.54 -27.51
CA CYS G 98 -6.87 48.18 -28.60
C CYS G 98 -8.28 47.94 -28.11
N SER G 99 -8.46 47.55 -26.85
CA SER G 99 -9.79 47.33 -26.29
C SER G 99 -9.68 47.29 -24.78
N VAL G 100 -10.81 47.51 -24.12
CA VAL G 100 -10.88 47.53 -22.67
C VAL G 100 -11.90 46.50 -22.21
N ILE G 101 -11.46 45.57 -21.37
CA ILE G 101 -12.34 44.56 -20.79
C ILE G 101 -12.75 45.01 -19.41
N VAL G 102 -14.05 44.91 -19.12
CA VAL G 102 -14.65 45.58 -17.97
C VAL G 102 -14.74 44.62 -16.79
N SER G 103 -14.33 45.08 -15.62
CA SER G 103 -14.54 44.39 -14.35
C SER G 103 -15.19 45.36 -13.39
N ASP G 104 -16.34 44.96 -12.82
CA ASP G 104 -17.15 45.94 -12.09
C ASP G 104 -16.51 46.42 -10.79
N PRO G 105 -15.89 45.59 -9.96
CA PRO G 105 -15.52 46.06 -8.63
C PRO G 105 -14.20 46.83 -8.63
N VAL G 106 -14.02 47.64 -7.60
CA VAL G 106 -12.71 48.25 -7.35
C VAL G 106 -11.79 47.23 -6.68
N ARG G 107 -12.35 46.36 -5.86
CA ARG G 107 -11.58 45.32 -5.18
C ARG G 107 -12.46 44.08 -5.10
N SER G 108 -11.82 42.91 -5.05
CA SER G 108 -12.48 41.63 -4.87
C SER G 108 -12.12 41.12 -3.48
N ARG G 109 -13.07 41.16 -2.55
CA ARG G 109 -12.83 40.83 -1.16
C ARG G 109 -13.04 39.33 -0.96
N GLY G 110 -12.32 38.54 -1.74
CA GLY G 110 -12.35 37.09 -1.60
C GLY G 110 -13.73 36.47 -1.78
N GLY G 111 -14.59 37.09 -2.59
CA GLY G 111 -15.93 36.60 -2.81
C GLY G 111 -16.08 35.93 -4.17
N VAL G 112 -17.34 35.78 -4.57
CA VAL G 112 -17.68 35.22 -5.87
C VAL G 112 -17.88 36.36 -6.85
N ARG G 113 -17.16 36.32 -7.97
CA ARG G 113 -17.27 37.33 -9.00
C ARG G 113 -18.18 36.85 -10.12
N ARG G 114 -18.72 37.80 -10.88
CA ARG G 114 -19.66 37.50 -11.94
C ARG G 114 -19.63 38.63 -12.96
N MET G 115 -20.60 38.61 -13.87
CA MET G 115 -20.67 39.60 -14.93
C MET G 115 -20.78 41.01 -14.34
N PRO G 116 -20.10 41.99 -14.91
CA PRO G 116 -20.19 43.36 -14.38
C PRO G 116 -21.60 43.92 -14.48
N ASP G 117 -21.87 44.93 -13.65
CA ASP G 117 -23.19 45.53 -13.60
C ASP G 117 -23.44 46.35 -14.86
N PRO G 118 -24.62 46.25 -15.48
CA PRO G 118 -24.80 46.81 -16.82
C PRO G 118 -24.59 48.31 -16.92
N VAL G 119 -24.89 49.08 -15.88
CA VAL G 119 -24.74 50.53 -16.02
C VAL G 119 -23.27 50.91 -16.12
N LEU G 120 -22.40 50.15 -15.46
CA LEU G 120 -20.96 50.40 -15.60
C LEU G 120 -20.50 50.12 -17.03
N ILE G 121 -21.01 49.05 -17.63
CA ILE G 121 -20.67 48.75 -19.02
C ILE G 121 -21.17 49.85 -19.94
N LYS G 122 -22.38 50.34 -19.70
CA LYS G 122 -22.92 51.42 -20.52
C LYS G 122 -22.09 52.69 -20.39
N GLU G 123 -21.68 53.02 -19.15
CA GLU G 123 -20.85 54.19 -18.95
C GLU G 123 -19.50 54.05 -19.65
N VAL G 124 -18.86 52.89 -19.50
CA VAL G 124 -17.56 52.69 -20.14
C VAL G 124 -17.69 52.74 -21.66
N LYS G 125 -18.77 52.16 -22.19
CA LYS G 125 -18.97 52.15 -23.63
C LYS G 125 -19.28 53.55 -24.16
N ARG G 126 -19.92 54.38 -23.35
CA ARG G 126 -20.18 55.75 -23.78
C ARG G 126 -18.93 56.62 -23.67
N ALA G 127 -18.03 56.29 -22.73
CA ALA G 127 -16.85 57.11 -22.52
C ALA G 127 -15.80 56.88 -23.60
N VAL G 128 -15.30 55.66 -23.71
CA VAL G 128 -14.22 55.34 -24.63
C VAL G 128 -14.80 54.95 -25.99
N SER G 129 -13.98 55.10 -27.03
CA SER G 129 -14.37 54.71 -28.38
C SER G 129 -13.76 53.39 -28.83
N VAL G 130 -12.79 52.87 -28.08
CA VAL G 130 -12.19 51.57 -28.38
C VAL G 130 -13.19 50.49 -28.05
N PRO G 131 -13.06 49.28 -28.61
CA PRO G 131 -13.99 48.21 -28.26
C PRO G 131 -14.02 47.93 -26.76
N VAL G 132 -15.22 47.64 -26.27
CA VAL G 132 -15.46 47.36 -24.86
C VAL G 132 -15.90 45.91 -24.73
N MET G 133 -15.05 45.10 -24.11
CA MET G 133 -15.39 43.70 -23.84
C MET G 133 -16.21 43.61 -22.57
N ALA G 134 -16.56 42.38 -22.20
CA ALA G 134 -17.27 42.10 -20.97
C ALA G 134 -17.06 40.64 -20.64
N ARG G 135 -17.16 40.32 -19.36
CA ARG G 135 -16.88 38.98 -18.88
C ARG G 135 -18.16 38.27 -18.50
N ALA G 136 -18.25 37.00 -18.89
CA ALA G 136 -19.37 36.14 -18.55
C ALA G 136 -18.82 34.84 -17.96
N ARG G 137 -19.47 34.35 -16.93
CA ARG G 137 -19.04 33.12 -16.29
C ARG G 137 -19.14 31.97 -17.29
N VAL G 138 -18.15 31.08 -17.27
CA VAL G 138 -18.11 29.98 -18.21
C VAL G 138 -19.29 29.05 -17.94
N GLY G 139 -20.07 28.79 -18.99
CA GLY G 139 -21.27 27.98 -18.87
C GLY G 139 -22.53 28.76 -18.59
N HIS G 140 -22.43 30.06 -18.35
CA HIS G 140 -23.57 30.92 -18.02
C HIS G 140 -23.97 31.63 -19.30
N PHE G 141 -24.95 31.06 -20.01
CA PHE G 141 -25.38 31.65 -21.27
C PHE G 141 -26.35 32.81 -21.09
N VAL G 142 -26.99 32.92 -19.93
CA VAL G 142 -27.91 34.04 -19.71
C VAL G 142 -27.13 35.33 -19.51
N GLU G 143 -25.99 35.27 -18.83
CA GLU G 143 -25.12 36.44 -18.76
C GLU G 143 -24.63 36.83 -20.15
N ALA G 144 -24.35 35.85 -21.01
CA ALA G 144 -23.96 36.16 -22.37
C ALA G 144 -25.09 36.80 -23.15
N GLN G 145 -26.33 36.36 -22.92
CA GLN G 145 -27.48 36.99 -23.56
C GLN G 145 -27.64 38.42 -23.10
N ILE G 146 -27.48 38.67 -21.80
CA ILE G 146 -27.59 40.02 -21.27
C ILE G 146 -26.50 40.91 -21.86
N LEU G 147 -25.28 40.38 -21.98
CA LEU G 147 -24.20 41.16 -22.55
C LEU G 147 -24.44 41.46 -24.03
N GLU G 148 -24.91 40.47 -24.78
CA GLU G 148 -25.24 40.70 -26.18
C GLU G 148 -26.36 41.71 -26.34
N SER G 149 -27.29 41.76 -25.39
CA SER G 149 -28.34 42.77 -25.44
C SER G 149 -27.77 44.18 -25.25
N LEU G 150 -26.74 44.32 -24.42
CA LEU G 150 -26.09 45.61 -24.21
C LEU G 150 -25.21 46.03 -25.37
N ALA G 151 -25.10 45.22 -26.41
CA ALA G 151 -24.34 45.54 -27.62
C ALA G 151 -22.86 45.74 -27.32
N VAL G 152 -22.32 44.91 -26.43
CA VAL G 152 -20.87 44.90 -26.23
C VAL G 152 -20.19 44.37 -27.48
N ASP G 153 -18.97 44.85 -27.74
CA ASP G 153 -18.29 44.48 -28.97
C ASP G 153 -17.80 43.04 -28.92
N TYR G 154 -17.31 42.60 -27.76
CA TYR G 154 -16.82 41.24 -27.59
C TYR G 154 -17.24 40.73 -26.22
N ILE G 155 -17.54 39.44 -26.14
CA ILE G 155 -17.91 38.79 -24.89
C ILE G 155 -16.84 37.79 -24.53
N ASP G 156 -16.35 37.85 -23.29
CA ASP G 156 -15.27 37.01 -22.83
C ASP G 156 -15.83 35.93 -21.92
N GLU G 157 -15.87 34.68 -22.42
CA GLU G 157 -16.31 33.56 -21.59
C GLU G 157 -15.18 33.19 -20.63
N SER G 158 -15.11 33.95 -19.54
CA SER G 158 -13.90 33.95 -18.72
C SER G 158 -13.96 32.90 -17.62
N GLU G 159 -12.80 32.30 -17.35
CA GLU G 159 -12.67 31.32 -16.29
C GLU G 159 -11.93 31.85 -15.07
N ILE G 160 -11.41 33.07 -15.13
CA ILE G 160 -10.85 33.68 -13.93
C ILE G 160 -11.97 34.11 -12.99
N ILE G 161 -13.12 34.47 -13.55
CA ILE G 161 -14.32 34.66 -12.76
C ILE G 161 -14.88 33.29 -12.38
N SER G 162 -15.55 33.24 -11.23
CA SER G 162 -16.09 31.99 -10.71
C SER G 162 -16.86 31.22 -11.78
N VAL G 163 -16.65 29.91 -11.82
CA VAL G 163 -17.24 29.08 -12.87
C VAL G 163 -18.70 28.84 -12.57
N ALA G 164 -19.56 29.03 -13.58
CA ALA G 164 -20.96 28.71 -13.42
C ALA G 164 -21.24 27.23 -13.69
N ASP G 165 -20.91 26.76 -14.89
CA ASP G 165 -21.12 25.38 -15.27
C ASP G 165 -19.77 24.70 -15.45
N ASP G 166 -19.46 23.74 -14.58
CA ASP G 166 -18.15 23.08 -14.64
C ASP G 166 -18.05 22.14 -15.83
N ASP G 167 -19.15 21.47 -16.18
CA ASP G 167 -19.10 20.45 -17.22
C ASP G 167 -19.20 21.05 -18.62
N HIS G 168 -20.23 21.85 -18.86
CA HIS G 168 -20.52 22.36 -20.19
C HIS G 168 -20.14 23.83 -20.31
N PHE G 169 -20.08 24.29 -21.55
CA PHE G 169 -19.74 25.66 -21.89
C PHE G 169 -20.93 26.33 -22.58
N ILE G 170 -20.71 27.53 -23.09
CA ILE G 170 -21.74 28.26 -23.80
C ILE G 170 -21.75 27.84 -25.26
N ASN G 171 -22.93 27.54 -25.80
CA ASN G 171 -23.08 27.26 -27.22
C ASN G 171 -23.02 28.59 -27.95
N LYS G 172 -21.79 29.00 -28.26
CA LYS G 172 -21.52 30.33 -28.79
C LYS G 172 -21.98 30.53 -30.23
N HIS G 173 -22.69 29.55 -30.81
CA HIS G 173 -23.23 29.73 -32.16
C HIS G 173 -24.56 30.44 -32.18
N ASN G 174 -25.26 30.49 -31.04
CA ASN G 174 -26.56 31.14 -30.96
C ASN G 174 -26.46 32.65 -30.80
N PHE G 175 -25.27 33.18 -30.54
CA PHE G 175 -25.09 34.60 -30.26
C PHE G 175 -24.56 35.33 -31.48
N ARG G 176 -24.76 36.65 -31.48
CA ARG G 176 -24.33 37.50 -32.58
C ARG G 176 -23.00 38.19 -32.30
N SER G 177 -22.58 38.25 -31.04
CA SER G 177 -21.35 38.93 -30.68
C SER G 177 -20.19 37.95 -30.65
N PRO G 178 -19.00 38.39 -31.05
CA PRO G 178 -17.83 37.50 -31.01
C PRO G 178 -17.45 37.16 -29.59
N PHE G 179 -16.90 35.95 -29.43
CA PHE G 179 -16.54 35.41 -28.13
C PHE G 179 -15.04 35.21 -28.03
N ILE G 180 -14.53 35.40 -26.81
CA ILE G 180 -13.14 35.14 -26.48
C ILE G 180 -13.13 34.05 -25.42
N CYS G 181 -12.45 32.95 -25.71
CA CYS G 181 -12.41 31.79 -24.84
C CYS G 181 -10.99 31.51 -24.40
N GLY G 182 -10.83 31.06 -23.17
CA GLY G 182 -9.51 30.74 -22.67
C GLY G 182 -9.13 29.30 -22.97
N CYS G 183 -7.82 29.07 -23.09
CA CYS G 183 -7.32 27.72 -23.34
C CYS G 183 -6.04 27.51 -22.56
N ARG G 184 -5.60 26.26 -22.52
CA ARG G 184 -4.32 25.88 -21.94
C ARG G 184 -3.52 24.93 -22.81
N ASP G 185 -4.09 24.45 -23.91
CA ASP G 185 -3.39 23.61 -24.87
C ASP G 185 -4.15 23.65 -26.19
N THR G 186 -3.67 22.90 -27.18
CA THR G 186 -4.33 22.92 -28.48
C THR G 186 -5.68 22.22 -28.46
N GLY G 187 -5.83 21.22 -27.58
CA GLY G 187 -7.12 20.56 -27.46
C GLY G 187 -8.23 21.51 -27.05
N GLU G 188 -7.99 22.27 -25.96
CA GLU G 188 -8.99 23.22 -25.49
C GLU G 188 -9.21 24.32 -26.52
N ALA G 189 -8.15 24.78 -27.17
CA ALA G 189 -8.30 25.82 -28.19
C ALA G 189 -9.21 25.35 -29.31
N LEU G 190 -8.97 24.14 -29.82
CA LEU G 190 -9.78 23.64 -30.93
C LEU G 190 -11.20 23.35 -30.48
N ARG G 191 -11.38 22.86 -29.25
CA ARG G 191 -12.73 22.65 -28.76
C ARG G 191 -13.50 23.95 -28.66
N ARG G 192 -12.84 25.01 -28.19
CA ARG G 192 -13.51 26.30 -28.07
C ARG G 192 -13.82 26.90 -29.44
N ILE G 193 -12.91 26.72 -30.40
CA ILE G 193 -13.19 27.20 -31.76
C ILE G 193 -14.34 26.41 -32.37
N ARG G 194 -14.46 25.13 -32.03
CA ARG G 194 -15.58 24.34 -32.52
C ARG G 194 -16.89 24.79 -31.89
N GLU G 195 -16.87 25.13 -30.60
CA GLU G 195 -18.08 25.63 -29.96
C GLU G 195 -18.51 26.97 -30.53
N GLY G 196 -17.57 27.76 -31.05
CA GLY G 196 -17.92 29.01 -31.70
C GLY G 196 -17.11 30.21 -31.28
N ALA G 197 -16.05 29.99 -30.51
CA ALA G 197 -15.22 31.09 -30.03
C ALA G 197 -14.49 31.75 -31.19
N ALA G 198 -14.74 33.04 -31.39
CA ALA G 198 -14.10 33.78 -32.47
C ALA G 198 -12.71 34.29 -32.10
N MET G 199 -12.26 34.06 -30.87
CA MET G 199 -10.93 34.49 -30.45
C MET G 199 -10.51 33.65 -29.25
N ILE G 200 -9.22 33.32 -29.18
CA ILE G 200 -8.70 32.43 -28.16
C ILE G 200 -7.59 33.14 -27.40
N ARG G 201 -7.60 33.00 -26.08
CA ARG G 201 -6.54 33.53 -25.24
C ARG G 201 -5.87 32.39 -24.48
N ILE G 202 -4.56 32.28 -24.62
CA ILE G 202 -3.78 31.28 -23.90
C ILE G 202 -3.58 31.78 -22.47
N GLN G 203 -4.08 31.00 -21.51
CA GLN G 203 -4.17 31.43 -20.13
C GLN G 203 -3.05 30.84 -19.30
N GLY G 204 -2.55 31.64 -18.36
CA GLY G 204 -1.54 31.19 -17.42
C GLY G 204 -2.11 30.92 -16.04
N ASP G 205 -1.95 31.87 -15.12
CA ASP G 205 -2.42 31.72 -13.74
C ASP G 205 -2.88 33.09 -13.24
N LEU G 206 -4.19 33.24 -13.06
CA LEU G 206 -4.74 34.46 -12.49
C LEU G 206 -5.11 34.25 -11.03
N THR G 207 -5.28 35.37 -10.32
CA THR G 207 -5.71 35.41 -8.93
C THR G 207 -4.68 34.72 -8.03
N ALA G 208 -3.50 34.43 -8.57
CA ALA G 208 -2.45 33.76 -7.79
C ALA G 208 -1.24 34.65 -7.54
N THR G 209 -0.65 35.18 -8.60
CA THR G 209 0.55 36.03 -8.49
C THR G 209 0.70 36.80 -9.80
N GLY G 210 1.84 37.45 -9.95
CA GLY G 210 2.16 38.17 -11.18
C GLY G 210 3.26 37.48 -11.96
N ASN G 211 3.36 36.16 -11.82
CA ASN G 211 4.40 35.41 -12.50
C ASN G 211 3.98 35.07 -13.93
N ILE G 212 4.97 34.89 -14.79
CA ILE G 212 4.75 34.65 -16.21
C ILE G 212 5.05 33.20 -16.60
N ALA G 213 5.33 32.33 -15.63
CA ALA G 213 5.80 30.99 -15.94
C ALA G 213 4.72 30.16 -16.62
N GLU G 214 3.52 30.12 -16.03
CA GLU G 214 2.46 29.28 -16.60
C GLU G 214 2.01 29.79 -17.96
N THR G 215 2.00 31.11 -18.14
CA THR G 215 1.56 31.67 -19.41
C THR G 215 2.53 31.30 -20.54
N VAL G 216 3.82 31.48 -20.32
CA VAL G 216 4.80 31.14 -21.35
C VAL G 216 4.83 29.63 -21.55
N LYS G 217 4.63 28.85 -20.50
CA LYS G 217 4.58 27.39 -20.64
C LYS G 217 3.42 26.98 -21.55
N ASN G 218 2.24 27.56 -21.32
CA ASN G 218 1.08 27.20 -22.14
C ASN G 218 1.24 27.70 -23.57
N VAL G 219 1.80 28.89 -23.76
CA VAL G 219 2.02 29.41 -25.11
C VAL G 219 2.98 28.52 -25.87
N ARG G 220 4.09 28.13 -25.22
CA ARG G 220 5.04 27.23 -25.84
C ARG G 220 4.39 25.89 -26.18
N SER G 221 3.58 25.35 -25.26
CA SER G 221 2.92 24.08 -25.51
C SER G 221 2.01 24.16 -26.73
N LEU G 222 1.21 25.23 -26.81
CA LEU G 222 0.27 25.37 -27.92
C LEU G 222 1.01 25.54 -29.25
N MET G 223 2.02 26.42 -29.28
CA MET G 223 2.75 26.63 -30.52
C MET G 223 3.52 25.37 -30.92
N GLY G 224 4.02 24.62 -29.96
CA GLY G 224 4.72 23.39 -30.28
C GLY G 224 3.79 22.32 -30.83
N GLU G 225 2.59 22.19 -30.25
CA GLU G 225 1.64 21.23 -30.79
C GLU G 225 1.21 21.63 -32.20
N VAL G 226 1.06 22.93 -32.45
CA VAL G 226 0.67 23.36 -33.79
C VAL G 226 1.80 23.11 -34.79
N ARG G 227 3.05 23.32 -34.37
CA ARG G 227 4.17 23.04 -35.26
C ARG G 227 4.32 21.55 -35.53
N VAL G 228 4.02 20.72 -34.53
CA VAL G 228 4.04 19.26 -34.73
C VAL G 228 2.94 18.86 -35.71
N LEU G 229 1.75 19.45 -35.56
CA LEU G 229 0.66 19.17 -36.48
C LEU G 229 1.01 19.56 -37.90
N ASN G 230 1.65 20.72 -38.08
CA ASN G 230 1.90 21.24 -39.41
C ASN G 230 2.77 20.32 -40.26
N ASN G 231 3.55 19.45 -39.63
CA ASN G 231 4.46 18.56 -40.34
C ASN G 231 4.12 17.09 -40.20
N MET G 232 3.04 16.76 -39.48
CA MET G 232 2.70 15.37 -39.21
C MET G 232 2.31 14.63 -40.50
N ASP G 233 2.47 13.31 -40.46
CA ASP G 233 2.01 12.47 -41.55
C ASP G 233 0.49 12.44 -41.59
N ASP G 234 -0.06 12.32 -42.80
CA ASP G 234 -1.51 12.43 -42.98
C ASP G 234 -2.23 11.26 -42.32
N ASP G 235 -1.56 10.12 -42.20
CA ASP G 235 -2.18 8.96 -41.57
C ASP G 235 -2.27 9.10 -40.06
N GLU G 236 -1.45 9.98 -39.46
CA GLU G 236 -1.40 10.10 -38.00
C GLU G 236 -2.26 11.23 -37.47
N VAL G 237 -2.87 12.03 -38.34
CA VAL G 237 -3.65 13.18 -37.88
C VAL G 237 -4.88 12.72 -37.10
N PHE G 238 -5.43 11.57 -37.47
CA PHE G 238 -6.61 11.06 -36.77
C PHE G 238 -6.26 10.65 -35.34
N THR G 239 -5.18 9.89 -35.19
CA THR G 239 -4.74 9.49 -33.85
C THR G 239 -4.32 10.70 -33.03
N PHE G 240 -3.74 11.71 -33.68
CA PHE G 240 -3.38 12.93 -32.96
C PHE G 240 -4.62 13.66 -32.45
N ALA G 241 -5.63 13.80 -33.32
CA ALA G 241 -6.87 14.46 -32.91
C ALA G 241 -7.55 13.69 -31.79
N LYS G 242 -7.47 12.37 -31.82
CA LYS G 242 -8.01 11.58 -30.71
C LYS G 242 -7.20 11.80 -29.44
N LYS G 243 -5.88 11.93 -29.57
CA LYS G 243 -5.02 12.10 -28.39
C LYS G 243 -5.27 13.43 -27.71
N ILE G 244 -5.43 14.51 -28.47
CA ILE G 244 -5.71 15.82 -27.91
C ILE G 244 -7.21 16.07 -27.76
N SER G 245 -8.05 15.12 -28.17
CA SER G 245 -9.51 15.22 -28.07
C SER G 245 -10.02 16.52 -28.69
N ALA G 246 -9.77 16.67 -29.98
CA ALA G 246 -10.18 17.83 -30.75
C ALA G 246 -10.96 17.39 -31.98
N PRO G 247 -11.87 18.21 -32.47
CA PRO G 247 -12.59 17.88 -33.70
C PRO G 247 -11.62 17.78 -34.87
N TYR G 248 -11.81 16.75 -35.70
CA TYR G 248 -10.83 16.46 -36.74
C TYR G 248 -10.80 17.54 -37.81
N ASP G 249 -11.93 18.15 -38.13
CA ASP G 249 -11.94 19.19 -39.17
C ASP G 249 -11.08 20.37 -38.77
N LEU G 250 -11.16 20.78 -37.49
CA LEU G 250 -10.33 21.88 -37.02
C LEU G 250 -8.86 21.47 -36.95
N VAL G 251 -8.58 20.20 -36.66
CA VAL G 251 -7.20 19.73 -36.65
C VAL G 251 -6.63 19.78 -38.06
N ALA G 252 -7.41 19.37 -39.06
CA ALA G 252 -6.96 19.47 -40.44
C ALA G 252 -6.81 20.91 -40.88
N GLN G 253 -7.68 21.80 -40.41
CA GLN G 253 -7.54 23.22 -40.74
C GLN G 253 -6.27 23.81 -40.14
N THR G 254 -5.96 23.44 -38.89
CA THR G 254 -4.72 23.90 -38.27
C THR G 254 -3.51 23.31 -38.98
N LYS G 255 -3.62 22.08 -39.50
CA LYS G 255 -2.51 21.49 -40.23
C LYS G 255 -2.30 22.18 -41.57
N GLN G 256 -3.38 22.55 -42.26
CA GLN G 256 -3.26 23.18 -43.56
C GLN G 256 -2.91 24.66 -43.45
N MET G 257 -3.20 25.28 -42.31
CA MET G 257 -3.00 26.72 -42.15
C MET G 257 -1.72 27.08 -41.43
N GLY G 258 -1.23 26.23 -40.53
CA GLY G 258 -0.05 26.55 -39.75
C GLY G 258 -0.33 27.22 -38.42
N ARG G 259 -1.53 27.76 -38.23
CA ARG G 259 -1.96 28.31 -36.95
C ARG G 259 -3.42 27.92 -36.77
N VAL G 260 -3.91 28.06 -35.54
CA VAL G 260 -5.35 27.84 -35.33
C VAL G 260 -6.12 28.93 -36.05
N PRO G 261 -7.29 28.63 -36.61
CA PRO G 261 -7.95 29.63 -37.45
C PRO G 261 -8.69 30.72 -36.68
N VAL G 262 -8.05 31.26 -35.64
CA VAL G 262 -8.58 32.36 -34.85
C VAL G 262 -7.41 33.25 -34.43
N VAL G 263 -7.72 34.30 -33.68
CA VAL G 263 -6.72 35.21 -33.17
C VAL G 263 -6.32 34.77 -31.77
N GLN G 264 -5.01 34.63 -31.54
CA GLN G 264 -4.46 34.13 -30.28
C GLN G 264 -3.89 35.29 -29.49
N PHE G 265 -4.43 35.50 -28.30
CA PHE G 265 -3.87 36.44 -27.33
C PHE G 265 -3.23 35.66 -26.18
N ALA G 266 -2.48 36.36 -25.34
CA ALA G 266 -1.88 35.76 -24.16
C ALA G 266 -2.47 36.42 -22.92
N SER G 267 -2.46 35.68 -21.80
CA SER G 267 -2.97 36.26 -20.57
C SER G 267 -2.27 35.64 -19.38
N GLY G 268 -2.16 36.42 -18.31
CA GLY G 268 -1.64 35.92 -17.05
C GLY G 268 -0.22 36.31 -16.74
N GLY G 269 -0.04 37.33 -15.90
CA GLY G 269 1.27 37.70 -15.42
C GLY G 269 1.99 38.76 -16.21
N ILE G 270 1.44 39.24 -17.32
CA ILE G 270 2.10 40.26 -18.12
C ILE G 270 2.08 41.58 -17.37
N THR G 271 3.24 42.00 -16.87
CA THR G 271 3.36 43.25 -16.12
C THR G 271 4.30 44.26 -16.76
N THR G 272 5.50 43.84 -17.13
CA THR G 272 6.51 44.70 -17.70
C THR G 272 6.48 44.64 -19.22
N PRO G 273 7.04 45.63 -19.91
CA PRO G 273 7.11 45.55 -21.37
C PRO G 273 7.86 44.34 -21.87
N ALA G 274 8.85 43.85 -21.12
CA ALA G 274 9.59 42.67 -21.53
C ALA G 274 8.68 41.45 -21.63
N ASP G 275 7.72 41.33 -20.72
CA ASP G 275 6.82 40.18 -20.75
C ASP G 275 5.90 40.23 -21.96
N ALA G 276 5.38 41.41 -22.29
CA ALA G 276 4.52 41.54 -23.46
C ALA G 276 5.31 41.29 -24.74
N ALA G 277 6.53 41.80 -24.82
CA ALA G 277 7.36 41.53 -25.99
C ALA G 277 7.70 40.05 -26.10
N LEU G 278 7.91 39.37 -24.97
CA LEU G 278 8.15 37.93 -25.00
C LEU G 278 6.93 37.18 -25.50
N MET G 279 5.74 37.56 -25.01
CA MET G 279 4.52 36.91 -25.47
C MET G 279 4.29 37.13 -26.96
N MET G 280 4.65 38.32 -27.46
CA MET G 280 4.48 38.60 -28.88
C MET G 280 5.59 38.02 -29.74
N GLN G 281 6.72 37.63 -29.13
CA GLN G 281 7.79 36.99 -29.89
C GLN G 281 7.63 35.49 -29.95
N LEU G 282 6.80 34.90 -29.08
CA LEU G 282 6.51 33.47 -29.14
C LEU G 282 5.47 33.13 -30.21
N GLY G 283 4.85 34.14 -30.83
CA GLY G 283 3.88 33.91 -31.88
C GLY G 283 2.49 34.41 -31.59
N CYS G 284 2.22 34.93 -30.39
CA CYS G 284 0.88 35.41 -30.08
C CYS G 284 0.57 36.68 -30.86
N ASP G 285 -0.67 37.13 -30.76
CA ASP G 285 -1.14 38.32 -31.48
C ASP G 285 -1.43 39.49 -30.56
N GLY G 286 -1.39 39.31 -29.25
CA GLY G 286 -1.66 40.40 -28.33
C GLY G 286 -1.58 39.89 -26.90
N VAL G 287 -1.73 40.84 -25.96
CA VAL G 287 -1.63 40.52 -24.54
C VAL G 287 -2.87 41.04 -23.82
N PHE G 288 -3.15 40.42 -22.68
CA PHE G 288 -4.22 40.83 -21.78
C PHE G 288 -3.55 41.42 -20.53
N VAL G 289 -3.61 42.74 -20.41
CA VAL G 289 -2.99 43.43 -19.28
C VAL G 289 -4.03 43.61 -18.19
N GLY G 290 -3.86 42.90 -17.08
CA GLY G 290 -4.82 42.92 -16.01
C GLY G 290 -4.86 44.25 -15.28
N SER G 291 -5.69 44.29 -14.25
CA SER G 291 -5.91 45.52 -13.48
C SER G 291 -4.83 45.77 -12.44
N GLU G 292 -3.79 44.92 -12.38
CA GLU G 292 -2.71 45.13 -11.43
C GLU G 292 -1.76 46.26 -11.84
N VAL G 293 -2.02 46.92 -12.97
CA VAL G 293 -1.17 48.02 -13.39
C VAL G 293 -1.68 49.34 -12.84
N PHE G 294 -2.98 49.45 -12.58
CA PHE G 294 -3.56 50.70 -12.12
C PHE G 294 -3.32 50.98 -10.64
N ASP G 295 -2.78 50.01 -9.90
CA ASP G 295 -2.44 50.22 -8.50
C ASP G 295 -0.96 50.51 -8.28
N GLY G 296 -0.24 50.87 -9.34
CA GLY G 296 1.14 51.28 -9.21
C GLY G 296 1.27 52.78 -9.03
N PRO G 297 2.50 53.30 -9.02
CA PRO G 297 2.69 54.74 -8.83
C PRO G 297 2.21 55.56 -10.01
N ASP G 298 2.46 55.09 -11.22
CA ASP G 298 2.04 55.79 -12.43
C ASP G 298 1.49 54.76 -13.42
N PRO G 299 0.17 54.60 -13.52
CA PRO G 299 -0.39 53.58 -14.42
C PRO G 299 -0.24 53.95 -15.89
N PHE G 300 -0.29 55.25 -16.20
CA PHE G 300 -0.21 55.68 -17.59
C PHE G 300 1.12 55.31 -18.23
N LYS G 301 2.22 55.51 -17.50
CA LYS G 301 3.54 55.19 -18.05
C LYS G 301 3.66 53.69 -18.31
N LYS G 302 3.22 52.88 -17.35
CA LYS G 302 3.26 51.43 -17.54
C LYS G 302 2.42 51.00 -18.73
N LEU G 303 1.21 51.55 -18.87
CA LEU G 303 0.34 51.16 -19.97
C LEU G 303 0.94 51.57 -21.31
N ARG G 304 1.47 52.79 -21.40
CA ARG G 304 2.09 53.24 -22.63
C ARG G 304 3.30 52.39 -22.99
N SER G 305 4.09 52.01 -21.99
CA SER G 305 5.27 51.19 -22.25
C SER G 305 4.85 49.80 -22.74
N ILE G 306 3.80 49.23 -22.14
CA ILE G 306 3.35 47.92 -22.58
C ILE G 306 2.81 47.98 -24.00
N VAL G 307 2.06 49.04 -24.33
CA VAL G 307 1.51 49.17 -25.67
C VAL G 307 2.64 49.33 -26.70
N GLN G 308 3.61 50.19 -26.40
CA GLN G 308 4.73 50.38 -27.32
C GLN G 308 5.59 49.12 -27.42
N ALA G 309 5.64 48.31 -26.37
CA ALA G 309 6.35 47.05 -26.44
C ALA G 309 5.64 46.06 -27.35
N VAL G 310 4.31 45.99 -27.25
CA VAL G 310 3.56 45.11 -28.14
C VAL G 310 3.70 45.58 -29.58
N GLN G 311 3.74 46.89 -29.80
CA GLN G 311 3.84 47.40 -31.17
C GLN G 311 5.23 47.17 -31.75
N HIS G 312 6.28 47.26 -30.93
CA HIS G 312 7.65 47.16 -31.41
C HIS G 312 8.39 46.00 -30.74
N TYR G 313 7.77 44.82 -30.69
CA TYR G 313 8.35 43.68 -29.98
C TYR G 313 9.69 43.22 -30.56
N ASN G 314 10.08 43.69 -31.74
CA ASN G 314 11.33 43.27 -32.36
C ASN G 314 12.49 44.22 -32.12
N ASP G 315 12.22 45.46 -31.71
CA ASP G 315 13.28 46.45 -31.53
C ASP G 315 13.73 46.44 -30.08
N PRO G 316 14.99 46.10 -29.80
CA PRO G 316 15.43 46.09 -28.40
C PRO G 316 15.67 47.48 -27.83
N HIS G 317 16.00 48.46 -28.66
CA HIS G 317 16.23 49.81 -28.15
C HIS G 317 14.94 50.44 -27.66
N VAL G 318 13.86 50.31 -28.42
CA VAL G 318 12.56 50.79 -27.98
C VAL G 318 12.14 50.10 -26.69
N LEU G 319 12.42 48.79 -26.59
CA LEU G 319 12.07 48.05 -25.38
C LEU G 319 12.85 48.56 -24.18
N ALA G 320 14.14 48.83 -24.36
CA ALA G 320 14.94 49.37 -23.26
C ALA G 320 14.51 50.78 -22.89
N GLU G 321 13.99 51.55 -23.85
CA GLU G 321 13.50 52.89 -23.53
C GLU G 321 12.20 52.83 -22.77
N MET G 322 11.29 51.94 -23.15
CA MET G 322 10.03 51.79 -22.43
C MET G 322 10.20 51.18 -21.06
N SER G 323 11.28 50.42 -20.84
CA SER G 323 11.50 49.76 -19.56
C SER G 323 12.31 50.65 -18.62
N PRO H 64 -55.20 12.46 -0.46
CA PRO H 64 -54.79 11.97 -1.78
C PRO H 64 -53.60 12.74 -2.33
N PHE H 65 -52.79 12.09 -3.16
CA PHE H 65 -51.61 12.72 -3.73
C PHE H 65 -51.98 13.67 -4.87
N SER H 66 -53.07 13.40 -5.59
CA SER H 66 -53.46 14.26 -6.70
C SER H 66 -53.82 15.65 -6.23
N VAL H 67 -54.62 15.76 -5.17
CA VAL H 67 -55.00 17.07 -4.68
C VAL H 67 -53.81 17.81 -4.08
N LYS H 68 -52.86 17.07 -3.50
CA LYS H 68 -51.68 17.73 -2.96
C LYS H 68 -50.80 18.28 -4.07
N VAL H 69 -50.65 17.53 -5.16
CA VAL H 69 -49.92 18.06 -6.31
C VAL H 69 -50.67 19.26 -6.91
N GLY H 70 -51.99 19.22 -6.90
CA GLY H 70 -52.76 20.36 -7.39
C GLY H 70 -52.54 21.61 -6.56
N LEU H 71 -52.53 21.47 -5.23
CA LEU H 71 -52.25 22.60 -4.36
C LEU H 71 -50.80 23.07 -4.52
N ALA H 72 -49.88 22.16 -4.82
CA ALA H 72 -48.48 22.53 -4.91
C ALA H 72 -48.15 23.21 -6.22
N GLN H 73 -48.88 22.90 -7.30
CA GLN H 73 -48.53 23.42 -8.61
C GLN H 73 -49.09 24.82 -8.87
N VAL H 74 -49.51 25.55 -7.84
CA VAL H 74 -49.87 26.95 -8.03
C VAL H 74 -48.65 27.85 -7.93
N LEU H 75 -47.51 27.31 -7.49
CA LEU H 75 -46.28 28.07 -7.37
C LEU H 75 -45.47 28.11 -8.65
N ARG H 76 -45.97 27.51 -9.74
CA ARG H 76 -45.22 27.45 -10.98
C ARG H 76 -44.92 28.86 -11.50
N GLY H 77 -43.67 29.09 -11.87
CA GLY H 77 -43.27 30.38 -12.41
C GLY H 77 -43.18 31.49 -11.39
N GLY H 78 -42.62 31.21 -10.22
CA GLY H 78 -42.47 32.22 -9.20
C GLY H 78 -41.22 31.97 -8.37
N ALA H 79 -40.93 32.93 -7.50
CA ALA H 79 -39.77 32.87 -6.62
C ALA H 79 -40.22 32.75 -5.17
N ILE H 80 -39.68 31.78 -4.46
CA ILE H 80 -40.01 31.52 -3.07
C ILE H 80 -38.91 32.16 -2.22
N VAL H 81 -39.27 33.16 -1.44
CA VAL H 81 -38.29 34.00 -0.74
C VAL H 81 -38.18 33.53 0.72
N GLU H 82 -36.95 33.42 1.21
CA GLU H 82 -36.72 33.03 2.60
C GLU H 82 -36.75 34.29 3.47
N VAL H 83 -37.80 34.43 4.27
CA VAL H 83 -37.95 35.57 5.15
C VAL H 83 -37.67 35.14 6.58
N SER H 84 -37.44 36.12 7.45
CA SER H 84 -37.09 35.86 8.84
C SER H 84 -37.86 36.69 9.84
N SER H 85 -38.75 37.56 9.40
CA SER H 85 -39.53 38.39 10.31
C SER H 85 -40.76 38.90 9.56
N VAL H 86 -41.60 39.64 10.29
CA VAL H 86 -42.81 40.18 9.68
C VAL H 86 -42.47 41.22 8.63
N ASN H 87 -41.44 42.03 8.88
CA ASN H 87 -41.06 43.07 7.94
C ASN H 87 -40.50 42.48 6.65
N GLN H 88 -39.61 41.50 6.78
CA GLN H 88 -39.06 40.86 5.58
C GLN H 88 -40.13 40.09 4.83
N ALA H 89 -41.11 39.52 5.55
CA ALA H 89 -42.22 38.86 4.89
C ALA H 89 -43.07 39.85 4.10
N LYS H 90 -43.38 41.00 4.69
CA LYS H 90 -44.13 42.01 3.97
C LYS H 90 -43.35 42.53 2.77
N LEU H 91 -42.03 42.64 2.90
CA LEU H 91 -41.19 43.09 1.79
C LEU H 91 -41.23 42.08 0.65
N ALA H 92 -41.08 40.80 0.97
CA ALA H 92 -41.10 39.77 -0.06
C ALA H 92 -42.48 39.62 -0.69
N GLU H 93 -43.54 39.94 0.06
CA GLU H 93 -44.87 39.92 -0.53
C GLU H 93 -45.07 41.10 -1.47
N SER H 94 -44.60 42.29 -1.06
CA SER H 94 -44.74 43.47 -1.92
C SER H 94 -43.86 43.38 -3.15
N ALA H 95 -42.75 42.65 -3.08
CA ALA H 95 -41.92 42.46 -4.26
C ALA H 95 -42.63 41.62 -5.31
N GLY H 96 -43.43 40.64 -4.88
CA GLY H 96 -44.17 39.81 -5.79
C GLY H 96 -43.81 38.34 -5.72
N ALA H 97 -43.32 37.90 -4.58
CA ALA H 97 -42.95 36.50 -4.42
C ALA H 97 -44.20 35.63 -4.39
N CYS H 98 -44.06 34.39 -4.88
CA CYS H 98 -45.17 33.46 -4.87
C CYS H 98 -45.41 32.87 -3.50
N SER H 99 -44.37 32.78 -2.66
CA SER H 99 -44.53 32.25 -1.31
C SER H 99 -43.30 32.65 -0.50
N VAL H 100 -43.46 32.60 0.82
CA VAL H 100 -42.39 32.99 1.74
C VAL H 100 -42.11 31.80 2.66
N ILE H 101 -40.87 31.35 2.70
CA ILE H 101 -40.45 30.27 3.58
C ILE H 101 -39.79 30.88 4.81
N VAL H 102 -40.17 30.41 5.99
CA VAL H 102 -39.88 31.10 7.24
C VAL H 102 -38.63 30.50 7.87
N SER H 103 -37.72 31.37 8.30
CA SER H 103 -36.57 31.00 9.13
C SER H 103 -36.57 31.89 10.36
N ASP H 104 -36.54 31.27 11.55
CA ASP H 104 -36.80 32.04 12.77
C ASP H 104 -35.69 33.04 13.11
N PRO H 105 -34.40 32.74 12.99
CA PRO H 105 -33.41 33.64 13.56
C PRO H 105 -33.07 34.79 12.61
N VAL H 106 -32.53 35.85 13.21
CA VAL H 106 -31.95 36.92 12.42
C VAL H 106 -30.56 36.52 11.93
N ARG H 107 -29.85 35.75 12.74
CA ARG H 107 -28.51 35.26 12.39
C ARG H 107 -28.37 33.86 12.96
N SER H 108 -27.53 33.06 12.31
CA SER H 108 -27.18 31.71 12.77
C SER H 108 -25.74 31.75 13.23
N ARG H 109 -25.53 31.68 14.54
CA ARG H 109 -24.20 31.83 15.13
C ARG H 109 -23.53 30.46 15.21
N GLY H 110 -23.44 29.80 14.05
CA GLY H 110 -22.75 28.52 13.95
C GLY H 110 -23.31 27.43 14.84
N GLY H 111 -24.60 27.48 15.14
CA GLY H 111 -25.23 26.49 15.99
C GLY H 111 -26.06 25.49 15.21
N VAL H 112 -26.93 24.81 15.94
CA VAL H 112 -27.86 23.84 15.35
C VAL H 112 -29.18 24.54 15.10
N ARG H 113 -29.66 24.47 13.86
CA ARG H 113 -30.92 25.07 13.47
C ARG H 113 -32.03 24.03 13.46
N ARG H 114 -33.26 24.50 13.56
CA ARG H 114 -34.41 23.60 13.64
C ARG H 114 -35.65 24.37 13.17
N MET H 115 -36.81 23.77 13.39
CA MET H 115 -38.07 24.37 12.95
C MET H 115 -38.26 25.73 13.60
N PRO H 116 -38.77 26.72 12.87
CA PRO H 116 -38.97 28.05 13.45
C PRO H 116 -39.99 28.03 14.57
N ASP H 117 -39.91 29.05 15.42
CA ASP H 117 -40.78 29.13 16.59
C ASP H 117 -42.21 29.45 16.14
N PRO H 118 -43.21 28.78 16.70
CA PRO H 118 -44.57 28.87 16.12
C PRO H 118 -45.17 30.27 16.11
N VAL H 119 -44.85 31.13 17.08
CA VAL H 119 -45.48 32.43 17.09
C VAL H 119 -44.98 33.29 15.93
N LEU H 120 -43.73 33.08 15.51
CA LEU H 120 -43.23 33.78 14.33
C LEU H 120 -43.96 33.33 13.08
N ILE H 121 -44.23 32.03 12.96
CA ILE H 121 -44.98 31.52 11.82
C ILE H 121 -46.40 32.09 11.83
N LYS H 122 -47.02 32.16 13.01
CA LYS H 122 -48.37 32.72 13.09
C LYS H 122 -48.38 34.20 12.71
N GLU H 123 -47.38 34.96 13.16
CA GLU H 123 -47.30 36.37 12.79
C GLU H 123 -47.10 36.54 11.29
N VAL H 124 -46.19 35.76 10.70
CA VAL H 124 -45.94 35.88 9.26
C VAL H 124 -47.18 35.49 8.48
N LYS H 125 -47.88 34.44 8.92
CA LYS H 125 -49.08 33.99 8.22
C LYS H 125 -50.21 35.00 8.35
N ARG H 126 -50.27 35.73 9.46
CA ARG H 126 -51.28 36.75 9.61
C ARG H 126 -50.94 38.01 8.81
N ALA H 127 -49.65 38.27 8.61
CA ALA H 127 -49.24 39.49 7.91
C ALA H 127 -49.45 39.37 6.41
N VAL H 128 -48.77 38.42 5.78
CA VAL H 128 -48.81 38.29 4.34
C VAL H 128 -49.95 37.38 3.93
N SER H 129 -50.41 37.54 2.69
CA SER H 129 -51.46 36.71 2.13
C SER H 129 -50.94 35.63 1.18
N VAL H 130 -49.68 35.70 0.79
CA VAL H 130 -49.07 34.67 -0.05
C VAL H 130 -48.87 33.41 0.79
N PRO H 131 -48.73 32.24 0.18
CA PRO H 131 -48.47 31.03 0.97
C PRO H 131 -47.23 31.16 1.85
N VAL H 132 -47.33 30.59 3.04
CA VAL H 132 -46.27 30.63 4.03
C VAL H 132 -45.78 29.21 4.26
N MET H 133 -44.55 28.93 3.83
CA MET H 133 -43.94 27.63 4.05
C MET H 133 -43.34 27.58 5.45
N ALA H 134 -42.71 26.45 5.76
CA ALA H 134 -42.01 26.27 7.02
C ALA H 134 -41.05 25.10 6.85
N ARG H 135 -39.99 25.12 7.64
CA ARG H 135 -38.92 24.15 7.51
C ARG H 135 -38.97 23.14 8.65
N ALA H 136 -38.79 21.87 8.31
CA ALA H 136 -38.73 20.78 9.27
C ALA H 136 -37.47 19.98 9.00
N ARG H 137 -36.80 19.56 10.07
CA ARG H 137 -35.60 18.77 9.92
C ARG H 137 -35.92 17.45 9.25
N VAL H 138 -35.04 17.02 8.34
CA VAL H 138 -35.27 15.79 7.60
C VAL H 138 -35.27 14.61 8.55
N GLY H 139 -36.34 13.82 8.52
CA GLY H 139 -36.52 12.71 9.41
C GLY H 139 -37.26 13.03 10.69
N HIS H 140 -37.56 14.29 10.94
CA HIS H 140 -38.25 14.73 12.16
C HIS H 140 -39.71 14.90 11.82
N PHE H 141 -40.50 13.86 12.09
CA PHE H 141 -41.91 13.90 11.76
C PHE H 141 -42.75 14.64 12.81
N VAL H 142 -42.23 14.81 14.02
CA VAL H 142 -42.97 15.55 15.03
C VAL H 142 -42.99 17.04 14.72
N GLU H 143 -41.88 17.57 14.21
CA GLU H 143 -41.88 18.95 13.74
C GLU H 143 -42.85 19.13 12.58
N ALA H 144 -42.96 18.12 11.72
CA ALA H 144 -43.93 18.18 10.62
C ALA H 144 -45.35 18.15 11.15
N GLN H 145 -45.60 17.36 12.21
CA GLN H 145 -46.93 17.35 12.83
C GLN H 145 -47.25 18.71 13.43
N ILE H 146 -46.29 19.31 14.11
CA ILE H 146 -46.50 20.63 14.71
C ILE H 146 -46.78 21.67 13.63
N LEU H 147 -46.05 21.60 12.51
CA LEU H 147 -46.27 22.54 11.43
C LEU H 147 -47.64 22.34 10.78
N GLU H 148 -48.04 21.09 10.56
CA GLU H 148 -49.36 20.80 10.01
C GLU H 148 -50.46 21.28 10.94
N SER H 149 -50.22 21.23 12.26
CA SER H 149 -51.20 21.75 13.21
C SER H 149 -51.36 23.27 13.07
N LEU H 150 -50.27 23.98 12.77
CA LEU H 150 -50.32 25.42 12.57
C LEU H 150 -50.95 25.83 11.25
N ALA H 151 -51.35 24.85 10.42
CA ALA H 151 -52.02 25.10 9.15
C ALA H 151 -51.14 25.89 8.18
N VAL H 152 -49.84 25.57 8.16
CA VAL H 152 -48.97 26.13 7.15
C VAL H 152 -49.36 25.57 5.78
N ASP H 153 -49.16 26.37 4.73
CA ASP H 153 -49.60 25.96 3.40
C ASP H 153 -48.71 24.86 2.85
N TYR H 154 -47.41 24.94 3.09
CA TYR H 154 -46.47 23.94 2.61
C TYR H 154 -45.42 23.69 3.68
N ILE H 155 -44.97 22.44 3.78
CA ILE H 155 -43.94 22.04 4.74
C ILE H 155 -42.70 21.62 3.95
N ASP H 156 -41.55 22.18 4.32
CA ASP H 156 -40.31 21.92 3.60
C ASP H 156 -39.44 20.99 4.43
N GLU H 157 -39.32 19.74 4.00
CA GLU H 157 -38.45 18.77 4.68
C GLU H 157 -37.00 19.09 4.30
N SER H 158 -36.45 20.09 5.00
CA SER H 158 -35.23 20.73 4.54
C SER H 158 -33.99 20.05 5.09
N GLU H 159 -32.95 20.00 4.25
CA GLU H 159 -31.67 19.43 4.63
C GLU H 159 -30.60 20.49 4.85
N ILE H 160 -30.89 21.77 4.58
CA ILE H 160 -29.95 22.82 4.93
C ILE H 160 -29.97 23.05 6.44
N ILE H 161 -31.12 22.81 7.07
CA ILE H 161 -31.19 22.76 8.52
C ILE H 161 -30.62 21.44 9.00
N SER H 162 -30.05 21.44 10.20
CA SER H 162 -29.40 20.25 10.76
C SER H 162 -30.28 19.02 10.62
N VAL H 163 -29.66 17.90 10.24
CA VAL H 163 -30.40 16.68 9.96
C VAL H 163 -30.80 16.02 11.27
N ALA H 164 -32.07 15.61 11.36
CA ALA H 164 -32.53 14.87 12.53
C ALA H 164 -32.25 13.39 12.36
N ASP H 165 -32.80 12.77 11.33
CA ASP H 165 -32.62 11.34 11.07
C ASP H 165 -31.81 11.18 9.79
N ASP H 166 -30.59 10.65 9.93
CA ASP H 166 -29.71 10.52 8.77
C ASP H 166 -30.16 9.39 7.85
N ASP H 167 -30.71 8.32 8.42
CA ASP H 167 -31.04 7.15 7.60
C ASP H 167 -32.41 7.29 6.94
N HIS H 168 -33.44 7.57 7.73
CA HIS H 168 -34.81 7.58 7.24
C HIS H 168 -35.31 9.01 7.06
N PHE H 169 -36.43 9.13 6.37
CA PHE H 169 -37.08 10.39 6.09
C PHE H 169 -38.49 10.39 6.70
N ILE H 170 -39.27 11.41 6.39
CA ILE H 170 -40.62 11.51 6.90
C ILE H 170 -41.55 10.76 5.97
N ASN H 171 -42.43 9.93 6.54
CA ASN H 171 -43.47 9.25 5.78
C ASN H 171 -44.56 10.28 5.47
N LYS H 172 -44.35 11.01 4.38
CA LYS H 172 -45.18 12.16 4.05
C LYS H 172 -46.58 11.79 3.58
N HIS H 173 -46.97 10.52 3.66
CA HIS H 173 -48.32 10.13 3.30
C HIS H 173 -49.30 10.30 4.45
N ASN H 174 -48.81 10.39 5.69
CA ASN H 174 -49.67 10.53 6.85
C ASN H 174 -50.12 11.96 7.09
N PHE H 175 -49.55 12.93 6.38
CA PHE H 175 -49.83 14.34 6.60
C PHE H 175 -50.80 14.86 5.56
N ARG H 176 -51.46 15.97 5.91
CA ARG H 176 -52.44 16.61 5.04
C ARG H 176 -51.84 17.78 4.26
N SER H 177 -50.70 18.30 4.69
CA SER H 177 -50.11 19.45 4.01
C SER H 177 -49.09 19.00 2.97
N PRO H 178 -48.99 19.71 1.86
CA PRO H 178 -48.01 19.35 0.83
C PRO H 178 -46.60 19.53 1.33
N PHE H 179 -45.71 18.68 0.82
CA PHE H 179 -44.30 18.66 1.23
C PHE H 179 -43.40 19.05 0.07
N ILE H 180 -42.30 19.72 0.43
CA ILE H 180 -41.24 20.07 -0.51
C ILE H 180 -39.98 19.37 -0.05
N CYS H 181 -39.41 18.54 -0.92
CA CYS H 181 -38.24 17.74 -0.59
C CYS H 181 -37.09 18.12 -1.51
N GLY H 182 -35.88 18.08 -0.96
CA GLY H 182 -34.71 18.39 -1.75
C GLY H 182 -34.15 17.17 -2.44
N CYS H 183 -33.49 17.40 -3.58
CA CYS H 183 -32.87 16.30 -4.30
C CYS H 183 -31.55 16.77 -4.90
N ARG H 184 -30.78 15.81 -5.39
CA ARG H 184 -29.55 16.09 -6.11
C ARG H 184 -29.41 15.29 -7.40
N ASP H 185 -30.33 14.37 -7.68
CA ASP H 185 -30.36 13.61 -8.92
C ASP H 185 -31.76 13.04 -9.09
N THR H 186 -31.97 12.28 -10.16
CA THR H 186 -33.29 11.73 -10.43
C THR H 186 -33.64 10.63 -9.44
N GLY H 187 -32.65 9.90 -8.94
CA GLY H 187 -32.93 8.87 -7.95
C GLY H 187 -33.55 9.44 -6.69
N GLU H 188 -32.92 10.48 -6.13
CA GLU H 188 -33.46 11.10 -4.93
C GLU H 188 -34.81 11.75 -5.19
N ALA H 189 -34.97 12.37 -6.35
CA ALA H 189 -36.25 12.99 -6.69
C ALA H 189 -37.37 11.95 -6.71
N LEU H 190 -37.13 10.82 -7.38
CA LEU H 190 -38.16 9.79 -7.47
C LEU H 190 -38.41 9.13 -6.12
N ARG H 191 -37.36 8.95 -5.31
CA ARG H 191 -37.56 8.40 -3.98
C ARG H 191 -38.42 9.33 -3.12
N ARG H 192 -38.17 10.64 -3.21
CA ARG H 192 -38.95 11.59 -2.43
C ARG H 192 -40.40 11.65 -2.93
N ILE H 193 -40.61 11.57 -4.24
CA ILE H 193 -41.97 11.55 -4.76
C ILE H 193 -42.69 10.29 -4.32
N ARG H 194 -41.95 9.18 -4.21
CA ARG H 194 -42.56 7.94 -3.73
C ARG H 194 -42.91 8.04 -2.26
N GLU H 195 -42.07 8.69 -1.46
CA GLU H 195 -42.39 8.86 -0.05
C GLU H 195 -43.59 9.77 0.15
N GLY H 196 -43.86 10.67 -0.79
CA GLY H 196 -45.04 11.50 -0.72
C GLY H 196 -44.81 12.98 -0.93
N ALA H 197 -43.61 13.36 -1.35
CA ALA H 197 -43.29 14.77 -1.57
C ALA H 197 -44.09 15.32 -2.74
N ALA H 198 -44.91 16.34 -2.48
CA ALA H 198 -45.71 16.96 -3.52
C ALA H 198 -44.94 18.00 -4.33
N MET H 199 -43.69 18.28 -3.99
CA MET H 199 -42.89 19.25 -4.72
C MET H 199 -41.43 18.96 -4.46
N ILE H 200 -40.59 19.13 -5.48
CA ILE H 200 -39.18 18.78 -5.42
C ILE H 200 -38.35 20.02 -5.74
N ARG H 201 -37.29 20.23 -4.96
CA ARG H 201 -36.34 21.30 -5.23
C ARG H 201 -34.96 20.70 -5.46
N ILE H 202 -34.37 21.04 -6.60
CA ILE H 202 -33.02 20.61 -6.93
C ILE H 202 -32.04 21.49 -6.17
N GLN H 203 -31.24 20.87 -5.32
CA GLN H 203 -30.41 21.58 -4.36
C GLN H 203 -28.97 21.67 -4.83
N GLY H 204 -28.34 22.81 -4.55
CA GLY H 204 -26.93 23.01 -4.86
C GLY H 204 -26.06 22.91 -3.63
N ASP H 205 -25.67 24.06 -3.07
CA ASP H 205 -24.80 24.12 -1.89
C ASP H 205 -25.22 25.31 -1.04
N LEU H 206 -25.79 25.02 0.12
CA LEU H 206 -26.14 26.06 1.07
C LEU H 206 -25.12 26.13 2.21
N THR H 207 -25.15 27.25 2.93
CA THR H 207 -24.31 27.50 4.10
C THR H 207 -22.84 27.48 3.72
N ALA H 208 -22.52 27.50 2.42
CA ALA H 208 -21.14 27.47 1.97
C ALA H 208 -20.72 28.77 1.29
N THR H 209 -21.46 29.19 0.26
CA THR H 209 -21.12 30.40 -0.50
C THR H 209 -22.36 30.81 -1.28
N GLY H 210 -22.19 31.76 -2.19
CA GLY H 210 -23.25 32.20 -3.06
C GLY H 210 -23.02 31.78 -4.50
N ASN H 211 -22.32 30.67 -4.68
CA ASN H 211 -22.00 30.18 -6.01
C ASN H 211 -23.15 29.36 -6.58
N ILE H 212 -23.25 29.34 -7.90
CA ILE H 212 -24.33 28.67 -8.62
C ILE H 212 -23.87 27.38 -9.29
N ALA H 213 -22.63 26.94 -9.05
CA ALA H 213 -22.08 25.83 -9.80
C ALA H 213 -22.79 24.52 -9.48
N GLU H 214 -22.91 24.21 -8.19
CA GLU H 214 -23.52 22.94 -7.80
C GLU H 214 -24.99 22.88 -8.18
N THR H 215 -25.69 24.01 -8.10
CA THR H 215 -27.11 24.04 -8.43
C THR H 215 -27.33 23.74 -9.91
N VAL H 216 -26.59 24.43 -10.78
CA VAL H 216 -26.75 24.20 -12.22
C VAL H 216 -26.26 22.81 -12.59
N LYS H 217 -25.23 22.31 -11.90
CA LYS H 217 -24.77 20.95 -12.15
C LYS H 217 -25.85 19.93 -11.84
N ASN H 218 -26.50 20.08 -10.69
CA ASN H 218 -27.56 19.14 -10.31
C ASN H 218 -28.78 19.28 -11.22
N VAL H 219 -29.14 20.49 -11.60
CA VAL H 219 -30.28 20.69 -12.50
C VAL H 219 -30.00 20.04 -13.84
N ARG H 220 -28.80 20.26 -14.38
CA ARG H 220 -28.42 19.62 -15.64
C ARG H 220 -28.43 18.11 -15.52
N SER H 221 -27.92 17.57 -14.41
CA SER H 221 -27.91 16.13 -14.22
C SER H 221 -29.32 15.55 -14.21
N LEU H 222 -30.23 16.21 -13.48
CA LEU H 222 -31.60 15.71 -13.39
C LEU H 222 -32.31 15.78 -14.73
N MET H 223 -32.20 16.93 -15.41
CA MET H 223 -32.86 17.07 -16.71
C MET H 223 -32.27 16.10 -17.73
N GLY H 224 -30.97 15.85 -17.66
CA GLY H 224 -30.35 14.91 -18.58
C GLY H 224 -30.79 13.48 -18.33
N GLU H 225 -30.88 13.09 -17.06
CA GLU H 225 -31.37 11.75 -16.75
C GLU H 225 -32.82 11.59 -17.20
N VAL H 226 -33.63 12.63 -17.05
CA VAL H 226 -35.02 12.54 -17.47
C VAL H 226 -35.12 12.45 -19.00
N ARG H 227 -34.28 13.21 -19.71
CA ARG H 227 -34.27 13.13 -21.16
C ARG H 227 -33.77 11.76 -21.65
N VAL H 228 -32.81 11.16 -20.94
CA VAL H 228 -32.36 9.83 -21.29
C VAL H 228 -33.48 8.82 -21.06
N LEU H 229 -34.20 8.95 -19.95
CA LEU H 229 -35.33 8.07 -19.67
C LEU H 229 -36.40 8.18 -20.73
N ASN H 230 -36.70 9.41 -21.17
CA ASN H 230 -37.81 9.63 -22.10
C ASN H 230 -37.63 8.89 -23.41
N ASN H 231 -36.40 8.55 -23.79
CA ASN H 231 -36.13 7.89 -25.06
C ASN H 231 -35.57 6.48 -24.91
N MET H 232 -35.43 5.98 -23.69
CA MET H 232 -34.81 4.69 -23.45
C MET H 232 -35.67 3.55 -24.01
N ASP H 233 -35.01 2.44 -24.30
CA ASP H 233 -35.72 1.23 -24.70
C ASP H 233 -36.50 0.65 -23.53
N ASP H 234 -37.64 0.04 -23.84
CA ASP H 234 -38.54 -0.43 -22.79
C ASP H 234 -37.92 -1.56 -21.99
N ASP H 235 -37.01 -2.32 -22.61
CA ASP H 235 -36.36 -3.42 -21.91
C ASP H 235 -35.32 -2.93 -20.92
N GLU H 236 -34.81 -1.70 -21.09
CA GLU H 236 -33.73 -1.20 -20.25
C GLU H 236 -34.22 -0.35 -19.08
N VAL H 237 -35.53 -0.08 -19.00
CA VAL H 237 -36.05 0.80 -17.95
C VAL H 237 -35.86 0.15 -16.58
N PHE H 238 -35.96 -1.18 -16.53
CA PHE H 238 -35.78 -1.88 -15.25
C PHE H 238 -34.36 -1.75 -14.74
N THR H 239 -33.38 -2.00 -15.62
CA THR H 239 -31.98 -1.87 -15.23
C THR H 239 -31.65 -0.42 -14.89
N PHE H 240 -32.28 0.53 -15.59
CA PHE H 240 -32.06 1.94 -15.27
C PHE H 240 -32.60 2.28 -13.88
N ALA H 241 -33.82 1.83 -13.57
CA ALA H 241 -34.40 2.08 -12.27
C ALA H 241 -33.56 1.44 -11.16
N LYS H 242 -32.99 0.27 -11.45
CA LYS H 242 -32.08 -0.34 -10.47
C LYS H 242 -30.81 0.48 -10.31
N LYS H 243 -30.30 1.03 -11.42
CA LYS H 243 -29.06 1.79 -11.37
C LYS H 243 -29.22 3.08 -10.58
N ILE H 244 -30.33 3.80 -10.75
CA ILE H 244 -30.59 5.01 -9.99
C ILE H 244 -31.32 4.73 -8.70
N SER H 245 -31.66 3.48 -8.41
CA SER H 245 -32.34 3.07 -7.19
C SER H 245 -33.62 3.89 -6.96
N ALA H 246 -34.53 3.79 -7.91
CA ALA H 246 -35.80 4.48 -7.88
C ALA H 246 -36.94 3.49 -8.06
N PRO H 247 -38.12 3.78 -7.51
CA PRO H 247 -39.27 2.90 -7.73
C PRO H 247 -39.64 2.86 -9.19
N TYR H 248 -39.93 1.65 -9.69
CA TYR H 248 -40.11 1.48 -11.13
C TYR H 248 -41.37 2.18 -11.64
N ASP H 249 -42.43 2.24 -10.84
CA ASP H 249 -43.65 2.89 -11.30
C ASP H 249 -43.41 4.38 -11.57
N LEU H 250 -42.65 5.04 -10.69
CA LEU H 250 -42.34 6.44 -10.92
C LEU H 250 -41.39 6.62 -12.09
N VAL H 251 -40.49 5.66 -12.32
CA VAL H 251 -39.60 5.72 -13.47
C VAL H 251 -40.41 5.62 -14.76
N ALA H 252 -41.39 4.71 -14.79
CA ALA H 252 -42.25 4.60 -15.96
C ALA H 252 -43.13 5.83 -16.13
N GLN H 253 -43.56 6.45 -15.03
CA GLN H 253 -44.34 7.68 -15.14
C GLN H 253 -43.49 8.82 -15.71
N THR H 254 -42.24 8.92 -15.26
CA THR H 254 -41.34 9.93 -15.81
C THR H 254 -41.03 9.65 -17.27
N LYS H 255 -40.98 8.39 -17.67
CA LYS H 255 -40.73 8.05 -19.06
C LYS H 255 -41.93 8.40 -19.93
N GLN H 256 -43.14 8.18 -19.43
CA GLN H 256 -44.34 8.45 -20.22
C GLN H 256 -44.69 9.93 -20.21
N MET H 257 -44.23 10.68 -19.22
CA MET H 257 -44.61 12.08 -19.06
C MET H 257 -43.57 13.05 -19.60
N GLY H 258 -42.29 12.69 -19.57
CA GLY H 258 -41.25 13.60 -19.99
C GLY H 258 -40.65 14.44 -18.89
N ARG H 259 -41.34 14.55 -17.75
CA ARG H 259 -40.81 15.21 -16.57
C ARG H 259 -41.22 14.39 -15.35
N VAL H 260 -40.59 14.67 -14.22
CA VAL H 260 -41.06 14.01 -12.99
C VAL H 260 -42.44 14.52 -12.65
N PRO H 261 -43.33 13.71 -12.10
CA PRO H 261 -44.72 14.14 -11.94
C PRO H 261 -44.95 15.05 -10.73
N VAL H 262 -44.06 16.03 -10.55
CA VAL H 262 -44.19 17.05 -9.50
C VAL H 262 -43.66 18.36 -10.05
N VAL H 263 -43.68 19.38 -9.21
CA VAL H 263 -43.16 20.70 -9.56
C VAL H 263 -41.71 20.80 -9.11
N GLN H 264 -40.84 21.20 -10.03
CA GLN H 264 -39.40 21.27 -9.79
C GLN H 264 -39.00 22.73 -9.59
N PHE H 265 -38.44 23.04 -8.43
CA PHE H 265 -37.82 24.32 -8.17
C PHE H 265 -36.31 24.14 -8.10
N ALA H 266 -35.59 25.26 -8.10
CA ALA H 266 -34.15 25.25 -7.94
C ALA H 266 -33.77 25.94 -6.65
N SER H 267 -32.61 25.58 -6.09
CA SER H 267 -32.16 26.23 -4.88
C SER H 267 -30.64 26.23 -4.81
N GLY H 268 -30.10 27.25 -4.14
CA GLY H 268 -28.67 27.31 -3.88
C GLY H 268 -27.90 28.25 -4.77
N GLY H 269 -27.60 29.45 -4.27
CA GLY H 269 -26.73 30.37 -4.96
C GLY H 269 -27.42 31.38 -5.85
N ILE H 270 -28.74 31.32 -6.00
CA ILE H 270 -29.44 32.26 -6.86
C ILE H 270 -29.43 33.64 -6.20
N THR H 271 -28.66 34.56 -6.76
CA THR H 271 -28.54 35.92 -6.23
C THR H 271 -28.98 36.98 -7.22
N THR H 272 -28.48 36.95 -8.44
CA THR H 272 -28.78 37.94 -9.46
C THR H 272 -29.93 37.48 -10.34
N PRO H 273 -30.58 38.40 -11.06
CA PRO H 273 -31.63 37.97 -12.00
C PRO H 273 -31.14 37.01 -13.06
N ALA H 274 -29.86 37.13 -13.46
CA ALA H 274 -29.31 36.22 -14.46
C ALA H 274 -29.34 34.78 -13.97
N ASP H 275 -29.06 34.56 -12.69
CA ASP H 275 -29.06 33.20 -12.16
C ASP H 275 -30.46 32.61 -12.15
N ALA H 276 -31.46 33.39 -11.76
CA ALA H 276 -32.84 32.89 -11.76
C ALA H 276 -33.31 32.62 -13.18
N ALA H 277 -32.98 33.50 -14.13
CA ALA H 277 -33.34 33.25 -15.52
C ALA H 277 -32.64 32.02 -16.07
N LEU H 278 -31.39 31.77 -15.65
CA LEU H 278 -30.69 30.56 -16.07
C LEU H 278 -31.37 29.32 -15.50
N MET H 279 -31.74 29.36 -14.22
CA MET H 279 -32.43 28.22 -13.62
C MET H 279 -33.77 27.96 -14.30
N MET H 280 -34.46 29.03 -14.71
CA MET H 280 -35.75 28.85 -15.38
C MET H 280 -35.60 28.49 -16.85
N GLN H 281 -34.43 28.72 -17.44
CA GLN H 281 -34.20 28.32 -18.82
C GLN H 281 -33.70 26.89 -18.95
N LEU H 282 -33.21 26.30 -17.86
CA LEU H 282 -32.81 24.90 -17.88
C LEU H 282 -33.99 23.95 -17.74
N GLY H 283 -35.18 24.46 -17.47
CA GLY H 283 -36.37 23.65 -17.37
C GLY H 283 -37.05 23.67 -16.02
N CYS H 284 -36.50 24.35 -15.01
CA CYS H 284 -37.12 24.39 -13.70
C CYS H 284 -38.40 25.21 -13.75
N ASP H 285 -39.14 25.20 -12.63
CA ASP H 285 -40.40 25.91 -12.53
C ASP H 285 -40.34 27.10 -11.58
N GLY H 286 -39.24 27.29 -10.86
CA GLY H 286 -39.13 28.41 -9.95
C GLY H 286 -37.80 28.36 -9.23
N VAL H 287 -37.55 29.39 -8.41
CA VAL H 287 -36.30 29.52 -7.70
C VAL H 287 -36.57 29.72 -6.20
N PHE H 288 -35.59 29.36 -5.40
CA PHE H 288 -35.60 29.58 -3.95
C PHE H 288 -34.57 30.67 -3.65
N VAL H 289 -35.06 31.86 -3.36
CA VAL H 289 -34.18 32.99 -3.07
C VAL H 289 -33.95 33.07 -1.56
N GLY H 290 -32.72 32.77 -1.15
CA GLY H 290 -32.38 32.72 0.25
C GLY H 290 -32.40 34.10 0.90
N SER H 291 -32.05 34.11 2.19
CA SER H 291 -32.08 35.32 2.99
C SER H 291 -30.86 36.21 2.78
N GLU H 292 -29.95 35.83 1.89
CA GLU H 292 -28.78 36.65 1.63
C GLU H 292 -29.09 37.89 0.80
N VAL H 293 -30.35 38.10 0.42
CA VAL H 293 -30.71 39.29 -0.35
C VAL H 293 -31.09 40.43 0.58
N PHE H 294 -31.58 40.13 1.78
CA PHE H 294 -32.05 41.18 2.69
C PHE H 294 -30.92 41.88 3.41
N ASP H 295 -29.68 41.40 3.29
CA ASP H 295 -28.54 42.07 3.90
C ASP H 295 -27.76 42.92 2.90
N GLY H 296 -28.35 43.23 1.74
CA GLY H 296 -27.74 44.12 0.79
C GLY H 296 -28.17 45.55 1.02
N PRO H 297 -27.76 46.46 0.11
CA PRO H 297 -28.12 47.88 0.28
C PRO H 297 -29.59 48.13 0.09
N ASP H 298 -30.20 47.49 -0.91
CA ASP H 298 -31.62 47.65 -1.20
C ASP H 298 -32.22 46.28 -1.51
N PRO H 299 -32.88 45.64 -0.55
CA PRO H 299 -33.42 44.29 -0.78
C PRO H 299 -34.62 44.29 -1.72
N PHE H 300 -35.42 45.36 -1.68
CA PHE H 300 -36.61 45.41 -2.50
C PHE H 300 -36.28 45.40 -3.99
N LYS H 301 -35.27 46.17 -4.40
CA LYS H 301 -34.90 46.19 -5.81
C LYS H 301 -34.41 44.84 -6.28
N LYS H 302 -33.57 44.18 -5.47
CA LYS H 302 -33.08 42.86 -5.82
C LYS H 302 -34.22 41.86 -5.93
N LEU H 303 -35.15 41.88 -4.99
CA LEU H 303 -36.27 40.95 -5.01
C LEU H 303 -37.16 41.17 -6.22
N ARG H 304 -37.47 42.44 -6.51
CA ARG H 304 -38.30 42.75 -7.67
C ARG H 304 -37.61 42.32 -8.96
N SER H 305 -36.30 42.53 -9.05
CA SER H 305 -35.57 42.13 -10.25
C SER H 305 -35.57 40.62 -10.41
N ILE H 306 -35.39 39.89 -9.32
CA ILE H 306 -35.40 38.43 -9.39
C ILE H 306 -36.79 37.93 -9.81
N VAL H 307 -37.85 38.53 -9.27
CA VAL H 307 -39.19 38.10 -9.61
C VAL H 307 -39.48 38.38 -11.09
N GLN H 308 -39.12 39.58 -11.55
CA GLN H 308 -39.35 39.91 -12.96
C GLN H 308 -38.48 39.06 -13.88
N ALA H 309 -37.32 38.62 -13.41
CA ALA H 309 -36.49 37.72 -14.20
C ALA H 309 -37.13 36.35 -14.32
N VAL H 310 -37.67 35.84 -13.22
CA VAL H 310 -38.36 34.55 -13.27
C VAL H 310 -39.58 34.64 -14.18
N GLN H 311 -40.28 35.78 -14.16
CA GLN H 311 -41.48 35.92 -14.98
C GLN H 311 -41.13 36.06 -16.46
N HIS H 312 -40.03 36.73 -16.78
CA HIS H 312 -39.66 37.00 -18.17
C HIS H 312 -38.30 36.41 -18.52
N TYR H 313 -38.08 35.14 -18.17
CA TYR H 313 -36.78 34.51 -18.37
C TYR H 313 -36.36 34.42 -19.83
N ASN H 314 -37.27 34.68 -20.78
CA ASN H 314 -36.93 34.58 -22.19
C ASN H 314 -36.58 35.91 -22.83
N ASP H 315 -36.91 37.03 -22.20
CA ASP H 315 -36.67 38.34 -22.79
C ASP H 315 -35.33 38.88 -22.28
N PRO H 316 -34.34 39.10 -23.16
CA PRO H 316 -33.05 39.60 -22.68
C PRO H 316 -33.07 41.08 -22.33
N HIS H 317 -33.96 41.87 -22.95
CA HIS H 317 -34.03 43.29 -22.63
C HIS H 317 -34.55 43.52 -21.22
N VAL H 318 -35.62 42.81 -20.84
CA VAL H 318 -36.13 42.91 -19.48
C VAL H 318 -35.06 42.46 -18.49
N LEU H 319 -34.31 41.42 -18.84
CA LEU H 319 -33.26 40.94 -17.95
C LEU H 319 -32.17 41.99 -17.76
N ALA H 320 -31.78 42.65 -18.86
CA ALA H 320 -30.77 43.69 -18.76
C ALA H 320 -31.28 44.91 -17.99
N GLU H 321 -32.59 45.16 -18.04
CA GLU H 321 -33.16 46.27 -17.29
C GLU H 321 -33.19 45.95 -15.80
N MET H 322 -33.56 44.73 -15.45
CA MET H 322 -33.58 44.34 -14.03
C MET H 322 -32.19 44.20 -13.45
N SER H 323 -31.18 43.96 -14.27
CA SER H 323 -29.82 43.78 -13.78
C SER H 323 -29.07 45.11 -13.73
N PRO I 64 -33.29 -8.72 45.10
CA PRO I 64 -33.89 -9.35 43.92
C PRO I 64 -34.03 -8.37 42.76
N PHE I 65 -33.97 -8.90 41.53
CA PHE I 65 -34.08 -8.05 40.35
C PHE I 65 -35.51 -7.61 40.09
N SER I 66 -36.50 -8.43 40.48
CA SER I 66 -37.89 -8.08 40.23
C SER I 66 -38.30 -6.83 41.00
N VAL I 67 -37.94 -6.75 42.28
CA VAL I 67 -38.31 -5.58 43.07
C VAL I 67 -37.55 -4.35 42.58
N LYS I 68 -36.33 -4.52 42.08
CA LYS I 68 -35.58 -3.38 41.57
C LYS I 68 -36.22 -2.85 40.29
N VAL I 69 -36.66 -3.74 39.41
CA VAL I 69 -37.39 -3.31 38.21
C VAL I 69 -38.71 -2.65 38.61
N GLY I 70 -39.35 -3.15 39.66
CA GLY I 70 -40.58 -2.52 40.13
C GLY I 70 -40.36 -1.10 40.63
N LEU I 71 -39.29 -0.89 41.40
CA LEU I 71 -38.97 0.45 41.85
C LEU I 71 -38.54 1.34 40.69
N ALA I 72 -37.93 0.76 39.67
CA ALA I 72 -37.44 1.59 38.56
C ALA I 72 -38.55 1.98 37.60
N GLN I 73 -39.60 1.16 37.49
CA GLN I 73 -40.64 1.42 36.50
C GLN I 73 -41.70 2.41 36.98
N VAL I 74 -41.43 3.18 38.02
CA VAL I 74 -42.34 4.26 38.39
C VAL I 74 -42.01 5.54 37.63
N LEU I 75 -40.89 5.57 36.91
CA LEU I 75 -40.49 6.73 36.12
C LEU I 75 -41.06 6.71 34.72
N ARG I 76 -41.90 5.73 34.38
CA ARG I 76 -42.43 5.63 33.03
C ARG I 76 -43.27 6.85 32.68
N GLY I 77 -43.01 7.41 31.51
CA GLY I 77 -43.75 8.57 31.05
C GLY I 77 -43.39 9.87 31.74
N GLY I 78 -42.10 10.11 31.96
CA GLY I 78 -41.67 11.33 32.61
C GLY I 78 -40.31 11.77 32.08
N ALA I 79 -39.90 12.96 32.51
CA ALA I 79 -38.63 13.53 32.11
C ALA I 79 -37.71 13.63 33.33
N ILE I 80 -36.48 13.14 33.19
CA ILE I 80 -35.49 13.14 34.24
C ILE I 80 -34.56 14.32 33.97
N VAL I 81 -34.56 15.29 34.87
CA VAL I 81 -33.88 16.56 34.63
C VAL I 81 -32.54 16.56 35.35
N GLU I 82 -31.49 17.03 34.67
CA GLU I 82 -30.17 17.12 35.27
C GLU I 82 -30.02 18.45 35.98
N VAL I 83 -30.01 18.41 37.31
CA VAL I 83 -29.89 19.61 38.12
C VAL I 83 -28.49 19.69 38.69
N SER I 84 -28.13 20.87 39.18
CA SER I 84 -26.78 21.11 39.68
C SER I 84 -26.75 21.84 41.02
N SER I 85 -27.90 22.20 41.58
CA SER I 85 -27.95 22.90 42.85
C SER I 85 -29.34 22.74 43.44
N VAL I 86 -29.52 23.28 44.65
CA VAL I 86 -30.81 23.19 45.32
C VAL I 86 -31.87 23.99 44.55
N ASN I 87 -31.49 25.14 44.01
CA ASN I 87 -32.45 25.98 43.29
C ASN I 87 -32.89 25.31 42.00
N GLN I 88 -31.95 24.77 41.23
CA GLN I 88 -32.32 24.09 39.99
C GLN I 88 -33.11 22.82 40.28
N ALA I 89 -32.82 22.15 41.39
CA ALA I 89 -33.60 20.99 41.78
C ALA I 89 -35.03 21.37 42.12
N LYS I 90 -35.22 22.45 42.88
CA LYS I 90 -36.58 22.91 43.18
C LYS I 90 -37.30 23.36 41.91
N LEU I 91 -36.58 23.96 40.97
CA LEU I 91 -37.19 24.37 39.71
C LEU I 91 -37.65 23.16 38.91
N ALA I 92 -36.80 22.13 38.81
CA ALA I 92 -37.17 20.94 38.05
C ALA I 92 -38.28 20.17 38.75
N GLU I 93 -38.38 20.27 40.08
CA GLU I 93 -39.49 19.63 40.77
C GLU I 93 -40.79 20.39 40.53
N SER I 94 -40.74 21.72 40.57
CA SER I 94 -41.93 22.52 40.34
C SER I 94 -42.40 22.43 38.88
N ALA I 95 -41.48 22.18 37.95
CA ALA I 95 -41.88 22.00 36.56
C ALA I 95 -42.69 20.72 36.38
N GLY I 96 -42.35 19.67 37.12
CA GLY I 96 -43.08 18.43 37.04
C GLY I 96 -42.24 17.25 36.60
N ALA I 97 -40.94 17.32 36.83
CA ALA I 97 -40.05 16.23 36.45
C ALA I 97 -40.30 15.01 37.33
N CYS I 98 -40.10 13.83 36.74
CA CYS I 98 -40.27 12.60 37.50
C CYS I 98 -39.09 12.33 38.43
N SER I 99 -37.90 12.82 38.11
CA SER I 99 -36.74 12.65 38.95
C SER I 99 -35.67 13.65 38.53
N VAL I 100 -34.72 13.89 39.44
CA VAL I 100 -33.65 14.84 39.21
C VAL I 100 -32.33 14.11 39.38
N ILE I 101 -31.48 14.15 38.35
CA ILE I 101 -30.15 13.55 38.41
C ILE I 101 -29.15 14.65 38.71
N VAL I 102 -28.25 14.39 39.65
CA VAL I 102 -27.43 15.43 40.26
C VAL I 102 -26.08 15.50 39.57
N SER I 103 -25.65 16.72 39.25
CA SER I 103 -24.29 17.00 38.78
C SER I 103 -23.72 18.11 39.64
N ASP I 104 -22.56 17.86 40.25
CA ASP I 104 -22.08 18.78 41.28
C ASP I 104 -21.68 20.16 40.76
N PRO I 105 -20.99 20.31 39.62
CA PRO I 105 -20.43 21.62 39.31
C PRO I 105 -21.45 22.54 38.64
N VAL I 106 -21.16 23.83 38.72
CA VAL I 106 -21.92 24.81 37.93
C VAL I 106 -21.42 24.80 36.50
N ARG I 107 -20.13 24.57 36.30
CA ARG I 107 -19.52 24.51 34.99
C ARG I 107 -18.43 23.45 35.01
N SER I 108 -18.17 22.86 33.85
CA SER I 108 -17.10 21.89 33.66
C SER I 108 -16.03 22.55 32.80
N ARG I 109 -14.90 22.91 33.42
CA ARG I 109 -13.85 23.65 32.74
C ARG I 109 -12.89 22.68 32.08
N GLY I 110 -13.45 21.83 31.22
CA GLY I 110 -12.65 20.90 30.43
C GLY I 110 -11.80 19.94 31.25
N GLY I 111 -12.25 19.60 32.46
CA GLY I 111 -11.52 18.70 33.33
C GLY I 111 -12.11 17.31 33.38
N VAL I 112 -11.71 16.57 34.40
CA VAL I 112 -12.22 15.23 34.64
C VAL I 112 -13.38 15.32 35.63
N ARG I 113 -14.53 14.78 35.25
CA ARG I 113 -15.71 14.77 36.09
C ARG I 113 -15.84 13.44 36.82
N ARG I 114 -16.58 13.45 37.92
CA ARG I 114 -16.73 12.26 38.74
C ARG I 114 -18.02 12.39 39.55
N MET I 115 -18.20 11.49 40.51
CA MET I 115 -19.41 11.48 41.32
C MET I 115 -19.58 12.80 42.05
N PRO I 116 -20.80 13.32 42.15
CA PRO I 116 -21.02 14.60 42.84
C PRO I 116 -20.66 14.51 44.33
N ASP I 117 -20.40 15.67 44.91
CA ASP I 117 -19.99 15.72 46.30
C ASP I 117 -21.18 15.40 47.21
N PRO I 118 -20.98 14.58 48.24
CA PRO I 118 -22.14 14.03 48.98
C PRO I 118 -23.03 15.08 49.64
N VAL I 119 -22.48 16.21 50.08
CA VAL I 119 -23.34 17.16 50.77
C VAL I 119 -24.31 17.80 49.79
N LEU I 120 -23.92 17.96 48.53
CA LEU I 120 -24.85 18.47 47.54
C LEU I 120 -25.98 17.49 47.29
N ILE I 121 -25.67 16.19 47.26
CA ILE I 121 -26.71 15.17 47.10
C ILE I 121 -27.65 15.18 48.30
N LYS I 122 -27.09 15.33 49.50
CA LYS I 122 -27.95 15.38 50.69
C LYS I 122 -28.85 16.60 50.67
N GLU I 123 -28.32 17.76 50.26
CA GLU I 123 -29.14 18.96 50.17
C GLU I 123 -30.25 18.80 49.15
N VAL I 124 -29.92 18.28 47.96
CA VAL I 124 -30.94 18.11 46.92
C VAL I 124 -31.99 17.11 47.38
N LYS I 125 -31.57 16.03 48.04
CA LYS I 125 -32.52 15.02 48.50
C LYS I 125 -33.41 15.57 49.61
N ARG I 126 -32.90 16.48 50.43
CA ARG I 126 -33.72 17.09 51.47
C ARG I 126 -34.67 18.13 50.89
N ALA I 127 -34.27 18.78 49.78
CA ALA I 127 -35.11 19.84 49.22
C ALA I 127 -36.30 19.28 48.46
N VAL I 128 -36.05 18.51 47.42
CA VAL I 128 -37.11 18.01 46.56
C VAL I 128 -37.62 16.68 47.10
N SER I 129 -38.85 16.34 46.72
CA SER I 129 -39.47 15.08 47.11
C SER I 129 -39.48 14.05 45.98
N VAL I 130 -39.16 14.45 44.76
CA VAL I 130 -39.07 13.54 43.63
C VAL I 130 -37.82 12.69 43.80
N PRO I 131 -37.72 11.53 43.15
CA PRO I 131 -36.50 10.72 43.26
C PRO I 131 -35.27 11.50 42.83
N VAL I 132 -34.17 11.27 43.55
CA VAL I 132 -32.88 11.93 43.30
C VAL I 132 -31.89 10.88 42.85
N MET I 133 -31.48 10.96 41.60
CA MET I 133 -30.46 10.07 41.06
C MET I 133 -29.08 10.59 41.42
N ALA I 134 -28.06 9.87 40.96
CA ALA I 134 -26.68 10.28 41.14
C ALA I 134 -25.85 9.53 40.11
N ARG I 135 -24.71 10.11 39.75
CA ARG I 135 -23.87 9.59 38.70
C ARG I 135 -22.62 8.95 39.29
N ALA I 136 -22.26 7.78 38.76
CA ALA I 136 -21.05 7.08 39.13
C ALA I 136 -20.29 6.73 37.87
N ARG I 137 -18.98 6.87 37.92
CA ARG I 137 -18.14 6.54 36.77
C ARG I 137 -18.28 5.06 36.43
N VAL I 138 -18.33 4.76 35.14
CA VAL I 138 -18.52 3.38 34.71
C VAL I 138 -17.30 2.56 35.11
N GLY I 139 -17.55 1.46 35.82
CA GLY I 139 -16.49 0.63 36.34
C GLY I 139 -16.03 0.98 37.74
N HIS I 140 -16.51 2.08 38.30
CA HIS I 140 -16.12 2.55 39.63
C HIS I 140 -17.18 2.08 40.61
N PHE I 141 -16.94 0.93 41.25
CA PHE I 141 -17.93 0.39 42.17
C PHE I 141 -17.86 1.03 43.55
N VAL I 142 -16.75 1.69 43.90
CA VAL I 142 -16.66 2.33 45.20
C VAL I 142 -17.52 3.59 45.23
N GLU I 143 -17.56 4.33 44.12
CA GLU I 143 -18.49 5.45 44.03
C GLU I 143 -19.94 4.96 44.13
N ALA I 144 -20.23 3.81 43.56
CA ALA I 144 -21.57 3.25 43.67
C ALA I 144 -21.88 2.84 45.11
N GLN I 145 -20.88 2.32 45.83
CA GLN I 145 -21.07 1.99 47.24
C GLN I 145 -21.34 3.25 48.06
N ILE I 146 -20.58 4.32 47.79
CA ILE I 146 -20.79 5.57 48.50
C ILE I 146 -22.17 6.14 48.21
N LEU I 147 -22.62 6.05 46.96
CA LEU I 147 -23.95 6.54 46.61
C LEU I 147 -25.04 5.71 47.27
N GLU I 148 -24.89 4.38 47.28
CA GLU I 148 -25.85 3.53 47.95
C GLU I 148 -25.90 3.80 49.45
N SER I 149 -24.76 4.18 50.04
CA SER I 149 -24.75 4.55 51.45
C SER I 149 -25.56 5.82 51.71
N LEU I 150 -25.53 6.76 50.77
CA LEU I 150 -26.31 7.99 50.90
C LEU I 150 -27.79 7.79 50.65
N ALA I 151 -28.22 6.56 50.33
CA ALA I 151 -29.63 6.23 50.14
C ALA I 151 -30.24 7.00 48.97
N VAL I 152 -29.47 7.16 47.89
CA VAL I 152 -30.04 7.73 46.68
C VAL I 152 -31.03 6.73 46.08
N ASP I 153 -32.05 7.26 45.41
CA ASP I 153 -33.12 6.40 44.90
C ASP I 153 -32.65 5.58 43.71
N TYR I 154 -31.84 6.17 42.84
CA TYR I 154 -31.31 5.48 41.67
C TYR I 154 -29.87 5.90 41.45
N ILE I 155 -29.05 4.96 40.99
CA ILE I 155 -27.64 5.21 40.69
C ILE I 155 -27.44 5.07 39.19
N ASP I 156 -26.81 6.06 38.58
CA ASP I 156 -26.62 6.11 37.13
C ASP I 156 -25.17 5.77 36.82
N GLU I 157 -24.92 4.58 36.29
CA GLU I 157 -23.56 4.20 35.87
C GLU I 157 -23.26 4.90 34.55
N SER I 158 -22.85 6.17 34.68
CA SER I 158 -22.86 7.07 33.53
C SER I 158 -21.54 7.02 32.79
N GLU I 159 -21.63 7.13 31.46
CA GLU I 159 -20.45 7.18 30.60
C GLU I 159 -20.18 8.57 30.04
N ILE I 160 -21.07 9.54 30.28
CA ILE I 160 -20.76 10.91 29.90
C ILE I 160 -19.72 11.49 30.85
N ILE I 161 -19.72 11.03 32.10
CA ILE I 161 -18.65 11.34 33.03
C ILE I 161 -17.44 10.46 32.67
N SER I 162 -16.24 10.98 32.94
CA SER I 162 -15.00 10.29 32.60
C SER I 162 -15.05 8.83 33.04
N VAL I 163 -14.56 7.95 32.16
CA VAL I 163 -14.64 6.51 32.41
C VAL I 163 -13.58 6.11 33.42
N ALA I 164 -13.98 5.32 34.42
CA ALA I 164 -13.01 4.78 35.37
C ALA I 164 -12.38 3.51 34.85
N ASP I 165 -13.20 2.49 34.57
CA ASP I 165 -12.71 1.20 34.08
C ASP I 165 -13.20 1.02 32.65
N ASP I 166 -12.27 1.01 31.69
CA ASP I 166 -12.64 0.91 30.29
C ASP I 166 -13.11 -0.50 29.93
N ASP I 167 -12.51 -1.52 30.54
CA ASP I 167 -12.80 -2.90 30.16
C ASP I 167 -14.05 -3.42 30.86
N HIS I 168 -14.10 -3.34 32.19
CA HIS I 168 -15.16 -3.93 32.97
C HIS I 168 -16.13 -2.87 33.47
N PHE I 169 -17.29 -3.34 33.94
CA PHE I 169 -18.35 -2.50 34.47
C PHE I 169 -18.58 -2.85 35.94
N ILE I 170 -19.63 -2.28 36.51
CA ILE I 170 -19.97 -2.54 37.90
C ILE I 170 -20.84 -3.79 37.98
N ASN I 171 -20.51 -4.69 38.89
CA ASN I 171 -21.33 -5.87 39.16
C ASN I 171 -22.52 -5.41 39.97
N LYS I 172 -23.56 -4.95 39.26
CA LYS I 172 -24.70 -4.30 39.87
C LYS I 172 -25.61 -5.24 40.64
N HIS I 173 -25.22 -6.50 40.81
CA HIS I 173 -26.02 -7.43 41.62
C HIS I 173 -25.70 -7.33 43.10
N ASN I 174 -24.55 -6.76 43.46
CA ASN I 174 -24.17 -6.64 44.86
C ASN I 174 -24.81 -5.45 45.56
N PHE I 175 -25.46 -4.56 44.82
CA PHE I 175 -26.01 -3.33 45.37
C PHE I 175 -27.51 -3.47 45.60
N ARG I 176 -28.03 -2.61 46.47
CA ARG I 176 -29.45 -2.61 46.80
C ARG I 176 -30.23 -1.55 46.04
N SER I 177 -29.54 -0.56 45.47
CA SER I 177 -30.22 0.51 44.76
C SER I 177 -30.31 0.19 43.27
N PRO I 178 -31.41 0.59 42.62
CA PRO I 178 -31.54 0.35 41.18
C PRO I 178 -30.52 1.15 40.38
N PHE I 179 -30.12 0.56 39.26
CA PHE I 179 -29.09 1.15 38.40
C PHE I 179 -29.66 1.52 37.05
N ILE I 180 -29.13 2.60 36.49
CA ILE I 180 -29.45 3.05 35.14
C ILE I 180 -28.17 2.98 34.32
N CYS I 181 -28.20 2.22 33.24
CA CYS I 181 -27.03 2.00 32.40
C CYS I 181 -27.30 2.51 31.00
N GLY I 182 -26.26 3.05 30.37
CA GLY I 182 -26.40 3.54 29.02
C GLY I 182 -26.12 2.46 27.99
N CYS I 183 -26.76 2.61 26.83
CA CYS I 183 -26.54 1.65 25.75
C CYS I 183 -26.52 2.40 24.42
N ARG I 184 -26.11 1.68 23.38
CA ARG I 184 -26.15 2.18 22.01
C ARG I 184 -26.72 1.18 21.02
N ASP I 185 -27.02 -0.04 21.45
CA ASP I 185 -27.66 -1.05 20.62
C ASP I 185 -28.27 -2.10 21.55
N THR I 186 -28.87 -3.14 20.95
CA THR I 186 -29.51 -4.16 21.77
C THR I 186 -28.48 -5.03 22.48
N GLY I 187 -27.30 -5.21 21.90
CA GLY I 187 -26.26 -5.98 22.57
C GLY I 187 -25.85 -5.37 23.89
N GLU I 188 -25.55 -4.06 23.88
CA GLU I 188 -25.16 -3.38 25.11
C GLU I 188 -26.31 -3.36 26.11
N ALA I 189 -27.54 -3.14 25.62
CA ALA I 189 -28.70 -3.13 26.51
C ALA I 189 -28.84 -4.46 27.23
N LEU I 190 -28.76 -5.56 26.49
CA LEU I 190 -28.92 -6.88 27.10
C LEU I 190 -27.75 -7.21 28.01
N ARG I 191 -26.53 -6.80 27.65
CA ARG I 191 -25.40 -7.03 28.53
C ARG I 191 -25.57 -6.28 29.85
N ARG I 192 -26.06 -5.04 29.79
CA ARG I 192 -26.25 -4.26 31.00
C ARG I 192 -27.37 -4.83 31.85
N ILE I 193 -28.44 -5.33 31.22
CA ILE I 193 -29.51 -5.96 31.98
C ILE I 193 -29.02 -7.24 32.63
N ARG I 194 -28.10 -7.95 31.96
CA ARG I 194 -27.53 -9.15 32.54
C ARG I 194 -26.64 -8.81 33.73
N GLU I 195 -25.88 -7.72 33.63
CA GLU I 195 -25.04 -7.32 34.76
C GLU I 195 -25.87 -6.88 35.94
N GLY I 196 -27.09 -6.39 35.72
CA GLY I 196 -27.99 -6.05 36.81
C GLY I 196 -28.64 -4.69 36.71
N ALA I 197 -28.51 -4.03 35.56
CA ALA I 197 -29.09 -2.71 35.39
C ALA I 197 -30.61 -2.79 35.38
N ALA I 198 -31.24 -2.10 36.33
CA ALA I 198 -32.69 -2.10 36.42
C ALA I 198 -33.35 -1.10 35.49
N MET I 199 -32.57 -0.32 34.74
CA MET I 199 -33.13 0.65 33.81
C MET I 199 -32.07 0.98 32.76
N ILE I 200 -32.50 1.17 31.52
CA ILE I 200 -31.60 1.37 30.40
C ILE I 200 -31.93 2.69 29.73
N ARG I 201 -30.90 3.46 29.39
CA ARG I 201 -31.06 4.70 28.62
C ARG I 201 -30.29 4.59 27.31
N ILE I 202 -31.00 4.81 26.21
CA ILE I 202 -30.39 4.81 24.88
C ILE I 202 -29.68 6.15 24.69
N GLN I 203 -28.37 6.09 24.49
CA GLN I 203 -27.53 7.27 24.51
C GLN I 203 -27.19 7.74 23.11
N GLY I 204 -27.13 9.06 22.94
CA GLY I 204 -26.74 9.65 21.68
C GLY I 204 -25.33 10.19 21.71
N ASP I 205 -25.19 11.51 21.90
CA ASP I 205 -23.88 12.16 21.92
C ASP I 205 -23.93 13.30 22.94
N LEU I 206 -23.22 13.14 24.05
CA LEU I 206 -23.11 14.19 25.04
C LEU I 206 -21.77 14.90 24.92
N THR I 207 -21.69 16.09 25.54
CA THR I 207 -20.48 16.90 25.62
C THR I 207 -20.01 17.31 24.22
N ALA I 208 -20.85 17.11 23.20
CA ALA I 208 -20.49 17.46 21.83
C ALA I 208 -21.33 18.60 21.27
N THR I 209 -22.66 18.47 21.29
CA THR I 209 -23.56 19.47 20.75
C THR I 209 -24.95 19.20 21.32
N GLY I 210 -25.94 19.89 20.76
CA GLY I 210 -27.33 19.68 21.14
C GLY I 210 -28.12 19.02 20.04
N ASN I 211 -27.45 18.22 19.21
CA ASN I 211 -28.10 17.56 18.10
C ASN I 211 -28.76 16.26 18.55
N ILE I 212 -29.81 15.88 17.82
CA ILE I 212 -30.62 14.71 18.15
C ILE I 212 -30.37 13.54 17.22
N ALA I 213 -29.38 13.66 16.33
CA ALA I 213 -29.21 12.65 15.27
C ALA I 213 -28.78 11.31 15.85
N GLU I 214 -27.74 11.30 16.69
CA GLU I 214 -27.22 10.04 17.20
C GLU I 214 -28.24 9.38 18.13
N THR I 215 -28.98 10.17 18.90
CA THR I 215 -29.97 9.60 19.81
C THR I 215 -31.08 8.89 19.06
N VAL I 216 -31.66 9.54 18.05
CA VAL I 216 -32.72 8.91 17.29
C VAL I 216 -32.18 7.74 16.48
N LYS I 217 -30.94 7.84 16.01
CA LYS I 217 -30.34 6.72 15.30
C LYS I 217 -30.22 5.50 16.20
N ASN I 218 -29.74 5.69 17.43
CA ASN I 218 -29.60 4.57 18.35
C ASN I 218 -30.96 4.02 18.79
N VAL I 219 -31.93 4.90 19.02
CA VAL I 219 -33.26 4.44 19.40
C VAL I 219 -33.88 3.61 18.28
N ARG I 220 -33.77 4.08 17.04
CA ARG I 220 -34.27 3.33 15.90
C ARG I 220 -33.56 1.99 15.77
N SER I 221 -32.24 1.97 15.95
CA SER I 221 -31.49 0.73 15.86
C SER I 221 -31.96 -0.28 16.91
N LEU I 222 -32.14 0.18 18.15
CA LEU I 222 -32.55 -0.74 19.22
C LEU I 222 -33.95 -1.26 18.98
N MET I 223 -34.89 -0.37 18.65
CA MET I 223 -36.26 -0.81 18.41
C MET I 223 -36.34 -1.73 17.19
N GLY I 224 -35.53 -1.48 16.17
CA GLY I 224 -35.53 -2.34 15.00
C GLY I 224 -34.97 -3.71 15.30
N GLU I 225 -33.88 -3.78 16.08
CA GLU I 225 -33.35 -5.08 16.46
C GLU I 225 -34.35 -5.85 17.31
N VAL I 226 -35.08 -5.16 18.19
CA VAL I 226 -36.06 -5.85 19.01
C VAL I 226 -37.23 -6.35 18.17
N ARG I 227 -37.65 -5.55 17.19
CA ARG I 227 -38.72 -5.99 16.29
C ARG I 227 -38.28 -7.17 15.42
N VAL I 228 -37.02 -7.18 15.00
CA VAL I 228 -36.49 -8.32 14.25
C VAL I 228 -36.47 -9.56 15.12
N LEU I 229 -36.04 -9.41 16.38
CA LEU I 229 -36.03 -10.53 17.31
C LEU I 229 -37.43 -11.09 17.53
N ASN I 230 -38.42 -10.21 17.68
CA ASN I 230 -39.78 -10.63 18.03
C ASN I 230 -40.38 -11.57 17.00
N ASN I 231 -39.90 -11.54 15.75
CA ASN I 231 -40.45 -12.35 14.69
C ASN I 231 -39.48 -13.38 14.14
N MET I 232 -38.27 -13.47 14.69
CA MET I 232 -37.24 -14.35 14.17
C MET I 232 -37.64 -15.82 14.34
N ASP I 233 -37.06 -16.67 13.50
CA ASP I 233 -37.22 -18.11 13.64
C ASP I 233 -36.49 -18.61 14.87
N ASP I 234 -37.05 -19.64 15.51
CA ASP I 234 -36.51 -20.11 16.78
C ASP I 234 -35.12 -20.70 16.60
N ASP I 235 -34.83 -21.23 15.42
CA ASP I 235 -33.50 -21.80 15.17
C ASP I 235 -32.43 -20.74 15.00
N GLU I 236 -32.81 -19.50 14.69
CA GLU I 236 -31.84 -18.45 14.41
C GLU I 236 -31.55 -17.57 15.62
N VAL I 237 -32.26 -17.76 16.73
CA VAL I 237 -32.09 -16.90 17.89
C VAL I 237 -30.69 -17.06 18.47
N PHE I 238 -30.14 -18.28 18.39
CA PHE I 238 -28.81 -18.51 18.93
C PHE I 238 -27.75 -17.77 18.12
N THR I 239 -27.82 -17.88 16.79
CA THR I 239 -26.87 -17.16 15.95
C THR I 239 -27.04 -15.65 16.10
N PHE I 240 -28.28 -15.20 16.30
CA PHE I 240 -28.52 -13.77 16.52
C PHE I 240 -27.88 -13.29 17.82
N ALA I 241 -28.07 -14.05 18.90
CA ALA I 241 -27.47 -13.70 20.18
C ALA I 241 -25.96 -13.71 20.10
N LYS I 242 -25.40 -14.63 19.31
CA LYS I 242 -23.95 -14.61 19.09
C LYS I 242 -23.52 -13.39 18.30
N LYS I 243 -24.33 -12.99 17.31
CA LYS I 243 -23.99 -11.85 16.48
C LYS I 243 -24.00 -10.55 17.25
N ILE I 244 -24.99 -10.34 18.12
CA ILE I 244 -25.05 -9.14 18.95
C ILE I 244 -24.32 -9.32 20.27
N SER I 245 -23.75 -10.50 20.53
CA SER I 245 -23.00 -10.79 21.75
C SER I 245 -23.81 -10.45 23.00
N ALA I 246 -24.94 -11.11 23.13
CA ALA I 246 -25.85 -10.93 24.26
C ALA I 246 -26.15 -12.27 24.90
N PRO I 247 -26.44 -12.29 26.21
CA PRO I 247 -26.83 -13.53 26.85
C PRO I 247 -28.11 -14.08 26.26
N TYR I 248 -28.14 -15.40 26.03
CA TYR I 248 -29.24 -15.98 25.28
C TYR I 248 -30.55 -15.93 26.06
N ASP I 249 -30.51 -16.04 27.39
CA ASP I 249 -31.75 -16.01 28.16
C ASP I 249 -32.44 -14.65 28.02
N LEU I 250 -31.67 -13.57 28.04
CA LEU I 250 -32.26 -12.25 27.85
C LEU I 250 -32.74 -12.05 26.42
N VAL I 251 -32.06 -12.67 25.46
CA VAL I 251 -32.52 -12.58 24.07
C VAL I 251 -33.86 -13.29 23.92
N ALA I 252 -34.00 -14.46 24.54
CA ALA I 252 -35.27 -15.17 24.50
C ALA I 252 -36.36 -14.40 25.26
N GLN I 253 -36.00 -13.74 26.35
CA GLN I 253 -36.98 -12.92 27.07
C GLN I 253 -37.45 -11.74 26.23
N THR I 254 -36.52 -11.09 25.53
CA THR I 254 -36.91 -10.00 24.63
C THR I 254 -37.75 -10.52 23.47
N LYS I 255 -37.49 -11.74 23.02
CA LYS I 255 -38.28 -12.31 21.93
C LYS I 255 -39.70 -12.63 22.40
N GLN I 256 -39.83 -13.14 23.63
CA GLN I 256 -41.14 -13.53 24.14
C GLN I 256 -41.94 -12.32 24.63
N MET I 257 -41.25 -11.23 24.96
CA MET I 257 -41.91 -10.06 25.55
C MET I 257 -42.20 -8.95 24.56
N GLY I 258 -41.39 -8.82 23.50
CA GLY I 258 -41.55 -7.74 22.55
C GLY I 258 -40.76 -6.49 22.87
N ARG I 259 -40.28 -6.34 24.10
CA ARG I 259 -39.39 -5.26 24.49
C ARG I 259 -38.35 -5.83 25.43
N VAL I 260 -37.29 -5.08 25.66
CA VAL I 260 -36.31 -5.52 26.66
C VAL I 260 -36.96 -5.46 28.03
N PRO I 261 -36.66 -6.37 28.94
CA PRO I 261 -37.42 -6.43 30.20
C PRO I 261 -37.00 -5.38 31.22
N VAL I 262 -36.81 -4.14 30.79
CA VAL I 262 -36.50 -3.01 31.65
C VAL I 262 -37.20 -1.77 31.09
N VAL I 263 -36.98 -0.64 31.76
CA VAL I 263 -37.54 0.63 31.31
C VAL I 263 -36.51 1.35 30.46
N GLN I 264 -36.93 1.79 29.27
CA GLN I 264 -36.05 2.42 28.30
C GLN I 264 -36.29 3.92 28.29
N PHE I 265 -35.27 4.69 28.60
CA PHE I 265 -35.28 6.14 28.45
C PHE I 265 -34.39 6.53 27.28
N ALA I 266 -34.49 7.79 26.87
CA ALA I 266 -33.64 8.33 25.82
C ALA I 266 -32.75 9.42 26.39
N SER I 267 -31.60 9.64 25.76
CA SER I 267 -30.72 10.69 26.24
C SER I 267 -29.91 11.26 25.07
N GLY I 268 -29.55 12.53 25.19
CA GLY I 268 -28.65 13.16 24.24
C GLY I 268 -29.33 14.05 23.22
N GLY I 269 -29.28 15.37 23.45
CA GLY I 269 -29.75 16.33 22.49
C GLY I 269 -31.19 16.77 22.64
N ILE I 270 -31.95 16.20 23.58
CA ILE I 270 -33.35 16.58 23.74
C ILE I 270 -33.41 17.99 24.33
N THR I 271 -33.83 18.95 23.51
CA THR I 271 -33.93 20.35 23.93
C THR I 271 -35.33 20.91 23.82
N THR I 272 -35.99 20.73 22.70
CA THR I 272 -37.32 21.26 22.47
C THR I 272 -38.38 20.21 22.77
N PRO I 273 -39.63 20.63 22.98
CA PRO I 273 -40.71 19.64 23.19
C PRO I 273 -40.86 18.68 22.02
N ALA I 274 -40.58 19.13 20.80
CA ALA I 274 -40.69 18.26 19.64
C ALA I 274 -39.74 17.07 19.75
N ASP I 275 -38.53 17.29 20.28
CA ASP I 275 -37.57 16.21 20.39
C ASP I 275 -38.01 15.18 21.42
N ALA I 276 -38.55 15.63 22.56
CA ALA I 276 -39.04 14.70 23.57
C ALA I 276 -40.24 13.92 23.05
N ALA I 277 -41.15 14.59 22.34
CA ALA I 277 -42.29 13.88 21.76
C ALA I 277 -41.84 12.88 20.71
N LEU I 278 -40.80 13.21 19.94
CA LEU I 278 -40.26 12.26 18.97
C LEU I 278 -39.65 11.05 19.66
N MET I 279 -38.89 11.27 20.74
CA MET I 279 -38.31 10.16 21.48
C MET I 279 -39.39 9.29 22.10
N MET I 280 -40.49 9.89 22.54
CA MET I 280 -41.58 9.11 23.14
C MET I 280 -42.47 8.46 22.08
N GLN I 281 -42.42 8.93 20.84
CA GLN I 281 -43.19 8.30 19.77
C GLN I 281 -42.45 7.16 19.10
N LEU I 282 -41.13 7.08 19.28
CA LEU I 282 -40.36 5.96 18.76
C LEU I 282 -40.45 4.72 19.64
N GLY I 283 -41.08 4.83 20.81
CA GLY I 283 -41.26 3.70 21.70
C GLY I 283 -40.58 3.83 23.05
N CYS I 284 -39.82 4.88 23.31
CA CYS I 284 -39.16 5.04 24.58
C CYS I 284 -40.18 5.32 25.68
N ASP I 285 -39.69 5.32 26.93
CA ASP I 285 -40.54 5.54 28.09
C ASP I 285 -40.29 6.87 28.78
N GLY I 286 -39.27 7.62 28.37
CA GLY I 286 -38.98 8.90 28.99
C GLY I 286 -37.75 9.51 28.36
N VAL I 287 -37.43 10.73 28.80
CA VAL I 287 -36.30 11.47 28.26
C VAL I 287 -35.40 11.94 29.40
N PHE I 288 -34.14 12.17 29.06
CA PHE I 288 -33.13 12.73 29.96
C PHE I 288 -32.84 14.15 29.49
N VAL I 289 -33.35 15.12 30.22
CA VAL I 289 -33.16 16.52 29.85
C VAL I 289 -31.93 17.06 30.58
N GLY I 290 -30.87 17.33 29.83
CA GLY I 290 -29.62 17.77 30.40
C GLY I 290 -29.71 19.16 31.00
N SER I 291 -28.56 19.62 31.49
CA SER I 291 -28.47 20.91 32.16
C SER I 291 -28.38 22.09 31.20
N GLU I 292 -28.45 21.84 29.89
CA GLU I 292 -28.39 22.93 28.93
C GLU I 292 -29.69 23.73 28.86
N VAL I 293 -30.70 23.37 29.65
CA VAL I 293 -31.95 24.12 29.64
C VAL I 293 -31.92 25.24 30.66
N PHE I 294 -31.12 25.11 31.72
CA PHE I 294 -31.10 26.11 32.78
C PHE I 294 -30.27 27.34 32.42
N ASP I 295 -29.54 27.31 31.30
CA ASP I 295 -28.79 28.46 30.86
C ASP I 295 -29.50 29.25 29.76
N GLY I 296 -30.80 29.03 29.59
CA GLY I 296 -31.59 29.80 28.65
C GLY I 296 -32.23 31.00 29.33
N PRO I 297 -33.08 31.73 28.60
CA PRO I 297 -33.72 32.92 29.17
C PRO I 297 -34.72 32.58 30.26
N ASP I 298 -35.51 31.54 30.05
CA ASP I 298 -36.51 31.10 31.01
C ASP I 298 -36.48 29.58 31.11
N PRO I 299 -35.82 29.01 32.12
CA PRO I 299 -35.72 27.55 32.21
C PRO I 299 -37.03 26.89 32.59
N PHE I 300 -37.84 27.58 33.40
CA PHE I 300 -39.09 26.98 33.86
C PHE I 300 -40.05 26.72 32.70
N LYS I 301 -40.16 27.65 31.76
CA LYS I 301 -41.06 27.46 30.62
C LYS I 301 -40.60 26.28 29.77
N LYS I 302 -39.29 26.20 29.50
CA LYS I 302 -38.78 25.09 28.71
C LYS I 302 -39.02 23.76 29.41
N LEU I 303 -38.78 23.70 30.72
CA LEU I 303 -38.97 22.45 31.45
C LEU I 303 -40.43 22.03 31.45
N ARG I 304 -41.33 22.99 31.71
CA ARG I 304 -42.76 22.68 31.71
C ARG I 304 -43.21 22.21 30.33
N SER I 305 -42.70 22.84 29.27
CA SER I 305 -43.08 22.44 27.92
C SER I 305 -42.58 21.03 27.61
N ILE I 306 -41.36 20.71 28.02
CA ILE I 306 -40.82 19.38 27.79
C ILE I 306 -41.64 18.33 28.55
N VAL I 307 -42.00 18.63 29.80
CA VAL I 307 -42.76 17.68 30.60
C VAL I 307 -44.15 17.45 29.98
N GLN I 308 -44.82 18.54 29.58
CA GLN I 308 -46.12 18.40 28.96
C GLN I 308 -46.04 17.71 27.61
N ALA I 309 -44.91 17.85 26.92
CA ALA I 309 -44.72 17.14 25.66
C ALA I 309 -44.57 15.64 25.90
N VAL I 310 -43.79 15.26 26.92
CA VAL I 310 -43.65 13.84 27.25
C VAL I 310 -45.00 13.27 27.68
N GLN I 311 -45.80 14.05 28.40
CA GLN I 311 -47.09 13.55 28.87
C GLN I 311 -48.09 13.42 27.73
N HIS I 312 -48.05 14.33 26.76
CA HIS I 312 -49.03 14.35 25.68
C HIS I 312 -48.37 14.20 24.31
N TYR I 313 -47.47 13.23 24.17
CA TYR I 313 -46.71 13.07 22.94
C TYR I 313 -47.57 12.77 21.72
N ASN I 314 -48.84 12.45 21.90
CA ASN I 314 -49.71 12.10 20.78
C ASN I 314 -50.57 13.26 20.30
N ASP I 315 -50.72 14.32 21.10
CA ASP I 315 -51.58 15.43 20.74
C ASP I 315 -50.76 16.52 20.06
N PRO I 316 -51.00 16.85 18.78
CA PRO I 316 -50.20 17.89 18.13
C PRO I 316 -50.55 19.29 18.57
N HIS I 317 -51.80 19.52 19.00
CA HIS I 317 -52.17 20.87 19.44
C HIS I 317 -51.47 21.25 20.74
N VAL I 318 -51.42 20.33 21.70
CA VAL I 318 -50.69 20.58 22.93
C VAL I 318 -49.22 20.80 22.63
N LEU I 319 -48.67 20.05 21.68
CA LEU I 319 -47.26 20.21 21.31
C LEU I 319 -47.01 21.60 20.71
N ALA I 320 -47.92 22.04 19.84
CA ALA I 320 -47.77 23.37 19.25
C ALA I 320 -47.95 24.47 20.29
N GLU I 321 -48.75 24.22 21.32
CA GLU I 321 -48.92 25.22 22.37
C GLU I 321 -47.68 25.30 23.26
N MET I 322 -47.08 24.15 23.59
CA MET I 322 -45.87 24.16 24.40
C MET I 322 -44.66 24.67 23.63
N SER I 323 -44.68 24.60 22.31
CA SER I 323 -43.56 25.06 21.50
C SER I 323 -43.69 26.52 21.13
N PRO J 64 21.03 -8.12 52.09
CA PRO J 64 20.09 -9.21 51.74
C PRO J 64 18.74 -8.67 51.29
N PHE J 65 18.05 -9.43 50.43
CA PHE J 65 16.75 -9.01 49.93
C PHE J 65 15.65 -9.19 50.96
N SER J 66 15.79 -10.19 51.85
CA SER J 66 14.76 -10.44 52.84
C SER J 66 14.61 -9.27 53.80
N VAL J 67 15.73 -8.74 54.30
CA VAL J 67 15.64 -7.63 55.24
C VAL J 67 15.15 -6.37 54.54
N LYS J 68 15.46 -6.21 53.25
CA LYS J 68 14.97 -5.04 52.53
C LYS J 68 13.46 -5.12 52.32
N VAL J 69 12.94 -6.31 52.01
CA VAL J 69 11.49 -6.48 51.92
C VAL J 69 10.86 -6.26 53.29
N GLY J 70 11.53 -6.69 54.36
CA GLY J 70 11.01 -6.44 55.69
C GLY J 70 10.90 -4.97 56.03
N LEU J 71 11.94 -4.20 55.70
CA LEU J 71 11.89 -2.74 55.90
C LEU J 71 10.86 -2.09 55.00
N ALA J 72 10.62 -2.65 53.81
CA ALA J 72 9.70 -2.02 52.89
C ALA J 72 8.24 -2.30 53.24
N GLN J 73 7.97 -3.45 53.87
CA GLN J 73 6.58 -3.84 54.13
C GLN J 73 6.00 -3.21 55.39
N VAL J 74 6.61 -2.16 55.93
CA VAL J 74 5.97 -1.41 57.01
C VAL J 74 5.03 -0.35 56.47
N LEU J 75 5.05 -0.09 55.17
CA LEU J 75 4.18 0.88 54.55
C LEU J 75 2.82 0.31 54.14
N ARG J 76 2.56 -0.96 54.45
CA ARG J 76 1.31 -1.59 54.04
C ARG J 76 0.12 -0.87 54.67
N GLY J 77 -0.88 -0.57 53.83
CA GLY J 77 -2.08 0.08 54.31
C GLY J 77 -1.91 1.55 54.64
N GLY J 78 -1.19 2.30 53.80
CA GLY J 78 -1.00 3.71 54.01
C GLY J 78 -0.88 4.46 52.71
N ALA J 79 -0.84 5.78 52.81
CA ALA J 79 -0.74 6.67 51.66
C ALA J 79 0.60 7.39 51.69
N ILE J 80 1.31 7.34 50.57
CA ILE J 80 2.62 7.99 50.43
C ILE J 80 2.38 9.30 49.71
N VAL J 81 2.67 10.40 50.40
CA VAL J 81 2.30 11.73 49.90
C VAL J 81 3.53 12.40 49.29
N GLU J 82 3.35 13.02 48.12
CA GLU J 82 4.43 13.72 47.46
C GLU J 82 4.49 15.16 47.97
N VAL J 83 5.52 15.45 48.75
CA VAL J 83 5.69 16.78 49.33
C VAL J 83 6.81 17.50 48.59
N SER J 84 6.86 18.82 48.76
CA SER J 84 7.82 19.65 48.05
C SER J 84 8.54 20.65 48.94
N SER J 85 8.24 20.70 50.23
CA SER J 85 8.88 21.64 51.13
C SER J 85 8.70 21.14 52.56
N VAL J 86 9.29 21.86 53.51
CA VAL J 86 9.18 21.47 54.92
C VAL J 86 7.74 21.62 55.40
N ASN J 87 7.04 22.65 54.94
CA ASN J 87 5.67 22.87 55.38
C ASN J 87 4.74 21.79 54.85
N GLN J 88 4.86 21.45 53.57
CA GLN J 88 4.02 20.40 53.00
C GLN J 88 4.36 19.05 53.62
N ALA J 89 5.63 18.84 53.97
CA ALA J 89 6.01 17.60 54.65
C ALA J 89 5.38 17.52 56.02
N LYS J 90 5.41 18.61 56.78
CA LYS J 90 4.77 18.61 58.09
C LYS J 90 3.26 18.42 57.97
N LEU J 91 2.66 19.00 56.92
CA LEU J 91 1.23 18.82 56.70
C LEU J 91 0.89 17.37 56.39
N ALA J 92 1.67 16.73 55.52
CA ALA J 92 1.41 15.33 55.18
C ALA J 92 1.70 14.40 56.36
N GLU J 93 2.61 14.80 57.25
CA GLU J 93 2.83 14.01 58.45
C GLU J 93 1.69 14.15 59.43
N SER J 94 1.18 15.38 59.61
CA SER J 94 0.07 15.60 60.53
C SER J 94 -1.22 14.99 60.00
N ALA J 95 -1.35 14.86 58.68
CA ALA J 95 -2.54 14.21 58.13
C ALA J 95 -2.55 12.72 58.46
N GLY J 96 -1.39 12.10 58.50
CA GLY J 96 -1.30 10.69 58.85
C GLY J 96 -0.72 9.82 57.74
N ALA J 97 0.09 10.42 56.87
CA ALA J 97 0.69 9.66 55.79
C ALA J 97 1.74 8.69 56.34
N CYS J 98 1.89 7.56 55.65
CA CYS J 98 2.90 6.59 56.06
C CYS J 98 4.30 7.00 55.66
N SER J 99 4.45 7.79 54.60
CA SER J 99 5.75 8.28 54.19
C SER J 99 5.56 9.45 53.23
N VAL J 100 6.63 10.23 53.08
CA VAL J 100 6.59 11.41 52.23
C VAL J 100 7.70 11.29 51.20
N ILE J 101 7.33 11.37 49.92
CA ILE J 101 8.29 11.32 48.83
C ILE J 101 8.57 12.74 48.37
N VAL J 102 9.85 13.08 48.21
CA VAL J 102 10.29 14.46 48.09
C VAL J 102 10.42 14.84 46.62
N SER J 103 9.89 16.00 46.26
CA SER J 103 10.10 16.62 44.95
C SER J 103 10.58 18.04 45.19
N ASP J 104 11.73 18.40 44.60
CA ASP J 104 12.38 19.65 44.99
C ASP J 104 11.61 20.91 44.57
N PRO J 105 11.04 21.01 43.37
CA PRO J 105 10.54 22.30 42.92
C PRO J 105 9.14 22.59 43.45
N VAL J 106 8.80 23.88 43.47
CA VAL J 106 7.42 24.28 43.72
C VAL J 106 6.59 24.09 42.47
N ARG J 107 7.19 24.31 41.30
CA ARG J 107 6.53 24.14 40.02
C ARG J 107 7.54 23.59 39.03
N SER J 108 7.04 22.86 38.04
CA SER J 108 7.84 22.32 36.94
C SER J 108 7.46 23.08 35.68
N ARG J 109 8.35 23.96 35.22
CA ARG J 109 8.06 24.85 34.09
C ARG J 109 8.45 24.15 32.79
N GLY J 110 7.86 22.97 32.59
CA GLY J 110 8.07 22.22 31.36
C GLY J 110 9.51 21.88 31.05
N GLY J 111 10.34 21.71 32.07
CA GLY J 111 11.73 21.39 31.91
C GLY J 111 12.04 19.94 32.19
N VAL J 112 13.34 19.68 32.39
CA VAL J 112 13.81 18.35 32.74
C VAL J 112 13.94 18.26 34.25
N ARG J 113 13.29 17.27 34.85
CA ARG J 113 13.34 17.05 36.28
C ARG J 113 14.37 15.99 36.63
N ARG J 114 14.83 16.01 37.87
CA ARG J 114 15.87 15.09 38.32
C ARG J 114 15.77 14.94 39.84
N MET J 115 16.78 14.31 40.43
CA MET J 115 16.78 14.06 41.86
C MET J 115 16.70 15.38 42.63
N PRO J 116 15.94 15.43 43.73
CA PRO J 116 15.83 16.68 44.49
C PRO J 116 17.17 17.09 45.10
N ASP J 117 17.26 18.38 45.41
CA ASP J 117 18.50 18.92 45.94
C ASP J 117 18.72 18.44 47.37
N PRO J 118 19.94 18.02 47.72
CA PRO J 118 20.13 17.30 48.99
C PRO J 118 19.75 18.08 50.24
N VAL J 119 19.89 19.41 50.25
CA VAL J 119 19.59 20.14 51.48
C VAL J 119 18.09 20.12 51.74
N LEU J 120 17.27 20.08 50.69
CA LEU J 120 15.82 19.95 50.89
C LEU J 120 15.48 18.59 51.49
N ILE J 121 16.16 17.54 51.04
CA ILE J 121 15.93 16.22 51.61
C ILE J 121 16.36 16.18 53.07
N LYS J 122 17.49 16.82 53.39
CA LYS J 122 17.94 16.85 54.78
C LYS J 122 16.95 17.62 55.65
N GLU J 123 16.43 18.75 55.16
CA GLU J 123 15.45 19.51 55.92
C GLU J 123 14.18 18.71 56.15
N VAL J 124 13.67 18.06 55.09
CA VAL J 124 12.44 17.28 55.23
C VAL J 124 12.66 16.11 56.19
N LYS J 125 13.83 15.47 56.12
CA LYS J 125 14.11 14.34 56.98
C LYS J 125 14.28 14.77 58.43
N ARG J 126 14.78 16.00 58.66
CA ARG J 126 14.90 16.50 60.02
C ARG J 126 13.54 16.95 60.57
N ALA J 127 12.64 17.39 59.69
CA ALA J 127 11.36 17.91 60.15
C ALA J 127 10.41 16.77 60.54
N VAL J 128 10.06 15.91 59.60
CA VAL J 128 9.09 14.86 59.85
C VAL J 128 9.79 13.62 60.37
N SER J 129 9.02 12.77 61.07
CA SER J 129 9.54 11.52 61.60
C SER J 129 9.10 10.31 60.78
N VAL J 130 8.17 10.48 59.85
CA VAL J 130 7.73 9.41 58.97
C VAL J 130 8.86 9.14 57.97
N PRO J 131 8.90 7.97 57.32
CA PRO J 131 9.93 7.73 56.31
C PRO J 131 9.91 8.76 55.20
N VAL J 132 11.09 9.12 54.74
CA VAL J 132 11.28 10.11 53.68
C VAL J 132 11.90 9.41 52.48
N MET J 133 11.12 9.32 51.41
CA MET J 133 11.59 8.75 50.17
C MET J 133 12.35 9.81 49.37
N ALA J 134 12.81 9.41 48.18
CA ALA J 134 13.47 10.32 47.27
C ALA J 134 13.42 9.70 45.89
N ARG J 135 13.49 10.54 44.87
CA ARG J 135 13.34 10.10 43.50
C ARG J 135 14.67 10.13 42.78
N ALA J 136 14.94 9.08 42.01
CA ALA J 136 16.13 8.97 41.18
C ALA J 136 15.70 8.62 39.77
N ARG J 137 16.35 9.24 38.79
CA ARG J 137 16.03 8.94 37.40
C ARG J 137 16.33 7.49 37.09
N VAL J 138 15.45 6.87 36.31
CA VAL J 138 15.60 5.46 35.99
C VAL J 138 16.86 5.26 35.16
N GLY J 139 17.73 4.36 35.62
CA GLY J 139 19.01 4.12 34.98
C GLY J 139 20.15 4.96 35.52
N HIS J 140 19.88 5.91 36.40
CA HIS J 140 20.88 6.81 36.96
C HIS J 140 21.29 6.26 38.32
N PHE J 141 22.36 5.47 38.34
CA PHE J 141 22.79 4.86 39.60
C PHE J 141 23.60 5.81 40.47
N VAL J 142 24.15 6.88 39.91
CA VAL J 142 24.91 7.83 40.72
C VAL J 142 23.98 8.65 41.59
N GLU J 143 22.81 9.02 41.07
CA GLU J 143 21.81 9.67 41.90
C GLU J 143 21.35 8.75 43.02
N ALA J 144 21.25 7.45 42.74
CA ALA J 144 20.89 6.49 43.77
C ALA J 144 22.00 6.38 44.82
N GLN J 145 23.26 6.44 44.39
CA GLN J 145 24.36 6.44 45.35
C GLN J 145 24.32 7.68 46.24
N ILE J 146 24.06 8.84 45.64
CA ILE J 146 23.97 10.08 46.41
C ILE J 146 22.82 10.01 47.41
N LEU J 147 21.69 9.45 46.99
CA LEU J 147 20.55 9.33 47.89
C LEU J 147 20.85 8.36 49.03
N GLU J 148 21.47 7.22 48.71
CA GLU J 148 21.85 6.27 49.76
C GLU J 148 22.84 6.88 50.74
N SER J 149 23.71 7.78 50.25
CA SER J 149 24.63 8.46 51.15
C SER J 149 23.89 9.38 52.12
N LEU J 150 22.80 10.00 51.68
CA LEU J 150 21.99 10.87 52.54
C LEU J 150 21.13 10.09 53.52
N ALA J 151 21.19 8.75 53.49
CA ALA J 151 20.46 7.89 54.43
C ALA J 151 18.96 8.07 54.32
N VAL J 152 18.46 8.22 53.08
CA VAL J 152 17.03 8.21 52.87
C VAL J 152 16.48 6.82 53.16
N ASP J 153 15.24 6.75 53.63
CA ASP J 153 14.68 5.46 54.02
C ASP J 153 14.35 4.60 52.82
N TYR J 154 13.86 5.20 51.74
CA TYR J 154 13.53 4.47 50.52
C TYR J 154 13.92 5.32 49.32
N ILE J 155 14.37 4.65 48.26
CA ILE J 155 14.75 5.32 47.02
C ILE J 155 13.78 4.88 45.94
N ASP J 156 13.22 5.84 45.22
CA ASP J 156 12.21 5.59 44.20
C ASP J 156 12.84 5.75 42.82
N GLU J 157 13.06 4.62 42.13
CA GLU J 157 13.59 4.67 40.76
C GLU J 157 12.46 5.07 39.83
N SER J 158 12.22 6.38 39.78
CA SER J 158 10.99 6.91 39.22
C SER J 158 11.11 7.16 37.72
N GLU J 159 10.01 6.88 37.01
CA GLU J 159 9.94 7.13 35.58
C GLU J 159 9.07 8.33 35.23
N ILE J 160 8.41 8.95 36.21
CA ILE J 160 7.71 10.20 35.94
C ILE J 160 8.70 11.33 35.78
N ILE J 161 9.84 11.24 36.48
CA ILE J 161 10.96 12.13 36.23
C ILE J 161 11.66 11.70 34.94
N SER J 162 12.26 12.66 34.25
CA SER J 162 12.91 12.39 32.97
C SER J 162 13.83 11.18 33.05
N VAL J 163 13.78 10.34 32.02
CA VAL J 163 14.53 9.08 32.01
C VAL J 163 15.99 9.37 31.74
N ALA J 164 16.87 8.76 32.54
CA ALA J 164 18.30 8.87 32.29
C ALA J 164 18.76 7.82 31.28
N ASP J 165 18.56 6.54 31.60
CA ASP J 165 18.96 5.44 30.74
C ASP J 165 17.71 4.73 30.23
N ASP J 166 17.47 4.82 28.92
CA ASP J 166 16.26 4.24 28.35
C ASP J 166 16.35 2.73 28.31
N ASP J 167 17.53 2.18 28.05
CA ASP J 167 17.66 0.74 27.86
C ASP J 167 17.77 0.00 29.18
N HIS J 168 18.72 0.38 30.03
CA HIS J 168 19.02 -0.34 31.25
C HIS J 168 18.46 0.39 32.47
N PHE J 169 18.44 -0.33 33.58
CA PHE J 169 17.95 0.17 34.86
C PHE J 169 19.09 0.15 35.88
N ILE J 170 18.75 0.43 37.13
CA ILE J 170 19.74 0.42 38.20
C ILE J 170 19.88 -1.00 38.74
N ASN J 171 21.11 -1.45 38.89
CA ASN J 171 21.39 -2.75 39.52
C ASN J 171 21.21 -2.56 41.03
N LYS J 172 19.96 -2.69 41.47
CA LYS J 172 19.56 -2.36 42.83
C LYS J 172 20.09 -3.35 43.87
N HIS J 173 20.94 -4.31 43.49
CA HIS J 173 21.52 -5.21 44.47
C HIS J 173 22.77 -4.64 45.13
N ASN J 174 23.38 -3.63 44.53
CA ASN J 174 24.58 -3.03 45.08
C ASN J 174 24.30 -2.01 46.19
N PHE J 175 23.04 -1.63 46.38
CA PHE J 175 22.67 -0.59 47.32
C PHE J 175 22.13 -1.20 48.61
N ARG J 176 22.17 -0.39 49.67
CA ARG J 176 21.71 -0.83 50.98
C ARG J 176 20.30 -0.34 51.28
N SER J 177 19.80 0.65 50.55
CA SER J 177 18.48 1.18 50.81
C SER J 177 17.44 0.50 49.94
N PRO J 178 16.23 0.29 50.46
CA PRO J 178 15.18 -0.34 49.66
C PRO J 178 14.76 0.54 48.51
N PHE J 179 14.35 -0.11 47.41
CA PHE J 179 13.99 0.56 46.18
C PHE J 179 12.52 0.35 45.86
N ILE J 180 11.91 1.37 45.27
CA ILE J 180 10.55 1.33 44.77
C ILE J 180 10.60 1.52 43.26
N CYS J 181 10.08 0.55 42.52
CA CYS J 181 10.13 0.57 41.07
C CYS J 181 8.72 0.58 40.51
N GLY J 182 8.55 1.27 39.38
CA GLY J 182 7.25 1.32 38.75
C GLY J 182 7.06 0.19 37.75
N CYS J 183 5.80 -0.19 37.57
CA CYS J 183 5.49 -1.25 36.62
C CYS J 183 4.19 -0.91 35.91
N ARG J 184 3.90 -1.68 34.86
CA ARG J 184 2.64 -1.58 34.13
C ARG J 184 2.01 -2.93 33.84
N ASP J 185 2.70 -4.03 34.16
CA ASP J 185 2.17 -5.37 34.01
C ASP J 185 3.00 -6.30 34.89
N THR J 186 2.67 -7.59 34.85
CA THR J 186 3.39 -8.56 35.69
C THR J 186 4.81 -8.78 35.19
N GLY J 187 5.04 -8.66 33.88
CA GLY J 187 6.39 -8.80 33.36
C GLY J 187 7.34 -7.77 33.94
N GLU J 188 6.95 -6.50 33.88
CA GLU J 188 7.79 -5.43 34.42
C GLU J 188 7.95 -5.57 35.93
N ALA J 189 6.88 -5.95 36.62
CA ALA J 189 6.96 -6.13 38.07
C ALA J 189 7.99 -7.19 38.43
N LEU J 190 7.92 -8.34 37.75
CA LEU J 190 8.84 -9.43 38.05
C LEU J 190 10.27 -9.08 37.64
N ARG J 191 10.44 -8.36 36.53
CA ARG J 191 11.78 -7.93 36.13
C ARG J 191 12.37 -6.99 37.17
N ARG J 192 11.56 -6.06 37.70
CA ARG J 192 12.06 -5.13 38.70
C ARG J 192 12.38 -5.84 40.01
N ILE J 193 11.57 -6.82 40.39
CA ILE J 193 11.85 -7.58 41.60
C ILE J 193 13.13 -8.39 41.42
N ARG J 194 13.38 -8.87 40.19
CA ARG J 194 14.62 -9.60 39.93
C ARG J 194 15.83 -8.67 39.98
N GLU J 195 15.68 -7.44 39.48
CA GLU J 195 16.79 -6.49 39.57
C GLU J 195 17.09 -6.10 41.01
N GLY J 196 16.10 -6.16 41.90
CA GLY J 196 16.33 -5.90 43.30
C GLY J 196 15.35 -4.95 43.95
N ALA J 197 14.28 -4.60 43.26
CA ALA J 197 13.30 -3.66 43.79
C ALA J 197 12.56 -4.29 44.97
N ALA J 198 12.67 -3.65 46.14
CA ALA J 198 12.01 -4.14 47.34
C ALA J 198 10.55 -3.72 47.43
N MET J 199 10.06 -2.92 46.48
CA MET J 199 8.66 -2.49 46.49
C MET J 199 8.27 -2.09 45.08
N ILE J 200 7.04 -2.38 44.70
CA ILE J 200 6.56 -2.16 43.34
C ILE J 200 5.34 -1.25 43.39
N ARG J 201 5.29 -0.28 42.49
CA ARG J 201 4.11 0.57 42.34
C ARG J 201 3.55 0.43 40.93
N ILE J 202 2.27 0.09 40.84
CA ILE J 202 1.58 -0.02 39.57
C ILE J 202 1.24 1.39 39.10
N GLN J 203 1.77 1.75 37.94
CA GLN J 203 1.73 3.12 37.46
C GLN J 203 0.63 3.32 36.42
N GLY J 204 -0.01 4.48 36.47
CA GLY J 204 -1.01 4.84 35.48
C GLY J 204 -0.50 5.84 34.47
N ASP J 205 -0.83 7.12 34.67
CA ASP J 205 -0.43 8.18 33.75
C ASP J 205 -0.16 9.45 34.58
N LEU J 206 1.11 9.83 34.66
CA LEU J 206 1.47 11.08 35.33
C LEU J 206 1.78 12.16 34.30
N THR J 207 1.78 13.41 34.78
CA THR J 207 2.11 14.60 34.01
C THR J 207 1.13 14.78 32.86
N ALA J 208 0.02 14.05 32.87
CA ALA J 208 -0.98 14.14 31.81
C ALA J 208 -2.30 14.73 32.30
N THR J 209 -2.90 14.13 33.33
CA THR J 209 -4.19 14.56 33.85
C THR J 209 -4.35 13.97 35.25
N GLY J 210 -5.56 14.08 35.79
CA GLY J 210 -5.88 13.50 37.07
C GLY J 210 -6.85 12.33 36.93
N ASN J 211 -6.79 11.66 35.79
CA ASN J 211 -7.69 10.54 35.53
C ASN J 211 -7.15 9.26 36.15
N ILE J 212 -8.07 8.34 36.47
CA ILE J 212 -7.74 7.09 37.13
C ILE J 212 -7.85 5.90 36.20
N ALA J 213 -8.05 6.13 34.90
CA ALA J 213 -8.34 5.03 33.98
C ALA J 213 -7.13 4.12 33.80
N GLU J 214 -5.98 4.70 33.49
CA GLU J 214 -4.81 3.88 33.22
C GLU J 214 -4.34 3.16 34.47
N THR J 215 -4.47 3.79 35.64
CA THR J 215 -4.03 3.16 36.88
C THR J 215 -4.87 1.92 37.19
N VAL J 216 -6.20 2.06 37.12
CA VAL J 216 -7.05 0.91 37.41
C VAL J 216 -6.90 -0.15 36.33
N LYS J 217 -6.67 0.26 35.08
CA LYS J 217 -6.44 -0.71 34.01
C LYS J 217 -5.19 -1.54 34.30
N ASN J 218 -4.09 -0.88 34.69
CA ASN J 218 -2.86 -1.60 34.97
C ASN J 218 -2.99 -2.47 36.22
N VAL J 219 -3.67 -1.98 37.25
CA VAL J 219 -3.87 -2.77 38.46
C VAL J 219 -4.68 -4.02 38.15
N ARG J 220 -5.76 -3.86 37.38
CA ARG J 220 -6.56 -5.01 36.98
C ARG J 220 -5.75 -5.99 36.14
N SER J 221 -4.93 -5.49 35.21
CA SER J 221 -4.10 -6.36 34.39
C SER J 221 -3.14 -7.17 35.24
N LEU J 222 -2.48 -6.51 36.20
CA LEU J 222 -1.50 -7.21 37.03
C LEU J 222 -2.17 -8.26 37.91
N MET J 223 -3.26 -7.87 38.58
CA MET J 223 -3.95 -8.82 39.44
C MET J 223 -4.52 -9.98 38.64
N GLY J 224 -5.00 -9.71 37.42
CA GLY J 224 -5.52 -10.78 36.59
C GLY J 224 -4.45 -11.75 36.13
N GLU J 225 -3.28 -11.21 35.75
CA GLU J 225 -2.18 -12.09 35.37
C GLU J 225 -1.72 -12.93 36.54
N VAL J 226 -1.71 -12.36 37.75
CA VAL J 226 -1.30 -13.12 38.92
C VAL J 226 -2.32 -14.19 39.25
N ARG J 227 -3.62 -13.89 39.10
CA ARG J 227 -4.64 -14.90 39.34
C ARG J 227 -4.60 -16.00 38.29
N VAL J 228 -4.26 -15.67 37.05
CA VAL J 228 -4.10 -16.69 36.02
C VAL J 228 -2.90 -17.58 36.34
N LEU J 229 -1.81 -16.97 36.79
CA LEU J 229 -0.63 -17.74 37.18
C LEU J 229 -0.94 -18.69 38.34
N ASN J 230 -1.69 -18.21 39.33
CA ASN J 230 -1.94 -19.00 40.53
C ASN J 230 -2.64 -20.32 40.25
N ASN J 231 -3.34 -20.44 39.12
CA ASN J 231 -4.09 -21.64 38.79
C ASN J 231 -3.58 -22.35 37.55
N MET J 232 -2.52 -21.85 36.92
CA MET J 232 -2.03 -22.41 35.68
C MET J 232 -1.49 -23.82 35.88
N ASP J 233 -1.48 -24.59 34.80
CA ASP J 233 -0.86 -25.90 34.80
C ASP J 233 0.66 -25.77 34.90
N ASP J 234 1.28 -26.74 35.57
CA ASP J 234 2.71 -26.65 35.84
C ASP J 234 3.53 -26.73 34.56
N ASP J 235 2.99 -27.39 33.54
CA ASP J 235 3.71 -27.50 32.27
C ASP J 235 3.69 -26.19 31.49
N GLU J 236 2.75 -25.30 31.77
CA GLU J 236 2.59 -24.07 31.00
C GLU J 236 3.28 -22.87 31.62
N VAL J 237 3.84 -23.03 32.83
CA VAL J 237 4.44 -21.88 33.52
C VAL J 237 5.66 -21.38 32.75
N PHE J 238 6.38 -22.30 32.10
CA PHE J 238 7.56 -21.90 31.34
C PHE J 238 7.18 -21.04 30.13
N THR J 239 6.19 -21.50 29.37
CA THR J 239 5.73 -20.72 28.22
C THR J 239 5.13 -19.40 28.67
N PHE J 240 4.45 -19.39 29.82
CA PHE J 240 3.92 -18.14 30.35
C PHE J 240 5.03 -17.15 30.70
N ALA J 241 6.06 -17.64 31.39
CA ALA J 241 7.19 -16.78 31.75
C ALA J 241 7.88 -16.26 30.51
N LYS J 242 7.96 -17.07 29.46
CA LYS J 242 8.53 -16.59 28.20
C LYS J 242 7.63 -15.54 27.57
N LYS J 243 6.31 -15.73 27.66
CA LYS J 243 5.38 -14.79 27.05
C LYS J 243 5.42 -13.42 27.72
N ILE J 244 5.49 -13.37 29.04
CA ILE J 244 5.59 -12.12 29.77
C ILE J 244 7.02 -11.68 29.96
N SER J 245 8.00 -12.46 29.50
CA SER J 245 9.42 -12.15 29.61
C SER J 245 9.82 -11.81 31.05
N ALA J 246 9.62 -12.79 31.93
CA ALA J 246 9.94 -12.67 33.34
C ALA J 246 10.83 -13.82 33.77
N PRO J 247 11.67 -13.61 34.78
CA PRO J 247 12.50 -14.71 35.30
C PRO J 247 11.61 -15.82 35.86
N TYR J 248 11.98 -17.07 35.55
CA TYR J 248 11.10 -18.18 35.88
C TYR J 248 11.00 -18.40 37.39
N ASP J 249 12.08 -18.16 38.14
CA ASP J 249 12.02 -18.37 39.58
C ASP J 249 11.00 -17.45 40.23
N LEU J 250 10.95 -16.19 39.80
CA LEU J 250 9.96 -15.27 40.35
C LEU J 250 8.56 -15.62 39.88
N VAL J 251 8.42 -16.17 38.68
CA VAL J 251 7.11 -16.61 38.22
C VAL J 251 6.61 -17.77 39.07
N ALA J 252 7.50 -18.72 39.39
CA ALA J 252 7.12 -19.82 40.26
C ALA J 252 6.83 -19.34 41.68
N GLN J 253 7.56 -18.32 42.15
CA GLN J 253 7.27 -17.77 43.47
C GLN J 253 5.91 -17.10 43.50
N THR J 254 5.57 -16.35 42.45
CA THR J 254 4.24 -15.74 42.36
C THR J 254 3.15 -16.80 42.25
N LYS J 255 3.44 -17.92 41.60
CA LYS J 255 2.46 -18.99 41.49
C LYS J 255 2.24 -19.67 42.83
N GLN J 256 3.31 -19.87 43.60
CA GLN J 256 3.19 -20.55 44.87
C GLN J 256 2.66 -19.63 45.97
N MET J 257 2.81 -18.32 45.80
CA MET J 257 2.44 -17.37 46.84
C MET J 257 1.07 -16.73 46.61
N GLY J 258 0.64 -16.58 45.37
CA GLY J 258 -0.61 -15.91 45.08
C GLY J 258 -0.49 -14.42 44.83
N ARG J 259 0.62 -13.81 45.23
CA ARG J 259 0.91 -12.41 44.92
C ARG J 259 2.39 -12.31 44.59
N VAL J 260 2.78 -11.19 44.00
CA VAL J 260 4.22 -10.98 43.78
C VAL J 260 4.91 -10.82 45.13
N PRO J 261 6.13 -11.30 45.31
CA PRO J 261 6.72 -11.30 46.65
C PRO J 261 7.26 -9.96 47.09
N VAL J 262 6.52 -8.89 46.86
CA VAL J 262 6.85 -7.54 47.30
C VAL J 262 5.57 -6.82 47.69
N VAL J 263 5.70 -5.57 48.09
CA VAL J 263 4.57 -4.73 48.45
C VAL J 263 4.14 -3.93 47.23
N GLN J 264 2.86 -3.99 46.91
CA GLN J 264 2.29 -3.35 45.73
C GLN J 264 1.54 -2.09 46.13
N PHE J 265 1.98 -0.94 45.62
CA PHE J 265 1.25 0.30 45.75
C PHE J 265 0.64 0.68 44.40
N ALA J 266 -0.23 1.67 44.42
CA ALA J 266 -0.82 2.19 43.20
C ALA J 266 -0.39 3.64 43.01
N SER J 267 -0.38 4.10 41.76
CA SER J 267 -0.01 5.49 41.50
C SER J 267 -0.72 5.98 40.24
N GLY J 268 -0.98 7.29 40.22
CA GLY J 268 -1.50 7.93 39.03
C GLY J 268 -2.98 8.25 39.08
N GLY J 269 -3.33 9.49 39.38
CA GLY J 269 -4.70 9.95 39.30
C GLY J 269 -5.50 9.86 40.59
N ILE J 270 -4.94 9.32 41.67
CA ILE J 270 -5.67 9.20 42.92
C ILE J 270 -5.85 10.58 43.52
N THR J 271 -7.08 11.09 43.49
CA THR J 271 -7.39 12.41 44.03
C THR J 271 -8.40 12.38 45.15
N THR J 272 -9.52 11.70 44.97
CA THR J 272 -10.59 11.64 45.94
C THR J 272 -10.46 10.39 46.81
N PRO J 273 -11.11 10.37 47.97
CA PRO J 273 -11.07 9.14 48.79
C PRO J 273 -11.64 7.93 48.07
N ALA J 274 -12.61 8.13 47.17
CA ALA J 274 -13.18 7.01 46.43
C ALA J 274 -12.12 6.32 45.57
N ASP J 275 -11.21 7.09 44.99
CA ASP J 275 -10.18 6.49 44.15
C ASP J 275 -9.20 5.66 44.97
N ALA J 276 -8.81 6.17 46.14
CA ALA J 276 -7.90 5.41 46.99
C ALA J 276 -8.57 4.14 47.52
N ALA J 277 -9.85 4.24 47.89
CA ALA J 277 -10.56 3.05 48.33
C ALA J 277 -10.73 2.04 47.20
N LEU J 278 -10.91 2.52 45.96
CA LEU J 278 -10.98 1.61 44.82
C LEU J 278 -9.64 0.92 44.59
N MET J 279 -8.54 1.67 44.67
CA MET J 279 -7.23 1.07 44.50
C MET J 279 -6.95 0.05 45.60
N MET J 280 -7.41 0.30 46.82
CA MET J 280 -7.19 -0.64 47.90
C MET J 280 -8.17 -1.80 47.88
N GLN J 281 -9.27 -1.69 47.15
CA GLN J 281 -10.22 -2.80 47.02
C GLN J 281 -9.87 -3.72 45.87
N LEU J 282 -9.04 -3.27 44.93
CA LEU J 282 -8.57 -4.13 43.85
C LEU J 282 -7.44 -5.05 44.27
N GLY J 283 -6.91 -4.88 45.49
CA GLY J 283 -5.86 -5.74 46.00
C GLY J 283 -4.55 -5.05 46.31
N CYS J 284 -4.41 -3.76 46.02
CA CYS J 284 -3.18 -3.06 46.29
C CYS J 284 -2.97 -2.90 47.80
N ASP J 285 -1.79 -2.40 48.17
CA ASP J 285 -1.44 -2.22 49.58
C ASP J 285 -1.34 -0.75 49.99
N GLY J 286 -1.43 0.18 49.05
CA GLY J 286 -1.36 1.59 49.38
C GLY J 286 -1.46 2.42 48.12
N VAL J 287 -1.47 3.74 48.31
CA VAL J 287 -1.62 4.68 47.21
C VAL J 287 -0.50 5.72 47.26
N PHE J 288 -0.21 6.28 46.10
CA PHE J 288 0.74 7.38 45.95
C PHE J 288 -0.05 8.64 45.63
N VAL J 289 -0.17 9.51 46.62
CA VAL J 289 -0.93 10.74 46.44
C VAL J 289 0.01 11.85 46.01
N GLY J 290 -0.13 12.29 44.77
CA GLY J 290 0.75 13.28 44.19
C GLY J 290 0.58 14.65 44.82
N SER J 291 1.34 15.61 44.28
CA SER J 291 1.37 16.96 44.81
C SER J 291 0.20 17.81 44.32
N GLU J 292 -0.73 17.24 43.55
CA GLU J 292 -1.88 17.99 43.08
C GLU J 292 -2.92 18.22 44.17
N VAL J 293 -2.68 17.73 45.39
CA VAL J 293 -3.64 17.96 46.48
C VAL J 293 -3.32 19.24 47.23
N PHE J 294 -2.06 19.66 47.23
CA PHE J 294 -1.66 20.83 47.99
C PHE J 294 -2.03 22.14 47.31
N ASP J 295 -2.49 22.10 46.06
CA ASP J 295 -2.92 23.30 45.36
C ASP J 295 -4.43 23.47 45.38
N GLY J 296 -5.14 22.76 46.26
CA GLY J 296 -6.56 22.94 46.43
C GLY J 296 -6.87 23.95 47.51
N PRO J 297 -8.16 24.11 47.83
CA PRO J 297 -8.54 25.10 48.85
C PRO J 297 -8.09 24.71 50.26
N ASP J 298 -8.20 23.42 50.59
CA ASP J 298 -7.80 22.91 51.89
C ASP J 298 -7.08 21.59 51.71
N PRO J 299 -5.75 21.57 51.72
CA PRO J 299 -5.02 20.32 51.48
C PRO J 299 -5.12 19.34 52.64
N PHE J 300 -5.21 19.88 53.87
CA PHE J 300 -5.25 19.01 55.04
C PHE J 300 -6.50 18.13 55.05
N LYS J 301 -7.65 18.69 54.70
CA LYS J 301 -8.88 17.91 54.70
C LYS J 301 -8.82 16.81 53.65
N LYS J 302 -8.32 17.13 52.46
CA LYS J 302 -8.19 16.13 51.40
C LYS J 302 -7.23 15.02 51.83
N LEU J 303 -6.10 15.38 52.42
CA LEU J 303 -5.13 14.37 52.83
C LEU J 303 -5.68 13.48 53.92
N ARG J 304 -6.34 14.07 54.91
CA ARG J 304 -6.94 13.28 55.98
C ARG J 304 -8.02 12.34 55.44
N SER J 305 -8.82 12.83 54.49
CA SER J 305 -9.87 11.99 53.92
C SER J 305 -9.27 10.83 53.13
N ILE J 306 -8.19 11.09 52.38
CA ILE J 306 -7.55 10.02 51.62
C ILE J 306 -6.95 8.99 52.57
N VAL J 307 -6.31 9.44 53.65
CA VAL J 307 -5.70 8.50 54.59
C VAL J 307 -6.77 7.65 55.27
N GLN J 308 -7.86 8.29 55.71
CA GLN J 308 -8.94 7.53 56.34
C GLN J 308 -9.64 6.60 55.36
N ALA J 309 -9.64 6.96 54.07
CA ALA J 309 -10.20 6.06 53.06
C ALA J 309 -9.32 4.84 52.87
N VAL J 310 -8.01 5.03 52.83
CA VAL J 310 -7.09 3.90 52.71
C VAL J 310 -7.21 3.01 53.93
N GLN J 311 -7.38 3.60 55.12
CA GLN J 311 -7.47 2.80 56.33
C GLN J 311 -8.79 2.04 56.41
N HIS J 312 -9.88 2.62 55.93
CA HIS J 312 -11.21 2.02 56.05
C HIS J 312 -11.85 1.78 54.68
N TYR J 313 -11.10 1.19 53.75
CA TYR J 313 -11.57 1.02 52.39
C TYR J 313 -12.80 0.12 52.27
N ASN J 314 -13.18 -0.58 53.34
CA ASN J 314 -14.33 -1.48 53.29
C ASN J 314 -15.60 -0.86 53.84
N ASP J 315 -15.51 0.23 54.60
CA ASP J 315 -16.69 0.83 55.22
C ASP J 315 -17.24 1.92 54.32
N PRO J 316 -18.46 1.80 53.80
CA PRO J 316 -18.97 2.87 52.92
C PRO J 316 -19.41 4.11 53.66
N HIS J 317 -19.81 3.99 54.94
CA HIS J 317 -20.22 5.16 55.70
C HIS J 317 -19.05 6.08 55.97
N VAL J 318 -17.91 5.52 56.39
CA VAL J 318 -16.71 6.32 56.60
C VAL J 318 -16.28 6.98 55.29
N LEU J 319 -16.42 6.26 54.18
CA LEU J 319 -16.05 6.82 52.87
C LEU J 319 -16.95 7.99 52.52
N ALA J 320 -18.26 7.86 52.77
CA ALA J 320 -19.17 8.95 52.49
C ALA J 320 -18.93 10.14 53.42
N GLU J 321 -18.46 9.88 54.63
CA GLU J 321 -18.16 10.98 55.55
C GLU J 321 -16.91 11.73 55.12
N MET J 322 -15.87 10.99 54.69
CA MET J 322 -14.65 11.64 54.23
C MET J 322 -14.82 12.35 52.89
N SER J 323 -15.82 11.94 52.10
CA SER J 323 -16.04 12.55 50.78
C SER J 323 -17.00 13.73 50.88
N PRO K 64 53.30 13.62 13.51
CA PRO K 64 53.03 12.22 13.89
C PRO K 64 51.78 12.10 14.76
N PHE K 65 51.12 10.95 14.69
CA PHE K 65 49.91 10.73 15.46
C PHE K 65 50.23 10.44 16.92
N SER K 66 51.38 9.84 17.20
CA SER K 66 51.73 9.49 18.58
C SER K 66 51.89 10.74 19.43
N VAL K 67 52.61 11.74 18.92
CA VAL K 67 52.81 12.96 19.71
C VAL K 67 51.49 13.72 19.85
N LYS K 68 50.60 13.64 18.87
CA LYS K 68 49.32 14.32 18.99
C LYS K 68 48.45 13.65 20.05
N VAL K 69 48.46 12.32 20.10
CA VAL K 69 47.74 11.62 21.17
C VAL K 69 48.36 11.95 22.52
N GLY K 70 49.69 12.09 22.57
CA GLY K 70 50.35 12.47 23.81
C GLY K 70 49.93 13.84 24.30
N LEU K 71 49.86 14.82 23.39
CA LEU K 71 49.39 16.14 23.76
C LEU K 71 47.91 16.13 24.13
N ALA K 72 47.13 15.24 23.53
CA ALA K 72 45.70 15.22 23.80
C ALA K 72 45.36 14.54 25.11
N GLN K 73 46.19 13.58 25.55
CA GLN K 73 45.86 12.80 26.73
C GLN K 73 46.26 13.48 28.04
N VAL K 74 46.53 14.78 28.03
CA VAL K 74 46.72 15.50 29.29
C VAL K 74 45.40 15.97 29.86
N LEU K 75 44.31 15.87 29.10
CA LEU K 75 42.98 16.28 29.56
C LEU K 75 42.26 15.17 30.30
N ARG K 76 42.89 14.02 30.52
CA ARG K 76 42.22 12.90 31.17
C ARG K 76 41.80 13.26 32.58
N GLY K 77 40.55 12.97 32.91
CA GLY K 77 40.03 13.24 34.24
C GLY K 77 39.75 14.71 34.52
N GLY K 78 39.16 15.42 33.55
CA GLY K 78 38.83 16.82 33.73
C GLY K 78 37.57 17.17 32.96
N ALA K 79 37.11 18.40 33.19
CA ALA K 79 35.93 18.93 32.54
C ALA K 79 36.31 20.07 31.60
N ILE K 80 35.83 19.99 30.37
CA ILE K 80 36.11 21.00 29.34
C ILE K 80 34.89 21.92 29.29
N VAL K 81 35.09 23.18 29.64
CA VAL K 81 33.97 24.11 29.81
C VAL K 81 33.83 24.98 28.58
N GLU K 82 32.60 25.17 28.11
CA GLU K 82 32.34 26.02 26.95
C GLU K 82 32.16 27.46 27.43
N VAL K 83 33.14 28.31 27.12
CA VAL K 83 33.10 29.70 27.51
C VAL K 83 32.79 30.55 26.30
N SER K 84 32.40 31.80 26.55
CA SER K 84 31.98 32.70 25.49
C SER K 84 32.59 34.09 25.59
N SER K 85 33.40 34.36 26.61
CA SER K 85 34.02 35.67 26.78
C SER K 85 35.22 35.53 27.70
N VAL K 86 35.93 36.63 27.90
CA VAL K 86 37.10 36.62 28.78
C VAL K 86 36.70 36.35 30.21
N ASN K 87 35.56 36.91 30.64
CA ASN K 87 35.12 36.73 32.02
C ASN K 87 34.70 35.29 32.28
N GLN K 88 33.93 34.69 31.37
CA GLN K 88 33.54 33.30 31.55
C GLN K 88 34.75 32.38 31.46
N ALA K 89 35.72 32.73 30.63
CA ALA K 89 36.95 31.94 30.56
C ALA K 89 37.72 31.99 31.87
N LYS K 90 37.85 33.19 32.46
CA LYS K 90 38.52 33.29 33.76
C LYS K 90 37.74 32.55 34.83
N LEU K 91 36.42 32.57 34.76
CA LEU K 91 35.61 31.85 35.74
C LEU K 91 35.82 30.34 35.61
N ALA K 92 35.82 29.83 34.39
CA ALA K 92 36.03 28.39 34.19
C ALA K 92 37.44 27.98 34.54
N GLU K 93 38.41 28.89 34.40
CA GLU K 93 39.76 28.57 34.82
C GLU K 93 39.88 28.54 36.34
N SER K 94 39.24 29.50 37.02
CA SER K 94 39.30 29.54 38.48
C SER K 94 38.51 28.39 39.10
N ALA K 95 37.49 27.89 38.39
CA ALA K 95 36.76 26.73 38.90
C ALA K 95 37.63 25.48 38.90
N GLY K 96 38.51 25.35 37.91
CA GLY K 96 39.40 24.21 37.85
C GLY K 96 39.21 23.36 36.62
N ALA K 97 38.70 23.95 35.54
CA ALA K 97 38.51 23.21 34.30
C ALA K 97 39.85 22.86 33.67
N CYS K 98 39.88 21.72 32.97
CA CYS K 98 41.10 21.32 32.29
C CYS K 98 41.33 22.09 31.00
N SER K 99 40.26 22.57 30.37
CA SER K 99 40.40 23.37 29.15
C SER K 99 39.09 24.10 28.91
N VAL K 100 39.16 25.15 28.09
CA VAL K 100 38.01 25.98 27.78
C VAL K 100 37.82 25.99 26.27
N ILE K 101 36.64 25.60 25.80
CA ILE K 101 36.31 25.61 24.38
C ILE K 101 35.51 26.87 24.11
N VAL K 102 35.87 27.58 23.05
CA VAL K 102 35.42 28.95 22.82
C VAL K 102 34.22 28.96 21.88
N SER K 103 33.19 29.71 22.27
CA SER K 103 32.05 30.00 21.40
C SER K 103 31.86 31.52 21.37
N ASP K 104 31.84 32.09 20.17
CA ASP K 104 31.93 33.56 20.06
C ASP K 104 30.70 34.28 20.60
N PRO K 105 29.46 33.86 20.34
CA PRO K 105 28.33 34.72 20.66
C PRO K 105 27.92 34.61 22.11
N VAL K 106 27.22 35.66 22.57
CA VAL K 106 26.56 35.58 23.88
C VAL K 106 25.26 34.78 23.75
N ARG K 107 24.60 34.89 22.61
CA ARG K 107 23.36 34.17 22.35
C ARG K 107 23.35 33.78 20.88
N SER K 108 22.66 32.68 20.58
CA SER K 108 22.44 32.21 19.22
C SER K 108 20.98 32.42 18.88
N ARG K 109 20.70 33.41 18.03
CA ARG K 109 19.33 33.81 17.71
C ARG K 109 18.83 32.98 16.53
N GLY K 110 18.88 31.66 16.69
CA GLY K 110 18.36 30.75 15.69
C GLY K 110 18.99 30.87 14.32
N GLY K 111 20.26 31.29 14.25
CA GLY K 111 20.95 31.47 13.00
C GLY K 111 21.94 30.35 12.72
N VAL K 112 22.84 30.63 11.78
CA VAL K 112 23.91 29.70 11.43
C VAL K 112 25.16 30.07 12.22
N ARG K 113 25.71 29.10 12.94
CA ARG K 113 26.90 29.28 13.74
C ARG K 113 28.12 28.80 12.96
N ARG K 114 29.29 29.31 13.35
CA ARG K 114 30.53 28.98 12.67
C ARG K 114 31.69 29.20 13.64
N MET K 115 32.90 29.16 13.10
CA MET K 115 34.10 29.31 13.91
C MET K 115 34.09 30.66 14.63
N PRO K 116 34.52 30.72 15.89
CA PRO K 116 34.53 31.99 16.61
C PRO K 116 35.48 33.01 15.98
N ASP K 117 35.22 34.27 16.28
CA ASP K 117 36.01 35.34 15.69
C ASP K 117 37.41 35.36 16.31
N PRO K 118 38.46 35.52 15.50
CA PRO K 118 39.82 35.28 16.00
C PRO K 118 40.25 36.17 17.16
N VAL K 119 39.76 37.41 17.23
CA VAL K 119 40.24 38.27 18.32
C VAL K 119 39.70 37.78 19.66
N LEU K 120 38.51 37.18 19.67
CA LEU K 120 38.00 36.59 20.90
C LEU K 120 38.85 35.41 21.35
N ILE K 121 39.29 34.59 20.38
CA ILE K 121 40.17 33.46 20.71
C ILE K 121 41.50 33.97 21.24
N LYS K 122 42.04 35.03 20.64
CA LYS K 122 43.30 35.59 21.12
C LYS K 122 43.15 36.16 22.52
N GLU K 123 42.05 36.84 22.80
CA GLU K 123 41.81 37.37 24.14
C GLU K 123 41.69 36.26 25.17
N VAL K 124 40.91 35.22 24.85
CA VAL K 124 40.74 34.11 25.78
C VAL K 124 42.06 33.40 26.03
N LYS K 125 42.85 33.22 24.96
CA LYS K 125 44.14 32.54 25.09
C LYS K 125 45.13 33.37 25.89
N ARG K 126 45.03 34.70 25.81
CA ARG K 126 45.91 35.54 26.60
C ARG K 126 45.47 35.61 28.06
N ALA K 127 44.17 35.45 28.31
CA ALA K 127 43.65 35.57 29.68
C ALA K 127 43.97 34.32 30.50
N VAL K 128 43.43 33.18 30.09
CA VAL K 128 43.57 31.94 30.85
C VAL K 128 44.85 31.23 30.43
N SER K 129 45.35 30.37 31.34
CA SER K 129 46.53 29.57 31.06
C SER K 129 46.21 28.11 30.74
N VAL K 130 44.96 27.69 30.95
CA VAL K 130 44.52 26.34 30.61
C VAL K 130 44.44 26.24 29.09
N PRO K 131 44.47 25.04 28.51
CA PRO K 131 44.32 24.93 27.05
C PRO K 131 43.03 25.55 26.55
N VAL K 132 43.12 26.20 25.39
CA VAL K 132 42.00 26.87 24.75
C VAL K 132 41.67 26.15 23.46
N MET K 133 40.52 25.50 23.42
CA MET K 133 40.05 24.85 22.21
C MET K 133 39.37 25.86 21.30
N ALA K 134 38.88 25.37 20.17
CA ALA K 134 38.13 26.18 19.22
C ALA K 134 37.33 25.23 18.35
N ARG K 135 36.22 25.75 17.82
CA ARG K 135 35.29 24.94 17.05
C ARG K 135 35.41 25.26 15.57
N ALA K 136 35.40 24.22 14.75
CA ALA K 136 35.40 24.34 13.30
C ALA K 136 34.27 23.50 12.74
N ARG K 137 33.60 24.03 11.74
CA ARG K 137 32.50 23.29 11.11
C ARG K 137 33.03 22.01 10.49
N VAL K 138 32.25 20.94 10.63
CA VAL K 138 32.68 19.64 10.12
C VAL K 138 32.77 19.70 8.59
N GLY K 139 33.92 19.33 8.05
CA GLY K 139 34.17 19.41 6.63
C GLY K 139 34.79 20.71 6.17
N HIS K 140 34.93 21.70 7.05
CA HIS K 140 35.48 23.01 6.72
C HIS K 140 36.94 23.01 7.13
N PHE K 141 37.83 22.71 6.19
CA PHE K 141 39.24 22.64 6.51
C PHE K 141 39.91 24.00 6.53
N VAL K 142 39.31 25.02 5.91
CA VAL K 142 39.91 26.34 5.93
C VAL K 142 39.76 26.98 7.31
N GLU K 143 38.62 26.75 7.97
CA GLU K 143 38.48 27.19 9.35
C GLU K 143 39.49 26.49 10.24
N ALA K 144 39.77 25.21 9.96
CA ALA K 144 40.79 24.50 10.73
C ALA K 144 42.18 25.07 10.47
N GLN K 145 42.45 25.47 9.23
CA GLN K 145 43.74 26.11 8.93
C GLN K 145 43.86 27.44 9.67
N ILE K 146 42.79 28.23 9.68
CA ILE K 146 42.81 29.52 10.39
C ILE K 146 43.02 29.30 11.89
N LEU K 147 42.37 28.27 12.45
CA LEU K 147 42.55 27.99 13.87
C LEU K 147 43.96 27.52 14.17
N GLU K 148 44.52 26.65 13.33
CA GLU K 148 45.89 26.21 13.53
C GLU K 148 46.86 27.37 13.41
N SER K 149 46.57 28.36 12.57
CA SER K 149 47.42 29.53 12.48
C SER K 149 47.40 30.34 13.77
N LEU K 150 46.25 30.39 14.46
CA LEU K 150 46.15 31.10 15.73
C LEU K 150 46.80 30.34 16.89
N ALA K 151 47.35 29.16 16.63
CA ALA K 151 48.07 28.38 17.63
C ALA K 151 47.16 27.97 18.78
N VAL K 152 45.92 27.60 18.46
CA VAL K 152 45.04 27.03 19.48
C VAL K 152 45.57 25.65 19.86
N ASP K 153 45.34 25.27 21.12
CA ASP K 153 45.90 24.02 21.61
C ASP K 153 45.18 22.81 21.03
N TYR K 154 43.88 22.89 20.85
CA TYR K 154 43.08 21.80 20.29
C TYR K 154 42.01 22.39 19.38
N ILE K 155 41.71 21.68 18.30
CA ILE K 155 40.68 22.08 17.35
C ILE K 155 39.56 21.06 17.41
N ASP K 156 38.33 21.54 17.55
CA ASP K 156 37.17 20.68 17.71
C ASP K 156 36.38 20.69 16.41
N GLU K 157 36.43 19.58 15.66
CA GLU K 157 35.63 19.45 14.44
C GLU K 157 34.18 19.17 14.84
N SER K 158 33.49 20.25 15.17
CA SER K 158 32.22 20.12 15.89
C SER K 158 31.05 19.99 14.93
N GLU K 159 30.07 19.18 15.33
CA GLU K 159 28.84 19.00 14.57
C GLU K 159 27.64 19.67 15.23
N ILE K 160 27.80 20.24 16.42
CA ILE K 160 26.72 21.04 16.99
C ILE K 160 26.63 22.37 16.27
N ILE K 161 27.75 22.88 15.78
CA ILE K 161 27.75 24.01 14.87
C ILE K 161 27.31 23.54 13.49
N SER K 162 26.67 24.43 12.74
CA SER K 162 26.13 24.10 11.42
C SER K 162 27.16 23.37 10.57
N VAL K 163 26.71 22.33 9.87
CA VAL K 163 27.61 21.48 9.11
C VAL K 163 28.01 22.18 7.82
N ALA K 164 29.32 22.16 7.52
CA ALA K 164 29.79 22.70 6.25
C ALA K 164 29.70 21.67 5.14
N ASP K 165 30.37 20.54 5.31
CA ASP K 165 30.38 19.46 4.32
C ASP K 165 29.67 18.25 4.91
N ASP K 166 28.52 17.91 4.33
CA ASP K 166 27.73 16.80 4.86
C ASP K 166 28.37 15.46 4.55
N ASP K 167 29.00 15.32 3.38
CA ASP K 167 29.53 14.03 2.96
C ASP K 167 30.90 13.75 3.55
N HIS K 168 31.84 14.67 3.37
CA HIS K 168 33.23 14.45 3.75
C HIS K 168 33.57 15.22 5.02
N PHE K 169 34.71 14.85 5.61
CA PHE K 169 35.22 15.46 6.83
C PHE K 169 36.57 16.11 6.53
N ILE K 170 37.23 16.56 7.59
CA ILE K 170 38.54 17.19 7.44
C ILE K 170 39.61 16.12 7.46
N ASN K 171 40.54 16.18 6.50
CA ASN K 171 41.70 15.30 6.49
C ASN K 171 42.66 15.79 7.56
N LYS K 172 42.44 15.33 8.79
CA LYS K 172 43.14 15.84 9.96
C LYS K 172 44.60 15.42 10.02
N HIS K 173 45.14 14.77 8.99
CA HIS K 173 46.55 14.42 8.97
C HIS K 173 47.43 15.56 8.48
N ASN K 174 46.85 16.53 7.78
CA ASN K 174 47.63 17.65 7.24
C ASN K 174 47.89 18.74 8.27
N PHE K 175 47.25 18.67 9.43
CA PHE K 175 47.34 19.72 10.44
C PHE K 175 48.31 19.32 11.55
N ARG K 176 48.80 20.33 12.26
CA ARG K 176 49.74 20.13 13.35
C ARG K 176 49.06 20.12 14.72
N SER K 177 47.85 20.64 14.81
CA SER K 177 47.16 20.72 16.08
C SER K 177 46.27 19.49 16.29
N PRO K 178 46.14 19.01 17.53
CA PRO K 178 45.28 17.86 17.79
C PRO K 178 43.81 18.19 17.55
N PHE K 179 43.07 17.19 17.12
CA PHE K 179 41.67 17.33 16.78
C PHE K 179 40.78 16.53 17.72
N ILE K 180 39.60 17.07 17.98
CA ILE K 180 38.55 16.41 18.76
C ILE K 180 37.37 16.21 17.84
N CYS K 181 36.95 14.96 17.67
CA CYS K 181 35.87 14.62 16.76
C CYS K 181 34.73 13.97 17.54
N GLY K 182 33.51 14.24 17.11
CA GLY K 182 32.35 13.65 17.77
C GLY K 182 31.98 12.32 17.16
N CYS K 183 31.38 11.47 17.98
CA CYS K 183 30.94 10.17 17.51
C CYS K 183 29.61 9.81 18.15
N ARG K 184 28.99 8.75 17.65
CA ARG K 184 27.78 8.20 18.22
C ARG K 184 27.81 6.68 18.35
N ASP K 185 28.85 6.03 17.84
CA ASP K 185 29.04 4.59 17.98
C ASP K 185 30.51 4.28 17.71
N THR K 186 30.88 3.00 17.77
CA THR K 186 32.27 2.63 17.57
C THR K 186 32.69 2.80 16.12
N GLY K 187 31.76 2.65 15.17
CA GLY K 187 32.10 2.87 13.78
C GLY K 187 32.57 4.29 13.51
N GLU K 188 31.80 5.27 13.96
CA GLU K 188 32.19 6.67 13.78
C GLU K 188 33.46 6.99 14.53
N ALA K 189 33.62 6.46 15.74
CA ALA K 189 34.83 6.70 16.51
C ALA K 189 36.06 6.20 15.77
N LEU K 190 36.00 4.98 15.25
CA LEU K 190 37.15 4.42 14.55
C LEU K 190 37.40 5.14 13.23
N ARG K 191 36.33 5.54 12.53
CA ARG K 191 36.52 6.32 11.31
C ARG K 191 37.20 7.65 11.59
N ARG K 192 36.81 8.31 12.67
CA ARG K 192 37.43 9.59 13.01
C ARG K 192 38.87 9.41 13.44
N ILE K 193 39.17 8.34 14.18
CA ILE K 193 40.56 8.07 14.56
C ILE K 193 41.39 7.76 13.32
N ARG K 194 40.79 7.10 12.33
CA ARG K 194 41.51 6.82 11.09
C ARG K 194 41.77 8.11 10.30
N GLU K 195 40.80 9.03 10.29
CA GLU K 195 41.01 10.29 9.61
C GLU K 195 42.09 11.13 10.28
N GLY K 196 42.30 10.95 11.59
CA GLY K 196 43.37 11.63 12.29
C GLY K 196 42.98 12.31 13.58
N ALA K 197 41.76 12.06 14.05
CA ALA K 197 41.29 12.68 15.29
C ALA K 197 42.08 12.17 16.48
N ALA K 198 42.76 13.08 17.19
CA ALA K 198 43.53 12.70 18.36
C ALA K 198 42.70 12.59 19.62
N MET K 199 41.40 12.87 19.56
CA MET K 199 40.54 12.76 20.72
C MET K 199 39.10 12.63 20.25
N ILE K 200 38.32 11.81 20.95
CA ILE K 200 36.96 11.49 20.54
C ILE K 200 36.01 11.87 21.67
N ARG K 201 34.88 12.48 21.31
CA ARG K 201 33.83 12.79 22.27
C ARG K 201 32.55 12.09 21.85
N ILE K 202 31.99 11.31 22.77
CA ILE K 202 30.73 10.63 22.53
C ILE K 202 29.60 11.64 22.72
N GLN K 203 28.83 11.86 21.67
CA GLN K 203 27.87 12.95 21.61
C GLN K 203 26.46 12.46 21.87
N GLY K 204 25.68 13.27 22.57
CA GLY K 204 24.29 12.98 22.83
C GLY K 204 23.35 13.80 21.97
N ASP K 205 22.80 14.87 22.53
CA ASP K 205 21.86 15.74 21.81
C ASP K 205 22.08 17.18 22.28
N LEU K 206 22.62 18.01 21.38
CA LEU K 206 22.79 19.42 21.67
C LEU K 206 21.70 20.24 20.97
N THR K 207 21.54 21.48 21.44
CA THR K 207 20.62 22.47 20.88
C THR K 207 19.17 21.98 21.00
N ALA K 208 18.94 20.92 21.78
CA ALA K 208 17.60 20.36 21.95
C ALA K 208 17.07 20.54 23.36
N THR K 209 17.81 20.06 24.35
CA THR K 209 17.37 20.13 25.75
C THR K 209 18.60 19.90 26.63
N GLY K 210 18.37 19.71 27.93
CA GLY K 210 19.42 19.40 28.86
C GLY K 210 19.33 17.97 29.38
N ASN K 211 18.77 17.09 28.55
CA ASN K 211 18.60 15.70 28.95
C ASN K 211 19.88 14.91 28.70
N ILE K 212 20.05 13.84 29.49
CA ILE K 212 21.24 13.00 29.44
C ILE K 212 20.98 11.66 28.80
N ALA K 213 19.79 11.46 28.22
CA ALA K 213 19.42 10.12 27.75
C ALA K 213 20.26 9.69 26.56
N GLU K 214 20.36 10.56 25.54
CA GLU K 214 21.08 10.17 24.33
C GLU K 214 22.57 10.01 24.61
N THR K 215 23.12 10.84 25.50
CA THR K 215 24.55 10.76 25.81
C THR K 215 24.88 9.42 26.48
N VAL K 216 24.12 9.05 27.51
CA VAL K 216 24.39 7.78 28.18
C VAL K 216 24.09 6.62 27.27
N LYS K 217 23.09 6.74 26.40
CA LYS K 217 22.81 5.68 25.44
C LYS K 217 23.99 5.46 24.51
N ASN K 218 24.55 6.54 23.97
CA ASN K 218 25.69 6.41 23.06
C ASN K 218 26.93 5.91 23.78
N VAL K 219 27.17 6.38 25.01
CA VAL K 219 28.32 5.91 25.77
C VAL K 219 28.21 4.41 26.05
N ARG K 220 27.02 3.97 26.46
CA ARG K 220 26.79 2.55 26.69
C ARG K 220 26.99 1.75 25.41
N SER K 221 26.47 2.26 24.29
CA SER K 221 26.63 1.55 23.01
C SER K 221 28.09 1.40 22.65
N LEU K 222 28.88 2.48 22.78
CA LEU K 222 30.28 2.42 22.41
C LEU K 222 31.06 1.47 23.32
N MET K 223 30.86 1.59 24.64
CA MET K 223 31.57 0.71 25.57
C MET K 223 31.16 -0.74 25.37
N GLY K 224 29.89 -0.98 25.05
CA GLY K 224 29.45 -2.35 24.81
C GLY K 224 30.04 -2.95 23.56
N GLU K 225 30.10 -2.15 22.48
CA GLU K 225 30.73 -2.63 21.26
C GLU K 225 32.21 -2.91 21.48
N VAL K 226 32.88 -2.08 22.28
CA VAL K 226 34.31 -2.31 22.54
C VAL K 226 34.50 -3.56 23.40
N ARG K 227 33.61 -3.79 24.38
CA ARG K 227 33.70 -5.00 25.18
C ARG K 227 33.41 -6.25 24.36
N VAL K 228 32.47 -6.15 23.40
CA VAL K 228 32.21 -7.28 22.51
C VAL K 228 33.43 -7.56 21.64
N LEU K 229 34.06 -6.50 21.12
CA LEU K 229 35.26 -6.67 20.32
C LEU K 229 36.38 -7.32 21.11
N ASN K 230 36.56 -6.92 22.37
CA ASN K 230 37.68 -7.39 23.17
C ASN K 230 37.68 -8.90 23.37
N ASN K 231 36.52 -9.55 23.23
CA ASN K 231 36.40 -10.98 23.45
C ASN K 231 36.00 -11.75 22.21
N MET K 232 35.85 -11.10 21.07
CA MET K 232 35.38 -11.74 19.85
C MET K 232 36.40 -12.76 19.35
N ASP K 233 35.91 -13.73 18.58
CA ASP K 233 36.77 -14.68 17.91
C ASP K 233 37.55 -13.99 16.79
N ASP K 234 38.78 -14.47 16.56
CA ASP K 234 39.66 -13.79 15.61
C ASP K 234 39.12 -13.91 14.19
N ASP K 235 38.36 -14.96 13.89
CA ASP K 235 37.80 -15.13 12.56
C ASP K 235 36.65 -14.18 12.29
N GLU K 236 36.02 -13.63 13.33
CA GLU K 236 34.83 -12.79 13.18
C GLU K 236 35.15 -11.30 13.18
N VAL K 237 36.40 -10.93 13.43
CA VAL K 237 36.75 -9.51 13.53
C VAL K 237 36.56 -8.82 12.18
N PHE K 238 36.81 -9.55 11.09
CA PHE K 238 36.66 -8.97 9.76
C PHE K 238 35.20 -8.66 9.47
N THR K 239 34.31 -9.62 9.73
CA THR K 239 32.89 -9.39 9.52
C THR K 239 32.37 -8.31 10.45
N PHE K 240 32.90 -8.24 11.67
CA PHE K 240 32.50 -7.17 12.59
C PHE K 240 32.91 -5.80 12.06
N ALA K 241 34.16 -5.67 11.59
CA ALA K 241 34.63 -4.41 11.04
C ALA K 241 33.82 -4.01 9.82
N LYS K 242 33.41 -5.00 9.01
CA LYS K 242 32.52 -4.68 7.89
C LYS K 242 31.15 -4.23 8.38
N LYS K 243 30.65 -4.85 9.44
CA LYS K 243 29.32 -4.51 9.95
C LYS K 243 29.28 -3.09 10.51
N ILE K 244 30.30 -2.69 11.25
CA ILE K 244 30.37 -1.32 11.78
C ILE K 244 31.05 -0.37 10.83
N SER K 245 31.52 -0.84 9.67
CA SER K 245 32.18 -0.01 8.66
C SER K 245 33.32 0.80 9.26
N ALA K 246 34.30 0.08 9.80
CA ALA K 246 35.48 0.67 10.40
C ALA K 246 36.73 0.08 9.79
N PRO K 247 37.83 0.83 9.77
CA PRO K 247 39.09 0.28 9.27
C PRO K 247 39.55 -0.89 10.14
N TYR K 248 40.01 -1.95 9.49
CA TYR K 248 40.31 -3.18 10.22
C TYR K 248 41.49 -3.03 11.17
N ASP K 249 42.49 -2.22 10.80
CA ASP K 249 43.64 -2.06 11.68
C ASP K 249 43.24 -1.43 13.00
N LEU K 250 42.37 -0.43 12.96
CA LEU K 250 41.89 0.18 14.20
C LEU K 250 40.99 -0.76 14.98
N VAL K 251 40.24 -1.62 14.30
CA VAL K 251 39.43 -2.60 14.99
C VAL K 251 40.32 -3.59 15.73
N ALA K 252 41.40 -4.04 15.08
CA ALA K 252 42.33 -4.94 15.74
C ALA K 252 43.05 -4.25 16.89
N GLN K 253 43.35 -2.96 16.74
CA GLN K 253 43.97 -2.21 17.84
C GLN K 253 43.03 -2.10 19.03
N THR K 254 41.76 -1.83 18.78
CA THR K 254 40.78 -1.77 19.85
C THR K 254 40.59 -3.14 20.50
N LYS K 255 40.70 -4.21 19.71
CA LYS K 255 40.59 -5.55 20.26
C LYS K 255 41.78 -5.89 21.14
N GLN K 256 42.99 -5.49 20.74
CA GLN K 256 44.18 -5.81 21.50
C GLN K 256 44.36 -4.89 22.70
N MET K 257 43.75 -3.70 22.67
CA MET K 257 43.96 -2.71 23.72
C MET K 257 42.84 -2.69 24.75
N GLY K 258 41.61 -3.04 24.37
CA GLY K 258 40.49 -2.96 25.28
C GLY K 258 39.73 -1.65 25.25
N ARG K 259 40.33 -0.59 24.71
CA ARG K 259 39.66 0.68 24.49
C ARG K 259 40.10 1.21 23.14
N VAL K 260 39.38 2.20 22.63
CA VAL K 260 39.84 2.85 21.39
C VAL K 260 41.14 3.59 21.69
N PRO K 261 42.07 3.65 20.76
CA PRO K 261 43.39 4.21 21.10
C PRO K 261 43.43 5.73 21.11
N VAL K 262 42.44 6.36 21.73
CA VAL K 262 42.37 7.80 21.91
C VAL K 262 41.73 8.08 23.26
N VAL K 263 41.57 9.36 23.58
CA VAL K 263 40.92 9.80 24.81
C VAL K 263 39.45 10.04 24.53
N GLN K 264 38.58 9.44 25.35
CA GLN K 264 37.13 9.51 25.17
C GLN K 264 36.55 10.47 26.19
N PHE K 265 35.89 11.51 25.70
CA PHE K 265 35.11 12.41 26.53
C PHE K 265 33.63 12.18 26.26
N ALA K 266 32.78 12.76 27.10
CA ALA K 266 31.34 12.69 26.90
C ALA K 266 30.80 14.09 26.66
N SER K 267 29.68 14.19 25.97
CA SER K 267 29.08 15.49 25.74
C SER K 267 27.57 15.35 25.61
N GLY K 268 26.87 16.42 25.98
CA GLY K 268 25.43 16.51 25.78
C GLY K 268 24.60 16.26 27.03
N GLY K 269 24.13 17.34 27.65
CA GLY K 269 23.20 17.23 28.76
C GLY K 269 23.81 17.20 30.14
N ILE K 270 25.14 17.19 30.26
CA ILE K 270 25.77 17.16 31.57
C ILE K 270 25.56 18.48 32.27
N THR K 271 24.71 18.49 33.29
CA THR K 271 24.40 19.70 34.05
C THR K 271 24.76 19.60 35.52
N THR K 272 24.35 18.54 36.19
CA THR K 272 24.59 18.36 37.61
C THR K 272 25.83 17.52 37.84
N PRO K 273 26.41 17.56 39.05
CA PRO K 273 27.56 16.68 39.34
C PRO K 273 27.24 15.20 39.18
N ALA K 274 25.99 14.81 39.43
CA ALA K 274 25.62 13.41 39.28
C ALA K 274 25.79 12.94 37.84
N ASP K 275 25.47 13.81 36.87
CA ASP K 275 25.59 13.43 35.48
C ASP K 275 27.05 13.25 35.08
N ALA K 276 27.93 14.14 35.54
CA ALA K 276 29.35 14.01 35.22
C ALA K 276 29.94 12.77 35.88
N ALA K 277 29.55 12.50 37.13
CA ALA K 277 30.02 11.29 37.79
C ALA K 277 29.51 10.04 37.10
N LEU K 278 28.28 10.07 36.58
CA LEU K 278 27.76 8.95 35.81
C LEU K 278 28.54 8.74 34.53
N MET K 279 28.84 9.83 33.81
CA MET K 279 29.61 9.72 32.58
C MET K 279 31.02 9.19 32.86
N MET K 280 31.59 9.57 34.00
CA MET K 280 32.94 9.09 34.34
C MET K 280 32.92 7.68 34.93
N GLN K 281 31.76 7.20 35.39
CA GLN K 281 31.67 5.84 35.90
C GLN K 281 31.35 4.84 34.80
N LEU K 282 30.86 5.29 33.65
CA LEU K 282 30.64 4.41 32.51
C LEU K 282 31.91 4.10 31.74
N GLY K 283 33.02 4.75 32.07
CA GLY K 283 34.30 4.49 31.43
C GLY K 283 34.89 5.67 30.68
N CYS K 284 34.19 6.80 30.58
CA CYS K 284 34.73 7.94 29.87
C CYS K 284 35.91 8.55 30.64
N ASP K 285 36.57 9.52 29.99
CA ASP K 285 37.72 10.18 30.58
C ASP K 285 37.48 11.63 30.95
N GLY K 286 36.32 12.19 30.60
CA GLY K 286 36.01 13.56 30.94
C GLY K 286 34.66 13.95 30.39
N VAL K 287 34.26 15.18 30.70
CA VAL K 287 32.94 15.67 30.30
C VAL K 287 33.11 17.02 29.59
N PHE K 288 32.12 17.33 28.75
CA PHE K 288 32.03 18.61 28.06
C PHE K 288 30.86 19.38 28.68
N VAL K 289 31.18 20.37 29.49
CA VAL K 289 30.16 21.16 30.16
C VAL K 289 29.83 22.38 29.31
N GLY K 290 28.62 22.40 28.75
CA GLY K 290 28.22 23.45 27.84
C GLY K 290 28.03 24.78 28.55
N SER K 291 27.60 25.76 27.77
CA SER K 291 27.44 27.13 28.27
C SER K 291 26.14 27.34 29.01
N GLU K 292 25.34 26.29 29.20
CA GLU K 292 24.09 26.43 29.94
C GLU K 292 24.30 26.55 31.44
N VAL K 293 25.55 26.52 31.91
CA VAL K 293 25.80 26.65 33.34
C VAL K 293 25.99 28.11 33.73
N PHE K 294 26.44 28.95 32.79
CA PHE K 294 26.72 30.34 33.11
C PHE K 294 25.47 31.20 33.17
N ASP K 295 24.31 30.68 32.78
CA ASP K 295 23.06 31.41 32.88
C ASP K 295 22.25 31.02 34.11
N GLY K 296 22.87 30.36 35.09
CA GLY K 296 22.21 30.05 36.33
C GLY K 296 22.45 31.13 37.37
N PRO K 297 21.99 30.90 38.60
CA PRO K 297 22.15 31.91 39.65
C PRO K 297 23.61 32.09 40.08
N ASP K 298 24.35 30.99 40.19
CA ASP K 298 25.76 31.01 40.58
C ASP K 298 26.53 30.04 39.70
N PRO K 299 27.20 30.51 38.65
CA PRO K 299 27.90 29.58 37.76
C PRO K 299 29.15 28.98 38.39
N PHE K 300 29.82 29.73 39.27
CA PHE K 300 31.04 29.25 39.88
C PHE K 300 30.81 28.03 40.74
N LYS K 301 29.72 28.02 41.53
CA LYS K 301 29.45 26.88 42.39
C LYS K 301 29.15 25.64 41.55
N LYS K 302 28.34 25.79 40.50
CA LYS K 302 28.05 24.67 39.62
C LYS K 302 29.30 24.12 38.96
N LEU K 303 30.16 25.02 38.46
CA LEU K 303 31.39 24.57 37.80
C LEU K 303 32.30 23.85 38.77
N ARG K 304 32.49 24.40 39.97
CA ARG K 304 33.34 23.75 40.96
C ARG K 304 32.78 22.39 41.35
N SER K 305 31.46 22.29 41.49
CA SER K 305 30.85 21.01 41.85
C SER K 305 31.04 19.98 40.75
N ILE K 306 30.89 20.40 39.48
CA ILE K 306 31.09 19.48 38.38
C ILE K 306 32.54 19.02 38.31
N VAL K 307 33.48 19.93 38.53
CA VAL K 307 34.90 19.56 38.47
C VAL K 307 35.24 18.59 39.60
N GLN K 308 34.77 18.87 40.81
CA GLN K 308 35.03 17.98 41.94
C GLN K 308 34.32 16.64 41.76
N ALA K 309 33.20 16.62 41.05
CA ALA K 309 32.53 15.36 40.76
C ALA K 309 33.34 14.52 39.77
N VAL K 310 33.87 15.17 38.74
CA VAL K 310 34.71 14.45 37.78
C VAL K 310 35.96 13.92 38.48
N GLN K 311 36.52 14.70 39.41
CA GLN K 311 37.73 14.26 40.10
C GLN K 311 37.47 13.13 41.07
N HIS K 312 36.30 13.14 41.73
CA HIS K 312 35.99 12.15 42.75
C HIS K 312 34.74 11.35 42.41
N TYR K 313 34.66 10.85 41.17
CA TYR K 313 33.45 10.17 40.72
C TYR K 313 33.13 8.90 41.49
N ASN K 314 34.05 8.40 42.33
CA ASN K 314 33.82 7.18 43.07
C ASN K 314 33.35 7.41 44.50
N ASP K 315 33.50 8.62 45.04
CA ASP K 315 33.14 8.90 46.42
C ASP K 315 31.72 9.45 46.47
N PRO K 316 30.77 8.77 47.10
CA PRO K 316 29.40 9.29 47.14
C PRO K 316 29.23 10.46 48.11
N HIS K 317 30.04 10.53 49.15
CA HIS K 317 29.91 11.63 50.10
C HIS K 317 30.33 12.96 49.48
N VAL K 318 31.45 12.97 48.76
CA VAL K 318 31.86 14.17 48.05
C VAL K 318 30.80 14.57 47.02
N LEU K 319 30.20 13.58 46.35
CA LEU K 319 29.16 13.88 45.38
C LEU K 319 27.94 14.51 46.04
N ALA K 320 27.55 13.99 47.20
CA ALA K 320 26.40 14.57 47.91
C ALA K 320 26.73 15.95 48.44
N GLU K 321 28.00 16.22 48.76
CA GLU K 321 28.38 17.55 49.23
C GLU K 321 28.37 18.55 48.08
N MET K 322 28.86 18.16 46.91
CA MET K 322 28.85 19.06 45.76
C MET K 322 27.45 19.27 45.21
N SER K 323 26.53 18.35 45.45
CA SER K 323 25.17 18.47 44.94
C SER K 323 24.27 19.22 45.92
N PRO L 64 31.42 34.78 -31.94
CA PRO L 64 32.14 33.53 -31.70
C PRO L 64 32.23 33.19 -30.21
N PHE L 65 32.31 31.89 -29.89
CA PHE L 65 32.39 31.46 -28.50
C PHE L 65 33.77 31.68 -27.91
N SER L 66 34.82 31.63 -28.74
CA SER L 66 36.17 31.79 -28.24
C SER L 66 36.39 33.19 -27.67
N VAL L 67 35.95 34.22 -28.40
CA VAL L 67 36.13 35.58 -27.90
C VAL L 67 35.26 35.84 -26.68
N LYS L 68 34.09 35.19 -26.59
CA LYS L 68 33.26 35.37 -25.41
C LYS L 68 33.90 34.72 -24.18
N VAL L 69 34.50 33.55 -24.35
CA VAL L 69 35.23 32.94 -23.24
C VAL L 69 36.43 33.81 -22.87
N GLY L 70 37.07 34.42 -23.86
CA GLY L 70 38.19 35.31 -23.57
C GLY L 70 37.77 36.52 -22.75
N LEU L 71 36.65 37.14 -23.10
CA LEU L 71 36.14 38.25 -22.32
C LEU L 71 35.69 37.81 -20.94
N ALA L 72 35.20 36.57 -20.82
CA ALA L 72 34.68 36.11 -19.54
C ALA L 72 35.80 35.71 -18.59
N GLN L 73 36.94 35.25 -19.10
CA GLN L 73 38.00 34.74 -18.25
C GLN L 73 38.90 35.83 -17.67
N VAL L 74 38.48 37.09 -17.70
CA VAL L 74 39.24 38.13 -17.00
C VAL L 74 38.81 38.23 -15.54
N LEU L 75 37.73 37.56 -15.16
CA LEU L 75 37.25 37.55 -13.79
C LEU L 75 37.89 36.48 -12.93
N ARG L 76 38.86 35.74 -13.46
CA ARG L 76 39.47 34.66 -12.69
C ARG L 76 40.17 35.20 -11.46
N GLY L 77 39.92 34.57 -10.32
CA GLY L 77 40.55 34.97 -9.07
C GLY L 77 40.01 36.24 -8.48
N GLY L 78 38.68 36.42 -8.50
CA GLY L 78 38.07 37.60 -7.93
C GLY L 78 36.71 37.28 -7.36
N ALA L 79 36.13 38.28 -6.68
CA ALA L 79 34.82 38.16 -6.06
C ALA L 79 33.83 39.08 -6.76
N ILE L 80 32.69 38.53 -7.15
CA ILE L 80 31.64 39.26 -7.84
C ILE L 80 30.59 39.64 -6.79
N VAL L 81 30.43 40.93 -6.55
CA VAL L 81 29.61 41.41 -5.44
C VAL L 81 28.24 41.83 -5.95
N GLU L 82 27.20 41.43 -5.24
CA GLU L 82 25.83 41.81 -5.60
C GLU L 82 25.50 43.15 -4.98
N VAL L 83 25.41 44.19 -5.80
CA VAL L 83 25.11 45.52 -5.34
C VAL L 83 23.67 45.87 -5.71
N SER L 84 23.15 46.91 -5.07
CA SER L 84 21.75 47.30 -5.26
C SER L 84 21.56 48.79 -5.48
N SER L 85 22.63 49.59 -5.46
CA SER L 85 22.51 51.02 -5.65
C SER L 85 23.89 51.57 -6.06
N VAL L 86 23.93 52.87 -6.33
CA VAL L 86 25.18 53.49 -6.73
C VAL L 86 26.19 53.48 -5.58
N ASN L 87 25.70 53.68 -4.35
CA ASN L 87 26.60 53.71 -3.20
C ASN L 87 27.19 52.34 -2.92
N GLN L 88 26.36 51.29 -2.95
CA GLN L 88 26.87 49.95 -2.74
C GLN L 88 27.80 49.52 -3.87
N ALA L 89 27.52 49.99 -5.09
CA ALA L 89 28.42 49.69 -6.21
C ALA L 89 29.76 50.36 -6.01
N LYS L 90 29.78 51.63 -5.59
CA LYS L 90 31.06 52.30 -5.32
C LYS L 90 31.79 51.63 -4.17
N LEU L 91 31.05 51.15 -3.17
CA LEU L 91 31.69 50.46 -2.05
C LEU L 91 32.34 49.15 -2.50
N ALA L 92 31.62 48.37 -3.32
CA ALA L 92 32.17 47.11 -3.80
C ALA L 92 33.33 47.33 -4.76
N GLU L 93 33.33 48.46 -5.47
CA GLU L 93 34.47 48.77 -6.33
C GLU L 93 35.68 49.18 -5.50
N SER L 94 35.47 49.99 -4.46
CA SER L 94 36.58 50.41 -3.62
C SER L 94 37.13 49.25 -2.79
N ALA L 95 36.30 48.25 -2.49
CA ALA L 95 36.79 47.08 -1.77
C ALA L 95 37.76 46.27 -2.64
N GLY L 96 37.50 46.21 -3.94
CA GLY L 96 38.39 45.50 -4.84
C GLY L 96 37.72 44.35 -5.56
N ALA L 97 36.40 44.43 -5.72
CA ALA L 97 35.67 43.38 -6.42
C ALA L 97 36.01 43.39 -7.90
N CYS L 98 35.98 42.20 -8.51
CA CYS L 98 36.25 42.10 -9.94
C CYS L 98 35.06 42.55 -10.78
N SER L 99 33.85 42.43 -10.26
CA SER L 99 32.67 42.89 -10.98
C SER L 99 31.51 43.01 -9.99
N VAL L 100 30.50 43.77 -10.40
CA VAL L 100 29.33 44.01 -9.57
C VAL L 100 28.10 43.57 -10.33
N ILE L 101 27.31 42.68 -9.74
CA ILE L 101 26.07 42.21 -10.33
C ILE L 101 24.92 42.98 -9.69
N VAL L 102 24.01 43.48 -10.51
CA VAL L 102 23.03 44.49 -10.10
C VAL L 102 21.72 43.82 -9.72
N SER L 103 21.17 44.22 -8.57
CA SER L 103 19.83 43.86 -8.15
C SER L 103 19.08 45.15 -7.82
N ASP L 104 17.92 45.35 -8.44
CA ASP L 104 17.28 46.66 -8.37
C ASP L 104 16.75 47.01 -6.97
N PRO L 105 16.12 46.12 -6.22
CA PRO L 105 15.42 46.57 -5.01
C PRO L 105 16.36 46.70 -3.82
N VAL L 106 15.92 47.49 -2.85
CA VAL L 106 16.60 47.52 -1.56
C VAL L 106 16.19 46.32 -0.73
N ARG L 107 14.94 45.88 -0.87
CA ARG L 107 14.42 44.72 -0.16
C ARG L 107 13.46 43.99 -1.10
N SER L 108 13.35 42.67 -0.89
CA SER L 108 12.41 41.84 -1.62
C SER L 108 11.32 41.41 -0.64
N ARG L 109 10.13 41.98 -0.80
CA ARG L 109 9.03 41.76 0.15
C ARG L 109 8.22 40.54 -0.29
N GLY L 110 8.93 39.42 -0.42
CA GLY L 110 8.29 38.15 -0.74
C GLY L 110 7.52 38.14 -2.05
N GLY L 111 7.93 38.95 -3.03
CA GLY L 111 7.27 39.04 -4.30
C GLY L 111 8.02 38.32 -5.40
N VAL L 112 7.64 38.65 -6.63
CA VAL L 112 8.31 38.12 -7.82
C VAL L 112 9.37 39.10 -8.26
N ARG L 113 10.60 38.60 -8.41
CA ARG L 113 11.73 39.41 -8.84
C ARG L 113 11.97 39.22 -10.33
N ARG L 114 12.64 40.18 -10.94
CA ARG L 114 12.89 40.16 -12.38
C ARG L 114 14.11 41.03 -12.67
N MET L 115 14.34 41.29 -13.96
CA MET L 115 15.49 42.06 -14.38
C MET L 115 15.46 43.45 -13.75
N PRO L 116 16.61 43.98 -13.32
CA PRO L 116 16.62 45.31 -12.70
C PRO L 116 16.20 46.40 -13.68
N ASP L 117 15.77 47.52 -13.12
CA ASP L 117 15.28 48.62 -13.94
C ASP L 117 16.44 49.29 -14.66
N PRO L 118 16.29 49.61 -15.96
CA PRO L 118 17.46 50.00 -16.75
C PRO L 118 18.18 51.25 -16.28
N VAL L 119 17.48 52.22 -15.67
CA VAL L 119 18.18 53.44 -15.26
C VAL L 119 19.12 53.15 -14.10
N LEU L 120 18.78 52.18 -13.25
CA LEU L 120 19.70 51.78 -12.18
C LEU L 120 20.96 51.15 -12.76
N ILE L 121 20.81 50.32 -13.80
CA ILE L 121 21.96 49.71 -14.44
C ILE L 121 22.82 50.78 -15.10
N LYS L 122 22.19 51.77 -15.74
CA LYS L 122 22.96 52.84 -16.37
C LYS L 122 23.72 53.66 -15.32
N GLU L 123 23.07 53.95 -14.19
CA GLU L 123 23.75 54.68 -13.12
C GLU L 123 24.93 53.90 -12.56
N VAL L 124 24.73 52.60 -12.28
CA VAL L 124 25.82 51.79 -11.75
C VAL L 124 26.95 51.68 -12.75
N LYS L 125 26.63 51.53 -14.03
CA LYS L 125 27.66 51.42 -15.06
C LYS L 125 28.42 52.72 -15.24
N ARG L 126 27.75 53.87 -15.03
CA ARG L 126 28.44 55.15 -15.11
C ARG L 126 29.29 55.41 -13.87
N ALA L 127 28.89 54.86 -12.72
CA ALA L 127 29.61 55.14 -11.49
C ALA L 127 30.91 54.33 -11.41
N VAL L 128 30.81 53.02 -11.41
CA VAL L 128 31.98 52.16 -11.23
C VAL L 128 32.60 51.86 -12.59
N SER L 129 33.89 51.51 -12.56
CA SER L 129 34.62 51.14 -13.77
C SER L 129 34.81 49.63 -13.91
N VAL L 130 34.53 48.86 -12.87
CA VAL L 130 34.60 47.40 -12.93
C VAL L 130 33.45 46.91 -13.79
N PRO L 131 33.53 45.69 -14.33
CA PRO L 131 32.41 45.16 -15.11
C PRO L 131 31.11 45.14 -14.30
N VAL L 132 30.01 45.44 -14.98
CA VAL L 132 28.68 45.48 -14.39
C VAL L 132 27.84 44.39 -15.02
N MET L 133 27.50 43.37 -14.23
CA MET L 133 26.63 42.31 -14.69
C MET L 133 25.17 42.75 -14.57
N ALA L 134 24.28 41.83 -14.92
CA ALA L 134 22.85 42.06 -14.79
C ALA L 134 22.17 40.70 -14.82
N ARG L 135 20.99 40.63 -14.21
CA ARG L 135 20.28 39.37 -14.05
C ARG L 135 19.09 39.32 -14.99
N ALA L 136 18.89 38.17 -15.62
CA ALA L 136 17.76 37.92 -16.49
C ALA L 136 17.12 36.61 -16.06
N ARG L 137 15.79 36.58 -16.05
CA ARG L 137 15.07 35.37 -15.67
C ARG L 137 15.39 34.25 -16.64
N VAL L 138 15.56 33.04 -16.10
CA VAL L 138 15.93 31.90 -16.94
C VAL L 138 14.80 31.60 -17.91
N GLY L 139 15.14 31.55 -19.20
CA GLY L 139 14.15 31.35 -20.24
C GLY L 139 13.57 32.62 -20.82
N HIS L 140 13.89 33.77 -20.25
CA HIS L 140 13.38 35.06 -20.70
C HIS L 140 14.42 35.70 -21.59
N PHE L 141 14.29 35.50 -22.91
CA PHE L 141 15.27 36.03 -23.83
C PHE L 141 15.05 37.50 -24.15
N VAL L 142 13.85 38.03 -23.90
CA VAL L 142 13.62 39.45 -24.17
C VAL L 142 14.32 40.32 -23.14
N GLU L 143 14.34 39.87 -21.88
CA GLU L 143 15.14 40.57 -20.88
C GLU L 143 16.61 40.53 -21.23
N ALA L 144 17.08 39.42 -21.80
CA ALA L 144 18.46 39.34 -22.23
C ALA L 144 18.73 40.28 -23.39
N GLN L 145 17.76 40.43 -24.31
CA GLN L 145 17.92 41.39 -25.40
C GLN L 145 17.99 42.81 -24.87
N ILE L 146 17.13 43.14 -23.90
CA ILE L 146 17.14 44.47 -23.31
C ILE L 146 18.46 44.74 -22.61
N LEU L 147 18.99 43.74 -21.90
CA LEU L 147 20.27 43.91 -21.22
C LEU L 147 21.41 44.07 -22.22
N GLU L 148 21.41 43.27 -23.28
CA GLU L 148 22.44 43.42 -24.31
C GLU L 148 22.36 44.79 -24.99
N SER L 149 21.16 45.34 -25.12
CA SER L 149 21.03 46.68 -25.66
C SER L 149 21.65 47.73 -24.76
N LEU L 150 21.58 47.54 -23.43
CA LEU L 150 22.19 48.46 -22.48
C LEU L 150 23.71 48.32 -22.41
N ALA L 151 24.29 47.38 -23.17
CA ALA L 151 25.74 47.19 -23.24
C ALA L 151 26.32 46.79 -21.88
N VAL L 152 25.60 45.94 -21.15
CA VAL L 152 26.16 45.36 -19.95
C VAL L 152 27.30 44.41 -20.32
N ASP L 153 28.29 44.31 -19.43
CA ASP L 153 29.48 43.52 -19.75
C ASP L 153 29.17 42.03 -19.73
N TYR L 154 28.34 41.59 -18.78
CA TYR L 154 27.97 40.18 -18.67
C TYR L 154 26.50 40.09 -18.28
N ILE L 155 25.83 39.07 -18.80
CA ILE L 155 24.42 38.82 -18.50
C ILE L 155 24.32 37.51 -17.73
N ASP L 156 23.62 37.54 -16.61
CA ASP L 156 23.51 36.38 -15.73
C ASP L 156 22.12 35.78 -15.89
N GLU L 157 22.04 34.62 -16.54
CA GLU L 157 20.77 33.91 -16.68
C GLU L 157 20.46 33.22 -15.34
N SER L 158 19.91 34.03 -14.43
CA SER L 158 19.87 33.65 -13.03
C SER L 158 18.61 32.87 -12.69
N GLU L 159 18.76 31.89 -11.81
CA GLU L 159 17.64 31.08 -11.32
C GLU L 159 17.24 31.42 -9.90
N ILE L 160 17.98 32.30 -9.22
CA ILE L 160 17.54 32.77 -7.91
C ILE L 160 16.39 33.74 -8.08
N ILE L 161 16.38 34.48 -9.19
CA ILE L 161 15.22 35.27 -9.57
C ILE L 161 14.15 34.33 -10.13
N SER L 162 12.89 34.72 -9.95
CA SER L 162 11.76 33.88 -10.37
C SER L 162 11.95 33.38 -11.80
N VAL L 163 11.61 32.10 -12.01
CA VAL L 163 11.85 31.47 -13.29
C VAL L 163 10.78 31.91 -14.30
N ALA L 164 11.22 32.29 -15.49
CA ALA L 164 10.28 32.63 -16.55
C ALA L 164 9.83 31.38 -17.29
N ASP L 165 10.77 30.65 -17.89
CA ASP L 165 10.47 29.43 -18.65
C ASP L 165 11.05 28.24 -17.90
N ASP L 166 10.18 27.37 -17.41
CA ASP L 166 10.65 26.23 -16.63
C ASP L 166 11.30 25.18 -17.51
N ASP L 167 10.78 24.99 -18.72
CA ASP L 167 11.27 23.91 -19.57
C ASP L 167 12.52 24.30 -20.33
N HIS L 168 12.49 25.41 -21.06
CA HIS L 168 13.57 25.81 -21.94
C HIS L 168 14.38 26.95 -21.33
N PHE L 169 15.55 27.18 -21.91
CA PHE L 169 16.47 28.22 -21.51
C PHE L 169 16.66 29.21 -22.64
N ILE L 170 17.60 30.13 -22.46
CA ILE L 170 17.89 31.13 -23.50
C ILE L 170 18.89 30.55 -24.48
N ASN L 171 18.61 30.71 -25.77
CA ASN L 171 19.55 30.32 -26.82
C ASN L 171 20.64 31.39 -26.87
N LYS L 172 21.65 31.20 -26.02
CA LYS L 172 22.67 32.21 -25.79
C LYS L 172 23.63 32.37 -26.95
N HIS L 173 23.40 31.72 -28.09
CA HIS L 173 24.24 31.91 -29.25
C HIS L 173 23.84 33.12 -30.08
N ASN L 174 22.61 33.61 -29.91
CA ASN L 174 22.13 34.75 -30.68
C ASN L 174 22.59 36.08 -30.11
N PHE L 175 23.17 36.10 -28.91
CA PHE L 175 23.54 37.33 -28.24
C PHE L 175 25.04 37.60 -28.38
N ARG L 176 25.40 38.86 -28.19
CA ARG L 176 26.78 39.29 -28.31
C ARG L 176 27.48 39.39 -26.95
N SER L 177 26.72 39.45 -25.87
CA SER L 177 27.30 39.59 -24.55
C SER L 177 27.52 38.23 -23.89
N PRO L 178 28.59 38.07 -23.13
CA PRO L 178 28.84 36.79 -22.45
C PRO L 178 27.78 36.50 -21.40
N PHE L 179 27.50 35.22 -21.21
CA PHE L 179 26.46 34.77 -20.30
C PHE L 179 27.07 33.97 -19.15
N ILE L 180 26.44 34.09 -17.99
CA ILE L 180 26.78 33.32 -16.80
C ILE L 180 25.57 32.48 -16.44
N CYS L 181 25.75 31.17 -16.41
CA CYS L 181 24.66 30.24 -16.15
C CYS L 181 24.95 29.44 -14.88
N GLY L 182 23.89 29.14 -14.14
CA GLY L 182 24.04 28.36 -12.93
C GLY L 182 23.96 26.87 -13.18
N CYS L 183 24.64 26.10 -12.34
CA CYS L 183 24.60 24.66 -12.46
C CYS L 183 24.57 24.03 -11.08
N ARG L 184 24.31 22.73 -11.06
CA ARG L 184 24.36 21.94 -9.83
C ARG L 184 25.11 20.62 -10.00
N ASP L 185 25.52 20.29 -11.22
CA ASP L 185 26.32 19.10 -11.49
C ASP L 185 27.00 19.28 -12.84
N THR L 186 27.75 18.28 -13.27
CA THR L 186 28.46 18.38 -14.54
C THR L 186 27.50 18.32 -15.73
N GLY L 187 26.38 17.62 -15.59
CA GLY L 187 25.40 17.58 -16.67
C GLY L 187 24.85 18.95 -16.99
N GLU L 188 24.40 19.68 -15.97
CA GLU L 188 23.87 21.02 -16.19
C GLU L 188 24.94 21.95 -16.70
N ALA L 189 26.16 21.85 -16.16
CA ALA L 189 27.25 22.70 -16.61
C ALA L 189 27.51 22.50 -18.10
N LEU L 190 27.60 21.25 -18.54
CA LEU L 190 27.89 20.97 -19.94
C LEU L 190 26.71 21.37 -20.83
N ARG L 191 25.49 21.18 -20.35
CA ARG L 191 24.33 21.62 -21.14
C ARG L 191 24.33 23.13 -21.31
N ARG L 192 24.67 23.88 -20.26
CA ARG L 192 24.70 25.34 -20.35
C ARG L 192 25.84 25.79 -21.25
N ILE L 193 26.99 25.13 -21.20
CA ILE L 193 28.09 25.49 -22.09
C ILE L 193 27.71 25.19 -23.54
N ARG L 194 26.93 24.13 -23.76
CA ARG L 194 26.46 23.82 -25.10
C ARG L 194 25.48 24.86 -25.60
N GLU L 195 24.59 25.34 -24.72
CA GLU L 195 23.64 26.37 -25.11
C GLU L 195 24.36 27.69 -25.44
N GLY L 196 25.52 27.93 -24.83
CA GLY L 196 26.30 29.11 -25.16
C GLY L 196 26.80 29.91 -23.97
N ALA L 197 26.66 29.36 -22.77
CA ALA L 197 27.09 30.07 -21.57
C ALA L 197 28.61 30.19 -21.55
N ALA L 198 29.10 31.44 -21.52
CA ALA L 198 30.53 31.68 -21.48
C ALA L 198 31.12 31.60 -20.08
N MET L 199 30.30 31.38 -19.06
CA MET L 199 30.79 31.27 -17.70
C MET L 199 29.76 30.50 -16.88
N ILE L 200 30.24 29.68 -15.95
CA ILE L 200 29.39 28.79 -15.17
C ILE L 200 29.59 29.07 -13.69
N ARG L 201 28.50 29.13 -12.94
CA ARG L 201 28.56 29.27 -11.49
C ARG L 201 27.89 28.07 -10.84
N ILE L 202 28.62 27.41 -9.95
CA ILE L 202 28.10 26.28 -9.20
C ILE L 202 27.24 26.84 -8.06
N GLN L 203 25.97 26.49 -8.06
CA GLN L 203 24.99 27.11 -7.19
C GLN L 203 24.68 26.22 -5.99
N GLY L 204 24.48 26.86 -4.84
CA GLY L 204 24.09 26.15 -3.63
C GLY L 204 22.63 26.33 -3.30
N ASP L 205 22.32 27.24 -2.38
CA ASP L 205 20.94 27.49 -1.94
C ASP L 205 20.80 28.99 -1.63
N LEU L 206 20.06 29.70 -2.48
CA LEU L 206 19.77 31.10 -2.23
C LEU L 206 18.35 31.27 -1.68
N THR L 207 18.11 32.44 -1.11
CA THR L 207 16.80 32.86 -0.58
C THR L 207 16.37 31.92 0.56
N ALA L 208 17.28 31.09 1.06
CA ALA L 208 16.97 30.16 2.13
C ALA L 208 17.70 30.49 3.43
N THR L 209 19.02 30.58 3.39
CA THR L 209 19.83 30.84 4.57
C THR L 209 21.21 31.30 4.11
N GLY L 210 22.15 31.37 5.04
CA GLY L 210 23.52 31.71 4.73
C GLY L 210 24.45 30.53 4.91
N ASN L 211 23.92 29.33 4.74
CA ASN L 211 24.71 28.11 4.91
C ASN L 211 25.50 27.80 3.64
N ILE L 212 26.62 27.11 3.84
CA ILE L 212 27.54 26.78 2.74
C ILE L 212 27.48 25.31 2.37
N ALA L 213 26.54 24.54 2.94
CA ALA L 213 26.55 23.10 2.75
C ALA L 213 26.25 22.71 1.31
N GLU L 214 25.16 23.25 0.74
CA GLU L 214 24.78 22.87 -0.61
C GLU L 214 25.81 23.33 -1.63
N THR L 215 26.41 24.50 -1.41
CA THR L 215 27.40 25.02 -2.36
C THR L 215 28.63 24.11 -2.41
N VAL L 216 29.18 23.76 -1.24
CA VAL L 216 30.35 22.90 -1.23
C VAL L 216 30.01 21.50 -1.71
N LYS L 217 28.78 21.04 -1.43
CA LYS L 217 28.36 19.73 -1.94
C LYS L 217 28.34 19.73 -3.47
N ASN L 218 27.78 20.77 -4.07
CA ASN L 218 27.71 20.82 -5.54
C ASN L 218 29.10 21.01 -6.15
N VAL L 219 29.95 21.82 -5.52
CA VAL L 219 31.30 22.01 -6.03
C VAL L 219 32.07 20.70 -6.00
N ARG L 220 31.97 19.98 -4.87
CA ARG L 220 32.63 18.68 -4.77
C ARG L 220 32.09 17.71 -5.80
N SER L 221 30.77 17.69 -6.00
CA SER L 221 30.18 16.79 -6.99
C SER L 221 30.71 17.08 -8.38
N LEU L 222 30.76 18.36 -8.76
CA LEU L 222 31.20 18.72 -10.10
C LEU L 222 32.68 18.39 -10.29
N MET L 223 33.52 18.75 -9.33
CA MET L 223 34.94 18.46 -9.45
C MET L 223 35.21 16.96 -9.46
N GLY L 224 34.42 16.20 -8.68
CA GLY L 224 34.59 14.76 -8.67
C GLY L 224 34.18 14.12 -9.99
N GLU L 225 33.07 14.58 -10.57
CA GLU L 225 32.67 14.05 -11.87
C GLU L 225 33.70 14.40 -12.94
N VAL L 226 34.30 15.58 -12.86
CA VAL L 226 35.30 15.95 -13.86
C VAL L 226 36.57 15.12 -13.66
N ARG L 227 36.95 14.85 -12.42
CA ARG L 227 38.12 14.00 -12.17
C ARG L 227 37.86 12.56 -12.61
N VAL L 228 36.64 12.07 -12.45
CA VAL L 228 36.29 10.74 -12.94
C VAL L 228 36.36 10.70 -14.46
N LEU L 229 35.86 11.75 -15.12
CA LEU L 229 35.93 11.82 -16.57
C LEU L 229 37.36 11.84 -17.06
N ASN L 230 38.23 12.60 -16.38
CA ASN L 230 39.60 12.77 -16.85
C ASN L 230 40.37 11.46 -16.95
N ASN L 231 39.96 10.43 -16.21
CA ASN L 231 40.66 9.16 -16.18
C ASN L 231 39.85 8.00 -16.74
N MET L 232 38.63 8.25 -17.21
CA MET L 232 37.75 7.19 -17.67
C MET L 232 38.31 6.52 -18.92
N ASP L 233 37.88 5.27 -19.13
CA ASP L 233 38.21 4.56 -20.35
C ASP L 233 37.47 5.18 -21.54
N ASP L 234 38.11 5.12 -22.70
CA ASP L 234 37.55 5.79 -23.88
C ASP L 234 36.25 5.15 -24.33
N ASP L 235 36.09 3.86 -24.05
CA ASP L 235 34.87 3.16 -24.44
C ASP L 235 33.68 3.54 -23.56
N GLU L 236 33.93 4.06 -22.36
CA GLU L 236 32.87 4.34 -21.41
C GLU L 236 32.41 5.79 -21.44
N VAL L 237 33.07 6.66 -22.22
CA VAL L 237 32.72 8.07 -22.23
C VAL L 237 31.33 8.28 -22.80
N PHE L 238 30.93 7.43 -23.76
CA PHE L 238 29.61 7.56 -24.35
C PHE L 238 28.52 7.23 -23.33
N THR L 239 28.67 6.12 -22.62
CA THR L 239 27.70 5.76 -21.60
C THR L 239 27.69 6.79 -20.47
N PHE L 240 28.85 7.37 -20.15
CA PHE L 240 28.89 8.41 -19.13
C PHE L 240 28.14 9.65 -19.58
N ALA L 241 28.35 10.09 -20.81
CA ALA L 241 27.64 11.25 -21.34
C ALA L 241 26.15 11.01 -21.38
N LYS L 242 25.74 9.77 -21.68
CA LYS L 242 24.32 9.45 -21.63
C LYS L 242 23.80 9.48 -20.19
N LYS L 243 24.62 9.02 -19.24
CA LYS L 243 24.18 8.98 -17.85
C LYS L 243 24.00 10.37 -17.27
N ILE L 244 24.90 11.30 -17.57
CA ILE L 244 24.78 12.68 -17.11
C ILE L 244 24.00 13.54 -18.08
N SER L 245 23.55 12.99 -19.21
CA SER L 245 22.78 13.71 -20.22
C SER L 245 23.47 15.00 -20.64
N ALA L 246 24.67 14.85 -21.19
CA ALA L 246 25.48 15.96 -21.66
C ALA L 246 25.89 15.72 -23.10
N PRO L 247 26.11 16.78 -23.88
CA PRO L 247 26.61 16.61 -25.24
C PRO L 247 27.98 15.95 -25.25
N TYR L 248 28.17 14.99 -26.15
CA TYR L 248 29.38 14.19 -26.11
C TYR L 248 30.63 15.00 -26.46
N ASP L 249 30.52 15.98 -27.35
CA ASP L 249 31.70 16.76 -27.70
C ASP L 249 32.23 17.52 -26.49
N LEU L 250 31.34 18.09 -25.69
CA LEU L 250 31.79 18.79 -24.48
C LEU L 250 32.31 17.82 -23.44
N VAL L 251 31.77 16.61 -23.39
CA VAL L 251 32.30 15.60 -22.47
C VAL L 251 33.72 15.22 -22.87
N ALA L 252 33.96 15.05 -24.16
CA ALA L 252 35.31 14.75 -24.63
C ALA L 252 36.25 15.93 -24.41
N GLN L 253 35.76 17.15 -24.54
CA GLN L 253 36.59 18.31 -24.27
C GLN L 253 36.96 18.40 -22.79
N THR L 254 36.01 18.11 -21.91
CA THR L 254 36.31 18.08 -20.48
C THR L 254 37.27 16.95 -20.14
N LYS L 255 37.18 15.84 -20.87
CA LYS L 255 38.11 14.73 -20.62
C LYS L 255 39.52 15.07 -21.07
N GLN L 256 39.64 15.76 -22.21
CA GLN L 256 40.96 16.10 -22.73
C GLN L 256 41.57 17.29 -22.02
N MET L 257 40.74 18.14 -21.40
CA MET L 257 41.23 19.37 -20.77
C MET L 257 41.44 19.25 -19.28
N GLY L 258 40.68 18.40 -18.59
CA GLY L 258 40.77 18.30 -17.15
C GLY L 258 39.82 19.19 -16.39
N ARG L 259 39.25 20.21 -17.03
CA ARG L 259 38.23 21.07 -16.45
C ARG L 259 37.20 21.35 -17.54
N VAL L 260 36.04 21.85 -17.14
CA VAL L 260 35.07 22.28 -18.16
C VAL L 260 35.64 23.49 -18.88
N PRO L 261 35.39 23.64 -20.18
CA PRO L 261 36.07 24.70 -20.93
C PRO L 261 35.48 26.09 -20.73
N VAL L 262 35.17 26.45 -19.49
CA VAL L 262 34.68 27.77 -19.11
C VAL L 262 35.26 28.14 -17.76
N VAL L 263 34.88 29.31 -17.27
CA VAL L 263 35.31 29.78 -15.95
C VAL L 263 34.25 29.40 -14.92
N GLN L 264 34.68 28.76 -13.85
CA GLN L 264 33.80 28.25 -12.81
C GLN L 264 33.86 29.17 -11.59
N PHE L 265 32.73 29.74 -11.23
CA PHE L 265 32.58 30.47 -9.98
C PHE L 265 31.73 29.67 -9.01
N ALA L 266 31.69 30.09 -7.76
CA ALA L 266 30.85 29.48 -6.75
C ALA L 266 29.81 30.48 -6.28
N SER L 267 28.68 29.98 -5.79
CA SER L 267 27.65 30.87 -5.29
C SER L 267 26.85 30.18 -4.20
N GLY L 268 26.33 30.98 -3.27
CA GLY L 268 25.43 30.48 -2.25
C GLY L 268 26.05 30.28 -0.88
N GLY L 269 25.83 31.24 0.02
CA GLY L 269 26.25 31.09 1.40
C GLY L 269 27.61 31.64 1.75
N ILE L 270 28.38 32.14 0.78
CA ILE L 270 29.71 32.66 1.07
C ILE L 270 29.57 33.97 1.84
N THR L 271 29.91 33.93 3.12
CA THR L 271 29.83 35.10 3.99
C THR L 271 31.16 35.51 4.59
N THR L 272 31.90 34.59 5.16
CA THR L 272 33.17 34.86 5.81
C THR L 272 34.33 34.61 4.85
N PRO L 273 35.51 35.17 5.13
CA PRO L 273 36.68 34.87 4.28
C PRO L 273 37.01 33.39 4.22
N ALA L 274 36.74 32.65 5.30
CA ALA L 274 37.02 31.22 5.29
C ALA L 274 36.21 30.50 4.24
N ASP L 275 34.95 30.92 4.03
CA ASP L 275 34.12 30.25 3.03
C ASP L 275 34.63 30.52 1.61
N ALA L 276 35.05 31.75 1.34
CA ALA L 276 35.58 32.06 0.01
C ALA L 276 36.89 31.34 -0.23
N ALA L 277 37.76 31.27 0.78
CA ALA L 277 39.00 30.52 0.64
C ALA L 277 38.73 29.04 0.44
N LEU L 278 37.71 28.49 1.10
CA LEU L 278 37.34 27.09 0.89
C LEU L 278 36.85 26.87 -0.52
N MET L 279 36.00 27.77 -1.04
CA MET L 279 35.51 27.64 -2.40
C MET L 279 36.66 27.74 -3.41
N MET L 280 37.65 28.58 -3.13
CA MET L 280 38.78 28.72 -4.04
C MET L 280 39.80 27.60 -3.87
N GLN L 281 39.77 26.87 -2.76
CA GLN L 281 40.67 25.74 -2.57
C GLN L 281 40.10 24.44 -3.12
N LEU L 282 38.79 24.39 -3.38
CA LEU L 282 38.19 23.22 -4.01
C LEU L 282 38.38 23.20 -5.51
N GLY L 283 38.91 24.27 -6.09
CA GLY L 283 39.18 24.33 -7.52
C GLY L 283 38.42 25.40 -8.27
N CYS L 284 37.52 26.15 -7.62
CA CYS L 284 36.77 27.18 -8.31
C CYS L 284 37.69 28.35 -8.69
N ASP L 285 37.14 29.30 -9.45
CA ASP L 285 37.90 30.45 -9.91
C ASP L 285 37.45 31.76 -9.29
N GLY L 286 36.37 31.75 -8.51
CA GLY L 286 35.89 32.96 -7.87
C GLY L 286 34.64 32.69 -7.08
N VAL L 287 34.15 33.72 -6.40
CA VAL L 287 32.98 33.59 -5.54
C VAL L 287 31.96 34.67 -5.90
N PHE L 288 30.71 34.39 -5.59
CA PHE L 288 29.59 35.33 -5.75
C PHE L 288 29.16 35.75 -4.35
N VAL L 289 29.52 36.98 -3.97
CA VAL L 289 29.18 37.48 -2.65
C VAL L 289 27.86 38.24 -2.73
N GLY L 290 26.82 37.68 -2.12
CA GLY L 290 25.49 38.24 -2.20
C GLY L 290 25.38 39.55 -1.43
N SER L 291 24.16 40.08 -1.44
CA SER L 291 23.89 41.37 -0.82
C SER L 291 23.71 41.29 0.69
N GLU L 292 23.88 40.11 1.29
CA GLU L 292 23.76 39.97 2.73
C GLU L 292 24.95 40.53 3.48
N VAL L 293 25.95 41.07 2.79
CA VAL L 293 27.10 41.66 3.47
C VAL L 293 26.88 43.13 3.76
N PHE L 294 26.05 43.80 2.97
CA PHE L 294 25.85 45.24 3.13
C PHE L 294 24.90 45.58 4.27
N ASP L 295 24.24 44.59 4.87
CA ASP L 295 23.39 44.83 6.02
C ASP L 295 24.06 44.50 7.34
N GLY L 296 25.39 44.38 7.36
CA GLY L 296 26.13 44.18 8.58
C GLY L 296 26.59 45.50 9.17
N PRO L 297 27.38 45.44 10.24
CA PRO L 297 27.84 46.68 10.88
C PRO L 297 28.82 47.47 10.02
N ASP L 298 29.73 46.77 9.36
CA ASP L 298 30.72 47.41 8.49
C ASP L 298 30.87 46.58 7.22
N PRO L 299 30.22 46.97 6.12
CA PRO L 299 30.29 46.17 4.89
C PRO L 299 31.64 46.24 4.22
N PHE L 300 32.32 47.38 4.33
CA PHE L 300 33.60 47.54 3.66
C PHE L 300 34.65 46.58 4.20
N LYS L 301 34.71 46.39 5.52
CA LYS L 301 35.69 45.47 6.09
C LYS L 301 35.42 44.04 5.64
N LYS L 302 34.15 43.63 5.66
CA LYS L 302 33.80 42.28 5.21
C LYS L 302 34.17 42.08 3.75
N LEU L 303 33.86 43.06 2.90
CA LEU L 303 34.15 42.94 1.48
C LEU L 303 35.66 42.86 1.23
N ARG L 304 36.42 43.73 1.89
CA ARG L 304 37.86 43.70 1.73
C ARG L 304 38.45 42.39 2.21
N SER L 305 37.93 41.85 3.32
CA SER L 305 38.44 40.58 3.82
C SER L 305 38.12 39.44 2.87
N ILE L 306 36.92 39.44 2.29
CA ILE L 306 36.56 38.41 1.32
C ILE L 306 37.44 38.49 0.08
N VAL L 307 37.69 39.71 -0.40
CA VAL L 307 38.52 39.87 -1.60
C VAL L 307 39.96 39.40 -1.32
N GLN L 308 40.51 39.81 -0.18
CA GLN L 308 41.86 39.39 0.16
C GLN L 308 41.94 37.88 0.42
N ALA L 309 40.84 37.28 0.88
CA ALA L 309 40.81 35.83 1.05
C ALA L 309 40.81 35.12 -0.30
N VAL L 310 40.04 35.62 -1.26
CA VAL L 310 40.04 35.04 -2.60
C VAL L 310 41.42 35.19 -3.24
N GLN L 311 42.09 36.33 -2.99
CA GLN L 311 43.39 36.55 -3.60
C GLN L 311 44.46 35.67 -2.96
N HIS L 312 44.37 35.44 -1.66
CA HIS L 312 45.40 34.71 -0.93
C HIS L 312 44.85 33.45 -0.27
N TYR L 313 44.08 32.66 -1.02
CA TYR L 313 43.40 31.49 -0.45
C TYR L 313 44.36 30.43 0.09
N ASN L 314 45.66 30.54 -0.20
CA ASN L 314 46.63 29.54 0.26
C ASN L 314 47.36 29.95 1.52
N ASP L 315 47.34 31.23 1.90
CA ASP L 315 48.09 31.69 3.05
C ASP L 315 47.19 31.70 4.27
N PRO L 316 47.46 30.90 5.31
CA PRO L 316 46.58 30.89 6.48
C PRO L 316 46.74 32.12 7.37
N HIS L 317 47.92 32.75 7.37
CA HIS L 317 48.11 33.93 8.20
C HIS L 317 47.29 35.11 7.68
N VAL L 318 47.31 35.34 6.38
CA VAL L 318 46.47 36.39 5.79
C VAL L 318 45.00 36.11 6.06
N LEU L 319 44.60 34.84 5.99
CA LEU L 319 43.21 34.47 6.26
C LEU L 319 42.84 34.78 7.70
N ALA L 320 43.73 34.46 8.65
CA ALA L 320 43.46 34.75 10.05
C ALA L 320 43.45 36.25 10.31
N GLU L 321 44.21 37.02 9.54
CA GLU L 321 44.20 38.46 9.72
C GLU L 321 42.92 39.09 9.18
N MET L 322 42.44 38.60 8.03
CA MET L 322 41.20 39.11 7.47
C MET L 322 39.97 38.66 8.27
N SER L 323 40.08 37.57 9.02
CA SER L 323 38.96 37.05 9.78
C SER L 323 38.94 37.65 11.19
#